data_1V6F
#
_entry.id   1V6F
#
_entity_poly.entity_id   1
_entity_poly.type   'polypeptide(L)'
_entity_poly.pdbx_seq_one_letter_code
;GSSGSSGSESLVVCDVAEDLVEKLRKFRFRKETHNAAIIMKIDKDERLVVLDEELEGVSPDELKDELPERQPRFIVYSYK
YQHDDGRVSYPLCFIFSSPVGCKPEQQMMYAGSKNKLVQTAELTKVFEIRNTEDLTEEWLREKLGSGPSSG
;
_entity_poly.pdbx_strand_id   A
#
# COMPACT_ATOMS: atom_id res chain seq x y z
N GLY A 1 -29.56 12.71 -4.46
CA GLY A 1 -29.50 12.68 -5.92
C GLY A 1 -29.76 11.29 -6.48
N SER A 2 -30.78 11.19 -7.34
CA SER A 2 -31.13 9.91 -7.94
C SER A 2 -30.53 9.79 -9.34
N SER A 3 -29.29 9.34 -9.40
CA SER A 3 -28.60 9.17 -10.68
C SER A 3 -28.26 7.71 -10.92
N GLY A 4 -28.51 7.26 -12.15
CA GLY A 4 -28.23 5.87 -12.50
C GLY A 4 -27.06 5.75 -13.46
N SER A 5 -25.85 6.00 -12.97
CA SER A 5 -24.66 5.91 -13.79
C SER A 5 -24.38 4.47 -14.20
N SER A 6 -23.81 4.29 -15.39
CA SER A 6 -23.51 2.96 -15.91
C SER A 6 -22.02 2.66 -15.76
N GLY A 7 -21.19 3.54 -16.31
CA GLY A 7 -19.75 3.35 -16.24
C GLY A 7 -19.19 2.65 -17.46
N SER A 8 -17.88 2.77 -17.66
CA SER A 8 -17.22 2.14 -18.81
C SER A 8 -16.45 0.90 -18.38
N GLU A 9 -16.41 -0.09 -19.26
CA GLU A 9 -15.71 -1.33 -18.96
C GLU A 9 -14.29 -1.30 -19.54
N SER A 10 -13.36 -0.79 -18.75
CA SER A 10 -11.96 -0.70 -19.18
C SER A 10 -11.04 -0.43 -17.99
N LEU A 11 -10.05 -1.29 -17.82
CA LEU A 11 -9.10 -1.15 -16.72
C LEU A 11 -7.74 -0.66 -17.23
N VAL A 12 -7.02 0.06 -16.38
CA VAL A 12 -5.71 0.58 -16.75
C VAL A 12 -4.61 -0.02 -15.87
N VAL A 13 -3.95 -1.05 -16.38
CA VAL A 13 -2.88 -1.71 -15.64
C VAL A 13 -1.51 -1.29 -16.17
N CYS A 14 -0.51 -1.33 -15.29
CA CYS A 14 0.85 -0.96 -15.66
C CYS A 14 1.87 -1.92 -15.06
N ASP A 15 3.15 -1.66 -15.33
CA ASP A 15 4.21 -2.51 -14.82
C ASP A 15 5.01 -1.79 -13.74
N VAL A 16 5.78 -2.54 -12.96
CA VAL A 16 6.59 -1.97 -11.90
C VAL A 16 8.00 -1.67 -12.39
N ALA A 17 8.44 -0.43 -12.19
CA ALA A 17 9.77 0.00 -12.62
C ALA A 17 10.84 -0.68 -11.78
N GLU A 18 11.88 -1.19 -12.44
CA GLU A 18 12.97 -1.86 -11.76
C GLU A 18 13.53 -0.99 -10.65
N ASP A 19 13.58 0.32 -10.89
CA ASP A 19 14.10 1.27 -9.90
C ASP A 19 13.31 1.19 -8.61
N LEU A 20 12.03 0.82 -8.71
CA LEU A 20 11.17 0.70 -7.55
C LEU A 20 11.19 -0.72 -7.00
N VAL A 21 10.97 -1.69 -7.88
CA VAL A 21 10.97 -3.10 -7.47
C VAL A 21 12.12 -3.40 -6.53
N GLU A 22 13.34 -3.05 -6.94
CA GLU A 22 14.52 -3.29 -6.14
C GLU A 22 14.27 -2.93 -4.68
N LYS A 23 13.64 -1.78 -4.46
CA LYS A 23 13.34 -1.32 -3.11
C LYS A 23 12.38 -2.28 -2.41
N LEU A 24 11.31 -2.65 -3.10
CA LEU A 24 10.32 -3.57 -2.56
C LEU A 24 10.97 -4.88 -2.12
N ARG A 25 11.80 -5.43 -3.00
CA ARG A 25 12.48 -6.69 -2.72
C ARG A 25 13.24 -6.61 -1.40
N LYS A 26 13.99 -5.52 -1.21
CA LYS A 26 14.77 -5.32 0.01
C LYS A 26 13.84 -5.20 1.22
N PHE A 27 12.73 -4.50 1.04
CA PHE A 27 11.77 -4.31 2.12
C PHE A 27 11.52 -5.62 2.86
N ARG A 28 11.12 -6.65 2.12
CA ARG A 28 10.85 -7.95 2.71
C ARG A 28 12.11 -8.53 3.35
N PHE A 29 13.21 -8.47 2.61
CA PHE A 29 14.48 -9.00 3.10
C PHE A 29 15.31 -7.90 3.77
N ARG A 30 14.61 -6.95 4.39
CA ARG A 30 15.28 -5.85 5.07
C ARG A 30 16.06 -6.34 6.29
N LYS A 31 17.28 -5.83 6.45
CA LYS A 31 18.12 -6.23 7.58
C LYS A 31 18.09 -5.16 8.68
N GLU A 32 17.05 -4.34 8.67
CA GLU A 32 16.90 -3.29 9.66
C GLU A 32 15.97 -3.72 10.79
N THR A 33 15.82 -2.87 11.80
CA THR A 33 14.95 -3.17 12.93
C THR A 33 13.77 -2.20 12.99
N HIS A 34 14.02 -0.94 12.64
CA HIS A 34 12.98 0.07 12.66
C HIS A 34 11.94 -0.20 11.58
N ASN A 35 10.94 0.66 11.49
CA ASN A 35 9.88 0.52 10.50
C ASN A 35 10.29 1.15 9.17
N ALA A 36 9.40 1.09 8.19
CA ALA A 36 9.67 1.65 6.87
C ALA A 36 8.38 1.84 6.07
N ALA A 37 8.43 2.70 5.06
CA ALA A 37 7.27 2.96 4.23
C ALA A 37 7.68 3.36 2.82
N ILE A 38 7.26 2.57 1.84
CA ILE A 38 7.60 2.85 0.44
C ILE A 38 6.36 3.28 -0.34
N ILE A 39 6.39 4.49 -0.88
CA ILE A 39 5.29 5.02 -1.66
C ILE A 39 5.55 4.89 -3.16
N MET A 40 4.48 4.72 -3.92
CA MET A 40 4.59 4.59 -5.37
C MET A 40 3.47 5.34 -6.08
N LYS A 41 3.74 5.80 -7.29
CA LYS A 41 2.75 6.52 -8.07
C LYS A 41 2.88 6.20 -9.56
N ILE A 42 1.85 6.53 -10.33
CA ILE A 42 1.85 6.28 -11.76
C ILE A 42 1.75 7.58 -12.56
N ASP A 43 2.51 7.66 -13.64
CA ASP A 43 2.52 8.85 -14.48
C ASP A 43 1.63 8.65 -15.71
N LYS A 44 1.37 9.74 -16.43
CA LYS A 44 0.54 9.68 -17.63
C LYS A 44 1.36 9.30 -18.85
N ASP A 45 2.62 9.72 -18.86
CA ASP A 45 3.53 9.43 -19.97
C ASP A 45 4.37 8.20 -19.67
N GLU A 46 4.83 8.09 -18.42
CA GLU A 46 5.66 6.96 -18.00
C GLU A 46 4.84 5.68 -17.94
N ARG A 47 3.52 5.84 -17.81
CA ARG A 47 2.63 4.69 -17.73
C ARG A 47 3.30 3.51 -17.04
N LEU A 48 4.11 3.82 -16.02
CA LEU A 48 4.82 2.78 -15.28
C LEU A 48 4.98 3.18 -13.81
N VAL A 49 4.74 2.22 -12.92
CA VAL A 49 4.86 2.46 -11.49
C VAL A 49 6.31 2.71 -11.10
N VAL A 50 6.59 3.90 -10.57
CA VAL A 50 7.94 4.26 -10.15
C VAL A 50 7.98 4.62 -8.66
N LEU A 51 9.18 4.64 -8.10
CA LEU A 51 9.35 4.96 -6.69
C LEU A 51 9.03 6.43 -6.43
N ASP A 52 8.14 6.68 -5.47
CA ASP A 52 7.75 8.03 -5.12
C ASP A 52 8.61 8.58 -4.00
N GLU A 53 8.83 7.76 -2.97
CA GLU A 53 9.63 8.15 -1.82
C GLU A 53 9.82 6.98 -0.86
N GLU A 54 10.84 7.07 -0.02
CA GLU A 54 11.13 6.02 0.96
C GLU A 54 11.23 6.61 2.36
N LEU A 55 10.44 6.06 3.27
CA LEU A 55 10.45 6.52 4.66
C LEU A 55 11.16 5.53 5.56
N GLU A 56 11.70 6.03 6.67
CA GLU A 56 12.42 5.18 7.63
C GLU A 56 11.98 5.48 9.06
N GLY A 57 11.92 4.45 9.88
CA GLY A 57 11.52 4.62 11.27
C GLY A 57 10.32 5.54 11.41
N VAL A 58 9.25 5.23 10.69
CA VAL A 58 8.04 6.03 10.75
C VAL A 58 6.91 5.29 11.44
N SER A 59 5.80 5.98 11.66
CA SER A 59 4.63 5.37 12.32
C SER A 59 3.43 5.34 11.38
N PRO A 60 2.48 4.45 11.67
CA PRO A 60 1.26 4.30 10.88
C PRO A 60 0.33 5.50 11.01
N ASP A 61 0.58 6.33 12.00
CA ASP A 61 -0.24 7.52 12.24
C ASP A 61 0.38 8.75 11.57
N GLU A 62 1.69 8.72 11.38
CA GLU A 62 2.41 9.82 10.76
C GLU A 62 2.58 9.58 9.26
N LEU A 63 2.63 8.31 8.87
CA LEU A 63 2.78 7.95 7.47
C LEU A 63 1.65 8.53 6.62
N LYS A 64 0.42 8.27 7.05
CA LYS A 64 -0.75 8.77 6.34
C LYS A 64 -0.60 10.24 5.99
N ASP A 65 0.13 10.97 6.82
CA ASP A 65 0.37 12.39 6.60
C ASP A 65 1.13 12.63 5.30
N GLU A 66 2.09 11.75 5.03
CA GLU A 66 2.91 11.86 3.81
C GLU A 66 2.15 11.29 2.61
N LEU A 67 0.86 11.04 2.79
CA LEU A 67 0.04 10.50 1.72
C LEU A 67 -1.06 11.48 1.33
N PRO A 68 -1.47 11.43 0.05
CA PRO A 68 -2.52 12.31 -0.48
C PRO A 68 -3.89 11.96 0.08
N GLU A 69 -4.69 12.99 0.35
CA GLU A 69 -6.03 12.80 0.89
C GLU A 69 -7.10 13.11 -0.16
N ARG A 70 -6.69 13.12 -1.43
CA ARG A 70 -7.59 13.42 -2.52
C ARG A 70 -7.47 12.37 -3.63
N GLN A 71 -6.23 11.91 -3.86
CA GLN A 71 -5.98 10.92 -4.89
C GLN A 71 -5.39 9.64 -4.28
N PRO A 72 -5.71 8.50 -4.90
CA PRO A 72 -5.22 7.19 -4.43
C PRO A 72 -3.73 7.02 -4.65
N ARG A 73 -3.03 6.55 -3.62
CA ARG A 73 -1.59 6.34 -3.71
C ARG A 73 -1.20 4.99 -3.09
N PHE A 74 -0.05 4.48 -3.49
CA PHE A 74 0.43 3.20 -2.98
C PHE A 74 1.44 3.41 -1.86
N ILE A 75 1.33 2.57 -0.82
CA ILE A 75 2.23 2.67 0.32
C ILE A 75 2.45 1.30 0.96
N VAL A 76 3.71 0.92 1.10
CA VAL A 76 4.05 -0.37 1.70
C VAL A 76 4.67 -0.19 3.08
N TYR A 77 3.86 -0.38 4.12
CA TYR A 77 4.32 -0.24 5.49
C TYR A 77 4.59 -1.60 6.13
N SER A 78 5.40 -1.61 7.18
CA SER A 78 5.74 -2.84 7.87
C SER A 78 5.59 -2.67 9.38
N TYR A 79 4.44 -3.05 9.90
CA TYR A 79 4.16 -2.93 11.34
C TYR A 79 5.03 -3.91 12.12
N LYS A 80 5.05 -3.73 13.44
CA LYS A 80 5.83 -4.60 14.32
C LYS A 80 4.93 -5.41 15.24
N TYR A 81 4.68 -6.66 14.87
CA TYR A 81 3.83 -7.54 15.67
C TYR A 81 4.65 -8.31 16.70
N GLN A 82 4.70 -7.79 17.91
CA GLN A 82 5.45 -8.44 18.99
C GLN A 82 4.65 -9.58 19.61
N HIS A 83 5.35 -10.65 19.98
CA HIS A 83 4.71 -11.81 20.58
C HIS A 83 5.06 -11.92 22.06
N ASP A 84 4.05 -12.14 22.89
CA ASP A 84 4.26 -12.27 24.33
C ASP A 84 5.53 -13.06 24.63
N ASP A 85 5.61 -14.27 24.08
CA ASP A 85 6.77 -15.13 24.28
C ASP A 85 8.05 -14.31 24.32
N GLY A 86 8.14 -13.33 23.42
CA GLY A 86 9.32 -12.49 23.36
C GLY A 86 9.73 -12.17 21.94
N ARG A 87 9.39 -13.06 21.02
CA ARG A 87 9.74 -12.88 19.61
C ARG A 87 8.83 -11.85 18.95
N VAL A 88 9.39 -11.08 18.01
CA VAL A 88 8.62 -10.05 17.31
C VAL A 88 9.03 -9.98 15.84
N SER A 89 8.03 -10.01 14.96
CA SER A 89 8.27 -9.96 13.53
C SER A 89 7.51 -8.80 12.89
N TYR A 90 8.04 -8.28 11.79
CA TYR A 90 7.41 -7.16 11.08
C TYR A 90 6.77 -7.64 9.78
N PRO A 91 5.48 -7.98 9.85
CA PRO A 91 4.73 -8.45 8.69
C PRO A 91 4.49 -7.34 7.66
N LEU A 92 4.95 -7.57 6.44
CA LEU A 92 4.78 -6.59 5.37
C LEU A 92 3.37 -6.63 4.80
N CYS A 93 2.71 -5.48 4.79
CA CYS A 93 1.36 -5.38 4.26
C CYS A 93 1.23 -4.22 3.28
N PHE A 94 0.26 -4.32 2.38
CA PHE A 94 0.03 -3.28 1.38
C PHE A 94 -1.21 -2.45 1.73
N ILE A 95 -1.01 -1.18 2.01
CA ILE A 95 -2.11 -0.28 2.36
C ILE A 95 -2.48 0.60 1.18
N PHE A 96 -3.57 0.25 0.51
CA PHE A 96 -4.04 1.02 -0.65
C PHE A 96 -4.79 2.27 -0.19
N SER A 97 -4.05 3.36 0.00
CA SER A 97 -4.64 4.62 0.44
C SER A 97 -5.50 5.22 -0.67
N SER A 98 -6.82 5.05 -0.53
CA SER A 98 -7.76 5.58 -1.51
C SER A 98 -8.78 6.49 -0.86
N PRO A 99 -8.58 7.81 -0.99
CA PRO A 99 -9.47 8.82 -0.42
C PRO A 99 -10.82 8.86 -1.11
N VAL A 100 -11.89 8.79 -0.32
CA VAL A 100 -13.25 8.82 -0.87
C VAL A 100 -13.43 10.00 -1.82
N GLY A 101 -12.64 11.05 -1.61
CA GLY A 101 -12.72 12.23 -2.46
C GLY A 101 -11.99 12.05 -3.78
N CYS A 102 -11.76 10.80 -4.16
CA CYS A 102 -11.05 10.51 -5.40
C CYS A 102 -12.03 10.14 -6.51
N LYS A 103 -11.59 10.26 -7.76
CA LYS A 103 -12.44 9.95 -8.90
C LYS A 103 -12.25 8.49 -9.33
N PRO A 104 -13.27 7.94 -10.02
CA PRO A 104 -13.23 6.56 -10.50
C PRO A 104 -12.23 6.35 -11.63
N GLU A 105 -12.21 7.30 -12.57
CA GLU A 105 -11.29 7.22 -13.70
C GLU A 105 -9.88 6.91 -13.24
N GLN A 106 -9.57 7.28 -12.00
CA GLN A 106 -8.24 7.03 -11.43
C GLN A 106 -8.22 5.72 -10.66
N GLN A 107 -9.28 5.46 -9.89
CA GLN A 107 -9.38 4.25 -9.11
C GLN A 107 -9.09 3.01 -9.96
N MET A 108 -9.55 3.05 -11.20
CA MET A 108 -9.34 1.93 -12.14
C MET A 108 -7.85 1.72 -12.40
N MET A 109 -7.12 2.82 -12.56
CA MET A 109 -5.69 2.76 -12.82
C MET A 109 -4.95 2.16 -11.63
N TYR A 110 -5.12 2.77 -10.46
CA TYR A 110 -4.46 2.30 -9.25
C TYR A 110 -5.00 0.93 -8.83
N ALA A 111 -6.27 0.70 -9.10
CA ALA A 111 -6.91 -0.57 -8.76
C ALA A 111 -6.24 -1.73 -9.49
N GLY A 112 -6.33 -1.72 -10.81
CA GLY A 112 -5.73 -2.78 -11.61
C GLY A 112 -4.22 -2.85 -11.44
N SER A 113 -3.60 -1.69 -11.24
CA SER A 113 -2.15 -1.62 -11.06
C SER A 113 -1.74 -2.20 -9.71
N LYS A 114 -2.53 -1.90 -8.68
CA LYS A 114 -2.25 -2.38 -7.33
C LYS A 114 -1.99 -3.89 -7.34
N ASN A 115 -2.99 -4.65 -7.78
CA ASN A 115 -2.87 -6.11 -7.83
C ASN A 115 -1.45 -6.52 -8.19
N LYS A 116 -1.01 -6.14 -9.39
CA LYS A 116 0.33 -6.47 -9.85
C LYS A 116 1.36 -6.21 -8.76
N LEU A 117 1.32 -5.01 -8.19
CA LEU A 117 2.26 -4.63 -7.13
C LEU A 117 2.33 -5.70 -6.05
N VAL A 118 1.16 -6.04 -5.48
CA VAL A 118 1.08 -7.05 -4.45
C VAL A 118 1.90 -8.29 -4.82
N GLN A 119 2.11 -8.48 -6.11
CA GLN A 119 2.88 -9.62 -6.60
C GLN A 119 4.37 -9.29 -6.68
N THR A 120 4.67 -8.05 -7.03
CA THR A 120 6.06 -7.61 -7.15
C THR A 120 6.73 -7.56 -5.79
N ALA A 121 6.08 -6.92 -4.83
CA ALA A 121 6.61 -6.81 -3.47
C ALA A 121 6.38 -8.10 -2.68
N GLU A 122 5.66 -9.03 -3.29
CA GLU A 122 5.36 -10.31 -2.64
C GLU A 122 4.64 -10.09 -1.32
N LEU A 123 3.62 -9.22 -1.34
CA LEU A 123 2.84 -8.92 -0.15
C LEU A 123 1.64 -9.86 -0.03
N THR A 124 1.44 -10.42 1.16
CA THR A 124 0.33 -11.33 1.40
C THR A 124 -0.89 -10.58 1.91
N LYS A 125 -0.67 -9.62 2.80
CA LYS A 125 -1.76 -8.83 3.37
C LYS A 125 -1.95 -7.54 2.56
N VAL A 126 -3.19 -7.30 2.14
CA VAL A 126 -3.52 -6.11 1.38
C VAL A 126 -4.77 -5.43 1.91
N PHE A 127 -4.58 -4.30 2.59
CA PHE A 127 -5.70 -3.55 3.16
C PHE A 127 -5.89 -2.22 2.44
N GLU A 128 -7.12 -1.72 2.45
CA GLU A 128 -7.44 -0.45 1.80
C GLU A 128 -8.20 0.47 2.74
N ILE A 129 -7.90 1.75 2.68
CA ILE A 129 -8.56 2.74 3.52
C ILE A 129 -9.30 3.78 2.69
N ARG A 130 -10.52 4.11 3.10
CA ARG A 130 -11.33 5.09 2.39
C ARG A 130 -10.85 6.51 2.68
N ASN A 131 -9.96 6.64 3.66
CA ASN A 131 -9.42 7.94 4.04
C ASN A 131 -8.06 7.79 4.73
N THR A 132 -7.09 8.57 4.28
CA THR A 132 -5.75 8.53 4.87
C THR A 132 -5.80 8.63 6.38
N GLU A 133 -6.80 9.34 6.89
CA GLU A 133 -6.96 9.51 8.34
C GLU A 133 -7.13 8.16 9.03
N ASP A 134 -7.91 7.27 8.41
CA ASP A 134 -8.14 5.95 8.96
C ASP A 134 -6.83 5.24 9.29
N LEU A 135 -5.85 5.40 8.41
CA LEU A 135 -4.54 4.78 8.61
C LEU A 135 -3.91 5.25 9.92
N THR A 136 -4.09 4.46 10.97
CA THR A 136 -3.54 4.78 12.28
C THR A 136 -2.96 3.54 12.95
N GLU A 137 -2.32 3.75 14.10
CA GLU A 137 -1.73 2.65 14.85
C GLU A 137 -2.76 1.56 15.14
N GLU A 138 -3.83 1.93 15.83
CA GLU A 138 -4.88 0.98 16.17
C GLU A 138 -5.38 0.25 14.93
N TRP A 139 -5.84 1.02 13.94
CA TRP A 139 -6.34 0.44 12.69
C TRP A 139 -5.33 -0.53 12.09
N LEU A 140 -4.05 -0.28 12.36
CA LEU A 140 -2.98 -1.14 11.85
C LEU A 140 -3.11 -2.56 12.39
N ARG A 141 -3.00 -2.70 13.72
CA ARG A 141 -3.11 -3.99 14.36
C ARG A 141 -4.46 -4.64 14.06
N GLU A 142 -5.43 -3.82 13.66
CA GLU A 142 -6.77 -4.31 13.35
C GLU A 142 -6.74 -5.20 12.11
N LYS A 143 -6.02 -4.75 11.08
CA LYS A 143 -5.91 -5.50 9.84
C LYS A 143 -5.11 -6.78 10.05
N LEU A 144 -4.04 -6.69 10.82
CA LEU A 144 -3.19 -7.85 11.10
C LEU A 144 -3.92 -8.85 11.98
N GLY A 145 -4.84 -8.35 12.81
CA GLY A 145 -5.60 -9.22 13.68
C GLY A 145 -6.69 -9.98 12.96
N SER A 146 -7.54 -9.25 12.25
CA SER A 146 -8.63 -9.86 11.50
C SER A 146 -8.58 -9.47 10.03
N GLY A 147 -7.96 -10.32 9.22
CA GLY A 147 -7.85 -10.04 7.79
C GLY A 147 -8.91 -10.76 6.98
N PRO A 148 -8.56 -11.15 5.76
CA PRO A 148 -9.49 -11.84 4.85
C PRO A 148 -9.80 -13.26 5.31
N SER A 149 -10.82 -13.86 4.72
CA SER A 149 -11.22 -15.22 5.07
C SER A 149 -11.70 -15.98 3.85
N SER A 150 -11.53 -17.30 3.87
CA SER A 150 -11.95 -18.16 2.76
C SER A 150 -13.21 -18.93 3.12
N GLY A 151 -14.06 -19.16 2.13
CA GLY A 151 -15.29 -19.90 2.35
C GLY A 151 -16.22 -19.84 1.15
N GLY A 1 -15.06 1.05 -13.06
CA GLY A 1 -16.14 1.96 -12.79
C GLY A 1 -16.59 2.70 -14.04
N SER A 2 -17.59 3.58 -13.87
CA SER A 2 -18.12 4.34 -14.99
C SER A 2 -18.54 5.74 -14.54
N SER A 3 -18.66 6.65 -15.50
CA SER A 3 -19.05 8.03 -15.20
C SER A 3 -19.71 8.68 -16.41
N GLY A 4 -20.92 9.18 -16.22
CA GLY A 4 -21.63 9.83 -17.31
C GLY A 4 -21.37 9.17 -18.65
N SER A 5 -21.33 7.84 -18.66
CA SER A 5 -21.07 7.09 -19.88
C SER A 5 -21.40 5.61 -19.69
N SER A 6 -21.90 4.98 -20.74
CA SER A 6 -22.25 3.56 -20.69
C SER A 6 -21.37 2.75 -21.64
N GLY A 7 -20.08 3.05 -21.66
CA GLY A 7 -19.16 2.34 -22.52
C GLY A 7 -18.83 0.95 -22.01
N SER A 8 -17.66 0.80 -21.41
CA SER A 8 -17.23 -0.48 -20.88
C SER A 8 -16.26 -0.29 -19.72
N GLU A 9 -16.57 -0.93 -18.59
CA GLU A 9 -15.72 -0.83 -17.41
C GLU A 9 -14.37 -1.50 -17.65
N SER A 10 -13.46 -0.77 -18.28
CA SER A 10 -12.13 -1.30 -18.58
C SER A 10 -11.10 -0.73 -17.61
N LEU A 11 -10.30 -1.62 -17.01
CA LEU A 11 -9.26 -1.20 -16.07
C LEU A 11 -7.94 -0.98 -16.78
N VAL A 12 -7.09 -0.13 -16.20
CA VAL A 12 -5.78 0.15 -16.77
C VAL A 12 -4.66 -0.26 -15.81
N VAL A 13 -4.01 -1.37 -16.13
CA VAL A 13 -2.92 -1.88 -15.31
C VAL A 13 -1.57 -1.50 -15.90
N CYS A 14 -0.65 -1.06 -15.03
CA CYS A 14 0.68 -0.67 -15.47
C CYS A 14 1.73 -1.66 -14.98
N ASP A 15 2.99 -1.37 -15.28
CA ASP A 15 4.10 -2.24 -14.86
C ASP A 15 4.90 -1.60 -13.75
N VAL A 16 5.70 -2.40 -13.06
CA VAL A 16 6.53 -1.91 -11.97
C VAL A 16 7.96 -1.66 -12.43
N ALA A 17 8.40 -0.41 -12.33
CA ALA A 17 9.75 -0.03 -12.74
C ALA A 17 10.80 -0.80 -11.94
N GLU A 18 11.80 -1.33 -12.64
CA GLU A 18 12.86 -2.09 -12.00
C GLU A 18 13.48 -1.29 -10.86
N ASP A 19 13.68 0.00 -11.08
CA ASP A 19 14.27 0.88 -10.08
C ASP A 19 13.49 0.80 -8.77
N LEU A 20 12.17 0.77 -8.88
CA LEU A 20 11.30 0.70 -7.71
C LEU A 20 11.30 -0.71 -7.12
N VAL A 21 11.07 -1.70 -7.98
CA VAL A 21 11.05 -3.10 -7.54
C VAL A 21 12.19 -3.39 -6.57
N GLU A 22 13.43 -3.23 -7.06
CA GLU A 22 14.60 -3.47 -6.23
C GLU A 22 14.41 -2.92 -4.83
N LYS A 23 13.73 -1.78 -4.73
CA LYS A 23 13.48 -1.14 -3.44
C LYS A 23 12.42 -1.91 -2.65
N LEU A 24 11.46 -2.50 -3.37
CA LEU A 24 10.40 -3.26 -2.73
C LEU A 24 10.90 -4.64 -2.31
N ARG A 25 11.56 -5.32 -3.22
CA ARG A 25 12.09 -6.65 -2.95
C ARG A 25 12.88 -6.67 -1.64
N LYS A 26 13.75 -5.67 -1.47
CA LYS A 26 14.56 -5.56 -0.27
C LYS A 26 13.68 -5.40 0.97
N PHE A 27 12.61 -4.61 0.84
CA PHE A 27 11.70 -4.38 1.95
C PHE A 27 11.37 -5.69 2.66
N ARG A 28 10.89 -6.66 1.90
CA ARG A 28 10.53 -7.96 2.47
C ARG A 28 11.76 -8.68 3.02
N PHE A 29 12.83 -8.66 2.24
CA PHE A 29 14.07 -9.32 2.65
C PHE A 29 14.95 -8.36 3.45
N ARG A 30 14.32 -7.36 4.07
CA ARG A 30 15.04 -6.38 4.86
C ARG A 30 15.57 -7.00 6.15
N LYS A 31 16.68 -6.48 6.64
CA LYS A 31 17.30 -6.98 7.87
C LYS A 31 17.48 -5.87 8.89
N GLU A 32 16.49 -4.98 8.96
CA GLU A 32 16.54 -3.87 9.90
C GLU A 32 15.58 -4.10 11.06
N THR A 33 15.55 -3.14 11.99
CA THR A 33 14.68 -3.24 13.15
C THR A 33 13.61 -2.14 13.14
N HIS A 34 14.00 -0.95 12.69
CA HIS A 34 13.08 0.18 12.63
C HIS A 34 11.97 -0.09 11.61
N ASN A 35 11.11 0.91 11.43
CA ASN A 35 10.01 0.79 10.48
C ASN A 35 10.39 1.36 9.12
N ALA A 36 9.52 1.17 8.12
CA ALA A 36 9.78 1.66 6.78
C ALA A 36 8.48 1.82 6.00
N ALA A 37 8.51 2.66 4.97
CA ALA A 37 7.33 2.90 4.15
C ALA A 37 7.73 3.32 2.73
N ILE A 38 7.34 2.51 1.75
CA ILE A 38 7.65 2.81 0.35
C ILE A 38 6.40 3.22 -0.42
N ILE A 39 6.39 4.46 -0.88
CA ILE A 39 5.26 4.99 -1.62
C ILE A 39 5.51 4.91 -3.14
N MET A 40 4.48 4.54 -3.89
CA MET A 40 4.60 4.43 -5.33
C MET A 40 3.50 5.23 -6.03
N LYS A 41 3.74 5.58 -7.29
CA LYS A 41 2.77 6.35 -8.07
C LYS A 41 2.97 6.12 -9.56
N ILE A 42 1.88 6.24 -10.32
CA ILE A 42 1.94 6.05 -11.76
C ILE A 42 1.92 7.38 -12.49
N ASP A 43 2.84 7.55 -13.44
CA ASP A 43 2.94 8.78 -14.22
C ASP A 43 1.99 8.74 -15.41
N LYS A 44 1.80 9.88 -16.05
CA LYS A 44 0.93 9.98 -17.22
C LYS A 44 1.71 9.73 -18.51
N ASP A 45 2.99 10.09 -18.50
CA ASP A 45 3.84 9.89 -19.67
C ASP A 45 4.37 8.46 -19.72
N GLU A 46 5.28 8.13 -18.81
CA GLU A 46 5.86 6.80 -18.77
C GLU A 46 4.79 5.75 -18.46
N ARG A 47 3.77 6.15 -17.72
CA ARG A 47 2.69 5.25 -17.35
C ARG A 47 3.23 4.00 -16.67
N LEU A 48 4.13 4.20 -15.71
CA LEU A 48 4.73 3.09 -14.98
C LEU A 48 4.70 3.35 -13.48
N VAL A 49 4.86 2.28 -12.70
CA VAL A 49 4.85 2.39 -11.25
C VAL A 49 6.26 2.55 -10.70
N VAL A 50 6.57 3.75 -10.23
CA VAL A 50 7.89 4.04 -9.68
C VAL A 50 7.80 4.47 -8.22
N LEU A 51 8.92 4.38 -7.52
CA LEU A 51 8.97 4.75 -6.10
C LEU A 51 9.08 6.26 -5.94
N ASP A 52 8.11 6.85 -5.25
CA ASP A 52 8.10 8.30 -5.02
C ASP A 52 9.18 8.69 -4.00
N GLU A 53 9.14 8.05 -2.84
CA GLU A 53 10.09 8.34 -1.79
C GLU A 53 10.04 7.27 -0.70
N GLU A 54 11.20 6.99 -0.10
CA GLU A 54 11.28 5.98 0.96
C GLU A 54 11.19 6.64 2.34
N LEU A 55 10.37 6.06 3.21
CA LEU A 55 10.19 6.59 4.55
C LEU A 55 10.70 5.59 5.60
N GLU A 56 11.84 5.91 6.20
CA GLU A 56 12.42 5.05 7.22
C GLU A 56 12.10 5.55 8.63
N GLY A 57 12.11 4.65 9.60
CA GLY A 57 11.80 5.02 10.96
C GLY A 57 10.60 5.93 11.07
N VAL A 58 9.46 5.46 10.57
CA VAL A 58 8.23 6.25 10.61
C VAL A 58 7.14 5.54 11.40
N SER A 59 5.99 6.19 11.54
CA SER A 59 4.87 5.61 12.28
C SER A 59 3.62 5.54 11.40
N PRO A 60 2.68 4.67 11.79
CA PRO A 60 1.43 4.49 11.05
C PRO A 60 0.50 5.70 11.17
N ASP A 61 0.78 6.55 12.16
CA ASP A 61 -0.03 7.75 12.38
C ASP A 61 0.59 8.95 11.69
N GLU A 62 1.89 8.89 11.44
CA GLU A 62 2.61 9.98 10.79
C GLU A 62 2.75 9.72 9.29
N LEU A 63 2.90 8.44 8.92
CA LEU A 63 3.04 8.06 7.52
C LEU A 63 1.86 8.54 6.70
N LYS A 64 0.65 8.31 7.22
CA LYS A 64 -0.57 8.72 6.53
C LYS A 64 -0.52 10.21 6.20
N ASP A 65 0.23 10.97 6.98
CA ASP A 65 0.36 12.41 6.76
C ASP A 65 1.14 12.69 5.49
N GLU A 66 2.12 11.84 5.20
CA GLU A 66 2.95 12.01 4.01
C GLU A 66 2.27 11.41 2.79
N LEU A 67 0.97 11.14 2.91
CA LEU A 67 0.20 10.57 1.81
C LEU A 67 -0.94 11.50 1.40
N PRO A 68 -1.31 11.45 0.11
CA PRO A 68 -2.39 12.27 -0.44
C PRO A 68 -3.76 11.86 0.08
N GLU A 69 -4.61 12.85 0.33
CA GLU A 69 -5.96 12.59 0.83
C GLU A 69 -7.01 12.95 -0.21
N ARG A 70 -6.55 13.25 -1.43
CA ARG A 70 -7.45 13.63 -2.51
C ARG A 70 -7.30 12.66 -3.69
N GLN A 71 -6.19 11.94 -3.72
CA GLN A 71 -5.93 10.98 -4.79
C GLN A 71 -5.37 9.68 -4.23
N PRO A 72 -5.66 8.57 -4.92
CA PRO A 72 -5.19 7.24 -4.51
C PRO A 72 -3.68 7.07 -4.69
N ARG A 73 -3.03 6.49 -3.69
CA ARG A 73 -1.59 6.28 -3.74
C ARG A 73 -1.22 4.94 -3.10
N PHE A 74 -0.08 4.39 -3.50
CA PHE A 74 0.39 3.12 -2.98
C PHE A 74 1.42 3.33 -1.88
N ILE A 75 1.32 2.54 -0.82
CA ILE A 75 2.24 2.64 0.31
C ILE A 75 2.44 1.29 0.99
N VAL A 76 3.68 0.86 1.10
CA VAL A 76 4.01 -0.41 1.73
C VAL A 76 4.65 -0.21 3.10
N TYR A 77 3.85 -0.35 4.14
CA TYR A 77 4.33 -0.17 5.51
C TYR A 77 4.63 -1.53 6.16
N SER A 78 5.45 -1.50 7.21
CA SER A 78 5.82 -2.72 7.92
C SER A 78 5.67 -2.54 9.43
N TYR A 79 4.52 -2.95 9.96
CA TYR A 79 4.25 -2.82 11.38
C TYR A 79 5.11 -3.80 12.18
N LYS A 80 5.24 -3.53 13.48
CA LYS A 80 6.04 -4.38 14.35
C LYS A 80 5.14 -5.27 15.21
N TYR A 81 5.01 -6.53 14.82
CA TYR A 81 4.17 -7.48 15.55
C TYR A 81 4.98 -8.19 16.63
N GLN A 82 4.76 -7.79 17.88
CA GLN A 82 5.46 -8.39 19.00
C GLN A 82 4.73 -9.62 19.51
N HIS A 83 5.49 -10.68 19.78
CA HIS A 83 4.91 -11.93 20.26
C HIS A 83 5.19 -12.11 21.75
N ASP A 84 4.18 -12.54 22.50
CA ASP A 84 4.31 -12.75 23.93
C ASP A 84 5.67 -13.39 24.26
N ASP A 85 5.91 -14.56 23.69
CA ASP A 85 7.17 -15.28 23.93
C ASP A 85 8.34 -14.30 24.01
N GLY A 86 8.30 -13.26 23.19
CA GLY A 86 9.36 -12.27 23.18
C GLY A 86 9.77 -11.87 21.78
N ARG A 87 9.69 -12.81 20.85
CA ARG A 87 10.07 -12.55 19.47
C ARG A 87 9.08 -11.59 18.81
N VAL A 88 9.59 -10.79 17.87
CA VAL A 88 8.75 -9.83 17.17
C VAL A 88 9.05 -9.83 15.67
N SER A 89 8.00 -9.95 14.87
CA SER A 89 8.14 -9.98 13.41
C SER A 89 7.41 -8.80 12.77
N TYR A 90 8.00 -8.26 11.70
CA TYR A 90 7.41 -7.13 11.00
C TYR A 90 6.79 -7.58 9.68
N PRO A 91 5.51 -7.94 9.72
CA PRO A 91 4.76 -8.39 8.52
C PRO A 91 4.51 -7.25 7.54
N LEU A 92 4.99 -7.43 6.31
CA LEU A 92 4.82 -6.42 5.27
C LEU A 92 3.41 -6.47 4.70
N CYS A 93 2.76 -5.31 4.65
CA CYS A 93 1.39 -5.22 4.13
C CYS A 93 1.27 -4.06 3.15
N PHE A 94 0.31 -4.17 2.24
CA PHE A 94 0.08 -3.13 1.23
C PHE A 94 -1.15 -2.30 1.57
N ILE A 95 -0.91 -1.07 1.99
CA ILE A 95 -2.01 -0.17 2.35
C ILE A 95 -2.42 0.70 1.17
N PHE A 96 -3.52 0.34 0.52
CA PHE A 96 -4.01 1.08 -0.63
C PHE A 96 -4.77 2.32 -0.18
N SER A 97 -4.04 3.43 -0.03
CA SER A 97 -4.63 4.69 0.40
C SER A 97 -5.50 5.29 -0.72
N SER A 98 -6.81 5.09 -0.60
CA SER A 98 -7.75 5.60 -1.60
C SER A 98 -8.74 6.56 -0.96
N PRO A 99 -8.51 7.87 -1.14
CA PRO A 99 -9.38 8.91 -0.59
C PRO A 99 -10.73 8.96 -1.28
N VAL A 100 -11.79 8.70 -0.52
CA VAL A 100 -13.15 8.71 -1.06
C VAL A 100 -13.34 9.88 -2.02
N GLY A 101 -12.58 10.95 -1.80
CA GLY A 101 -12.67 12.13 -2.65
C GLY A 101 -11.92 11.97 -3.95
N CYS A 102 -11.65 10.72 -4.33
CA CYS A 102 -10.92 10.44 -5.56
C CYS A 102 -11.88 10.13 -6.70
N LYS A 103 -11.39 10.23 -7.93
CA LYS A 103 -12.20 9.96 -9.12
C LYS A 103 -12.09 8.49 -9.52
N PRO A 104 -13.12 8.00 -10.23
CA PRO A 104 -13.15 6.62 -10.70
C PRO A 104 -12.13 6.35 -11.81
N GLU A 105 -12.14 7.20 -12.83
CA GLU A 105 -11.22 7.06 -13.95
C GLU A 105 -9.83 6.69 -13.47
N GLN A 106 -9.50 7.12 -12.26
CA GLN A 106 -8.19 6.84 -11.67
C GLN A 106 -8.24 5.56 -10.82
N GLN A 107 -9.26 5.47 -9.98
CA GLN A 107 -9.41 4.30 -9.11
C GLN A 107 -9.16 3.01 -9.88
N MET A 108 -9.54 3.00 -11.15
CA MET A 108 -9.35 1.83 -12.00
C MET A 108 -7.87 1.60 -12.28
N MET A 109 -7.17 2.67 -12.63
CA MET A 109 -5.75 2.58 -12.93
C MET A 109 -4.97 2.05 -11.74
N TYR A 110 -5.21 2.64 -10.57
CA TYR A 110 -4.52 2.23 -9.35
C TYR A 110 -5.06 0.89 -8.85
N ALA A 111 -6.38 0.71 -8.96
CA ALA A 111 -7.02 -0.52 -8.53
C ALA A 111 -6.32 -1.74 -9.11
N GLY A 112 -6.47 -1.92 -10.42
CA GLY A 112 -5.84 -3.05 -11.09
C GLY A 112 -4.34 -3.07 -10.92
N SER A 113 -3.70 -1.94 -11.21
CA SER A 113 -2.25 -1.84 -11.10
C SER A 113 -1.79 -2.30 -9.72
N LYS A 114 -2.56 -1.96 -8.70
CA LYS A 114 -2.23 -2.34 -7.32
C LYS A 114 -1.96 -3.84 -7.23
N ASN A 115 -2.98 -4.63 -7.50
CA ASN A 115 -2.85 -6.09 -7.44
C ASN A 115 -1.46 -6.53 -7.88
N LYS A 116 -1.02 -6.03 -9.03
CA LYS A 116 0.28 -6.37 -9.56
C LYS A 116 1.38 -6.07 -8.54
N LEU A 117 1.41 -4.84 -8.05
CA LEU A 117 2.40 -4.44 -7.06
C LEU A 117 2.51 -5.47 -5.95
N VAL A 118 1.38 -5.80 -5.35
CA VAL A 118 1.35 -6.77 -4.25
C VAL A 118 2.16 -8.02 -4.61
N GLN A 119 2.34 -8.25 -5.91
CA GLN A 119 3.10 -9.40 -6.38
C GLN A 119 4.58 -9.05 -6.56
N THR A 120 4.83 -7.81 -6.99
CA THR A 120 6.19 -7.34 -7.22
C THR A 120 6.94 -7.18 -5.90
N ALA A 121 6.26 -6.62 -4.91
CA ALA A 121 6.86 -6.40 -3.59
C ALA A 121 6.76 -7.66 -2.73
N GLU A 122 6.14 -8.69 -3.28
CA GLU A 122 5.98 -9.95 -2.56
C GLU A 122 5.22 -9.74 -1.25
N LEU A 123 4.15 -8.96 -1.32
CA LEU A 123 3.34 -8.68 -0.14
C LEU A 123 2.23 -9.72 0.02
N THR A 124 2.00 -10.15 1.25
CA THR A 124 0.98 -11.15 1.54
C THR A 124 -0.32 -10.48 1.99
N LYS A 125 -0.21 -9.52 2.90
CA LYS A 125 -1.37 -8.81 3.41
C LYS A 125 -1.59 -7.52 2.62
N VAL A 126 -2.86 -7.23 2.32
CA VAL A 126 -3.22 -6.04 1.57
C VAL A 126 -4.48 -5.39 2.14
N PHE A 127 -4.31 -4.23 2.76
CA PHE A 127 -5.43 -3.51 3.34
C PHE A 127 -5.69 -2.19 2.60
N GLU A 128 -6.94 -1.74 2.63
CA GLU A 128 -7.31 -0.50 1.95
C GLU A 128 -8.06 0.42 2.91
N ILE A 129 -7.82 1.72 2.77
CA ILE A 129 -8.47 2.72 3.62
C ILE A 129 -9.20 3.75 2.77
N ARG A 130 -10.43 4.07 3.17
CA ARG A 130 -11.24 5.04 2.45
C ARG A 130 -10.62 6.43 2.55
N ASN A 131 -9.88 6.67 3.62
CA ASN A 131 -9.22 7.96 3.83
C ASN A 131 -7.90 7.78 4.57
N THR A 132 -6.92 8.60 4.20
CA THR A 132 -5.60 8.54 4.83
C THR A 132 -5.70 8.70 6.34
N GLU A 133 -6.81 9.30 6.80
CA GLU A 133 -7.02 9.52 8.22
C GLU A 133 -7.22 8.19 8.95
N ASP A 134 -7.97 7.28 8.31
CA ASP A 134 -8.24 5.98 8.90
C ASP A 134 -6.93 5.24 9.22
N LEU A 135 -5.95 5.40 8.35
CA LEU A 135 -4.65 4.74 8.55
C LEU A 135 -4.04 5.13 9.89
N THR A 136 -4.44 4.42 10.94
CA THR A 136 -3.93 4.69 12.28
C THR A 136 -3.41 3.41 12.93
N GLU A 137 -2.66 3.58 14.01
CA GLU A 137 -2.08 2.44 14.72
C GLU A 137 -3.15 1.40 15.02
N GLU A 138 -4.22 1.83 15.68
CA GLU A 138 -5.32 0.93 16.04
C GLU A 138 -5.83 0.19 14.80
N TRP A 139 -6.10 0.95 13.73
CA TRP A 139 -6.59 0.36 12.50
C TRP A 139 -5.61 -0.67 11.94
N LEU A 140 -4.32 -0.40 12.12
CA LEU A 140 -3.28 -1.31 11.64
C LEU A 140 -3.43 -2.69 12.27
N ARG A 141 -3.28 -2.77 13.58
CA ARG A 141 -3.40 -4.03 14.30
C ARG A 141 -4.74 -4.69 14.00
N GLU A 142 -5.71 -3.89 13.56
CA GLU A 142 -7.04 -4.40 13.24
C GLU A 142 -7.00 -5.28 12.00
N LYS A 143 -6.25 -4.85 10.99
CA LYS A 143 -6.12 -5.60 9.74
C LYS A 143 -5.30 -6.87 9.96
N LEU A 144 -4.28 -6.78 10.79
CA LEU A 144 -3.42 -7.92 11.09
C LEU A 144 -4.13 -8.93 11.99
N GLY A 145 -4.92 -8.40 12.93
CA GLY A 145 -5.64 -9.27 13.85
C GLY A 145 -6.90 -9.84 13.23
N SER A 146 -7.91 -8.99 13.04
CA SER A 146 -9.17 -9.43 12.45
C SER A 146 -9.97 -8.24 11.93
N GLY A 147 -10.04 -8.12 10.61
CA GLY A 147 -10.77 -7.01 10.01
C GLY A 147 -12.27 -7.26 10.00
N PRO A 148 -12.95 -6.74 8.96
CA PRO A 148 -14.40 -6.89 8.82
C PRO A 148 -14.81 -8.32 8.51
N SER A 149 -16.00 -8.70 8.97
CA SER A 149 -16.51 -10.06 8.74
C SER A 149 -18.03 -10.08 8.81
N SER A 150 -18.63 -11.14 8.27
CA SER A 150 -20.08 -11.29 8.27
C SER A 150 -20.55 -12.02 9.52
N GLY A 151 -21.29 -11.33 10.37
CA GLY A 151 -21.80 -11.93 11.59
C GLY A 151 -23.29 -11.71 11.77
N GLY A 1 -29.26 -12.65 -4.24
CA GLY A 1 -28.53 -13.40 -5.24
C GLY A 1 -28.77 -12.89 -6.65
N SER A 2 -28.27 -11.68 -6.92
CA SER A 2 -28.43 -11.06 -8.23
C SER A 2 -27.63 -11.82 -9.29
N SER A 3 -28.19 -11.91 -10.49
CA SER A 3 -27.52 -12.61 -11.59
C SER A 3 -26.80 -11.63 -12.49
N GLY A 4 -26.00 -12.16 -13.41
CA GLY A 4 -25.25 -11.32 -14.33
C GLY A 4 -23.75 -11.41 -14.12
N SER A 5 -23.14 -12.44 -14.70
CA SER A 5 -21.70 -12.65 -14.57
C SER A 5 -20.94 -11.79 -15.58
N SER A 6 -20.44 -10.65 -15.11
CA SER A 6 -19.69 -9.74 -15.97
C SER A 6 -18.54 -10.47 -16.67
N GLY A 7 -18.03 -9.87 -17.73
CA GLY A 7 -16.93 -10.47 -18.46
C GLY A 7 -15.58 -9.91 -18.06
N SER A 8 -15.31 -8.67 -18.46
CA SER A 8 -14.05 -8.01 -18.15
C SER A 8 -14.25 -6.93 -17.09
N GLU A 9 -13.19 -6.65 -16.33
CA GLU A 9 -13.25 -5.64 -15.29
C GLU A 9 -13.07 -4.24 -15.88
N SER A 10 -12.72 -4.18 -17.17
CA SER A 10 -12.50 -2.91 -17.84
C SER A 10 -11.63 -1.99 -17.00
N LEU A 11 -10.54 -2.54 -16.47
CA LEU A 11 -9.63 -1.75 -15.64
C LEU A 11 -8.30 -1.54 -16.36
N VAL A 12 -7.41 -0.78 -15.72
CA VAL A 12 -6.09 -0.50 -16.30
C VAL A 12 -4.98 -0.94 -15.36
N VAL A 13 -4.12 -1.81 -15.85
CA VAL A 13 -3.00 -2.32 -15.06
C VAL A 13 -1.67 -1.94 -15.69
N CYS A 14 -0.78 -1.37 -14.87
CA CYS A 14 0.54 -0.96 -15.35
C CYS A 14 1.62 -1.94 -14.88
N ASP A 15 2.87 -1.61 -15.17
CA ASP A 15 3.99 -2.45 -14.78
C ASP A 15 4.85 -1.78 -13.72
N VAL A 16 5.60 -2.58 -12.98
CA VAL A 16 6.47 -2.07 -11.92
C VAL A 16 7.85 -1.73 -12.45
N ALA A 17 8.31 -0.51 -12.18
CA ALA A 17 9.62 -0.06 -12.62
C ALA A 17 10.73 -0.83 -11.92
N GLU A 18 11.69 -1.33 -12.70
CA GLU A 18 12.81 -2.08 -12.15
C GLU A 18 13.53 -1.27 -11.07
N ASP A 19 13.63 0.03 -11.29
CA ASP A 19 14.30 0.91 -10.33
C ASP A 19 13.58 0.90 -8.99
N LEU A 20 12.25 0.81 -9.03
CA LEU A 20 11.45 0.79 -7.82
C LEU A 20 11.42 -0.61 -7.21
N VAL A 21 11.05 -1.59 -8.02
CA VAL A 21 10.99 -2.98 -7.57
C VAL A 21 12.13 -3.31 -6.62
N GLU A 22 13.35 -3.06 -7.07
CA GLU A 22 14.54 -3.33 -6.27
C GLU A 22 14.33 -2.87 -4.83
N LYS A 23 13.68 -1.72 -4.67
CA LYS A 23 13.42 -1.17 -3.35
C LYS A 23 12.47 -2.08 -2.56
N LEU A 24 11.35 -2.44 -3.18
CA LEU A 24 10.38 -3.31 -2.54
C LEU A 24 10.99 -4.65 -2.15
N ARG A 25 11.84 -5.17 -3.02
CA ARG A 25 12.51 -6.45 -2.78
C ARG A 25 13.24 -6.42 -1.44
N LYS A 26 13.99 -5.35 -1.20
CA LYS A 26 14.75 -5.21 0.04
C LYS A 26 13.81 -5.11 1.24
N PHE A 27 12.73 -4.36 1.07
CA PHE A 27 11.75 -4.19 2.14
C PHE A 27 11.47 -5.50 2.84
N ARG A 28 11.11 -6.51 2.06
CA ARG A 28 10.80 -7.83 2.60
C ARG A 28 12.03 -8.43 3.30
N PHE A 29 13.16 -8.40 2.61
CA PHE A 29 14.41 -8.94 3.16
C PHE A 29 15.23 -7.83 3.82
N ARG A 30 14.54 -6.89 4.44
CA ARG A 30 15.20 -5.77 5.11
C ARG A 30 15.93 -6.25 6.36
N LYS A 31 17.23 -5.96 6.44
CA LYS A 31 18.03 -6.36 7.59
C LYS A 31 18.02 -5.29 8.67
N GLU A 32 16.96 -4.49 8.68
CA GLU A 32 16.82 -3.42 9.66
C GLU A 32 15.77 -3.78 10.72
N THR A 33 15.70 -2.96 11.76
CA THR A 33 14.75 -3.20 12.84
C THR A 33 13.63 -2.16 12.82
N HIS A 34 14.01 -0.90 12.62
CA HIS A 34 13.04 0.19 12.57
C HIS A 34 11.97 -0.08 11.52
N ASN A 35 11.02 0.85 11.40
CA ASN A 35 9.94 0.71 10.44
C ASN A 35 10.32 1.33 9.09
N ALA A 36 9.44 1.20 8.11
CA ALA A 36 9.69 1.74 6.78
C ALA A 36 8.38 1.91 6.00
N ALA A 37 8.41 2.74 4.98
CA ALA A 37 7.24 2.99 4.15
C ALA A 37 7.63 3.46 2.76
N ILE A 38 7.34 2.64 1.75
CA ILE A 38 7.66 2.98 0.38
C ILE A 38 6.42 3.40 -0.40
N ILE A 39 6.42 4.65 -0.86
CA ILE A 39 5.30 5.18 -1.62
C ILE A 39 5.55 5.11 -3.11
N MET A 40 4.51 4.79 -3.88
CA MET A 40 4.61 4.69 -5.33
C MET A 40 3.47 5.44 -6.01
N LYS A 41 3.77 6.04 -7.16
CA LYS A 41 2.78 6.79 -7.92
C LYS A 41 2.83 6.43 -9.39
N ILE A 42 1.75 6.71 -10.11
CA ILE A 42 1.66 6.41 -11.54
C ILE A 42 1.52 7.68 -12.35
N ASP A 43 2.37 7.83 -13.36
CA ASP A 43 2.34 9.01 -14.23
C ASP A 43 1.26 8.85 -15.30
N LYS A 44 1.16 9.85 -16.18
CA LYS A 44 0.18 9.83 -17.26
C LYS A 44 0.76 9.17 -18.51
N ASP A 45 2.00 9.49 -18.81
CA ASP A 45 2.67 8.94 -19.98
C ASP A 45 3.50 7.71 -19.61
N GLU A 46 4.34 7.86 -18.58
CA GLU A 46 5.19 6.77 -18.11
C GLU A 46 4.36 5.51 -17.86
N ARG A 47 3.08 5.70 -17.60
CA ARG A 47 2.18 4.58 -17.34
C ARG A 47 2.92 3.44 -16.65
N LEU A 48 3.84 3.79 -15.75
CA LEU A 48 4.62 2.79 -15.04
C LEU A 48 4.78 3.19 -13.57
N VAL A 49 4.63 2.22 -12.67
CA VAL A 49 4.77 2.48 -11.25
C VAL A 49 6.23 2.72 -10.87
N VAL A 50 6.53 3.94 -10.46
CA VAL A 50 7.89 4.29 -10.06
C VAL A 50 7.96 4.67 -8.59
N LEU A 51 9.17 4.70 -8.05
CA LEU A 51 9.38 5.04 -6.65
C LEU A 51 9.08 6.51 -6.39
N ASP A 52 8.14 6.77 -5.48
CA ASP A 52 7.77 8.14 -5.13
C ASP A 52 8.66 8.69 -4.02
N GLU A 53 8.88 7.87 -3.00
CA GLU A 53 9.72 8.28 -1.87
C GLU A 53 9.88 7.12 -0.88
N GLU A 54 11.03 7.10 -0.20
CA GLU A 54 11.32 6.05 0.76
C GLU A 54 11.33 6.61 2.18
N LEU A 55 10.50 6.05 3.05
CA LEU A 55 10.42 6.49 4.43
C LEU A 55 11.04 5.47 5.38
N GLU A 56 11.68 5.95 6.43
CA GLU A 56 12.32 5.06 7.41
C GLU A 56 11.87 5.42 8.83
N GLY A 57 11.89 4.43 9.71
CA GLY A 57 11.49 4.64 11.09
C GLY A 57 10.33 5.62 11.20
N VAL A 58 9.22 5.29 10.54
CA VAL A 58 8.03 6.13 10.58
C VAL A 58 6.87 5.45 11.28
N SER A 59 5.76 6.16 11.43
CA SER A 59 4.59 5.61 12.09
C SER A 59 3.36 5.68 11.17
N PRO A 60 2.34 4.87 11.49
CA PRO A 60 1.11 4.82 10.70
C PRO A 60 0.27 6.09 10.86
N ASP A 61 0.60 6.89 11.87
CA ASP A 61 -0.11 8.14 12.12
C ASP A 61 0.58 9.31 11.43
N GLU A 62 1.90 9.22 11.29
CA GLU A 62 2.68 10.27 10.65
C GLU A 62 2.87 9.97 9.17
N LEU A 63 2.81 8.70 8.81
CA LEU A 63 2.97 8.28 7.42
C LEU A 63 1.83 8.79 6.56
N LYS A 64 0.60 8.47 6.98
CA LYS A 64 -0.59 8.89 6.25
C LYS A 64 -0.52 10.38 5.91
N ASP A 65 0.10 11.15 6.79
CA ASP A 65 0.23 12.59 6.58
C ASP A 65 1.06 12.89 5.33
N GLU A 66 2.03 12.03 5.05
CA GLU A 66 2.89 12.20 3.88
C GLU A 66 2.23 11.60 2.63
N LEU A 67 0.93 11.38 2.71
CA LEU A 67 0.18 10.81 1.58
C LEU A 67 -0.96 11.73 1.17
N PRO A 68 -1.34 11.67 -0.11
CA PRO A 68 -2.42 12.49 -0.67
C PRO A 68 -3.80 12.07 -0.14
N GLU A 69 -4.57 13.05 0.29
CA GLU A 69 -5.92 12.77 0.83
C GLU A 69 -6.98 13.10 -0.21
N ARG A 70 -6.58 13.14 -1.48
CA ARG A 70 -7.51 13.45 -2.56
C ARG A 70 -7.42 12.39 -3.66
N GLN A 71 -6.23 11.84 -3.85
CA GLN A 71 -6.01 10.82 -4.87
C GLN A 71 -5.42 9.56 -4.26
N PRO A 72 -5.72 8.40 -4.88
CA PRO A 72 -5.23 7.10 -4.41
C PRO A 72 -3.72 6.94 -4.63
N ARG A 73 -3.02 6.49 -3.60
CA ARG A 73 -1.59 6.29 -3.67
C ARG A 73 -1.18 4.93 -3.09
N PHE A 74 -0.04 4.44 -3.52
CA PHE A 74 0.46 3.15 -3.05
C PHE A 74 1.50 3.32 -1.94
N ILE A 75 1.38 2.53 -0.88
CA ILE A 75 2.31 2.61 0.24
C ILE A 75 2.49 1.25 0.89
N VAL A 76 3.75 0.85 1.09
CA VAL A 76 4.06 -0.43 1.70
C VAL A 76 4.66 -0.24 3.10
N TYR A 77 3.82 -0.40 4.12
CA TYR A 77 4.26 -0.25 5.50
C TYR A 77 4.52 -1.60 6.15
N SER A 78 5.32 -1.60 7.21
CA SER A 78 5.65 -2.83 7.92
C SER A 78 5.50 -2.64 9.43
N TYR A 79 4.33 -3.03 9.94
CA TYR A 79 4.06 -2.90 11.37
C TYR A 79 4.94 -3.86 12.18
N LYS A 80 4.90 -3.70 13.50
CA LYS A 80 5.69 -4.55 14.39
C LYS A 80 4.79 -5.40 15.26
N TYR A 81 4.69 -6.68 14.94
CA TYR A 81 3.86 -7.61 15.69
C TYR A 81 4.65 -8.27 16.80
N GLN A 82 4.50 -7.75 18.03
CA GLN A 82 5.22 -8.30 19.18
C GLN A 82 4.46 -9.48 19.77
N HIS A 83 5.18 -10.56 20.06
CA HIS A 83 4.58 -11.75 20.63
C HIS A 83 4.85 -11.84 22.13
N ASP A 84 3.80 -12.09 22.90
CA ASP A 84 3.93 -12.19 24.35
C ASP A 84 5.23 -12.89 24.74
N ASP A 85 5.43 -14.09 24.20
CA ASP A 85 6.63 -14.86 24.48
C ASP A 85 7.87 -13.98 24.49
N GLY A 86 7.92 -13.05 23.54
CA GLY A 86 9.05 -12.15 23.46
C GLY A 86 9.45 -11.83 22.03
N ARG A 87 9.34 -12.84 21.15
CA ARG A 87 9.70 -12.67 19.75
C ARG A 87 8.77 -11.66 19.08
N VAL A 88 9.30 -10.91 18.12
CA VAL A 88 8.52 -9.92 17.40
C VAL A 88 8.94 -9.83 15.94
N SER A 89 7.97 -9.83 15.04
CA SER A 89 8.24 -9.76 13.61
C SER A 89 7.48 -8.60 12.97
N TYR A 90 7.93 -8.20 11.78
CA TYR A 90 7.29 -7.10 11.07
C TYR A 90 6.68 -7.58 9.76
N PRO A 91 5.39 -7.94 9.80
CA PRO A 91 4.66 -8.43 8.62
C PRO A 91 4.43 -7.33 7.58
N LEU A 92 4.94 -7.54 6.38
CA LEU A 92 4.79 -6.56 5.30
C LEU A 92 3.40 -6.64 4.69
N CYS A 93 2.69 -5.51 4.68
CA CYS A 93 1.34 -5.45 4.13
C CYS A 93 1.23 -4.31 3.12
N PHE A 94 0.23 -4.40 2.24
CA PHE A 94 0.00 -3.38 1.24
C PHE A 94 -1.18 -2.49 1.62
N ILE A 95 -0.88 -1.24 1.98
CA ILE A 95 -1.93 -0.29 2.37
C ILE A 95 -2.33 0.59 1.20
N PHE A 96 -3.46 0.26 0.57
CA PHE A 96 -3.95 1.03 -0.57
C PHE A 96 -4.72 2.27 -0.10
N SER A 97 -4.01 3.38 0.04
CA SER A 97 -4.62 4.62 0.49
C SER A 97 -5.44 5.25 -0.63
N SER A 98 -6.74 5.02 -0.60
CA SER A 98 -7.64 5.57 -1.62
C SER A 98 -8.70 6.46 -1.00
N PRO A 99 -8.49 7.78 -1.08
CA PRO A 99 -9.42 8.78 -0.53
C PRO A 99 -10.73 8.83 -1.30
N VAL A 100 -11.84 8.65 -0.58
CA VAL A 100 -13.16 8.68 -1.19
C VAL A 100 -13.34 9.92 -2.06
N GLY A 101 -12.57 10.96 -1.74
CA GLY A 101 -12.66 12.20 -2.50
C GLY A 101 -11.88 12.14 -3.80
N CYS A 102 -11.62 10.92 -4.28
CA CYS A 102 -10.88 10.73 -5.51
C CYS A 102 -11.81 10.36 -6.66
N LYS A 103 -11.34 10.55 -7.88
CA LYS A 103 -12.13 10.23 -9.07
C LYS A 103 -11.98 8.76 -9.45
N PRO A 104 -12.98 8.22 -10.16
CA PRO A 104 -12.98 6.83 -10.60
C PRO A 104 -11.93 6.56 -11.68
N GLU A 105 -11.86 7.46 -12.66
CA GLU A 105 -10.91 7.33 -13.75
C GLU A 105 -9.54 6.87 -13.24
N GLN A 106 -9.23 7.26 -12.00
CA GLN A 106 -7.96 6.90 -11.39
C GLN A 106 -8.09 5.60 -10.60
N GLN A 107 -9.15 5.51 -9.80
CA GLN A 107 -9.38 4.32 -8.98
C GLN A 107 -9.09 3.06 -9.78
N MET A 108 -9.38 3.09 -11.07
CA MET A 108 -9.15 1.94 -11.95
C MET A 108 -7.66 1.78 -12.24
N MET A 109 -7.01 2.88 -12.59
CA MET A 109 -5.58 2.86 -12.91
C MET A 109 -4.77 2.33 -11.72
N TYR A 110 -5.21 2.67 -10.51
CA TYR A 110 -4.52 2.22 -9.31
C TYR A 110 -5.03 0.86 -8.86
N ALA A 111 -6.35 0.67 -8.95
CA ALA A 111 -6.97 -0.59 -8.55
C ALA A 111 -6.28 -1.77 -9.22
N GLY A 112 -6.40 -1.84 -10.55
CA GLY A 112 -5.79 -2.93 -11.29
C GLY A 112 -4.28 -2.99 -11.10
N SER A 113 -3.62 -1.86 -11.34
CA SER A 113 -2.17 -1.78 -11.20
C SER A 113 -1.73 -2.30 -9.84
N LYS A 114 -2.51 -1.99 -8.81
CA LYS A 114 -2.20 -2.42 -7.44
C LYS A 114 -1.94 -3.93 -7.41
N ASN A 115 -2.94 -4.71 -7.80
CA ASN A 115 -2.82 -6.16 -7.82
C ASN A 115 -1.40 -6.59 -8.17
N LYS A 116 -0.97 -6.24 -9.38
CA LYS A 116 0.37 -6.59 -9.84
C LYS A 116 1.40 -6.30 -8.76
N LEU A 117 1.34 -5.11 -8.19
CA LEU A 117 2.28 -4.71 -7.15
C LEU A 117 2.32 -5.74 -6.03
N VAL A 118 1.15 -6.03 -5.45
CA VAL A 118 1.05 -7.00 -4.38
C VAL A 118 1.85 -8.26 -4.69
N GLN A 119 2.03 -8.53 -5.98
CA GLN A 119 2.79 -9.70 -6.41
C GLN A 119 4.28 -9.39 -6.51
N THR A 120 4.60 -8.16 -6.91
CA THR A 120 5.99 -7.74 -7.04
C THR A 120 6.66 -7.64 -5.69
N ALA A 121 6.07 -6.86 -4.78
CA ALA A 121 6.63 -6.68 -3.45
C ALA A 121 6.46 -7.95 -2.62
N GLU A 122 5.79 -8.95 -3.19
CA GLU A 122 5.57 -10.21 -2.50
C GLU A 122 4.80 -9.99 -1.19
N LEU A 123 3.75 -9.18 -1.26
CA LEU A 123 2.94 -8.89 -0.09
C LEU A 123 1.75 -9.84 0.01
N THR A 124 1.58 -10.46 1.18
CA THR A 124 0.50 -11.40 1.40
C THR A 124 -0.75 -10.68 1.90
N LYS A 125 -0.57 -9.80 2.87
CA LYS A 125 -1.69 -9.03 3.43
C LYS A 125 -1.88 -7.72 2.68
N VAL A 126 -3.11 -7.48 2.23
CA VAL A 126 -3.42 -6.26 1.50
C VAL A 126 -4.65 -5.57 2.10
N PHE A 127 -4.43 -4.41 2.70
CA PHE A 127 -5.51 -3.65 3.32
C PHE A 127 -5.73 -2.32 2.59
N GLU A 128 -6.98 -1.88 2.52
CA GLU A 128 -7.31 -0.63 1.86
C GLU A 128 -8.05 0.30 2.80
N ILE A 129 -7.74 1.60 2.71
CA ILE A 129 -8.37 2.60 3.56
C ILE A 129 -9.14 3.62 2.72
N ARG A 130 -10.36 3.92 3.14
CA ARG A 130 -11.20 4.88 2.42
C ARG A 130 -10.59 6.28 2.50
N ASN A 131 -9.84 6.53 3.56
CA ASN A 131 -9.21 7.83 3.75
C ASN A 131 -7.88 7.68 4.49
N THR A 132 -6.87 8.43 4.03
CA THR A 132 -5.55 8.38 4.63
C THR A 132 -5.63 8.51 6.15
N GLU A 133 -6.68 9.18 6.62
CA GLU A 133 -6.87 9.39 8.05
C GLU A 133 -7.04 8.05 8.76
N ASP A 134 -7.83 7.16 8.16
CA ASP A 134 -8.07 5.84 8.74
C ASP A 134 -6.76 5.14 9.07
N LEU A 135 -5.75 5.35 8.22
CA LEU A 135 -4.44 4.74 8.42
C LEU A 135 -3.84 5.14 9.76
N THR A 136 -4.06 4.32 10.77
CA THR A 136 -3.53 4.59 12.10
C THR A 136 -2.99 3.32 12.76
N GLU A 137 -2.23 3.50 13.84
CA GLU A 137 -1.66 2.36 14.56
C GLU A 137 -2.74 1.34 14.92
N GLU A 138 -3.72 1.78 15.70
CA GLU A 138 -4.81 0.90 16.13
C GLU A 138 -5.41 0.18 14.92
N TRP A 139 -5.56 0.90 13.81
CA TRP A 139 -6.12 0.33 12.60
C TRP A 139 -5.26 -0.83 12.09
N LEU A 140 -3.95 -0.62 12.07
CA LEU A 140 -3.02 -1.65 11.61
C LEU A 140 -3.27 -2.97 12.32
N ARG A 141 -3.11 -2.98 13.64
CA ARG A 141 -3.32 -4.18 14.44
C ARG A 141 -4.70 -4.78 14.17
N GLU A 142 -5.62 -3.94 13.68
CA GLU A 142 -6.98 -4.38 13.38
C GLU A 142 -6.99 -5.30 12.16
N LYS A 143 -6.31 -4.87 11.09
CA LYS A 143 -6.25 -5.66 9.87
C LYS A 143 -5.52 -6.97 10.11
N LEU A 144 -4.42 -6.91 10.83
CA LEU A 144 -3.62 -8.10 11.13
C LEU A 144 -4.40 -9.07 12.03
N GLY A 145 -5.13 -8.50 12.99
CA GLY A 145 -5.91 -9.32 13.90
C GLY A 145 -7.13 -9.93 13.24
N SER A 146 -8.27 -9.23 13.32
CA SER A 146 -9.51 -9.71 12.73
C SER A 146 -9.72 -9.08 11.35
N GLY A 147 -9.16 -9.72 10.33
CA GLY A 147 -9.30 -9.22 8.97
C GLY A 147 -9.82 -10.27 8.02
N PRO A 148 -9.32 -10.24 6.78
CA PRO A 148 -9.72 -11.20 5.74
C PRO A 148 -9.21 -12.60 6.01
N SER A 149 -10.13 -13.51 6.33
CA SER A 149 -9.79 -14.89 6.63
C SER A 149 -9.36 -15.62 5.37
N SER A 150 -8.05 -15.74 5.16
CA SER A 150 -7.51 -16.41 3.99
C SER A 150 -7.17 -17.85 4.30
N GLY A 151 -7.34 -18.73 3.32
CA GLY A 151 -7.05 -20.14 3.50
C GLY A 151 -7.06 -20.92 2.20
N GLY A 1 -26.70 -6.55 1.76
CA GLY A 1 -26.85 -5.47 2.72
C GLY A 1 -26.62 -4.11 2.12
N SER A 2 -25.40 -3.87 1.64
CA SER A 2 -25.05 -2.59 1.04
C SER A 2 -24.14 -2.79 -0.17
N SER A 3 -24.30 -1.94 -1.18
CA SER A 3 -23.51 -2.02 -2.40
C SER A 3 -22.37 -0.99 -2.37
N GLY A 4 -21.40 -1.18 -3.26
CA GLY A 4 -20.28 -0.26 -3.32
C GLY A 4 -19.94 0.14 -4.75
N SER A 5 -18.67 -0.01 -5.11
CA SER A 5 -18.22 0.34 -6.46
C SER A 5 -17.88 -0.92 -7.26
N SER A 6 -18.31 -0.93 -8.52
CA SER A 6 -18.07 -2.07 -9.39
C SER A 6 -16.78 -1.87 -10.20
N GLY A 7 -16.42 -2.87 -11.00
CA GLY A 7 -15.22 -2.78 -11.81
C GLY A 7 -15.16 -3.85 -12.88
N SER A 8 -13.96 -4.34 -13.15
CA SER A 8 -13.77 -5.37 -14.17
C SER A 8 -14.25 -4.89 -15.53
N GLU A 9 -13.95 -3.63 -15.84
CA GLU A 9 -14.35 -3.04 -17.12
C GLU A 9 -13.40 -1.92 -17.51
N SER A 10 -12.86 -2.01 -18.73
CA SER A 10 -11.94 -1.00 -19.23
C SER A 10 -10.93 -0.60 -18.15
N LEU A 11 -10.39 -1.60 -17.46
CA LEU A 11 -9.41 -1.36 -16.40
C LEU A 11 -8.09 -0.90 -16.99
N VAL A 12 -7.30 -0.20 -16.18
CA VAL A 12 -6.00 0.31 -16.61
C VAL A 12 -4.87 -0.25 -15.74
N VAL A 13 -4.23 -1.31 -16.23
CA VAL A 13 -3.14 -1.94 -15.51
C VAL A 13 -1.80 -1.50 -16.07
N CYS A 14 -0.77 -1.52 -15.21
CA CYS A 14 0.57 -1.12 -15.62
C CYS A 14 1.62 -2.07 -15.04
N ASP A 15 2.88 -1.83 -15.40
CA ASP A 15 3.97 -2.67 -14.91
C ASP A 15 4.79 -1.94 -13.85
N VAL A 16 5.51 -2.70 -13.04
CA VAL A 16 6.33 -2.12 -11.98
C VAL A 16 7.71 -1.73 -12.51
N ALA A 17 8.10 -0.48 -12.25
CA ALA A 17 9.40 0.01 -12.71
C ALA A 17 10.54 -0.77 -12.05
N GLU A 18 11.59 -1.02 -12.82
CA GLU A 18 12.74 -1.76 -12.32
C GLU A 18 13.37 -1.02 -11.13
N ASP A 19 13.52 0.29 -11.27
CA ASP A 19 14.11 1.11 -10.22
C ASP A 19 13.27 1.04 -8.94
N LEU A 20 11.98 0.76 -9.10
CA LEU A 20 11.07 0.67 -7.96
C LEU A 20 11.14 -0.72 -7.32
N VAL A 21 10.93 -1.76 -8.13
CA VAL A 21 10.99 -3.13 -7.63
C VAL A 21 12.13 -3.31 -6.63
N GLU A 22 13.34 -3.06 -7.09
CA GLU A 22 14.52 -3.20 -6.23
C GLU A 22 14.25 -2.66 -4.83
N LYS A 23 13.61 -1.49 -4.78
CA LYS A 23 13.29 -0.85 -3.50
C LYS A 23 12.29 -1.70 -2.71
N LEU A 24 11.34 -2.30 -3.41
CA LEU A 24 10.34 -3.14 -2.77
C LEU A 24 10.95 -4.46 -2.28
N ARG A 25 11.78 -5.06 -3.12
CA ARG A 25 12.44 -6.31 -2.77
C ARG A 25 13.16 -6.20 -1.43
N LYS A 26 13.93 -5.12 -1.28
CA LYS A 26 14.67 -4.89 -0.04
C LYS A 26 13.73 -4.78 1.15
N PHE A 27 12.58 -4.16 0.94
CA PHE A 27 11.60 -3.99 2.00
C PHE A 27 11.31 -5.32 2.68
N ARG A 28 11.07 -6.35 1.89
CA ARG A 28 10.78 -7.68 2.42
C ARG A 28 12.02 -8.30 3.04
N PHE A 29 13.14 -8.18 2.34
CA PHE A 29 14.41 -8.73 2.82
C PHE A 29 15.25 -7.65 3.48
N ARG A 30 14.60 -6.73 4.17
CA ARG A 30 15.29 -5.64 4.85
C ARG A 30 15.87 -6.11 6.17
N LYS A 31 17.07 -5.62 6.50
CA LYS A 31 17.74 -5.99 7.74
C LYS A 31 17.75 -4.83 8.72
N GLU A 32 16.68 -4.05 8.73
CA GLU A 32 16.57 -2.90 9.62
C GLU A 32 15.54 -3.16 10.73
N THR A 33 15.86 -2.70 11.94
CA THR A 33 14.97 -2.89 13.07
C THR A 33 13.83 -1.89 13.05
N HIS A 34 14.14 -0.64 12.71
CA HIS A 34 13.13 0.41 12.64
C HIS A 34 12.08 0.09 11.57
N ASN A 35 11.08 0.96 11.47
CA ASN A 35 10.01 0.77 10.49
C ASN A 35 10.41 1.35 9.14
N ALA A 36 9.51 1.23 8.17
CA ALA A 36 9.76 1.74 6.83
C ALA A 36 8.46 1.94 6.06
N ALA A 37 8.52 2.76 5.01
CA ALA A 37 7.34 3.02 4.19
C ALA A 37 7.74 3.41 2.76
N ILE A 38 7.24 2.65 1.79
CA ILE A 38 7.54 2.92 0.39
C ILE A 38 6.30 3.35 -0.37
N ILE A 39 6.35 4.56 -0.93
CA ILE A 39 5.22 5.09 -1.68
C ILE A 39 5.47 4.97 -3.19
N MET A 40 4.51 4.36 -3.89
CA MET A 40 4.62 4.19 -5.33
C MET A 40 3.54 4.98 -6.05
N LYS A 41 3.87 5.47 -7.25
CA LYS A 41 2.93 6.24 -8.05
C LYS A 41 3.15 6.00 -9.54
N ILE A 42 2.11 6.23 -10.33
CA ILE A 42 2.19 6.04 -11.78
C ILE A 42 2.23 7.38 -12.51
N ASP A 43 2.99 7.43 -13.60
CA ASP A 43 3.11 8.65 -14.39
C ASP A 43 2.16 8.62 -15.58
N LYS A 44 1.93 9.79 -16.17
CA LYS A 44 1.04 9.89 -17.32
C LYS A 44 1.80 9.68 -18.63
N ASP A 45 3.13 9.75 -18.55
CA ASP A 45 3.98 9.56 -19.72
C ASP A 45 4.70 8.22 -19.64
N GLU A 46 5.16 7.85 -18.46
CA GLU A 46 5.87 6.60 -18.25
C GLU A 46 4.89 5.45 -18.07
N ARG A 47 3.62 5.79 -17.86
CA ARG A 47 2.58 4.79 -17.66
C ARG A 47 3.14 3.55 -16.95
N LEU A 48 3.99 3.79 -15.95
CA LEU A 48 4.60 2.69 -15.20
C LEU A 48 4.77 3.07 -13.73
N VAL A 49 4.61 2.11 -12.85
CA VAL A 49 4.75 2.33 -11.41
C VAL A 49 6.20 2.64 -11.04
N VAL A 50 6.39 3.60 -10.15
CA VAL A 50 7.72 3.99 -9.71
C VAL A 50 7.72 4.40 -8.25
N LEU A 51 8.91 4.46 -7.66
CA LEU A 51 9.05 4.83 -6.25
C LEU A 51 9.11 6.35 -6.10
N ASP A 52 8.14 6.91 -5.37
CA ASP A 52 8.09 8.34 -5.14
C ASP A 52 9.08 8.76 -4.07
N GLU A 53 9.14 8.00 -2.99
CA GLU A 53 10.06 8.30 -1.90
C GLU A 53 10.13 7.13 -0.92
N GLU A 54 11.20 7.10 -0.12
CA GLU A 54 11.39 6.03 0.85
C GLU A 54 11.54 6.61 2.26
N LEU A 55 10.71 6.11 3.18
CA LEU A 55 10.74 6.58 4.56
C LEU A 55 11.37 5.53 5.47
N GLU A 56 12.01 5.98 6.55
CA GLU A 56 12.65 5.07 7.50
C GLU A 56 12.24 5.41 8.93
N GLY A 57 12.13 4.38 9.76
CA GLY A 57 11.74 4.58 11.14
C GLY A 57 10.57 5.53 11.28
N VAL A 58 9.50 5.25 10.54
CA VAL A 58 8.30 6.09 10.60
C VAL A 58 7.17 5.39 11.35
N SER A 59 6.06 6.09 11.49
CA SER A 59 4.89 5.53 12.20
C SER A 59 3.66 5.57 11.32
N PRO A 60 2.65 4.76 11.67
CA PRO A 60 1.38 4.68 10.93
C PRO A 60 0.55 5.95 11.07
N ASP A 61 0.87 6.76 12.07
CA ASP A 61 0.15 8.00 12.31
C ASP A 61 0.79 9.15 11.55
N GLU A 62 2.10 9.06 11.33
CA GLU A 62 2.83 10.10 10.61
C GLU A 62 2.96 9.75 9.14
N LEU A 63 2.88 8.46 8.83
CA LEU A 63 2.99 7.99 7.45
C LEU A 63 1.87 8.57 6.59
N LYS A 64 0.64 8.46 7.08
CA LYS A 64 -0.53 8.96 6.37
C LYS A 64 -0.35 10.44 6.04
N ASP A 65 0.34 11.16 6.91
CA ASP A 65 0.58 12.59 6.71
C ASP A 65 1.37 12.83 5.43
N GLU A 66 2.20 11.86 5.06
CA GLU A 66 3.02 11.98 3.85
C GLU A 66 2.29 11.39 2.64
N LEU A 67 0.99 11.17 2.80
CA LEU A 67 0.18 10.61 1.71
C LEU A 67 -0.93 11.58 1.31
N PRO A 68 -1.32 11.53 0.04
CA PRO A 68 -2.38 12.40 -0.50
C PRO A 68 -3.76 12.02 0.03
N GLU A 69 -4.56 13.03 0.36
CA GLU A 69 -5.91 12.80 0.87
C GLU A 69 -6.96 13.15 -0.17
N ARG A 70 -6.55 13.19 -1.43
CA ARG A 70 -7.46 13.51 -2.53
C ARG A 70 -7.37 12.48 -3.64
N GLN A 71 -6.18 11.93 -3.84
CA GLN A 71 -5.96 10.92 -4.86
C GLN A 71 -5.39 9.64 -4.27
N PRO A 72 -5.73 8.50 -4.89
CA PRO A 72 -5.26 7.18 -4.44
C PRO A 72 -3.76 6.99 -4.67
N ARG A 73 -3.07 6.47 -3.65
CA ARG A 73 -1.64 6.23 -3.73
C ARG A 73 -1.27 4.90 -3.08
N PHE A 74 -0.11 4.37 -3.47
CA PHE A 74 0.35 3.11 -2.92
C PHE A 74 1.37 3.33 -1.80
N ILE A 75 1.25 2.54 -0.74
CA ILE A 75 2.15 2.64 0.40
C ILE A 75 2.38 1.28 1.05
N VAL A 76 3.66 0.94 1.24
CA VAL A 76 4.01 -0.33 1.85
C VAL A 76 4.66 -0.12 3.22
N TYR A 77 3.86 -0.29 4.27
CA TYR A 77 4.35 -0.12 5.63
C TYR A 77 4.56 -1.47 6.31
N SER A 78 5.48 -1.50 7.28
CA SER A 78 5.78 -2.73 8.00
C SER A 78 5.59 -2.53 9.51
N TYR A 79 4.41 -2.90 10.00
CA TYR A 79 4.10 -2.76 11.41
C TYR A 79 4.94 -3.71 12.25
N LYS A 80 5.01 -3.44 13.55
CA LYS A 80 5.79 -4.27 14.46
C LYS A 80 4.86 -5.10 15.36
N TYR A 81 4.65 -6.35 14.99
CA TYR A 81 3.79 -7.24 15.75
C TYR A 81 4.57 -7.94 16.87
N GLN A 82 4.53 -7.36 18.06
CA GLN A 82 5.24 -7.92 19.20
C GLN A 82 4.39 -8.97 19.91
N HIS A 83 5.03 -10.01 20.42
CA HIS A 83 4.33 -11.08 21.12
C HIS A 83 4.70 -11.10 22.60
N ASP A 84 3.72 -11.41 23.45
CA ASP A 84 3.95 -11.46 24.88
C ASP A 84 5.25 -12.19 25.21
N ASP A 85 5.37 -13.41 24.72
CA ASP A 85 6.57 -14.22 24.96
C ASP A 85 7.82 -13.36 24.83
N GLY A 86 7.84 -12.48 23.85
CA GLY A 86 8.99 -11.61 23.63
C GLY A 86 9.34 -11.46 22.17
N ARG A 87 9.08 -12.51 21.38
CA ARG A 87 9.37 -12.49 19.96
C ARG A 87 8.50 -11.46 19.24
N VAL A 88 9.14 -10.65 18.39
CA VAL A 88 8.42 -9.63 17.64
C VAL A 88 8.88 -9.59 16.19
N SER A 89 7.92 -9.67 15.27
CA SER A 89 8.22 -9.66 13.84
C SER A 89 7.48 -8.52 13.14
N TYR A 90 8.08 -8.01 12.06
CA TYR A 90 7.47 -6.92 11.31
C TYR A 90 6.89 -7.43 9.99
N PRO A 91 5.61 -7.83 10.02
CA PRO A 91 4.91 -8.34 8.84
C PRO A 91 4.64 -7.25 7.80
N LEU A 92 5.10 -7.49 6.58
CA LEU A 92 4.92 -6.52 5.50
C LEU A 92 3.49 -6.58 4.96
N CYS A 93 2.84 -5.42 4.91
CA CYS A 93 1.47 -5.34 4.41
C CYS A 93 1.34 -4.25 3.35
N PHE A 94 0.30 -4.34 2.54
CA PHE A 94 0.06 -3.37 1.48
C PHE A 94 -1.15 -2.50 1.81
N ILE A 95 -0.89 -1.23 2.11
CA ILE A 95 -1.96 -0.28 2.44
C ILE A 95 -2.32 0.57 1.24
N PHE A 96 -3.45 0.26 0.60
CA PHE A 96 -3.91 1.00 -0.56
C PHE A 96 -4.68 2.25 -0.13
N SER A 97 -3.96 3.36 0.03
CA SER A 97 -4.58 4.61 0.44
C SER A 97 -5.43 5.19 -0.69
N SER A 98 -6.74 5.11 -0.54
CA SER A 98 -7.66 5.62 -1.54
C SER A 98 -8.70 6.54 -0.91
N PRO A 99 -8.49 7.86 -1.05
CA PRO A 99 -9.39 8.88 -0.51
C PRO A 99 -10.73 8.91 -1.23
N VAL A 100 -11.80 8.58 -0.52
CA VAL A 100 -13.13 8.57 -1.09
C VAL A 100 -13.38 9.81 -1.95
N GLY A 101 -12.63 10.88 -1.65
CA GLY A 101 -12.77 12.12 -2.39
C GLY A 101 -12.06 12.06 -3.74
N CYS A 102 -11.72 10.87 -4.18
CA CYS A 102 -11.03 10.69 -5.46
C CYS A 102 -12.02 10.26 -6.55
N LYS A 103 -11.61 10.44 -7.80
CA LYS A 103 -12.44 10.07 -8.93
C LYS A 103 -12.26 8.61 -9.31
N PRO A 104 -13.28 8.02 -9.94
CA PRO A 104 -13.24 6.62 -10.37
C PRO A 104 -12.26 6.38 -11.52
N GLU A 105 -12.25 7.30 -12.49
CA GLU A 105 -11.36 7.20 -13.63
C GLU A 105 -9.94 6.89 -13.19
N GLN A 106 -9.59 7.30 -11.97
CA GLN A 106 -8.26 7.06 -11.43
C GLN A 106 -8.23 5.76 -10.63
N GLN A 107 -9.21 5.58 -9.77
CA GLN A 107 -9.30 4.38 -8.93
C GLN A 107 -8.96 3.13 -9.74
N MET A 108 -9.39 3.11 -11.00
CA MET A 108 -9.13 1.98 -11.88
C MET A 108 -7.66 1.92 -12.28
N MET A 109 -7.07 3.10 -12.45
CA MET A 109 -5.65 3.18 -12.84
C MET A 109 -4.76 2.60 -11.74
N TYR A 110 -5.16 2.79 -10.48
CA TYR A 110 -4.39 2.28 -9.36
C TYR A 110 -4.88 0.90 -8.94
N ALA A 111 -6.18 0.66 -9.10
CA ALA A 111 -6.78 -0.61 -8.75
C ALA A 111 -6.09 -1.77 -9.47
N GLY A 112 -6.23 -1.79 -10.80
CA GLY A 112 -5.62 -2.84 -11.59
C GLY A 112 -4.13 -2.94 -11.36
N SER A 113 -3.44 -1.80 -11.43
CA SER A 113 -1.99 -1.77 -11.25
C SER A 113 -1.61 -2.32 -9.87
N LYS A 114 -2.40 -1.96 -8.86
CA LYS A 114 -2.15 -2.41 -7.49
C LYS A 114 -1.93 -3.92 -7.46
N ASN A 115 -2.93 -4.67 -7.89
CA ASN A 115 -2.84 -6.13 -7.91
C ASN A 115 -1.42 -6.58 -8.20
N LYS A 116 -0.95 -6.28 -9.41
CA LYS A 116 0.40 -6.66 -9.82
C LYS A 116 1.40 -6.37 -8.71
N LEU A 117 1.34 -5.16 -8.17
CA LEU A 117 2.25 -4.75 -7.10
C LEU A 117 2.27 -5.80 -5.98
N VAL A 118 1.09 -6.11 -5.45
CA VAL A 118 0.97 -7.10 -4.38
C VAL A 118 1.72 -8.38 -4.72
N GLN A 119 1.99 -8.57 -6.01
CA GLN A 119 2.70 -9.76 -6.47
C GLN A 119 4.19 -9.47 -6.62
N THR A 120 4.52 -8.23 -6.97
CA THR A 120 5.91 -7.83 -7.16
C THR A 120 6.64 -7.73 -5.82
N ALA A 121 6.01 -7.06 -4.85
CA ALA A 121 6.60 -6.91 -3.53
C ALA A 121 6.45 -8.18 -2.71
N GLU A 122 5.71 -9.14 -3.24
CA GLU A 122 5.49 -10.41 -2.55
C GLU A 122 4.76 -10.19 -1.23
N LEU A 123 3.71 -9.37 -1.26
CA LEU A 123 2.93 -9.08 -0.07
C LEU A 123 1.72 -10.00 0.04
N THR A 124 1.51 -10.56 1.22
CA THR A 124 0.37 -11.46 1.44
C THR A 124 -0.83 -10.70 1.97
N LYS A 125 -0.57 -9.74 2.85
CA LYS A 125 -1.64 -8.93 3.44
C LYS A 125 -1.86 -7.66 2.64
N VAL A 126 -3.11 -7.40 2.27
CA VAL A 126 -3.45 -6.22 1.50
C VAL A 126 -4.67 -5.51 2.10
N PHE A 127 -4.44 -4.35 2.71
CA PHE A 127 -5.51 -3.58 3.32
C PHE A 127 -5.70 -2.25 2.60
N GLU A 128 -6.93 -1.74 2.63
CA GLU A 128 -7.25 -0.47 1.97
C GLU A 128 -7.98 0.46 2.93
N ILE A 129 -7.64 1.75 2.86
CA ILE A 129 -8.27 2.74 3.72
C ILE A 129 -9.03 3.78 2.89
N ARG A 130 -10.23 4.13 3.36
CA ARG A 130 -11.06 5.11 2.67
C ARG A 130 -10.45 6.51 2.78
N ASN A 131 -9.74 6.76 3.87
CA ASN A 131 -9.12 8.05 4.10
C ASN A 131 -7.78 7.90 4.82
N THR A 132 -6.80 8.69 4.40
CA THR A 132 -5.47 8.63 5.01
C THR A 132 -5.56 8.71 6.53
N GLU A 133 -6.61 9.34 7.03
CA GLU A 133 -6.80 9.48 8.47
C GLU A 133 -6.99 8.12 9.13
N ASP A 134 -7.61 7.20 8.40
CA ASP A 134 -7.84 5.85 8.90
C ASP A 134 -6.53 5.18 9.28
N LEU A 135 -5.50 5.41 8.49
CA LEU A 135 -4.19 4.82 8.74
C LEU A 135 -3.70 5.15 10.14
N THR A 136 -3.89 4.21 11.07
CA THR A 136 -3.46 4.41 12.45
C THR A 136 -2.96 3.10 13.05
N GLU A 137 -2.27 3.21 14.18
CA GLU A 137 -1.72 2.04 14.86
C GLU A 137 -2.81 1.00 15.12
N GLU A 138 -3.84 1.41 15.86
CA GLU A 138 -4.95 0.52 16.19
C GLU A 138 -5.54 -0.11 14.93
N TRP A 139 -5.63 0.69 13.87
CA TRP A 139 -6.16 0.21 12.59
C TRP A 139 -5.31 -0.92 12.03
N LEU A 140 -3.99 -0.76 12.12
CA LEU A 140 -3.06 -1.76 11.61
C LEU A 140 -3.33 -3.12 12.24
N ARG A 141 -3.19 -3.19 13.57
CA ARG A 141 -3.42 -4.44 14.29
C ARG A 141 -4.78 -5.02 13.95
N GLU A 142 -5.72 -4.14 13.57
CA GLU A 142 -7.07 -4.57 13.22
C GLU A 142 -7.06 -5.42 11.96
N LYS A 143 -6.33 -4.96 10.95
CA LYS A 143 -6.24 -5.68 9.69
C LYS A 143 -5.51 -7.01 9.87
N LEU A 144 -4.43 -6.98 10.63
CA LEU A 144 -3.64 -8.19 10.88
C LEU A 144 -4.47 -9.22 11.65
N GLY A 145 -5.26 -8.74 12.60
CA GLY A 145 -6.10 -9.65 13.39
C GLY A 145 -7.58 -9.45 13.11
N SER A 146 -7.98 -9.66 11.86
CA SER A 146 -9.37 -9.50 11.47
C SER A 146 -9.95 -10.83 10.98
N GLY A 147 -10.55 -11.58 11.89
CA GLY A 147 -11.14 -12.86 11.53
C GLY A 147 -10.12 -13.98 11.50
N PRO A 148 -10.52 -15.18 11.94
CA PRO A 148 -9.65 -16.35 11.98
C PRO A 148 -9.33 -16.87 10.58
N SER A 149 -9.80 -16.15 9.57
CA SER A 149 -9.57 -16.55 8.18
C SER A 149 -8.07 -16.50 7.85
N SER A 150 -7.43 -17.67 7.86
CA SER A 150 -6.01 -17.76 7.57
C SER A 150 -5.72 -17.31 6.13
N GLY A 151 -4.84 -16.33 6.00
CA GLY A 151 -4.49 -15.82 4.68
C GLY A 151 -5.08 -14.45 4.41
N GLY A 1 -27.28 20.28 -21.59
CA GLY A 1 -27.10 19.45 -22.76
C GLY A 1 -26.24 18.23 -22.48
N SER A 2 -25.78 17.57 -23.55
CA SER A 2 -24.95 16.38 -23.40
C SER A 2 -23.63 16.56 -24.14
N SER A 3 -22.56 15.99 -23.58
CA SER A 3 -21.24 16.08 -24.19
C SER A 3 -20.87 14.78 -24.89
N GLY A 4 -21.14 13.66 -24.24
CA GLY A 4 -20.84 12.37 -24.81
C GLY A 4 -21.03 11.23 -23.83
N SER A 5 -20.19 10.21 -23.93
CA SER A 5 -20.28 9.05 -23.04
C SER A 5 -20.16 9.48 -21.58
N SER A 6 -20.38 8.53 -20.68
CA SER A 6 -20.30 8.80 -19.24
C SER A 6 -19.17 8.00 -18.60
N GLY A 7 -19.28 6.68 -18.69
CA GLY A 7 -18.26 5.82 -18.11
C GLY A 7 -18.30 4.42 -18.66
N SER A 8 -17.15 3.74 -18.66
CA SER A 8 -17.06 2.39 -19.18
C SER A 8 -16.22 1.51 -18.26
N GLU A 9 -16.27 0.20 -18.49
CA GLU A 9 -15.51 -0.75 -17.69
C GLU A 9 -14.06 -0.84 -18.17
N SER A 10 -13.46 0.31 -18.43
CA SER A 10 -12.07 0.36 -18.89
C SER A 10 -11.10 0.47 -17.73
N LEU A 11 -10.12 -0.42 -17.69
CA LEU A 11 -9.12 -0.42 -16.62
C LEU A 11 -7.74 -0.11 -17.18
N VAL A 12 -6.96 0.66 -16.41
CA VAL A 12 -5.61 1.03 -16.83
C VAL A 12 -4.57 0.40 -15.91
N VAL A 13 -4.01 -0.73 -16.33
CA VAL A 13 -3.00 -1.41 -15.54
C VAL A 13 -1.60 -1.13 -16.06
N CYS A 14 -0.65 -0.94 -15.15
CA CYS A 14 0.73 -0.66 -15.52
C CYS A 14 1.69 -1.61 -14.82
N ASP A 15 2.94 -1.62 -15.27
CA ASP A 15 3.95 -2.49 -14.69
C ASP A 15 4.76 -1.75 -13.63
N VAL A 16 5.61 -2.48 -12.92
CA VAL A 16 6.44 -1.89 -11.88
C VAL A 16 7.85 -1.60 -12.40
N ALA A 17 8.27 -0.34 -12.28
CA ALA A 17 9.59 0.06 -12.73
C ALA A 17 10.69 -0.68 -11.97
N GLU A 18 11.68 -1.17 -12.70
CA GLU A 18 12.78 -1.91 -12.09
C GLU A 18 13.37 -1.13 -10.92
N ASP A 19 13.57 0.16 -11.11
CA ASP A 19 14.12 1.02 -10.06
C ASP A 19 13.25 0.96 -8.81
N LEU A 20 11.96 0.69 -9.00
CA LEU A 20 11.03 0.61 -7.88
C LEU A 20 11.07 -0.77 -7.23
N VAL A 21 10.88 -1.80 -8.04
CA VAL A 21 10.90 -3.17 -7.54
C VAL A 21 12.08 -3.40 -6.61
N GLU A 22 13.28 -3.20 -7.13
CA GLU A 22 14.49 -3.38 -6.34
C GLU A 22 14.29 -2.90 -4.91
N LYS A 23 13.60 -1.78 -4.76
CA LYS A 23 13.32 -1.21 -3.44
C LYS A 23 12.46 -2.15 -2.61
N LEU A 24 11.33 -2.56 -3.17
CA LEU A 24 10.41 -3.46 -2.49
C LEU A 24 11.12 -4.75 -2.09
N ARG A 25 12.00 -5.24 -2.97
CA ARG A 25 12.73 -6.47 -2.71
C ARG A 25 13.49 -6.38 -1.39
N LYS A 26 14.15 -5.25 -1.17
CA LYS A 26 14.92 -5.04 0.05
C LYS A 26 14.00 -4.94 1.26
N PHE A 27 12.85 -4.30 1.07
CA PHE A 27 11.88 -4.12 2.15
C PHE A 27 11.64 -5.44 2.87
N ARG A 28 11.30 -6.48 2.11
CA ARG A 28 11.04 -7.79 2.67
C ARG A 28 12.29 -8.36 3.34
N PHE A 29 13.42 -8.25 2.64
CA PHE A 29 14.68 -8.75 3.18
C PHE A 29 15.48 -7.63 3.83
N ARG A 30 14.77 -6.69 4.44
CA ARG A 30 15.42 -5.56 5.10
C ARG A 30 16.08 -5.99 6.40
N LYS A 31 17.35 -5.64 6.56
CA LYS A 31 18.11 -6.00 7.75
C LYS A 31 18.04 -4.88 8.79
N GLU A 32 16.87 -4.25 8.89
CA GLU A 32 16.67 -3.17 9.85
C GLU A 32 15.66 -3.56 10.91
N THR A 33 15.67 -2.85 12.03
CA THR A 33 14.75 -3.13 13.13
C THR A 33 13.61 -2.12 13.15
N HIS A 34 13.91 -0.88 12.77
CA HIS A 34 12.90 0.17 12.74
C HIS A 34 11.88 -0.07 11.63
N ASN A 35 10.85 0.76 11.59
CA ASN A 35 9.81 0.63 10.59
C ASN A 35 10.21 1.34 9.30
N ALA A 36 9.37 1.20 8.27
CA ALA A 36 9.64 1.83 6.98
C ALA A 36 8.36 1.94 6.16
N ALA A 37 8.40 2.80 5.13
CA ALA A 37 7.25 3.00 4.27
C ALA A 37 7.69 3.41 2.87
N ILE A 38 7.33 2.60 1.88
CA ILE A 38 7.68 2.89 0.49
C ILE A 38 6.47 3.33 -0.32
N ILE A 39 6.49 4.58 -0.76
CA ILE A 39 5.38 5.12 -1.54
C ILE A 39 5.66 5.03 -3.04
N MET A 40 4.61 4.84 -3.82
CA MET A 40 4.74 4.72 -5.27
C MET A 40 3.62 5.48 -5.98
N LYS A 41 3.85 5.80 -7.25
CA LYS A 41 2.86 6.52 -8.04
C LYS A 41 2.97 6.16 -9.52
N ILE A 42 1.92 6.46 -10.28
CA ILE A 42 1.92 6.18 -11.71
C ILE A 42 2.03 7.45 -12.53
N ASP A 43 2.93 7.44 -13.51
CA ASP A 43 3.15 8.60 -14.37
C ASP A 43 2.29 8.50 -15.64
N LYS A 44 2.40 9.51 -16.49
CA LYS A 44 1.64 9.53 -17.74
C LYS A 44 2.57 9.44 -18.95
N ASP A 45 3.83 9.81 -18.74
CA ASP A 45 4.82 9.77 -19.81
C ASP A 45 5.13 8.33 -20.21
N GLU A 46 5.69 7.56 -19.27
CA GLU A 46 6.04 6.17 -19.53
C GLU A 46 4.92 5.24 -19.07
N ARG A 47 4.00 5.77 -18.27
CA ARG A 47 2.88 4.99 -17.76
C ARG A 47 3.37 3.74 -17.02
N LEU A 48 4.22 3.96 -16.03
CA LEU A 48 4.78 2.86 -15.23
C LEU A 48 4.95 3.28 -13.78
N VAL A 49 4.72 2.34 -12.87
CA VAL A 49 4.86 2.60 -11.44
C VAL A 49 6.31 2.83 -11.06
N VAL A 50 6.59 3.99 -10.47
CA VAL A 50 7.95 4.33 -10.05
C VAL A 50 7.99 4.76 -8.59
N LEU A 51 9.14 4.59 -7.96
CA LEU A 51 9.32 4.97 -6.56
C LEU A 51 8.96 6.43 -6.34
N ASP A 52 8.09 6.70 -5.37
CA ASP A 52 7.68 8.06 -5.06
C ASP A 52 8.53 8.64 -3.95
N GLU A 53 8.75 7.86 -2.90
CA GLU A 53 9.55 8.30 -1.75
C GLU A 53 9.72 7.17 -0.75
N GLU A 54 10.84 7.20 -0.03
CA GLU A 54 11.14 6.18 0.97
C GLU A 54 11.17 6.79 2.37
N LEU A 55 10.44 6.17 3.29
CA LEU A 55 10.38 6.64 4.67
C LEU A 55 11.03 5.64 5.62
N GLU A 56 11.63 6.16 6.69
CA GLU A 56 12.30 5.31 7.67
C GLU A 56 11.87 5.69 9.09
N GLY A 57 11.80 4.68 9.97
CA GLY A 57 11.40 4.93 11.33
C GLY A 57 10.17 5.80 11.44
N VAL A 58 9.10 5.39 10.76
CA VAL A 58 7.85 6.14 10.77
C VAL A 58 6.74 5.34 11.44
N SER A 59 5.61 6.00 11.70
CA SER A 59 4.47 5.35 12.33
C SER A 59 3.26 5.35 11.40
N PRO A 60 2.31 4.43 11.68
CA PRO A 60 1.09 4.31 10.88
C PRO A 60 0.14 5.49 11.07
N ASP A 61 0.42 6.30 12.08
CA ASP A 61 -0.40 7.47 12.37
C ASP A 61 0.19 8.73 11.73
N GLU A 62 1.51 8.73 11.56
CA GLU A 62 2.19 9.86 10.96
C GLU A 62 2.44 9.64 9.47
N LEU A 63 2.56 8.37 9.09
CA LEU A 63 2.80 8.01 7.69
C LEU A 63 1.68 8.56 6.80
N LYS A 64 0.44 8.36 7.21
CA LYS A 64 -0.71 8.85 6.45
C LYS A 64 -0.54 10.31 6.09
N ASP A 65 0.05 11.08 7.00
CA ASP A 65 0.27 12.50 6.77
C ASP A 65 1.08 12.74 5.50
N GLU A 66 2.03 11.84 5.24
CA GLU A 66 2.87 11.95 4.06
C GLU A 66 2.19 11.32 2.84
N LEU A 67 0.87 11.16 2.92
CA LEU A 67 0.10 10.58 1.84
C LEU A 67 -1.03 11.50 1.40
N PRO A 68 -1.38 11.45 0.10
CA PRO A 68 -2.44 12.27 -0.46
C PRO A 68 -3.82 11.85 0.02
N GLU A 69 -4.57 12.80 0.58
CA GLU A 69 -5.90 12.52 1.09
C GLU A 69 -6.97 12.86 0.04
N ARG A 70 -6.53 13.09 -1.20
CA ARG A 70 -7.42 13.42 -2.29
C ARG A 70 -7.30 12.42 -3.42
N GLN A 71 -6.08 11.96 -3.66
CA GLN A 71 -5.81 10.99 -4.72
C GLN A 71 -5.24 9.70 -4.16
N PRO A 72 -5.56 8.57 -4.81
CA PRO A 72 -5.09 7.25 -4.39
C PRO A 72 -3.59 7.07 -4.62
N ARG A 73 -2.89 6.60 -3.58
CA ARG A 73 -1.45 6.38 -3.68
C ARG A 73 -1.07 5.03 -3.10
N PHE A 74 0.08 4.51 -3.53
CA PHE A 74 0.55 3.22 -3.05
C PHE A 74 1.58 3.39 -1.95
N ILE A 75 1.48 2.57 -0.92
CA ILE A 75 2.41 2.62 0.21
C ILE A 75 2.60 1.24 0.84
N VAL A 76 3.86 0.88 1.08
CA VAL A 76 4.18 -0.40 1.68
C VAL A 76 4.78 -0.23 3.06
N TYR A 77 3.96 -0.41 4.10
CA TYR A 77 4.41 -0.27 5.48
C TYR A 77 4.67 -1.63 6.11
N SER A 78 5.47 -1.65 7.16
CA SER A 78 5.80 -2.89 7.85
C SER A 78 5.66 -2.72 9.37
N TYR A 79 4.49 -3.10 9.90
CA TYR A 79 4.23 -2.99 11.32
C TYR A 79 5.06 -4.00 12.11
N LYS A 80 5.07 -3.84 13.43
CA LYS A 80 5.81 -4.75 14.30
C LYS A 80 4.87 -5.58 15.16
N TYR A 81 4.72 -6.85 14.80
CA TYR A 81 3.84 -7.75 15.53
C TYR A 81 4.63 -8.57 16.55
N GLN A 82 4.62 -8.12 17.80
CA GLN A 82 5.34 -8.81 18.87
C GLN A 82 4.53 -10.00 19.38
N HIS A 83 5.19 -11.15 19.47
CA HIS A 83 4.54 -12.37 19.94
C HIS A 83 4.76 -12.56 21.44
N ASP A 84 3.70 -12.94 22.14
CA ASP A 84 3.78 -13.15 23.58
C ASP A 84 4.99 -13.99 23.95
N ASP A 85 5.20 -15.07 23.21
CA ASP A 85 6.33 -15.96 23.46
C ASP A 85 7.61 -15.15 23.69
N GLY A 86 7.75 -14.05 22.96
CA GLY A 86 8.93 -13.22 23.10
C GLY A 86 9.47 -12.74 21.78
N ARG A 87 9.29 -13.55 20.75
CA ARG A 87 9.76 -13.22 19.41
C ARG A 87 8.85 -12.20 18.74
N VAL A 88 9.41 -11.39 17.85
CA VAL A 88 8.65 -10.38 17.13
C VAL A 88 9.10 -10.26 15.69
N SER A 89 8.13 -10.13 14.78
CA SER A 89 8.43 -10.02 13.36
C SER A 89 7.62 -8.88 12.73
N TYR A 90 8.18 -8.29 11.67
CA TYR A 90 7.52 -7.18 10.99
C TYR A 90 6.88 -7.66 9.68
N PRO A 91 5.58 -7.98 9.74
CA PRO A 91 4.83 -8.46 8.57
C PRO A 91 4.62 -7.36 7.54
N LEU A 92 5.11 -7.58 6.33
CA LEU A 92 4.98 -6.63 5.25
C LEU A 92 3.57 -6.67 4.65
N CYS A 93 2.90 -5.53 4.66
CA CYS A 93 1.55 -5.44 4.12
C CYS A 93 1.45 -4.32 3.08
N PHE A 94 0.36 -4.31 2.33
CA PHE A 94 0.14 -3.31 1.29
C PHE A 94 -1.10 -2.47 1.60
N ILE A 95 -0.88 -1.23 2.03
CA ILE A 95 -1.98 -0.33 2.34
C ILE A 95 -2.34 0.54 1.15
N PHE A 96 -3.42 0.18 0.46
CA PHE A 96 -3.88 0.94 -0.70
C PHE A 96 -4.59 2.21 -0.28
N SER A 97 -3.81 3.27 -0.07
CA SER A 97 -4.37 4.56 0.35
C SER A 97 -5.28 5.13 -0.74
N SER A 98 -6.59 5.08 -0.49
CA SER A 98 -7.56 5.60 -1.44
C SER A 98 -8.59 6.48 -0.76
N PRO A 99 -8.41 7.81 -0.88
CA PRO A 99 -9.31 8.80 -0.28
C PRO A 99 -10.68 8.81 -0.94
N VAL A 100 -11.72 8.82 -0.12
CA VAL A 100 -13.10 8.84 -0.63
C VAL A 100 -13.30 9.99 -1.61
N GLY A 101 -12.50 11.06 -1.44
CA GLY A 101 -12.62 12.21 -2.32
C GLY A 101 -11.91 12.01 -3.64
N CYS A 102 -11.67 10.75 -4.00
CA CYS A 102 -10.99 10.43 -5.24
C CYS A 102 -12.00 10.05 -6.33
N LYS A 103 -11.59 10.22 -7.59
CA LYS A 103 -12.45 9.90 -8.72
C LYS A 103 -12.30 8.44 -9.12
N PRO A 104 -13.33 7.90 -9.79
CA PRO A 104 -13.33 6.50 -10.25
C PRO A 104 -12.35 6.28 -11.39
N GLU A 105 -12.37 7.17 -12.38
CA GLU A 105 -11.48 7.05 -13.53
C GLU A 105 -10.05 6.75 -13.09
N GLN A 106 -9.73 7.14 -11.86
CA GLN A 106 -8.39 6.91 -11.32
C GLN A 106 -8.34 5.61 -10.53
N GLN A 107 -9.32 5.41 -9.65
CA GLN A 107 -9.38 4.21 -8.84
C GLN A 107 -9.09 2.97 -9.68
N MET A 108 -9.51 3.00 -10.94
CA MET A 108 -9.30 1.88 -11.84
C MET A 108 -7.88 1.87 -12.37
N MET A 109 -7.28 3.04 -12.48
CA MET A 109 -5.91 3.17 -12.95
C MET A 109 -4.92 2.59 -11.95
N TYR A 110 -5.23 2.74 -10.67
CA TYR A 110 -4.37 2.23 -9.61
C TYR A 110 -4.82 0.84 -9.17
N ALA A 111 -6.12 0.57 -9.28
CA ALA A 111 -6.67 -0.71 -8.90
C ALA A 111 -5.99 -1.86 -9.63
N GLY A 112 -6.11 -1.85 -10.96
CA GLY A 112 -5.50 -2.89 -11.76
C GLY A 112 -4.01 -3.04 -11.49
N SER A 113 -3.31 -1.91 -11.45
CA SER A 113 -1.87 -1.90 -11.21
C SER A 113 -1.56 -2.44 -9.81
N LYS A 114 -2.40 -2.10 -8.85
CA LYS A 114 -2.23 -2.55 -7.47
C LYS A 114 -2.01 -4.05 -7.41
N ASN A 115 -3.01 -4.81 -7.85
CA ASN A 115 -2.91 -6.26 -7.85
C ASN A 115 -1.50 -6.73 -8.17
N LYS A 116 -0.99 -6.32 -9.33
CA LYS A 116 0.35 -6.69 -9.75
C LYS A 116 1.36 -6.42 -8.65
N LEU A 117 1.32 -5.20 -8.10
CA LEU A 117 2.24 -4.81 -7.04
C LEU A 117 2.25 -5.85 -5.93
N VAL A 118 1.07 -6.23 -5.45
CA VAL A 118 0.95 -7.22 -4.39
C VAL A 118 1.73 -8.49 -4.73
N GLN A 119 2.03 -8.67 -6.01
CA GLN A 119 2.77 -9.83 -6.46
C GLN A 119 4.26 -9.52 -6.60
N THR A 120 4.56 -8.28 -6.99
CA THR A 120 5.94 -7.85 -7.16
C THR A 120 6.67 -7.80 -5.81
N ALA A 121 5.97 -7.29 -4.79
CA ALA A 121 6.56 -7.19 -3.46
C ALA A 121 6.29 -8.45 -2.66
N GLU A 122 5.57 -9.39 -3.25
CA GLU A 122 5.25 -10.65 -2.57
C GLU A 122 4.54 -10.40 -1.25
N LEU A 123 3.50 -9.56 -1.29
CA LEU A 123 2.74 -9.23 -0.09
C LEU A 123 1.51 -10.11 0.03
N THR A 124 1.26 -10.61 1.24
CA THR A 124 0.11 -11.47 1.49
C THR A 124 -1.08 -10.66 2.01
N LYS A 125 -0.83 -9.81 2.99
CA LYS A 125 -1.88 -8.98 3.57
C LYS A 125 -2.02 -7.68 2.80
N VAL A 126 -3.23 -7.40 2.32
CA VAL A 126 -3.50 -6.18 1.57
C VAL A 126 -4.73 -5.45 2.11
N PHE A 127 -4.50 -4.32 2.77
CA PHE A 127 -5.59 -3.54 3.34
C PHE A 127 -5.79 -2.23 2.57
N GLU A 128 -7.03 -1.76 2.51
CA GLU A 128 -7.34 -0.53 1.80
C GLU A 128 -8.12 0.42 2.71
N ILE A 129 -7.64 1.66 2.80
CA ILE A 129 -8.27 2.68 3.63
C ILE A 129 -9.09 3.64 2.77
N ARG A 130 -10.27 4.01 3.26
CA ARG A 130 -11.15 4.93 2.55
C ARG A 130 -10.66 6.38 2.72
N ASN A 131 -9.64 6.56 3.54
CA ASN A 131 -9.08 7.88 3.78
C ASN A 131 -7.79 7.80 4.61
N THR A 132 -6.80 8.58 4.21
CA THR A 132 -5.52 8.59 4.91
C THR A 132 -5.72 8.66 6.42
N GLU A 133 -6.77 9.35 6.85
CA GLU A 133 -7.06 9.50 8.27
C GLU A 133 -7.23 8.13 8.93
N ASP A 134 -7.88 7.21 8.21
CA ASP A 134 -8.10 5.86 8.73
C ASP A 134 -6.78 5.18 9.07
N LEU A 135 -5.77 5.41 8.24
CA LEU A 135 -4.45 4.83 8.46
C LEU A 135 -3.87 5.29 9.79
N THR A 136 -4.10 4.51 10.84
CA THR A 136 -3.59 4.84 12.16
C THR A 136 -3.07 3.59 12.87
N GLU A 137 -2.41 3.80 14.01
CA GLU A 137 -1.85 2.69 14.78
C GLU A 137 -2.93 1.65 15.08
N GLU A 138 -3.97 2.06 15.78
CA GLU A 138 -5.06 1.16 16.14
C GLU A 138 -5.56 0.41 14.91
N TRP A 139 -5.82 1.14 13.83
CA TRP A 139 -6.31 0.54 12.59
C TRP A 139 -5.32 -0.50 12.08
N LEU A 140 -4.03 -0.21 12.22
CA LEU A 140 -2.99 -1.12 11.77
C LEU A 140 -3.19 -2.52 12.34
N ARG A 141 -3.19 -2.62 13.66
CA ARG A 141 -3.39 -3.90 14.33
C ARG A 141 -4.76 -4.48 14.01
N GLU A 142 -5.71 -3.61 13.66
CA GLU A 142 -7.06 -4.05 13.32
C GLU A 142 -7.04 -4.95 12.09
N LYS A 143 -6.35 -4.52 11.06
CA LYS A 143 -6.25 -5.29 9.81
C LYS A 143 -5.53 -6.60 10.05
N LEU A 144 -4.45 -6.56 10.81
CA LEU A 144 -3.67 -7.75 11.13
C LEU A 144 -4.44 -8.69 12.04
N GLY A 145 -5.23 -8.11 12.95
CA GLY A 145 -6.01 -8.90 13.86
C GLY A 145 -7.17 -9.61 13.19
N SER A 146 -8.25 -8.87 12.93
CA SER A 146 -9.42 -9.43 12.28
C SER A 146 -9.50 -9.01 10.82
N GLY A 147 -8.89 -9.80 9.95
CA GLY A 147 -8.90 -9.49 8.52
C GLY A 147 -9.67 -10.51 7.71
N PRO A 148 -9.10 -10.90 6.56
CA PRO A 148 -9.72 -11.87 5.67
C PRO A 148 -9.71 -13.29 6.26
N SER A 149 -10.88 -13.93 6.24
CA SER A 149 -11.01 -15.28 6.78
C SER A 149 -11.66 -16.21 5.77
N SER A 150 -11.59 -17.52 6.03
CA SER A 150 -12.18 -18.51 5.13
C SER A 150 -13.68 -18.62 5.35
N GLY A 151 -14.45 -17.94 4.51
CA GLY A 151 -15.90 -17.98 4.63
C GLY A 151 -16.58 -16.98 3.72
N GLY A 1 -29.06 6.87 -4.80
CA GLY A 1 -28.04 7.91 -4.81
C GLY A 1 -26.66 7.37 -5.11
N SER A 2 -25.90 7.06 -4.06
CA SER A 2 -24.56 6.53 -4.22
C SER A 2 -24.58 5.06 -4.61
N SER A 3 -24.45 4.80 -5.91
CA SER A 3 -24.48 3.43 -6.41
C SER A 3 -23.26 3.16 -7.30
N GLY A 4 -22.96 1.89 -7.52
CA GLY A 4 -21.83 1.52 -8.34
C GLY A 4 -22.17 1.49 -9.82
N SER A 5 -21.22 1.04 -10.64
CA SER A 5 -21.43 0.97 -12.08
C SER A 5 -21.01 -0.40 -12.62
N SER A 6 -21.33 -1.45 -11.87
CA SER A 6 -20.99 -2.81 -12.27
C SER A 6 -21.30 -3.04 -13.75
N GLY A 7 -20.29 -3.48 -14.50
CA GLY A 7 -20.47 -3.74 -15.91
C GLY A 7 -19.19 -3.55 -16.70
N SER A 8 -19.28 -3.73 -18.01
CA SER A 8 -18.11 -3.59 -18.88
C SER A 8 -17.27 -2.38 -18.47
N GLU A 9 -16.07 -2.66 -17.98
CA GLU A 9 -15.16 -1.59 -17.55
C GLU A 9 -13.73 -1.88 -18.02
N SER A 10 -13.18 -0.94 -18.78
CA SER A 10 -11.82 -1.08 -19.30
C SER A 10 -10.79 -0.68 -18.25
N LEU A 11 -10.34 -1.66 -17.47
CA LEU A 11 -9.36 -1.41 -16.42
C LEU A 11 -8.05 -0.89 -17.02
N VAL A 12 -7.24 -0.24 -16.18
CA VAL A 12 -5.96 0.29 -16.63
C VAL A 12 -4.81 -0.27 -15.79
N VAL A 13 -4.18 -1.32 -16.30
CA VAL A 13 -3.06 -1.95 -15.61
C VAL A 13 -1.73 -1.46 -16.16
N CYS A 14 -0.71 -1.45 -15.30
CA CYS A 14 0.62 -1.00 -15.71
C CYS A 14 1.69 -1.95 -15.18
N ASP A 15 2.95 -1.59 -15.39
CA ASP A 15 4.06 -2.41 -14.94
C ASP A 15 4.81 -1.72 -13.80
N VAL A 16 5.77 -2.44 -13.20
CA VAL A 16 6.55 -1.89 -12.11
C VAL A 16 7.99 -1.62 -12.54
N ALA A 17 8.39 -0.35 -12.48
CA ALA A 17 9.73 0.05 -12.87
C ALA A 17 10.78 -0.68 -12.04
N GLU A 18 11.76 -1.27 -12.71
CA GLU A 18 12.82 -2.00 -12.02
C GLU A 18 13.46 -1.15 -10.94
N ASP A 19 13.55 0.15 -11.20
CA ASP A 19 14.14 1.08 -10.23
C ASP A 19 13.38 1.05 -8.92
N LEU A 20 12.09 0.75 -8.99
CA LEU A 20 11.26 0.69 -7.79
C LEU A 20 11.28 -0.71 -7.17
N VAL A 21 11.02 -1.71 -8.00
CA VAL A 21 11.02 -3.10 -7.54
C VAL A 21 12.21 -3.37 -6.62
N GLU A 22 13.41 -3.08 -7.10
CA GLU A 22 14.62 -3.29 -6.33
C GLU A 22 14.41 -2.88 -4.88
N LYS A 23 13.73 -1.75 -4.67
CA LYS A 23 13.46 -1.25 -3.33
C LYS A 23 12.53 -2.19 -2.58
N LEU A 24 11.38 -2.49 -3.18
CA LEU A 24 10.41 -3.40 -2.56
C LEU A 24 11.07 -4.71 -2.14
N ARG A 25 11.90 -5.25 -3.02
CA ARG A 25 12.59 -6.51 -2.74
C ARG A 25 13.33 -6.44 -1.41
N LYS A 26 14.06 -5.33 -1.20
CA LYS A 26 14.81 -5.14 0.03
C LYS A 26 13.88 -5.02 1.23
N PHE A 27 12.79 -4.29 1.06
CA PHE A 27 11.81 -4.10 2.13
C PHE A 27 11.60 -5.41 2.90
N ARG A 28 11.20 -6.45 2.17
CA ARG A 28 10.94 -7.75 2.79
C ARG A 28 12.21 -8.28 3.46
N PHE A 29 13.32 -8.23 2.75
CA PHE A 29 14.60 -8.70 3.27
C PHE A 29 15.42 -7.55 3.84
N ARG A 30 14.74 -6.58 4.44
CA ARG A 30 15.40 -5.43 5.02
C ARG A 30 16.20 -5.83 6.26
N LYS A 31 17.50 -5.53 6.24
CA LYS A 31 18.39 -5.85 7.35
C LYS A 31 18.39 -4.72 8.38
N GLU A 32 17.21 -4.17 8.66
CA GLU A 32 17.09 -3.09 9.63
C GLU A 32 16.12 -3.47 10.74
N THR A 33 15.89 -2.54 11.67
CA THR A 33 14.99 -2.78 12.79
C THR A 33 13.87 -1.74 12.82
N HIS A 34 14.21 -0.49 12.50
CA HIS A 34 13.22 0.58 12.50
C HIS A 34 12.14 0.32 11.45
N ASN A 35 11.08 1.12 11.50
CA ASN A 35 9.97 0.97 10.56
C ASN A 35 10.36 1.48 9.17
N ALA A 36 9.45 1.35 8.22
CA ALA A 36 9.69 1.81 6.86
C ALA A 36 8.39 1.90 6.06
N ALA A 37 8.38 2.75 5.05
CA ALA A 37 7.20 2.93 4.22
C ALA A 37 7.58 3.39 2.81
N ILE A 38 7.34 2.54 1.82
CA ILE A 38 7.65 2.86 0.44
C ILE A 38 6.40 3.25 -0.34
N ILE A 39 6.39 4.47 -0.87
CA ILE A 39 5.26 4.96 -1.64
C ILE A 39 5.51 4.83 -3.13
N MET A 40 4.45 4.51 -3.88
CA MET A 40 4.56 4.36 -5.33
C MET A 40 3.40 5.05 -6.04
N LYS A 41 3.58 5.31 -7.33
CA LYS A 41 2.55 5.97 -8.12
C LYS A 41 2.72 5.66 -9.60
N ILE A 42 1.74 6.09 -10.41
CA ILE A 42 1.80 5.86 -11.85
C ILE A 42 1.87 7.19 -12.61
N ASP A 43 2.78 7.25 -13.58
CA ASP A 43 2.94 8.46 -14.38
C ASP A 43 1.64 8.80 -15.11
N LYS A 44 1.70 9.84 -15.95
CA LYS A 44 0.54 10.27 -16.71
C LYS A 44 0.61 9.78 -18.15
N ASP A 45 1.82 9.64 -18.65
CA ASP A 45 2.03 9.18 -20.03
C ASP A 45 2.84 7.89 -20.04
N GLU A 46 4.01 7.91 -19.41
CA GLU A 46 4.88 6.74 -19.36
C GLU A 46 4.08 5.49 -19.02
N ARG A 47 3.07 5.63 -18.17
CA ARG A 47 2.24 4.52 -17.77
C ARG A 47 3.08 3.42 -17.12
N LEU A 48 3.82 3.79 -16.08
CA LEU A 48 4.67 2.84 -15.38
C LEU A 48 4.84 3.24 -13.92
N VAL A 49 4.68 2.26 -13.02
CA VAL A 49 4.82 2.52 -11.58
C VAL A 49 6.28 2.76 -11.21
N VAL A 50 6.54 3.92 -10.61
CA VAL A 50 7.89 4.28 -10.20
C VAL A 50 7.93 4.62 -8.71
N LEU A 51 9.14 4.69 -8.17
CA LEU A 51 9.32 5.00 -6.75
C LEU A 51 9.06 6.49 -6.50
N ASP A 52 8.13 6.76 -5.58
CA ASP A 52 7.79 8.14 -5.23
C ASP A 52 8.68 8.65 -4.10
N GLU A 53 8.86 7.82 -3.08
CA GLU A 53 9.68 8.20 -1.93
C GLU A 53 9.89 7.00 -1.00
N GLU A 54 10.78 7.16 -0.02
CA GLU A 54 11.07 6.10 0.93
C GLU A 54 11.01 6.63 2.36
N LEU A 55 10.23 5.96 3.20
CA LEU A 55 10.08 6.36 4.60
C LEU A 55 10.89 5.45 5.51
N GLU A 56 11.62 6.05 6.44
CA GLU A 56 12.45 5.29 7.38
C GLU A 56 12.01 5.55 8.82
N GLY A 57 12.06 4.50 9.64
CA GLY A 57 11.67 4.64 11.03
C GLY A 57 10.51 5.61 11.21
N VAL A 58 9.44 5.39 10.47
CA VAL A 58 8.26 6.25 10.55
C VAL A 58 7.12 5.56 11.28
N SER A 59 6.02 6.29 11.48
CA SER A 59 4.86 5.73 12.17
C SER A 59 3.61 5.80 11.29
N PRO A 60 2.59 5.03 11.65
CA PRO A 60 1.33 4.98 10.90
C PRO A 60 0.53 6.27 11.02
N ASP A 61 0.93 7.12 11.96
CA ASP A 61 0.25 8.38 12.18
C ASP A 61 0.94 9.52 11.41
N GLU A 62 2.24 9.35 11.16
CA GLU A 62 3.00 10.35 10.44
C GLU A 62 3.11 9.99 8.96
N LEU A 63 3.03 8.69 8.66
CA LEU A 63 3.12 8.22 7.28
C LEU A 63 1.93 8.72 6.46
N LYS A 64 0.73 8.56 7.00
CA LYS A 64 -0.48 9.00 6.32
C LYS A 64 -0.38 10.47 5.93
N ASP A 65 0.45 11.22 6.65
CA ASP A 65 0.64 12.63 6.38
C ASP A 65 1.41 12.84 5.07
N GLU A 66 2.26 11.87 4.73
CA GLU A 66 3.05 11.96 3.51
C GLU A 66 2.29 11.35 2.33
N LEU A 67 1.00 11.12 2.52
CA LEU A 67 0.16 10.54 1.46
C LEU A 67 -0.98 11.49 1.09
N PRO A 68 -1.43 11.41 -0.17
CA PRO A 68 -2.51 12.24 -0.67
C PRO A 68 -3.86 11.87 -0.06
N GLU A 69 -4.64 12.89 0.31
CA GLU A 69 -5.96 12.67 0.90
C GLU A 69 -7.06 12.97 -0.09
N ARG A 70 -6.70 13.04 -1.38
CA ARG A 70 -7.66 13.32 -2.43
C ARG A 70 -7.57 12.29 -3.55
N GLN A 71 -6.38 11.73 -3.74
CA GLN A 71 -6.15 10.74 -4.77
C GLN A 71 -5.53 9.47 -4.18
N PRO A 72 -5.81 8.32 -4.82
CA PRO A 72 -5.29 7.02 -4.36
C PRO A 72 -3.79 6.90 -4.59
N ARG A 73 -3.10 6.36 -3.60
CA ARG A 73 -1.65 6.18 -3.69
C ARG A 73 -1.23 4.83 -3.10
N PHE A 74 -0.06 4.36 -3.51
CA PHE A 74 0.45 3.09 -3.02
C PHE A 74 1.47 3.29 -1.91
N ILE A 75 1.36 2.48 -0.86
CA ILE A 75 2.26 2.58 0.29
C ILE A 75 2.47 1.21 0.94
N VAL A 76 3.73 0.88 1.18
CA VAL A 76 4.07 -0.40 1.81
C VAL A 76 4.65 -0.20 3.20
N TYR A 77 3.81 -0.39 4.22
CA TYR A 77 4.23 -0.22 5.60
C TYR A 77 4.48 -1.58 6.25
N SER A 78 5.30 -1.58 7.30
CA SER A 78 5.63 -2.81 8.01
C SER A 78 5.48 -2.61 9.52
N TYR A 79 4.32 -2.97 10.05
CA TYR A 79 4.05 -2.83 11.47
C TYR A 79 4.89 -3.82 12.28
N LYS A 80 4.90 -3.64 13.60
CA LYS A 80 5.64 -4.52 14.49
C LYS A 80 4.71 -5.33 15.38
N TYR A 81 4.60 -6.62 15.10
CA TYR A 81 3.74 -7.50 15.89
C TYR A 81 4.54 -8.20 16.98
N GLN A 82 4.44 -7.67 18.20
CA GLN A 82 5.14 -8.25 19.34
C GLN A 82 4.35 -9.41 19.93
N HIS A 83 5.04 -10.51 20.22
CA HIS A 83 4.41 -11.69 20.79
C HIS A 83 4.68 -11.78 22.29
N ASP A 84 3.62 -11.96 23.07
CA ASP A 84 3.74 -12.06 24.51
C ASP A 84 4.99 -12.84 24.91
N ASP A 85 5.20 -13.98 24.26
CA ASP A 85 6.36 -14.82 24.53
C ASP A 85 7.63 -13.97 24.60
N GLY A 86 7.77 -13.06 23.65
CA GLY A 86 8.95 -12.20 23.62
C GLY A 86 9.38 -11.87 22.21
N ARG A 87 9.23 -12.85 21.30
CA ARG A 87 9.62 -12.65 19.91
C ARG A 87 8.69 -11.67 19.21
N VAL A 88 9.24 -10.90 18.27
CA VAL A 88 8.46 -9.92 17.53
C VAL A 88 8.91 -9.84 16.08
N SER A 89 7.95 -9.84 15.17
CA SER A 89 8.24 -9.78 13.74
C SER A 89 7.44 -8.66 13.07
N TYR A 90 8.01 -8.10 12.01
CA TYR A 90 7.35 -7.01 11.28
C TYR A 90 6.75 -7.53 9.98
N PRO A 91 5.45 -7.86 10.02
CA PRO A 91 4.72 -8.36 8.85
C PRO A 91 4.52 -7.29 7.79
N LEU A 92 5.02 -7.54 6.59
CA LEU A 92 4.89 -6.59 5.48
C LEU A 92 3.49 -6.65 4.87
N CYS A 93 2.80 -5.52 4.87
CA CYS A 93 1.46 -5.44 4.31
C CYS A 93 1.34 -4.30 3.31
N PHE A 94 0.37 -4.40 2.42
CA PHE A 94 0.15 -3.37 1.42
C PHE A 94 -1.04 -2.49 1.78
N ILE A 95 -0.76 -1.24 2.13
CA ILE A 95 -1.80 -0.29 2.50
C ILE A 95 -2.19 0.60 1.33
N PHE A 96 -3.30 0.27 0.69
CA PHE A 96 -3.79 1.04 -0.45
C PHE A 96 -4.55 2.28 0.00
N SER A 97 -3.85 3.40 0.11
CA SER A 97 -4.47 4.64 0.55
C SER A 97 -5.35 5.23 -0.55
N SER A 98 -6.66 4.98 -0.44
CA SER A 98 -7.61 5.48 -1.43
C SER A 98 -8.64 6.40 -0.77
N PRO A 99 -8.43 7.72 -0.93
CA PRO A 99 -9.33 8.73 -0.37
C PRO A 99 -10.68 8.76 -1.06
N VAL A 100 -11.73 8.43 -0.31
CA VAL A 100 -13.09 8.42 -0.85
C VAL A 100 -13.35 9.65 -1.71
N GLY A 101 -12.61 10.71 -1.44
CA GLY A 101 -12.77 11.94 -2.21
C GLY A 101 -12.06 11.89 -3.55
N CYS A 102 -11.79 10.68 -4.02
CA CYS A 102 -11.12 10.50 -5.29
C CYS A 102 -12.10 10.11 -6.39
N LYS A 103 -11.69 10.27 -7.64
CA LYS A 103 -12.54 9.93 -8.78
C LYS A 103 -12.36 8.48 -9.18
N PRO A 104 -13.37 7.91 -9.84
CA PRO A 104 -13.34 6.51 -10.30
C PRO A 104 -12.35 6.29 -11.43
N GLU A 105 -12.40 7.17 -12.44
CA GLU A 105 -11.51 7.06 -13.58
C GLU A 105 -10.08 6.79 -13.13
N GLN A 106 -9.74 7.22 -11.91
CA GLN A 106 -8.41 7.02 -11.37
C GLN A 106 -8.34 5.73 -10.56
N GLN A 107 -9.31 5.54 -9.68
CA GLN A 107 -9.36 4.34 -8.85
C GLN A 107 -9.03 3.10 -9.67
N MET A 108 -9.44 3.10 -10.92
CA MET A 108 -9.19 1.97 -11.82
C MET A 108 -7.71 1.91 -12.21
N MET A 109 -7.11 3.08 -12.43
CA MET A 109 -5.71 3.16 -12.82
C MET A 109 -4.81 2.59 -11.71
N TYR A 110 -5.17 2.86 -10.47
CA TYR A 110 -4.40 2.38 -9.33
C TYR A 110 -4.91 1.02 -8.86
N ALA A 111 -6.21 0.79 -9.02
CA ALA A 111 -6.82 -0.46 -8.61
C ALA A 111 -6.17 -1.64 -9.33
N GLY A 112 -6.40 -1.74 -10.64
CA GLY A 112 -5.83 -2.83 -11.41
C GLY A 112 -4.32 -2.90 -11.28
N SER A 113 -3.66 -1.75 -11.32
CA SER A 113 -2.21 -1.69 -11.21
C SER A 113 -1.74 -2.22 -9.86
N LYS A 114 -2.48 -1.86 -8.81
CA LYS A 114 -2.15 -2.30 -7.46
C LYS A 114 -1.88 -3.80 -7.42
N ASN A 115 -2.85 -4.59 -7.85
CA ASN A 115 -2.71 -6.03 -7.87
C ASN A 115 -1.27 -6.44 -8.18
N LYS A 116 -0.80 -6.10 -9.38
CA LYS A 116 0.55 -6.41 -9.79
C LYS A 116 1.55 -6.10 -8.67
N LEU A 117 1.48 -4.89 -8.14
CA LEU A 117 2.37 -4.46 -7.07
C LEU A 117 2.40 -5.50 -5.95
N VAL A 118 1.22 -5.79 -5.40
CA VAL A 118 1.11 -6.77 -4.32
C VAL A 118 1.89 -8.03 -4.64
N GLN A 119 2.12 -8.26 -5.92
CA GLN A 119 2.85 -9.46 -6.36
C GLN A 119 4.34 -9.15 -6.52
N THR A 120 4.65 -7.93 -6.95
CA THR A 120 6.03 -7.51 -7.14
C THR A 120 6.77 -7.43 -5.81
N ALA A 121 6.12 -6.85 -4.81
CA ALA A 121 6.72 -6.71 -3.49
C ALA A 121 6.56 -8.00 -2.68
N GLU A 122 5.86 -8.96 -3.24
CA GLU A 122 5.63 -10.25 -2.57
C GLU A 122 4.88 -10.04 -1.26
N LEU A 123 3.77 -9.30 -1.33
CA LEU A 123 2.96 -9.04 -0.15
C LEU A 123 1.70 -9.91 -0.15
N THR A 124 1.42 -10.53 0.99
CA THR A 124 0.25 -11.38 1.12
C THR A 124 -0.94 -10.61 1.68
N LYS A 125 -0.69 -9.82 2.73
CA LYS A 125 -1.73 -9.02 3.35
C LYS A 125 -1.92 -7.70 2.62
N VAL A 126 -3.15 -7.43 2.19
CA VAL A 126 -3.46 -6.20 1.49
C VAL A 126 -4.64 -5.48 2.12
N PHE A 127 -4.39 -4.32 2.72
CA PHE A 127 -5.44 -3.54 3.35
C PHE A 127 -5.63 -2.19 2.65
N GLU A 128 -6.86 -1.72 2.63
CA GLU A 128 -7.17 -0.44 1.98
C GLU A 128 -7.92 0.48 2.95
N ILE A 129 -7.44 1.72 3.05
CA ILE A 129 -8.06 2.71 3.93
C ILE A 129 -8.89 3.72 3.13
N ARG A 130 -10.07 4.03 3.66
CA ARG A 130 -10.95 4.99 3.00
C ARG A 130 -10.32 6.38 2.97
N ASN A 131 -9.51 6.69 3.97
CA ASN A 131 -8.86 7.98 4.05
C ASN A 131 -7.55 7.88 4.84
N THR A 132 -6.53 8.62 4.39
CA THR A 132 -5.24 8.61 5.06
C THR A 132 -5.40 8.70 6.57
N GLU A 133 -6.44 9.40 7.02
CA GLU A 133 -6.69 9.55 8.44
C GLU A 133 -6.84 8.19 9.13
N ASP A 134 -7.52 7.27 8.44
CA ASP A 134 -7.73 5.93 8.98
C ASP A 134 -6.40 5.29 9.38
N LEU A 135 -5.39 5.48 8.54
CA LEU A 135 -4.07 4.92 8.80
C LEU A 135 -3.60 5.23 10.22
N THR A 136 -3.85 4.30 11.14
CA THR A 136 -3.45 4.49 12.53
C THR A 136 -2.95 3.18 13.14
N GLU A 137 -2.14 3.30 14.18
CA GLU A 137 -1.58 2.13 14.85
C GLU A 137 -2.68 1.11 15.15
N GLU A 138 -3.72 1.56 15.86
CA GLU A 138 -4.84 0.69 16.22
C GLU A 138 -5.46 0.07 14.97
N TRP A 139 -5.58 0.87 13.92
CA TRP A 139 -6.16 0.39 12.66
C TRP A 139 -5.34 -0.74 12.07
N LEU A 140 -4.02 -0.57 12.09
CA LEU A 140 -3.11 -1.59 11.55
C LEU A 140 -3.39 -2.96 12.17
N ARG A 141 -3.18 -3.06 13.48
CA ARG A 141 -3.42 -4.31 14.19
C ARG A 141 -4.80 -4.88 13.86
N GLU A 142 -5.74 -3.99 13.56
CA GLU A 142 -7.10 -4.40 13.22
C GLU A 142 -7.12 -5.25 11.95
N LYS A 143 -6.37 -4.81 10.95
CA LYS A 143 -6.30 -5.53 9.68
C LYS A 143 -5.62 -6.87 9.85
N LEU A 144 -4.54 -6.89 10.63
CA LEU A 144 -3.79 -8.12 10.88
C LEU A 144 -4.63 -9.11 11.69
N GLY A 145 -5.40 -8.59 12.63
CA GLY A 145 -6.24 -9.43 13.45
C GLY A 145 -7.37 -10.09 12.66
N SER A 146 -8.34 -9.28 12.25
CA SER A 146 -9.47 -9.78 11.48
C SER A 146 -9.44 -9.27 10.05
N GLY A 147 -8.95 -10.10 9.14
CA GLY A 147 -8.87 -9.70 7.74
C GLY A 147 -9.49 -10.72 6.81
N PRO A 148 -8.74 -11.11 5.76
CA PRO A 148 -9.20 -12.09 4.78
C PRO A 148 -9.29 -13.49 5.36
N SER A 149 -10.46 -14.11 5.24
CA SER A 149 -10.67 -15.45 5.77
C SER A 149 -9.88 -16.47 4.95
N SER A 150 -8.78 -16.96 5.54
CA SER A 150 -7.93 -17.93 4.87
C SER A 150 -7.95 -19.26 5.62
N GLY A 151 -8.43 -20.31 4.94
CA GLY A 151 -8.48 -21.63 5.55
C GLY A 151 -7.21 -22.41 5.37
N GLY A 1 -17.64 -13.13 -2.75
CA GLY A 1 -18.92 -12.91 -2.11
C GLY A 1 -19.40 -11.48 -2.22
N SER A 2 -19.38 -10.95 -3.44
CA SER A 2 -19.82 -9.58 -3.68
C SER A 2 -20.37 -9.43 -5.09
N SER A 3 -21.61 -8.97 -5.19
CA SER A 3 -22.27 -8.79 -6.48
C SER A 3 -22.04 -7.36 -7.00
N GLY A 4 -21.70 -7.26 -8.27
CA GLY A 4 -21.46 -5.95 -8.87
C GLY A 4 -21.50 -6.00 -10.39
N SER A 5 -22.49 -5.33 -10.97
CA SER A 5 -22.63 -5.30 -12.42
C SER A 5 -22.76 -3.87 -12.92
N SER A 6 -21.95 -2.98 -12.38
CA SER A 6 -21.96 -1.57 -12.76
C SER A 6 -22.05 -1.43 -14.27
N GLY A 7 -21.26 -2.21 -14.98
CA GLY A 7 -21.27 -2.15 -16.44
C GLY A 7 -20.08 -2.87 -17.06
N SER A 8 -19.12 -2.09 -17.55
CA SER A 8 -17.92 -2.65 -18.18
C SER A 8 -16.69 -2.36 -17.34
N GLU A 9 -15.71 -3.25 -17.42
CA GLU A 9 -14.47 -3.10 -16.67
C GLU A 9 -13.32 -2.69 -17.59
N SER A 10 -12.99 -1.41 -17.58
CA SER A 10 -11.91 -0.89 -18.43
C SER A 10 -10.80 -0.30 -17.58
N LEU A 11 -10.39 -1.03 -16.55
CA LEU A 11 -9.32 -0.58 -15.66
C LEU A 11 -8.04 -0.30 -16.44
N VAL A 12 -7.08 0.32 -15.76
CA VAL A 12 -5.80 0.63 -16.39
C VAL A 12 -4.63 0.09 -15.57
N VAL A 13 -4.14 -1.08 -15.97
CA VAL A 13 -3.02 -1.71 -15.26
C VAL A 13 -1.69 -1.39 -15.95
N CYS A 14 -0.62 -1.39 -15.17
CA CYS A 14 0.71 -1.09 -15.69
C CYS A 14 1.75 -2.02 -15.07
N ASP A 15 3.02 -1.80 -15.42
CA ASP A 15 4.11 -2.61 -14.91
C ASP A 15 4.87 -1.87 -13.81
N VAL A 16 5.77 -2.58 -13.13
CA VAL A 16 6.56 -1.99 -12.06
C VAL A 16 7.98 -1.69 -12.52
N ALA A 17 8.37 -0.43 -12.42
CA ALA A 17 9.71 -0.01 -12.83
C ALA A 17 10.78 -0.78 -12.07
N GLU A 18 11.70 -1.40 -12.80
CA GLU A 18 12.77 -2.18 -12.20
C GLU A 18 13.48 -1.37 -11.12
N ASP A 19 13.86 -0.14 -11.46
CA ASP A 19 14.54 0.74 -10.51
C ASP A 19 13.80 0.80 -9.19
N LEU A 20 12.47 0.75 -9.26
CA LEU A 20 11.63 0.80 -8.06
C LEU A 20 11.53 -0.58 -7.41
N VAL A 21 11.16 -1.58 -8.20
CA VAL A 21 11.03 -2.94 -7.70
C VAL A 21 12.15 -3.27 -6.73
N GLU A 22 13.39 -3.08 -7.17
CA GLU A 22 14.55 -3.36 -6.33
C GLU A 22 14.35 -2.83 -4.91
N LYS A 23 13.73 -1.65 -4.82
CA LYS A 23 13.47 -1.02 -3.52
C LYS A 23 12.45 -1.83 -2.73
N LEU A 24 11.46 -2.36 -3.41
CA LEU A 24 10.42 -3.16 -2.77
C LEU A 24 10.96 -4.52 -2.33
N ARG A 25 11.64 -5.19 -3.26
CA ARG A 25 12.21 -6.50 -2.97
C ARG A 25 13.03 -6.47 -1.68
N LYS A 26 13.91 -5.48 -1.58
CA LYS A 26 14.75 -5.34 -0.39
C LYS A 26 13.91 -5.20 0.87
N PHE A 27 12.79 -4.47 0.75
CA PHE A 27 11.90 -4.27 1.88
C PHE A 27 11.62 -5.59 2.61
N ARG A 28 11.16 -6.59 1.86
CA ARG A 28 10.86 -7.88 2.43
C ARG A 28 12.09 -8.49 3.09
N PHE A 29 13.22 -8.42 2.41
CA PHE A 29 14.47 -8.97 2.93
C PHE A 29 15.30 -7.87 3.59
N ARG A 30 14.63 -6.92 4.23
CA ARG A 30 15.30 -5.81 4.89
C ARG A 30 16.03 -6.30 6.14
N LYS A 31 17.33 -6.06 6.20
CA LYS A 31 18.14 -6.47 7.34
C LYS A 31 18.17 -5.38 8.41
N GLU A 32 17.07 -4.64 8.53
CA GLU A 32 16.97 -3.56 9.50
C GLU A 32 15.93 -3.89 10.57
N THR A 33 15.93 -3.13 11.65
CA THR A 33 14.99 -3.34 12.75
C THR A 33 13.91 -2.28 12.75
N HIS A 34 14.32 -1.02 12.55
CA HIS A 34 13.38 0.09 12.53
C HIS A 34 12.27 -0.14 11.52
N ASN A 35 11.33 0.79 11.44
CA ASN A 35 10.22 0.68 10.51
C ASN A 35 10.59 1.24 9.14
N ALA A 36 9.66 1.16 8.20
CA ALA A 36 9.89 1.66 6.85
C ALA A 36 8.58 1.77 6.08
N ALA A 37 8.58 2.63 5.05
CA ALA A 37 7.39 2.83 4.23
C ALA A 37 7.76 3.29 2.83
N ILE A 38 7.41 2.50 1.82
CA ILE A 38 7.71 2.83 0.43
C ILE A 38 6.45 3.24 -0.31
N ILE A 39 6.46 4.43 -0.88
CA ILE A 39 5.32 4.94 -1.63
C ILE A 39 5.56 4.82 -3.13
N MET A 40 4.50 4.47 -3.87
CA MET A 40 4.60 4.34 -5.32
C MET A 40 3.43 5.02 -6.01
N LYS A 41 3.56 5.24 -7.31
CA LYS A 41 2.51 5.89 -8.09
C LYS A 41 2.74 5.71 -9.59
N ILE A 42 1.81 6.20 -10.39
CA ILE A 42 1.91 6.09 -11.84
C ILE A 42 1.86 7.47 -12.50
N ASP A 43 2.77 7.71 -13.42
CA ASP A 43 2.83 8.98 -14.14
C ASP A 43 1.98 8.94 -15.40
N LYS A 44 1.78 10.09 -16.01
CA LYS A 44 0.98 10.19 -17.24
C LYS A 44 1.76 9.69 -18.44
N ASP A 45 3.04 10.06 -18.51
CA ASP A 45 3.90 9.65 -19.60
C ASP A 45 4.58 8.32 -19.29
N GLU A 46 5.28 8.27 -18.16
CA GLU A 46 5.98 7.07 -17.75
C GLU A 46 5.05 5.86 -17.75
N ARG A 47 3.75 6.12 -17.66
CA ARG A 47 2.75 5.06 -17.65
C ARG A 47 3.30 3.81 -16.99
N LEU A 48 4.08 4.00 -15.93
CA LEU A 48 4.67 2.87 -15.20
C LEU A 48 4.83 3.21 -13.72
N VAL A 49 4.64 2.20 -12.87
CA VAL A 49 4.77 2.40 -11.43
C VAL A 49 6.23 2.67 -11.04
N VAL A 50 6.48 3.87 -10.50
CA VAL A 50 7.82 4.26 -10.09
C VAL A 50 7.86 4.58 -8.60
N LEU A 51 9.07 4.73 -8.07
CA LEU A 51 9.26 5.05 -6.66
C LEU A 51 8.92 6.50 -6.38
N ASP A 52 7.97 6.72 -5.46
CA ASP A 52 7.56 8.08 -5.10
C ASP A 52 8.45 8.64 -4.00
N GLU A 53 8.71 7.82 -2.98
CA GLU A 53 9.55 8.24 -1.87
C GLU A 53 9.83 7.07 -0.92
N GLU A 54 10.74 7.28 0.01
CA GLU A 54 11.09 6.25 0.98
C GLU A 54 11.18 6.82 2.39
N LEU A 55 10.47 6.19 3.33
CA LEU A 55 10.47 6.64 4.72
C LEU A 55 11.13 5.61 5.63
N GLU A 56 11.73 6.09 6.71
CA GLU A 56 12.40 5.21 7.66
C GLU A 56 11.88 5.44 9.07
N GLY A 57 11.90 4.39 9.88
CA GLY A 57 11.43 4.49 11.25
C GLY A 57 10.25 5.43 11.38
N VAL A 58 9.16 5.10 10.69
CA VAL A 58 7.95 5.93 10.74
C VAL A 58 6.81 5.19 11.43
N SER A 59 5.69 5.89 11.61
CA SER A 59 4.52 5.30 12.26
C SER A 59 3.30 5.39 11.35
N PRO A 60 2.28 4.57 11.65
CA PRO A 60 1.04 4.53 10.87
C PRO A 60 0.20 5.79 11.05
N ASP A 61 0.59 6.62 12.03
CA ASP A 61 -0.13 7.86 12.31
C ASP A 61 0.53 9.03 11.60
N GLU A 62 1.84 8.92 11.36
CA GLU A 62 2.57 9.98 10.68
C GLU A 62 2.68 9.70 9.18
N LEU A 63 2.58 8.42 8.82
CA LEU A 63 2.67 8.01 7.42
C LEU A 63 1.55 8.64 6.60
N LYS A 64 0.31 8.38 7.01
CA LYS A 64 -0.86 8.93 6.31
C LYS A 64 -0.67 10.42 6.02
N ASP A 65 -0.04 11.12 6.96
CA ASP A 65 0.20 12.55 6.80
C ASP A 65 1.03 12.83 5.55
N GLU A 66 1.94 11.92 5.23
CA GLU A 66 2.79 12.07 4.06
C GLU A 66 2.14 11.43 2.83
N LEU A 67 0.84 11.19 2.92
CA LEU A 67 0.10 10.60 1.81
C LEU A 67 -1.02 11.52 1.35
N PRO A 68 -1.36 11.43 0.05
CA PRO A 68 -2.42 12.24 -0.56
C PRO A 68 -3.81 11.84 -0.05
N GLU A 69 -4.58 12.83 0.39
CA GLU A 69 -5.92 12.58 0.90
C GLU A 69 -6.97 12.95 -0.15
N ARG A 70 -6.55 13.01 -1.40
CA ARG A 70 -7.45 13.35 -2.50
C ARG A 70 -7.37 12.33 -3.62
N GLN A 71 -6.18 11.75 -3.81
CA GLN A 71 -5.96 10.76 -4.85
C GLN A 71 -5.37 9.47 -4.27
N PRO A 72 -5.67 8.34 -4.91
CA PRO A 72 -5.17 7.03 -4.48
C PRO A 72 -3.67 6.88 -4.67
N ARG A 73 -2.98 6.45 -3.62
CA ARG A 73 -1.53 6.26 -3.68
C ARG A 73 -1.14 4.92 -3.08
N PHE A 74 0.02 4.42 -3.49
CA PHE A 74 0.52 3.14 -2.99
C PHE A 74 1.52 3.34 -1.85
N ILE A 75 1.41 2.52 -0.82
CA ILE A 75 2.31 2.62 0.33
C ILE A 75 2.51 1.26 0.98
N VAL A 76 3.78 0.88 1.16
CA VAL A 76 4.12 -0.39 1.77
C VAL A 76 4.71 -0.21 3.16
N TYR A 77 3.88 -0.40 4.18
CA TYR A 77 4.32 -0.24 5.56
C TYR A 77 4.64 -1.59 6.19
N SER A 78 5.45 -1.57 7.24
CA SER A 78 5.84 -2.79 7.93
C SER A 78 5.66 -2.65 9.44
N TYR A 79 4.52 -3.11 9.93
CA TYR A 79 4.22 -3.02 11.36
C TYR A 79 5.10 -3.98 12.15
N LYS A 80 5.07 -3.85 13.48
CA LYS A 80 5.86 -4.70 14.36
C LYS A 80 4.96 -5.54 15.25
N TYR A 81 4.72 -6.78 14.84
CA TYR A 81 3.87 -7.69 15.61
C TYR A 81 4.69 -8.45 16.65
N GLN A 82 4.63 -7.98 17.89
CA GLN A 82 5.36 -8.60 18.98
C GLN A 82 4.54 -9.72 19.62
N HIS A 83 5.20 -10.84 19.92
CA HIS A 83 4.54 -11.98 20.54
C HIS A 83 4.81 -12.02 22.03
N ASP A 84 3.74 -12.15 22.82
CA ASP A 84 3.86 -12.20 24.27
C ASP A 84 5.05 -13.06 24.69
N ASP A 85 5.23 -14.18 23.98
CA ASP A 85 6.33 -15.09 24.28
C ASP A 85 7.66 -14.35 24.35
N GLY A 86 7.87 -13.44 23.41
CA GLY A 86 9.10 -12.67 23.39
C GLY A 86 9.55 -12.32 21.98
N ARG A 87 9.32 -13.24 21.04
CA ARG A 87 9.69 -13.01 19.65
C ARG A 87 8.78 -11.99 19.00
N VAL A 88 9.33 -11.23 18.06
CA VAL A 88 8.57 -10.21 17.35
C VAL A 88 9.00 -10.11 15.88
N SER A 89 8.02 -10.08 14.99
CA SER A 89 8.30 -9.99 13.56
C SER A 89 7.57 -8.81 12.94
N TYR A 90 8.05 -8.35 11.79
CA TYR A 90 7.45 -7.22 11.10
C TYR A 90 6.85 -7.66 9.77
N PRO A 91 5.56 -8.03 9.79
CA PRO A 91 4.84 -8.48 8.59
C PRO A 91 4.61 -7.35 7.59
N LEU A 92 5.06 -7.55 6.37
CA LEU A 92 4.91 -6.54 5.32
C LEU A 92 3.49 -6.56 4.76
N CYS A 93 2.83 -5.39 4.77
CA CYS A 93 1.47 -5.28 4.26
C CYS A 93 1.35 -4.12 3.28
N PHE A 94 0.40 -4.22 2.38
CA PHE A 94 0.18 -3.18 1.37
C PHE A 94 -1.03 -2.33 1.73
N ILE A 95 -0.78 -1.10 2.16
CA ILE A 95 -1.85 -0.18 2.54
C ILE A 95 -2.21 0.75 1.37
N PHE A 96 -3.31 0.43 0.69
CA PHE A 96 -3.76 1.22 -0.45
C PHE A 96 -4.55 2.43 0.02
N SER A 97 -3.88 3.58 0.09
CA SER A 97 -4.53 4.81 0.53
C SER A 97 -5.37 5.42 -0.59
N SER A 98 -6.66 5.11 -0.58
CA SER A 98 -7.57 5.62 -1.60
C SER A 98 -8.60 6.57 -0.98
N PRO A 99 -8.37 7.88 -1.14
CA PRO A 99 -9.26 8.91 -0.60
C PRO A 99 -10.60 8.96 -1.34
N VAL A 100 -11.69 8.78 -0.60
CA VAL A 100 -13.02 8.80 -1.17
C VAL A 100 -13.21 10.03 -2.06
N GLY A 101 -12.44 11.07 -1.79
CA GLY A 101 -12.54 12.29 -2.56
C GLY A 101 -11.81 12.20 -3.89
N CYS A 102 -11.57 10.98 -4.35
CA CYS A 102 -10.87 10.75 -5.61
C CYS A 102 -11.85 10.32 -6.70
N LYS A 103 -11.42 10.45 -7.95
CA LYS A 103 -12.25 10.07 -9.08
C LYS A 103 -12.10 8.59 -9.40
N PRO A 104 -13.16 8.01 -10.00
CA PRO A 104 -13.17 6.58 -10.36
C PRO A 104 -12.22 6.27 -11.51
N GLU A 105 -12.18 7.16 -12.50
CA GLU A 105 -11.32 6.97 -13.65
C GLU A 105 -9.89 6.64 -13.21
N GLN A 106 -9.52 7.11 -12.03
CA GLN A 106 -8.19 6.88 -11.49
C GLN A 106 -8.17 5.64 -10.60
N GLN A 107 -9.21 5.50 -9.78
CA GLN A 107 -9.31 4.35 -8.88
C GLN A 107 -8.99 3.05 -9.60
N MET A 108 -9.40 2.97 -10.86
CA MET A 108 -9.16 1.77 -11.67
C MET A 108 -7.69 1.67 -12.05
N MET A 109 -7.09 2.80 -12.39
CA MET A 109 -5.68 2.83 -12.78
C MET A 109 -4.79 2.33 -11.65
N TYR A 110 -5.12 2.73 -10.42
CA TYR A 110 -4.35 2.32 -9.25
C TYR A 110 -4.84 0.98 -8.72
N ALA A 111 -6.15 0.76 -8.82
CA ALA A 111 -6.75 -0.49 -8.35
C ALA A 111 -6.12 -1.70 -9.03
N GLY A 112 -6.38 -1.84 -10.32
CA GLY A 112 -5.83 -2.96 -11.07
C GLY A 112 -4.33 -3.03 -10.99
N SER A 113 -3.67 -1.88 -11.11
CA SER A 113 -2.22 -1.81 -11.05
C SER A 113 -1.71 -2.28 -9.69
N LYS A 114 -2.41 -1.88 -8.63
CA LYS A 114 -2.03 -2.25 -7.27
C LYS A 114 -1.79 -3.76 -7.17
N ASN A 115 -2.83 -4.53 -7.46
CA ASN A 115 -2.74 -5.99 -7.40
C ASN A 115 -1.34 -6.46 -7.81
N LYS A 116 -0.94 -6.08 -9.01
CA LYS A 116 0.38 -6.47 -9.53
C LYS A 116 1.46 -6.23 -8.48
N LEU A 117 1.52 -5.01 -7.97
CA LEU A 117 2.52 -4.66 -6.96
C LEU A 117 2.54 -5.70 -5.83
N VAL A 118 1.37 -5.97 -5.26
CA VAL A 118 1.26 -6.94 -4.19
C VAL A 118 2.06 -8.19 -4.49
N GLN A 119 2.25 -8.47 -5.78
CA GLN A 119 3.00 -9.65 -6.21
C GLN A 119 4.48 -9.32 -6.37
N THR A 120 4.76 -8.13 -6.89
CA THR A 120 6.14 -7.69 -7.11
C THR A 120 6.87 -7.52 -5.79
N ALA A 121 6.17 -6.99 -4.79
CA ALA A 121 6.76 -6.78 -3.47
C ALA A 121 6.63 -8.03 -2.60
N GLU A 122 5.96 -9.05 -3.14
CA GLU A 122 5.77 -10.29 -2.42
C GLU A 122 4.96 -10.07 -1.15
N LEU A 123 3.86 -9.33 -1.27
CA LEU A 123 3.00 -9.04 -0.13
C LEU A 123 1.84 -10.02 -0.05
N THR A 124 1.46 -10.39 1.17
CA THR A 124 0.37 -11.33 1.38
C THR A 124 -0.87 -10.62 1.93
N LYS A 125 -0.64 -9.58 2.72
CA LYS A 125 -1.73 -8.81 3.30
C LYS A 125 -1.90 -7.48 2.59
N VAL A 126 -3.12 -7.20 2.14
CA VAL A 126 -3.42 -5.96 1.45
C VAL A 126 -4.65 -5.28 2.03
N PHE A 127 -4.47 -4.08 2.57
CA PHE A 127 -5.57 -3.33 3.16
C PHE A 127 -5.74 -1.99 2.47
N GLU A 128 -6.99 -1.59 2.24
CA GLU A 128 -7.29 -0.32 1.59
C GLU A 128 -8.09 0.59 2.52
N ILE A 129 -7.63 1.83 2.67
CA ILE A 129 -8.31 2.80 3.52
C ILE A 129 -9.03 3.85 2.69
N ARG A 130 -10.29 4.10 3.04
CA ARG A 130 -11.09 5.09 2.32
C ARG A 130 -10.50 6.49 2.47
N ASN A 131 -9.80 6.71 3.57
CA ASN A 131 -9.18 8.01 3.84
C ASN A 131 -7.88 7.83 4.61
N THR A 132 -6.90 8.69 4.32
CA THR A 132 -5.61 8.64 4.99
C THR A 132 -5.77 8.68 6.51
N GLU A 133 -6.81 9.35 6.96
CA GLU A 133 -7.08 9.46 8.40
C GLU A 133 -7.24 8.08 9.02
N ASP A 134 -7.96 7.21 8.34
CA ASP A 134 -8.19 5.85 8.83
C ASP A 134 -6.87 5.17 9.19
N LEU A 135 -5.86 5.40 8.38
CA LEU A 135 -4.54 4.82 8.62
C LEU A 135 -4.02 5.18 9.99
N THR A 136 -4.33 4.36 10.99
CA THR A 136 -3.89 4.59 12.36
C THR A 136 -3.36 3.32 13.00
N GLU A 137 -2.61 3.47 14.08
CA GLU A 137 -2.04 2.33 14.79
C GLU A 137 -3.10 1.27 15.04
N GLU A 138 -4.19 1.67 15.71
CA GLU A 138 -5.27 0.76 16.02
C GLU A 138 -5.82 0.10 14.75
N TRP A 139 -6.11 0.92 13.75
CA TRP A 139 -6.64 0.42 12.49
C TRP A 139 -5.69 -0.59 11.86
N LEU A 140 -4.39 -0.33 11.99
CA LEU A 140 -3.37 -1.22 11.43
C LEU A 140 -3.48 -2.62 12.04
N ARG A 141 -3.24 -2.72 13.34
CA ARG A 141 -3.31 -4.00 14.04
C ARG A 141 -4.68 -4.65 13.83
N GLU A 142 -5.68 -3.84 13.52
CA GLU A 142 -7.03 -4.34 13.30
C GLU A 142 -7.08 -5.23 12.05
N LYS A 143 -6.38 -4.80 11.01
CA LYS A 143 -6.34 -5.54 9.75
C LYS A 143 -5.62 -6.88 9.94
N LEU A 144 -4.56 -6.87 10.75
CA LEU A 144 -3.79 -8.08 11.00
C LEU A 144 -4.53 -9.00 11.97
N GLY A 145 -5.20 -8.41 12.95
CA GLY A 145 -5.94 -9.19 13.92
C GLY A 145 -7.23 -9.76 13.35
N SER A 146 -7.93 -8.96 12.57
CA SER A 146 -9.18 -9.39 11.96
C SER A 146 -8.92 -10.23 10.72
N GLY A 147 -7.95 -11.15 10.82
CA GLY A 147 -7.62 -12.00 9.69
C GLY A 147 -7.15 -11.21 8.49
N PRO A 148 -6.12 -11.74 7.80
CA PRO A 148 -5.56 -11.10 6.61
C PRO A 148 -6.51 -11.13 5.42
N SER A 149 -6.52 -10.06 4.64
CA SER A 149 -7.38 -9.97 3.47
C SER A 149 -6.57 -10.14 2.19
N SER A 150 -6.85 -11.24 1.47
CA SER A 150 -6.15 -11.53 0.23
C SER A 150 -7.10 -11.48 -0.96
N GLY A 151 -7.01 -10.39 -1.72
CA GLY A 151 -7.88 -10.23 -2.88
C GLY A 151 -7.40 -11.02 -4.08
N GLY A 1 -17.08 25.57 -18.88
CA GLY A 1 -17.74 24.36 -18.43
C GLY A 1 -17.61 23.22 -19.43
N SER A 2 -17.69 22.00 -18.94
CA SER A 2 -17.57 20.82 -19.80
C SER A 2 -18.94 20.30 -20.19
N SER A 3 -19.01 19.67 -21.36
CA SER A 3 -20.27 19.12 -21.86
C SER A 3 -20.01 18.07 -22.94
N GLY A 4 -20.41 16.83 -22.64
CA GLY A 4 -20.21 15.74 -23.59
C GLY A 4 -19.13 14.78 -23.15
N SER A 5 -19.51 13.52 -22.94
CA SER A 5 -18.57 12.48 -22.51
C SER A 5 -18.76 11.21 -23.32
N SER A 6 -17.66 10.55 -23.65
CA SER A 6 -17.70 9.32 -24.42
C SER A 6 -18.09 8.14 -23.54
N GLY A 7 -17.39 7.98 -22.41
CA GLY A 7 -17.68 6.90 -21.50
C GLY A 7 -17.16 5.57 -22.00
N SER A 8 -16.63 4.75 -21.09
CA SER A 8 -16.10 3.46 -21.45
C SER A 8 -15.87 2.59 -20.21
N GLU A 9 -15.74 1.29 -20.42
CA GLU A 9 -15.53 0.36 -19.32
C GLU A 9 -14.28 -0.50 -19.56
N SER A 10 -13.23 -0.23 -18.79
CA SER A 10 -11.98 -0.97 -18.93
C SER A 10 -10.98 -0.55 -17.85
N LEU A 11 -10.13 -1.49 -17.45
CA LEU A 11 -9.13 -1.21 -16.44
C LEU A 11 -7.82 -0.76 -17.06
N VAL A 12 -6.95 -0.17 -16.24
CA VAL A 12 -5.65 0.31 -16.73
C VAL A 12 -4.51 -0.25 -15.88
N VAL A 13 -3.92 -1.33 -16.34
CA VAL A 13 -2.81 -1.96 -15.63
C VAL A 13 -1.47 -1.52 -16.21
N CYS A 14 -0.44 -1.50 -15.35
CA CYS A 14 0.89 -1.09 -15.78
C CYS A 14 1.95 -2.02 -15.17
N ASP A 15 3.20 -1.80 -15.55
CA ASP A 15 4.31 -2.61 -15.06
C ASP A 15 5.05 -1.88 -13.93
N VAL A 16 5.83 -2.64 -13.17
CA VAL A 16 6.60 -2.07 -12.06
C VAL A 16 8.01 -1.72 -12.50
N ALA A 17 8.37 -0.45 -12.37
CA ALA A 17 9.70 0.01 -12.75
C ALA A 17 10.78 -0.79 -12.02
N GLU A 18 11.78 -1.24 -12.77
CA GLU A 18 12.88 -2.01 -12.21
C GLU A 18 13.57 -1.23 -11.09
N ASP A 19 13.84 0.04 -11.35
CA ASP A 19 14.50 0.89 -10.36
C ASP A 19 13.74 0.90 -9.05
N LEU A 20 12.44 0.65 -9.12
CA LEU A 20 11.58 0.62 -7.95
C LEU A 20 11.57 -0.77 -7.30
N VAL A 21 11.24 -1.78 -8.11
CA VAL A 21 11.20 -3.15 -7.62
C VAL A 21 12.37 -3.44 -6.68
N GLU A 22 13.57 -3.08 -7.11
CA GLU A 22 14.77 -3.30 -6.31
C GLU A 22 14.53 -2.92 -4.85
N LYS A 23 13.85 -1.78 -4.65
CA LYS A 23 13.55 -1.31 -3.31
C LYS A 23 12.62 -2.27 -2.58
N LEU A 24 11.50 -2.59 -3.21
CA LEU A 24 10.52 -3.50 -2.62
C LEU A 24 11.18 -4.82 -2.21
N ARG A 25 12.05 -5.33 -3.08
CA ARG A 25 12.75 -6.58 -2.81
C ARG A 25 13.46 -6.52 -1.46
N LYS A 26 14.14 -5.40 -1.21
CA LYS A 26 14.87 -5.22 0.04
C LYS A 26 13.90 -5.10 1.22
N PHE A 27 12.80 -4.38 1.01
CA PHE A 27 11.81 -4.19 2.05
C PHE A 27 11.55 -5.49 2.81
N ARG A 28 11.19 -6.54 2.07
CA ARG A 28 10.92 -7.84 2.67
C ARG A 28 12.15 -8.39 3.36
N PHE A 29 13.29 -8.33 2.69
CA PHE A 29 14.55 -8.82 3.24
C PHE A 29 15.33 -7.68 3.89
N ARG A 30 14.62 -6.74 4.49
CA ARG A 30 15.25 -5.60 5.14
C ARG A 30 15.92 -6.02 6.45
N LYS A 31 17.21 -5.77 6.56
CA LYS A 31 17.96 -6.12 7.76
C LYS A 31 17.94 -4.97 8.76
N GLU A 32 16.81 -4.29 8.86
CA GLU A 32 16.66 -3.18 9.78
C GLU A 32 15.57 -3.46 10.82
N THR A 33 15.73 -2.89 12.01
CA THR A 33 14.77 -3.09 13.09
C THR A 33 13.62 -2.10 12.99
N HIS A 34 13.96 -0.82 12.77
CA HIS A 34 12.95 0.22 12.65
C HIS A 34 11.94 -0.12 11.57
N ASN A 35 10.95 0.76 11.39
CA ASN A 35 9.91 0.55 10.39
C ASN A 35 10.30 1.20 9.07
N ALA A 36 9.41 1.08 8.08
CA ALA A 36 9.66 1.66 6.77
C ALA A 36 8.36 1.81 5.97
N ALA A 37 8.38 2.71 5.00
CA ALA A 37 7.20 2.94 4.17
C ALA A 37 7.59 3.40 2.77
N ILE A 38 7.27 2.58 1.77
CA ILE A 38 7.59 2.91 0.39
C ILE A 38 6.35 3.32 -0.38
N ILE A 39 6.36 4.54 -0.90
CA ILE A 39 5.23 5.06 -1.66
C ILE A 39 5.49 4.95 -3.17
N MET A 40 4.45 4.60 -3.91
CA MET A 40 4.56 4.47 -5.35
C MET A 40 3.45 5.24 -6.07
N LYS A 41 3.58 5.39 -7.38
CA LYS A 41 2.59 6.11 -8.16
C LYS A 41 2.78 5.84 -9.66
N ILE A 42 1.82 6.27 -10.46
CA ILE A 42 1.88 6.07 -11.90
C ILE A 42 1.98 7.41 -12.64
N ASP A 43 2.94 7.50 -13.55
CA ASP A 43 3.14 8.72 -14.33
C ASP A 43 2.04 8.90 -15.36
N LYS A 44 2.17 9.94 -16.19
CA LYS A 44 1.18 10.21 -17.22
C LYS A 44 1.68 9.77 -18.58
N ASP A 45 2.97 9.94 -18.82
CA ASP A 45 3.58 9.56 -20.09
C ASP A 45 4.26 8.19 -19.98
N GLU A 46 5.16 8.07 -19.00
CA GLU A 46 5.87 6.82 -18.79
C GLU A 46 4.90 5.66 -18.63
N ARG A 47 3.77 5.91 -17.98
CA ARG A 47 2.76 4.89 -17.76
C ARG A 47 3.37 3.67 -17.07
N LEU A 48 4.10 3.90 -15.99
CA LEU A 48 4.74 2.82 -15.24
C LEU A 48 4.87 3.19 -13.77
N VAL A 49 4.67 2.20 -12.90
CA VAL A 49 4.76 2.41 -11.46
C VAL A 49 6.20 2.63 -11.03
N VAL A 50 6.54 3.88 -10.71
CA VAL A 50 7.88 4.22 -10.28
C VAL A 50 7.91 4.60 -8.81
N LEU A 51 9.10 4.50 -8.20
CA LEU A 51 9.25 4.83 -6.78
C LEU A 51 9.00 6.32 -6.54
N ASP A 52 8.16 6.62 -5.58
CA ASP A 52 7.84 8.01 -5.25
C ASP A 52 8.77 8.53 -4.16
N GLU A 53 8.96 7.74 -3.11
CA GLU A 53 9.82 8.13 -2.01
C GLU A 53 9.99 6.98 -1.01
N GLU A 54 11.00 7.09 -0.16
CA GLU A 54 11.26 6.06 0.84
C GLU A 54 11.21 6.64 2.25
N LEU A 55 10.37 6.05 3.10
CA LEU A 55 10.23 6.51 4.48
C LEU A 55 10.81 5.49 5.45
N GLU A 56 11.63 5.98 6.38
CA GLU A 56 12.26 5.12 7.37
C GLU A 56 11.81 5.49 8.78
N GLY A 57 11.87 4.54 9.69
CA GLY A 57 11.47 4.78 11.06
C GLY A 57 10.26 5.69 11.16
N VAL A 58 9.15 5.26 10.55
CA VAL A 58 7.92 6.05 10.57
C VAL A 58 6.81 5.31 11.31
N SER A 59 5.67 5.97 11.46
CA SER A 59 4.53 5.38 12.15
C SER A 59 3.27 5.43 11.29
N PRO A 60 2.28 4.60 11.62
CA PRO A 60 1.02 4.54 10.89
C PRO A 60 0.17 5.78 11.08
N ASP A 61 0.57 6.63 12.02
CA ASP A 61 -0.16 7.86 12.30
C ASP A 61 0.46 9.03 11.54
N GLU A 62 1.77 9.00 11.35
CA GLU A 62 2.47 10.05 10.64
C GLU A 62 2.57 9.74 9.14
N LEU A 63 2.67 8.45 8.83
CA LEU A 63 2.77 8.02 7.44
C LEU A 63 1.62 8.57 6.61
N LYS A 64 0.40 8.35 7.08
CA LYS A 64 -0.79 8.83 6.38
C LYS A 64 -0.67 10.31 6.06
N ASP A 65 -0.01 11.05 6.95
CA ASP A 65 0.17 12.49 6.76
C ASP A 65 1.00 12.77 5.51
N GLU A 66 1.93 11.87 5.20
CA GLU A 66 2.78 12.02 4.03
C GLU A 66 2.11 11.44 2.79
N LEU A 67 0.80 11.26 2.86
CA LEU A 67 0.03 10.72 1.74
C LEU A 67 -1.09 11.68 1.33
N PRO A 68 -1.47 11.62 0.05
CA PRO A 68 -2.54 12.47 -0.50
C PRO A 68 -3.91 12.08 0.03
N GLU A 69 -4.72 13.08 0.38
CA GLU A 69 -6.06 12.84 0.89
C GLU A 69 -7.11 13.16 -0.17
N ARG A 70 -6.67 13.34 -1.40
CA ARG A 70 -7.58 13.65 -2.50
C ARG A 70 -7.48 12.60 -3.60
N GLN A 71 -6.29 12.03 -3.76
CA GLN A 71 -6.06 11.01 -4.78
C GLN A 71 -5.47 9.75 -4.17
N PRO A 72 -5.75 8.60 -4.80
CA PRO A 72 -5.25 7.30 -4.33
C PRO A 72 -3.75 7.15 -4.53
N ARG A 73 -3.09 6.54 -3.55
CA ARG A 73 -1.65 6.33 -3.62
C ARG A 73 -1.26 4.97 -3.03
N PHE A 74 -0.10 4.47 -3.44
CA PHE A 74 0.38 3.19 -2.95
C PHE A 74 1.39 3.37 -1.82
N ILE A 75 1.29 2.52 -0.80
CA ILE A 75 2.19 2.58 0.35
C ILE A 75 2.42 1.20 0.94
N VAL A 76 3.69 0.91 1.25
CA VAL A 76 4.05 -0.39 1.82
C VAL A 76 4.69 -0.21 3.20
N TYR A 77 3.89 -0.42 4.25
CA TYR A 77 4.37 -0.28 5.61
C TYR A 77 4.61 -1.66 6.24
N SER A 78 5.43 -1.68 7.30
CA SER A 78 5.73 -2.93 7.99
C SER A 78 5.58 -2.76 9.49
N TYR A 79 4.40 -3.13 10.00
CA TYR A 79 4.11 -3.02 11.43
C TYR A 79 4.99 -3.97 12.23
N LYS A 80 4.96 -3.81 13.55
CA LYS A 80 5.76 -4.66 14.44
C LYS A 80 4.85 -5.51 15.33
N TYR A 81 4.63 -6.75 14.91
CA TYR A 81 3.78 -7.66 15.68
C TYR A 81 4.59 -8.41 16.74
N GLN A 82 4.50 -7.94 17.98
CA GLN A 82 5.22 -8.56 19.08
C GLN A 82 4.39 -9.67 19.72
N HIS A 83 5.06 -10.78 20.04
CA HIS A 83 4.38 -11.92 20.66
C HIS A 83 4.67 -11.97 22.15
N ASP A 84 3.62 -12.19 22.94
CA ASP A 84 3.77 -12.26 24.40
C ASP A 84 4.98 -13.10 24.77
N ASP A 85 5.17 -14.21 24.07
CA ASP A 85 6.30 -15.10 24.33
C ASP A 85 7.60 -14.32 24.40
N GLY A 86 7.81 -13.45 23.42
CA GLY A 86 9.02 -12.65 23.39
C GLY A 86 9.46 -12.33 21.97
N ARG A 87 9.17 -13.23 21.04
CA ARG A 87 9.55 -13.04 19.65
C ARG A 87 8.65 -11.99 18.99
N VAL A 88 9.24 -11.19 18.10
CA VAL A 88 8.50 -10.15 17.40
C VAL A 88 8.97 -10.01 15.96
N SER A 89 8.02 -10.00 15.03
CA SER A 89 8.35 -9.88 13.61
C SER A 89 7.56 -8.74 12.97
N TYR A 90 8.05 -8.25 11.84
CA TYR A 90 7.40 -7.16 11.13
C TYR A 90 6.77 -7.66 9.83
N PRO A 91 5.47 -7.99 9.89
CA PRO A 91 4.73 -8.47 8.72
C PRO A 91 4.50 -7.38 7.68
N LEU A 92 4.95 -7.64 6.46
CA LEU A 92 4.79 -6.68 5.37
C LEU A 92 3.37 -6.71 4.82
N CYS A 93 2.73 -5.54 4.81
CA CYS A 93 1.37 -5.43 4.31
C CYS A 93 1.25 -4.27 3.31
N PHE A 94 0.22 -4.33 2.48
CA PHE A 94 -0.02 -3.30 1.47
C PHE A 94 -1.19 -2.41 1.86
N ILE A 95 -0.90 -1.14 2.14
CA ILE A 95 -1.93 -0.19 2.52
C ILE A 95 -2.28 0.74 1.36
N PHE A 96 -3.40 0.44 0.70
CA PHE A 96 -3.85 1.24 -0.43
C PHE A 96 -4.60 2.48 0.04
N SER A 97 -3.89 3.60 0.12
CA SER A 97 -4.49 4.86 0.57
C SER A 97 -5.42 5.42 -0.49
N SER A 98 -6.71 5.14 -0.36
CA SER A 98 -7.69 5.63 -1.32
C SER A 98 -8.68 6.58 -0.64
N PRO A 99 -8.47 7.89 -0.85
CA PRO A 99 -9.33 8.93 -0.28
C PRO A 99 -10.71 8.95 -0.90
N VAL A 100 -11.74 8.88 -0.06
CA VAL A 100 -13.12 8.89 -0.54
C VAL A 100 -13.34 10.02 -1.54
N GLY A 101 -12.57 11.10 -1.40
CA GLY A 101 -12.70 12.23 -2.30
C GLY A 101 -12.00 12.00 -3.62
N CYS A 102 -11.81 10.74 -3.98
CA CYS A 102 -11.14 10.38 -5.23
C CYS A 102 -12.15 10.01 -6.31
N LYS A 103 -11.71 10.05 -7.57
CA LYS A 103 -12.59 9.73 -8.69
C LYS A 103 -12.41 8.27 -9.11
N PRO A 104 -13.44 7.71 -9.76
CA PRO A 104 -13.41 6.32 -10.22
C PRO A 104 -12.44 6.11 -11.38
N GLU A 105 -12.50 7.01 -12.36
CA GLU A 105 -11.62 6.92 -13.52
C GLU A 105 -10.18 6.66 -13.10
N GLN A 106 -9.82 7.13 -11.92
CA GLN A 106 -8.47 6.95 -11.40
C GLN A 106 -8.38 5.69 -10.55
N GLN A 107 -9.41 5.44 -9.75
CA GLN A 107 -9.45 4.27 -8.89
C GLN A 107 -9.12 3.00 -9.67
N MET A 108 -9.59 2.94 -10.91
CA MET A 108 -9.35 1.79 -11.77
C MET A 108 -7.87 1.71 -12.17
N MET A 109 -7.28 2.86 -12.45
CA MET A 109 -5.88 2.92 -12.84
C MET A 109 -4.98 2.39 -11.73
N TYR A 110 -5.23 2.86 -10.50
CA TYR A 110 -4.43 2.43 -9.35
C TYR A 110 -4.91 1.08 -8.85
N ALA A 111 -6.20 0.82 -8.98
CA ALA A 111 -6.78 -0.45 -8.53
C ALA A 111 -6.11 -1.63 -9.22
N GLY A 112 -6.31 -1.73 -10.53
CA GLY A 112 -5.72 -2.83 -11.29
C GLY A 112 -4.20 -2.87 -11.16
N SER A 113 -3.57 -1.70 -11.24
CA SER A 113 -2.12 -1.61 -11.14
C SER A 113 -1.64 -2.11 -9.78
N LYS A 114 -2.36 -1.72 -8.73
CA LYS A 114 -2.01 -2.13 -7.38
C LYS A 114 -1.73 -3.62 -7.30
N ASN A 115 -2.71 -4.42 -7.72
CA ASN A 115 -2.56 -5.88 -7.70
C ASN A 115 -1.13 -6.28 -8.04
N LYS A 116 -0.73 -6.02 -9.28
CA LYS A 116 0.62 -6.36 -9.73
C LYS A 116 1.65 -6.06 -8.63
N LEU A 117 1.56 -4.87 -8.06
CA LEU A 117 2.49 -4.47 -6.99
C LEU A 117 2.50 -5.50 -5.88
N VAL A 118 1.33 -5.83 -5.35
CA VAL A 118 1.21 -6.80 -4.27
C VAL A 118 1.93 -8.10 -4.64
N GLN A 119 2.19 -8.29 -5.92
CA GLN A 119 2.87 -9.49 -6.40
C GLN A 119 4.37 -9.25 -6.53
N THR A 120 4.74 -8.04 -6.92
CA THR A 120 6.14 -7.67 -7.09
C THR A 120 6.85 -7.60 -5.75
N ALA A 121 6.19 -7.00 -4.76
CA ALA A 121 6.77 -6.86 -3.43
C ALA A 121 6.54 -8.12 -2.60
N GLU A 122 5.84 -9.09 -3.19
CA GLU A 122 5.54 -10.34 -2.50
C GLU A 122 4.80 -10.08 -1.19
N LEU A 123 3.69 -9.34 -1.29
CA LEU A 123 2.88 -9.03 -0.12
C LEU A 123 1.61 -9.87 -0.09
N THR A 124 1.32 -10.46 1.07
CA THR A 124 0.14 -11.29 1.23
C THR A 124 -1.02 -10.49 1.82
N LYS A 125 -0.70 -9.59 2.73
CA LYS A 125 -1.71 -8.76 3.37
C LYS A 125 -1.93 -7.47 2.58
N VAL A 126 -3.20 -7.17 2.29
CA VAL A 126 -3.55 -5.98 1.55
C VAL A 126 -4.79 -5.30 2.14
N PHE A 127 -4.60 -4.11 2.69
CA PHE A 127 -5.69 -3.36 3.30
C PHE A 127 -5.84 -2.00 2.63
N GLU A 128 -7.09 -1.58 2.43
CA GLU A 128 -7.37 -0.29 1.81
C GLU A 128 -8.16 0.62 2.76
N ILE A 129 -7.74 1.87 2.85
CA ILE A 129 -8.41 2.83 3.72
C ILE A 129 -9.18 3.86 2.91
N ARG A 130 -10.45 4.07 3.26
CA ARG A 130 -11.29 5.02 2.55
C ARG A 130 -10.84 6.46 2.83
N ASN A 131 -10.03 6.62 3.88
CA ASN A 131 -9.53 7.94 4.25
C ASN A 131 -8.16 7.83 4.92
N THR A 132 -7.21 8.61 4.44
CA THR A 132 -5.86 8.61 5.00
C THR A 132 -5.90 8.62 6.52
N GLU A 133 -6.92 9.24 7.09
CA GLU A 133 -7.07 9.33 8.53
C GLU A 133 -7.18 7.93 9.15
N ASP A 134 -7.94 7.07 8.50
CA ASP A 134 -8.12 5.71 8.98
C ASP A 134 -6.79 5.09 9.38
N LEU A 135 -5.78 5.27 8.54
CA LEU A 135 -4.45 4.73 8.81
C LEU A 135 -3.96 5.14 10.19
N THR A 136 -4.13 4.26 11.16
CA THR A 136 -3.71 4.54 12.53
C THR A 136 -3.15 3.28 13.20
N GLU A 137 -2.34 3.47 14.23
CA GLU A 137 -1.75 2.35 14.95
C GLU A 137 -2.79 1.27 15.22
N GLU A 138 -3.91 1.67 15.82
CA GLU A 138 -4.98 0.73 16.13
C GLU A 138 -5.51 0.06 14.86
N TRP A 139 -5.93 0.88 13.90
CA TRP A 139 -6.45 0.36 12.64
C TRP A 139 -5.52 -0.69 12.05
N LEU A 140 -4.22 -0.42 12.10
CA LEU A 140 -3.22 -1.34 11.57
C LEU A 140 -3.40 -2.73 12.17
N ARG A 141 -3.25 -2.82 13.49
CA ARG A 141 -3.38 -4.10 14.18
C ARG A 141 -4.74 -4.73 13.89
N GLU A 142 -5.73 -3.90 13.57
CA GLU A 142 -7.07 -4.38 13.27
C GLU A 142 -7.07 -5.22 12.00
N LYS A 143 -6.36 -4.76 10.99
CA LYS A 143 -6.28 -5.47 9.71
C LYS A 143 -5.45 -6.74 9.85
N LEU A 144 -4.38 -6.66 10.65
CA LEU A 144 -3.51 -7.80 10.88
C LEU A 144 -4.22 -8.88 11.70
N GLY A 145 -5.06 -8.45 12.62
CA GLY A 145 -5.79 -9.39 13.46
C GLY A 145 -7.27 -9.42 13.13
N SER A 146 -7.59 -9.41 11.84
CA SER A 146 -8.98 -9.44 11.40
C SER A 146 -9.46 -10.87 11.18
N GLY A 147 -9.03 -11.76 12.07
CA GLY A 147 -9.42 -13.15 11.97
C GLY A 147 -8.24 -14.08 11.83
N PRO A 148 -8.30 -15.25 12.49
CA PRO A 148 -7.23 -16.24 12.45
C PRO A 148 -7.12 -16.92 11.09
N SER A 149 -6.20 -16.41 10.26
CA SER A 149 -5.99 -16.95 8.92
C SER A 149 -5.83 -18.47 8.98
N SER A 150 -5.49 -18.99 10.15
CA SER A 150 -5.31 -20.42 10.34
C SER A 150 -6.60 -21.09 10.80
N GLY A 151 -6.93 -22.22 10.18
CA GLY A 151 -8.14 -22.94 10.53
C GLY A 151 -8.62 -23.84 9.43
N GLY A 1 -22.37 4.52 -14.12
CA GLY A 1 -23.13 5.20 -13.08
C GLY A 1 -22.63 4.87 -11.69
N SER A 2 -23.47 4.19 -10.91
CA SER A 2 -23.12 3.82 -9.55
C SER A 2 -22.10 2.68 -9.54
N SER A 3 -21.26 2.63 -8.52
CA SER A 3 -20.25 1.60 -8.40
C SER A 3 -20.85 0.22 -8.57
N GLY A 4 -21.82 -0.11 -7.71
CA GLY A 4 -22.46 -1.41 -7.79
C GLY A 4 -21.48 -2.55 -7.71
N SER A 5 -21.99 -3.76 -7.44
CA SER A 5 -21.15 -4.94 -7.33
C SER A 5 -20.81 -5.49 -8.71
N SER A 6 -19.53 -5.43 -9.07
CA SER A 6 -19.08 -5.92 -10.37
C SER A 6 -17.60 -6.29 -10.32
N GLY A 7 -17.10 -6.84 -11.42
CA GLY A 7 -15.71 -7.23 -11.49
C GLY A 7 -14.89 -6.33 -12.40
N SER A 8 -14.13 -6.95 -13.31
CA SER A 8 -13.30 -6.20 -14.23
C SER A 8 -14.14 -5.24 -15.07
N GLU A 9 -13.76 -3.97 -15.06
CA GLU A 9 -14.48 -2.95 -15.81
C GLU A 9 -13.52 -2.04 -16.57
N SER A 10 -13.04 -2.52 -17.71
CA SER A 10 -12.10 -1.75 -18.52
C SER A 10 -11.08 -1.04 -17.65
N LEU A 11 -10.43 -1.80 -16.76
CA LEU A 11 -9.42 -1.23 -15.87
C LEU A 11 -8.10 -1.04 -16.59
N VAL A 12 -7.24 -0.18 -16.04
CA VAL A 12 -5.94 0.09 -16.63
C VAL A 12 -4.82 -0.40 -15.72
N VAL A 13 -4.28 -1.58 -16.04
CA VAL A 13 -3.19 -2.17 -15.27
C VAL A 13 -1.84 -1.81 -15.86
N CYS A 14 -0.91 -1.42 -15.00
CA CYS A 14 0.43 -1.04 -15.44
C CYS A 14 1.47 -2.03 -14.91
N ASP A 15 2.74 -1.74 -15.17
CA ASP A 15 3.83 -2.60 -14.72
C ASP A 15 4.60 -1.95 -13.58
N VAL A 16 5.45 -2.75 -12.93
CA VAL A 16 6.25 -2.25 -11.81
C VAL A 16 7.67 -1.89 -12.27
N ALA A 17 8.07 -0.66 -12.01
CA ALA A 17 9.41 -0.20 -12.38
C ALA A 17 10.48 -0.96 -11.63
N GLU A 18 11.44 -1.52 -12.37
CA GLU A 18 12.53 -2.28 -11.77
C GLU A 18 13.22 -1.46 -10.68
N ASP A 19 13.38 -0.16 -10.93
CA ASP A 19 14.03 0.72 -9.98
C ASP A 19 13.30 0.72 -8.64
N LEU A 20 11.99 0.50 -8.70
CA LEU A 20 11.17 0.47 -7.49
C LEU A 20 11.19 -0.92 -6.87
N VAL A 21 10.85 -1.93 -7.66
CA VAL A 21 10.82 -3.31 -7.18
C VAL A 21 12.01 -3.60 -6.28
N GLU A 22 13.21 -3.28 -6.77
CA GLU A 22 14.44 -3.51 -6.02
C GLU A 22 14.26 -3.09 -4.56
N LYS A 23 13.66 -1.92 -4.36
CA LYS A 23 13.43 -1.39 -3.02
C LYS A 23 12.50 -2.32 -2.22
N LEU A 24 11.32 -2.58 -2.77
CA LEU A 24 10.35 -3.45 -2.11
C LEU A 24 10.99 -4.77 -1.69
N ARG A 25 11.79 -5.34 -2.58
CA ARG A 25 12.46 -6.59 -2.31
C ARG A 25 13.27 -6.50 -1.01
N LYS A 26 13.98 -5.41 -0.84
CA LYS A 26 14.80 -5.19 0.35
C LYS A 26 13.92 -5.07 1.59
N PHE A 27 12.86 -4.27 1.49
CA PHE A 27 11.94 -4.06 2.60
C PHE A 27 11.74 -5.35 3.39
N ARG A 28 11.42 -6.43 2.67
CA ARG A 28 11.20 -7.73 3.31
C ARG A 28 12.48 -8.23 3.97
N PHE A 29 13.59 -8.18 3.23
CA PHE A 29 14.88 -8.62 3.75
C PHE A 29 15.70 -7.44 4.26
N ARG A 30 15.02 -6.47 4.86
CA ARG A 30 15.69 -5.29 5.39
C ARG A 30 16.41 -5.60 6.70
N LYS A 31 17.69 -5.26 6.76
CA LYS A 31 18.49 -5.52 7.96
C LYS A 31 18.31 -4.39 8.97
N GLU A 32 17.10 -3.86 9.05
CA GLU A 32 16.79 -2.78 9.99
C GLU A 32 15.67 -3.19 10.94
N THR A 33 15.75 -2.70 12.18
CA THR A 33 14.74 -3.01 13.18
C THR A 33 13.59 -2.00 13.15
N HIS A 34 13.94 -0.74 12.91
CA HIS A 34 12.94 0.33 12.85
C HIS A 34 11.90 0.03 11.78
N ASN A 35 10.97 0.97 11.59
CA ASN A 35 9.91 0.81 10.59
C ASN A 35 10.28 1.52 9.30
N ALA A 36 9.40 1.43 8.30
CA ALA A 36 9.63 2.07 7.02
C ALA A 36 8.34 2.16 6.20
N ALA A 37 8.38 2.90 5.11
CA ALA A 37 7.21 3.06 4.24
C ALA A 37 7.63 3.46 2.84
N ILE A 38 7.19 2.68 1.85
CA ILE A 38 7.51 2.95 0.46
C ILE A 38 6.28 3.39 -0.32
N ILE A 39 6.35 4.57 -0.92
CA ILE A 39 5.24 5.10 -1.70
C ILE A 39 5.50 4.97 -3.19
N MET A 40 4.43 4.73 -3.94
CA MET A 40 4.53 4.58 -5.40
C MET A 40 3.40 5.32 -6.11
N LYS A 41 3.71 5.87 -7.27
CA LYS A 41 2.72 6.60 -8.05
C LYS A 41 2.81 6.23 -9.53
N ILE A 42 1.76 6.56 -10.28
CA ILE A 42 1.71 6.26 -11.70
C ILE A 42 1.64 7.53 -12.53
N ASP A 43 2.39 7.58 -13.63
CA ASP A 43 2.40 8.73 -14.50
C ASP A 43 1.44 8.55 -15.66
N LYS A 44 1.43 9.51 -16.59
CA LYS A 44 0.56 9.46 -17.75
C LYS A 44 1.35 9.18 -19.02
N ASP A 45 2.67 9.14 -18.89
CA ASP A 45 3.55 8.88 -20.02
C ASP A 45 4.23 7.52 -19.88
N GLU A 46 5.12 7.42 -18.90
CA GLU A 46 5.85 6.17 -18.66
C GLU A 46 4.89 5.05 -18.31
N ARG A 47 3.63 5.40 -18.04
CA ARG A 47 2.62 4.42 -17.69
C ARG A 47 3.24 3.25 -16.93
N LEU A 48 4.12 3.56 -15.99
CA LEU A 48 4.78 2.53 -15.19
C LEU A 48 4.93 2.97 -13.75
N VAL A 49 4.73 2.04 -12.82
CA VAL A 49 4.86 2.34 -11.40
C VAL A 49 6.30 2.58 -11.00
N VAL A 50 6.59 3.77 -10.49
CA VAL A 50 7.94 4.13 -10.08
C VAL A 50 7.97 4.52 -8.60
N LEU A 51 9.16 4.48 -8.01
CA LEU A 51 9.33 4.84 -6.60
C LEU A 51 9.17 6.34 -6.40
N ASP A 52 8.24 6.71 -5.52
CA ASP A 52 7.98 8.12 -5.23
C ASP A 52 8.92 8.62 -4.13
N GLU A 53 9.05 7.83 -3.06
CA GLU A 53 9.89 8.20 -1.95
C GLU A 53 9.99 7.06 -0.94
N GLU A 54 10.99 7.13 -0.06
CA GLU A 54 11.19 6.11 0.96
C GLU A 54 11.20 6.72 2.35
N LEU A 55 10.36 6.19 3.23
CA LEU A 55 10.27 6.69 4.60
C LEU A 55 10.81 5.66 5.59
N GLU A 56 11.68 6.10 6.49
CA GLU A 56 12.26 5.21 7.49
C GLU A 56 11.82 5.61 8.89
N GLY A 57 11.81 4.64 9.81
CA GLY A 57 11.40 4.91 11.17
C GLY A 57 10.22 5.87 11.25
N VAL A 58 9.10 5.47 10.66
CA VAL A 58 7.90 6.30 10.66
C VAL A 58 6.76 5.61 11.39
N SER A 59 5.62 6.29 11.47
CA SER A 59 4.45 5.74 12.14
C SER A 59 3.21 5.85 11.26
N PRO A 60 2.17 5.06 11.59
CA PRO A 60 0.92 5.04 10.84
C PRO A 60 0.13 6.33 11.02
N ASP A 61 0.57 7.18 11.94
CA ASP A 61 -0.11 8.45 12.21
C ASP A 61 0.55 9.58 11.43
N GLU A 62 1.85 9.46 11.21
CA GLU A 62 2.60 10.48 10.48
C GLU A 62 2.67 10.13 8.99
N LEU A 63 2.66 8.83 8.69
CA LEU A 63 2.73 8.37 7.31
C LEU A 63 1.57 8.92 6.49
N LYS A 64 0.36 8.69 6.96
CA LYS A 64 -0.84 9.18 6.29
C LYS A 64 -0.73 10.67 5.97
N ASP A 65 0.03 11.39 6.79
CA ASP A 65 0.22 12.82 6.59
C ASP A 65 1.04 13.10 5.34
N GLU A 66 1.92 12.15 4.99
CA GLU A 66 2.77 12.29 3.82
C GLU A 66 2.10 11.69 2.59
N LEU A 67 0.82 11.35 2.73
CA LEU A 67 0.06 10.77 1.62
C LEU A 67 -1.07 11.70 1.18
N PRO A 68 -1.43 11.62 -0.10
CA PRO A 68 -2.50 12.45 -0.67
C PRO A 68 -3.88 12.05 -0.15
N GLU A 69 -4.67 13.05 0.24
CA GLU A 69 -6.01 12.80 0.76
C GLU A 69 -7.06 13.13 -0.29
N ARG A 70 -6.63 13.20 -1.55
CA ARG A 70 -7.55 13.51 -2.64
C ARG A 70 -7.43 12.48 -3.77
N GLN A 71 -6.23 11.93 -3.92
CA GLN A 71 -5.98 10.93 -4.95
C GLN A 71 -5.41 9.65 -4.35
N PRO A 72 -5.74 8.50 -4.97
CA PRO A 72 -5.28 7.20 -4.52
C PRO A 72 -3.79 7.00 -4.73
N ARG A 73 -3.08 6.59 -3.68
CA ARG A 73 -1.65 6.36 -3.76
C ARG A 73 -1.27 5.02 -3.14
N PHE A 74 -0.12 4.49 -3.54
CA PHE A 74 0.35 3.20 -3.01
C PHE A 74 1.37 3.42 -1.90
N ILE A 75 1.22 2.66 -0.83
CA ILE A 75 2.14 2.77 0.31
C ILE A 75 2.28 1.42 1.02
N VAL A 76 3.53 1.01 1.24
CA VAL A 76 3.81 -0.25 1.91
C VAL A 76 4.52 -0.02 3.24
N TYR A 77 3.74 -0.09 4.33
CA TYR A 77 4.29 0.11 5.66
C TYR A 77 4.68 -1.22 6.30
N SER A 78 5.75 -1.21 7.09
CA SER A 78 6.22 -2.42 7.76
C SER A 78 6.04 -2.31 9.27
N TYR A 79 4.93 -2.83 9.75
CA TYR A 79 4.63 -2.79 11.19
C TYR A 79 5.39 -3.88 11.93
N LYS A 80 5.36 -3.80 13.26
CA LYS A 80 6.05 -4.78 14.09
C LYS A 80 5.05 -5.63 14.87
N TYR A 81 5.19 -6.95 14.76
CA TYR A 81 4.29 -7.87 15.45
C TYR A 81 5.05 -8.70 16.48
N GLN A 82 5.00 -8.27 17.73
CA GLN A 82 5.69 -8.96 18.81
C GLN A 82 4.85 -10.14 19.32
N HIS A 83 5.51 -11.27 19.56
CA HIS A 83 4.83 -12.46 20.05
C HIS A 83 5.09 -12.67 21.53
N ASP A 84 4.07 -13.12 22.25
CA ASP A 84 4.19 -13.35 23.69
C ASP A 84 5.52 -14.06 24.01
N ASP A 85 5.71 -15.24 23.43
CA ASP A 85 6.93 -16.01 23.65
C ASP A 85 8.16 -15.10 23.62
N GLY A 86 8.18 -14.17 22.67
CA GLY A 86 9.30 -13.25 22.55
C GLY A 86 9.62 -12.91 21.12
N ARG A 87 9.41 -13.87 20.21
CA ARG A 87 9.68 -13.66 18.79
C ARG A 87 8.87 -12.49 18.25
N VAL A 88 9.48 -11.72 17.36
CA VAL A 88 8.80 -10.58 16.76
C VAL A 88 9.25 -10.37 15.32
N SER A 89 8.28 -10.18 14.43
CA SER A 89 8.57 -9.97 13.01
C SER A 89 7.84 -8.75 12.48
N TYR A 90 8.32 -8.23 11.35
CA TYR A 90 7.71 -7.06 10.74
C TYR A 90 6.99 -7.43 9.44
N PRO A 91 5.72 -7.81 9.55
CA PRO A 91 4.90 -8.21 8.40
C PRO A 91 4.56 -7.01 7.52
N LEU A 92 5.14 -6.98 6.32
CA LEU A 92 4.90 -5.91 5.37
C LEU A 92 3.57 -6.09 4.66
N CYS A 93 2.71 -5.08 4.74
CA CYS A 93 1.39 -5.13 4.12
C CYS A 93 1.22 -3.99 3.12
N PHE A 94 0.30 -4.16 2.18
CA PHE A 94 0.04 -3.14 1.17
C PHE A 94 -1.14 -2.28 1.56
N ILE A 95 -0.87 -1.02 1.88
CA ILE A 95 -1.91 -0.08 2.29
C ILE A 95 -2.29 0.84 1.13
N PHE A 96 -3.41 0.54 0.48
CA PHE A 96 -3.88 1.34 -0.64
C PHE A 96 -4.66 2.55 -0.15
N SER A 97 -3.97 3.67 0.00
CA SER A 97 -4.59 4.92 0.47
C SER A 97 -5.52 5.48 -0.59
N SER A 98 -6.80 5.14 -0.49
CA SER A 98 -7.81 5.61 -1.44
C SER A 98 -8.81 6.54 -0.76
N PRO A 99 -8.63 7.85 -0.96
CA PRO A 99 -9.51 8.86 -0.37
C PRO A 99 -10.91 8.86 -1.00
N VAL A 100 -11.91 8.60 -0.17
CA VAL A 100 -13.29 8.57 -0.64
C VAL A 100 -13.55 9.66 -1.67
N GLY A 101 -12.94 10.82 -1.46
CA GLY A 101 -13.11 11.93 -2.38
C GLY A 101 -12.28 11.77 -3.65
N CYS A 102 -12.01 10.53 -4.02
CA CYS A 102 -11.22 10.25 -5.21
C CYS A 102 -12.12 10.00 -6.42
N LYS A 103 -11.55 10.11 -7.61
CA LYS A 103 -12.30 9.89 -8.84
C LYS A 103 -12.13 8.46 -9.34
N PRO A 104 -13.12 7.99 -10.12
CA PRO A 104 -13.10 6.63 -10.68
C PRO A 104 -12.03 6.46 -11.75
N GLU A 105 -12.01 7.37 -12.72
CA GLU A 105 -11.04 7.33 -13.80
C GLU A 105 -9.67 6.92 -13.28
N GLN A 106 -9.38 7.30 -12.04
CA GLN A 106 -8.10 6.97 -11.42
C GLN A 106 -8.18 5.65 -10.66
N GLN A 107 -9.21 5.51 -9.82
CA GLN A 107 -9.40 4.30 -9.04
C GLN A 107 -9.12 3.06 -9.88
N MET A 108 -9.43 3.13 -11.16
CA MET A 108 -9.22 2.01 -12.07
C MET A 108 -7.73 1.79 -12.31
N MET A 109 -7.03 2.86 -12.72
CA MET A 109 -5.60 2.78 -13.00
C MET A 109 -4.85 2.25 -11.79
N TYR A 110 -5.19 2.76 -10.61
CA TYR A 110 -4.54 2.34 -9.37
C TYR A 110 -5.04 0.97 -8.94
N ALA A 111 -6.35 0.77 -9.00
CA ALA A 111 -6.96 -0.50 -8.62
C ALA A 111 -6.25 -1.67 -9.30
N GLY A 112 -6.44 -1.78 -10.61
CA GLY A 112 -5.82 -2.86 -11.35
C GLY A 112 -4.32 -2.93 -11.13
N SER A 113 -3.63 -1.82 -11.41
CA SER A 113 -2.18 -1.77 -11.23
C SER A 113 -1.77 -2.31 -9.86
N LYS A 114 -2.53 -1.93 -8.84
CA LYS A 114 -2.26 -2.37 -7.48
C LYS A 114 -2.03 -3.88 -7.42
N ASN A 115 -3.05 -4.63 -7.84
CA ASN A 115 -2.95 -6.09 -7.85
C ASN A 115 -1.54 -6.55 -8.17
N LYS A 116 -1.09 -6.26 -9.39
CA LYS A 116 0.24 -6.65 -9.83
C LYS A 116 1.27 -6.34 -8.75
N LEU A 117 1.23 -5.12 -8.21
CA LEU A 117 2.16 -4.70 -7.17
C LEU A 117 2.20 -5.73 -6.04
N VAL A 118 1.03 -6.09 -5.54
CA VAL A 118 0.93 -7.07 -4.46
C VAL A 118 1.68 -8.35 -4.80
N GLN A 119 1.93 -8.56 -6.09
CA GLN A 119 2.64 -9.75 -6.55
C GLN A 119 4.13 -9.47 -6.70
N THR A 120 4.47 -8.24 -7.10
CA THR A 120 5.85 -7.85 -7.28
C THR A 120 6.59 -7.81 -5.94
N ALA A 121 5.94 -7.23 -4.93
CA ALA A 121 6.54 -7.12 -3.61
C ALA A 121 6.30 -8.40 -2.80
N GLU A 122 5.57 -9.34 -3.40
CA GLU A 122 5.27 -10.61 -2.73
C GLU A 122 4.58 -10.36 -1.39
N LEU A 123 3.55 -9.52 -1.41
CA LEU A 123 2.79 -9.20 -0.20
C LEU A 123 1.51 -10.01 -0.13
N THR A 124 1.26 -10.61 1.03
CA THR A 124 0.05 -11.42 1.23
C THR A 124 -1.08 -10.57 1.80
N LYS A 125 -0.78 -9.77 2.81
CA LYS A 125 -1.77 -8.91 3.44
C LYS A 125 -1.95 -7.62 2.65
N VAL A 126 -3.19 -7.36 2.24
CA VAL A 126 -3.49 -6.15 1.48
C VAL A 126 -4.70 -5.42 2.06
N PHE A 127 -4.44 -4.27 2.68
CA PHE A 127 -5.50 -3.48 3.28
C PHE A 127 -5.68 -2.15 2.55
N GLU A 128 -6.91 -1.65 2.52
CA GLU A 128 -7.21 -0.39 1.85
C GLU A 128 -7.99 0.53 2.76
N ILE A 129 -7.54 1.78 2.87
CA ILE A 129 -8.20 2.76 3.72
C ILE A 129 -8.99 3.77 2.88
N ARG A 130 -10.22 4.04 3.30
CA ARG A 130 -11.07 4.98 2.59
C ARG A 130 -10.55 6.40 2.72
N ASN A 131 -9.87 6.68 3.83
CA ASN A 131 -9.31 8.01 4.07
C ASN A 131 -7.98 7.91 4.82
N THR A 132 -7.02 8.73 4.41
CA THR A 132 -5.70 8.73 5.03
C THR A 132 -5.81 8.75 6.56
N GLU A 133 -6.82 9.46 7.06
CA GLU A 133 -7.04 9.56 8.49
C GLU A 133 -7.18 8.16 9.12
N ASP A 134 -7.81 7.25 8.38
CA ASP A 134 -8.00 5.89 8.87
C ASP A 134 -6.67 5.25 9.25
N LEU A 135 -5.65 5.47 8.43
CA LEU A 135 -4.33 4.92 8.67
C LEU A 135 -3.85 5.26 10.09
N THR A 136 -4.06 4.34 11.01
CA THR A 136 -3.65 4.55 12.39
C THR A 136 -3.12 3.26 13.01
N GLU A 137 -2.36 3.39 14.10
CA GLU A 137 -1.79 2.23 14.78
C GLU A 137 -2.87 1.18 15.05
N GLU A 138 -3.93 1.60 15.74
CA GLU A 138 -5.02 0.69 16.07
C GLU A 138 -5.57 0.02 14.81
N TRP A 139 -5.68 0.79 13.74
CA TRP A 139 -6.19 0.28 12.48
C TRP A 139 -5.30 -0.84 11.94
N LEU A 140 -3.99 -0.64 12.04
CA LEU A 140 -3.04 -1.64 11.57
C LEU A 140 -3.30 -3.00 12.20
N ARG A 141 -3.03 -3.11 13.51
CA ARG A 141 -3.25 -4.35 14.23
C ARG A 141 -4.60 -4.96 13.87
N GLU A 142 -5.56 -4.10 13.54
CA GLU A 142 -6.90 -4.56 13.17
C GLU A 142 -6.86 -5.41 11.91
N LYS A 143 -6.13 -4.94 10.90
CA LYS A 143 -6.01 -5.66 9.64
C LYS A 143 -5.18 -6.93 9.81
N LEU A 144 -4.10 -6.82 10.57
CA LEU A 144 -3.23 -7.96 10.83
C LEU A 144 -3.94 -9.04 11.63
N GLY A 145 -4.78 -8.61 12.58
CA GLY A 145 -5.51 -9.54 13.41
C GLY A 145 -7.00 -9.48 13.17
N SER A 146 -7.42 -9.80 11.95
CA SER A 146 -8.84 -9.77 11.60
C SER A 146 -9.33 -11.17 11.23
N GLY A 147 -9.68 -11.96 12.23
CA GLY A 147 -10.16 -13.31 11.99
C GLY A 147 -9.14 -14.17 11.29
N PRO A 148 -9.04 -15.45 11.70
CA PRO A 148 -8.10 -16.40 11.12
C PRO A 148 -8.47 -16.79 9.69
N SER A 149 -7.91 -16.07 8.72
CA SER A 149 -8.18 -16.33 7.32
C SER A 149 -7.70 -17.72 6.92
N SER A 150 -8.63 -18.55 6.45
CA SER A 150 -8.31 -19.91 6.04
C SER A 150 -8.48 -20.09 4.54
N GLY A 151 -7.51 -20.73 3.90
CA GLY A 151 -7.58 -20.96 2.48
C GLY A 151 -6.22 -20.83 1.80
N GLY A 1 -35.96 6.16 -8.72
CA GLY A 1 -35.63 7.43 -8.10
C GLY A 1 -34.24 7.92 -8.49
N SER A 2 -33.22 7.16 -8.10
CA SER A 2 -31.84 7.53 -8.40
C SER A 2 -31.43 7.01 -9.78
N SER A 3 -30.33 7.53 -10.29
CA SER A 3 -29.83 7.13 -11.60
C SER A 3 -28.31 6.98 -11.58
N GLY A 4 -27.75 6.48 -12.69
CA GLY A 4 -26.32 6.29 -12.78
C GLY A 4 -25.83 6.29 -14.22
N SER A 5 -26.30 5.33 -15.00
CA SER A 5 -25.91 5.21 -16.40
C SER A 5 -24.40 5.01 -16.51
N SER A 6 -23.85 4.16 -15.66
CA SER A 6 -22.42 3.88 -15.66
C SER A 6 -22.15 2.41 -15.95
N GLY A 7 -21.26 2.15 -16.90
CA GLY A 7 -20.93 0.79 -17.26
C GLY A 7 -19.72 0.71 -18.18
N SER A 8 -18.57 0.34 -17.60
CA SER A 8 -17.33 0.23 -18.37
C SER A 8 -16.33 -0.65 -17.65
N GLU A 9 -16.04 -1.81 -18.23
CA GLU A 9 -15.10 -2.75 -17.63
C GLU A 9 -13.71 -2.58 -18.25
N SER A 10 -13.32 -1.33 -18.47
CA SER A 10 -12.01 -1.02 -19.04
C SER A 10 -11.01 -0.64 -17.96
N LEU A 11 -10.36 -1.64 -17.38
CA LEU A 11 -9.38 -1.42 -16.32
C LEU A 11 -8.02 -1.03 -16.92
N VAL A 12 -7.34 -0.10 -16.28
CA VAL A 12 -6.03 0.34 -16.74
C VAL A 12 -4.93 -0.16 -15.81
N VAL A 13 -4.28 -1.25 -16.21
CA VAL A 13 -3.20 -1.83 -15.42
C VAL A 13 -1.83 -1.44 -15.99
N CYS A 14 -0.96 -0.95 -15.11
CA CYS A 14 0.38 -0.54 -15.51
C CYS A 14 1.42 -1.54 -15.05
N ASP A 15 2.69 -1.21 -15.27
CA ASP A 15 3.79 -2.09 -14.87
C ASP A 15 4.61 -1.46 -13.76
N VAL A 16 5.55 -2.23 -13.22
CA VAL A 16 6.41 -1.75 -12.15
C VAL A 16 7.83 -1.48 -12.65
N ALA A 17 8.35 -0.30 -12.33
CA ALA A 17 9.69 0.07 -12.74
C ALA A 17 10.75 -0.69 -11.95
N GLU A 18 11.78 -1.17 -12.65
CA GLU A 18 12.85 -1.92 -12.01
C GLU A 18 13.39 -1.17 -10.80
N ASP A 19 13.66 0.13 -10.98
CA ASP A 19 14.18 0.96 -9.91
C ASP A 19 13.29 0.88 -8.68
N LEU A 20 12.03 0.50 -8.89
CA LEU A 20 11.07 0.39 -7.79
C LEU A 20 11.07 -1.02 -7.21
N VAL A 21 10.88 -2.01 -8.08
CA VAL A 21 10.86 -3.41 -7.64
C VAL A 21 12.00 -3.70 -6.67
N GLU A 22 13.22 -3.40 -7.10
CA GLU A 22 14.39 -3.63 -6.27
C GLU A 22 14.15 -3.18 -4.84
N LYS A 23 13.51 -2.02 -4.70
CA LYS A 23 13.20 -1.47 -3.38
C LYS A 23 12.27 -2.39 -2.61
N LEU A 24 11.19 -2.81 -3.26
CA LEU A 24 10.22 -3.70 -2.63
C LEU A 24 10.89 -4.97 -2.11
N ARG A 25 11.77 -5.55 -2.92
CA ARG A 25 12.49 -6.76 -2.56
C ARG A 25 13.25 -6.56 -1.24
N LYS A 26 13.97 -5.46 -1.15
CA LYS A 26 14.75 -5.15 0.05
C LYS A 26 13.83 -4.96 1.25
N PHE A 27 12.68 -4.36 1.03
CA PHE A 27 11.71 -4.11 2.10
C PHE A 27 11.47 -5.38 2.89
N ARG A 28 11.18 -6.48 2.19
CA ARG A 28 10.93 -7.76 2.84
C ARG A 28 12.18 -8.29 3.52
N PHE A 29 13.31 -8.23 2.81
CA PHE A 29 14.58 -8.69 3.35
C PHE A 29 15.37 -7.55 3.97
N ARG A 30 14.65 -6.55 4.49
CA ARG A 30 15.29 -5.40 5.10
C ARG A 30 15.97 -5.77 6.42
N LYS A 31 17.27 -5.51 6.50
CA LYS A 31 18.04 -5.84 7.70
C LYS A 31 17.99 -4.68 8.69
N GLU A 32 16.82 -4.04 8.79
CA GLU A 32 16.64 -2.93 9.71
C GLU A 32 15.62 -3.27 10.78
N THR A 33 15.76 -2.64 11.95
CA THR A 33 14.84 -2.88 13.05
C THR A 33 13.69 -1.88 13.04
N HIS A 34 14.00 -0.62 12.75
CA HIS A 34 12.99 0.43 12.70
C HIS A 34 11.96 0.14 11.60
N ASN A 35 10.93 0.98 11.54
CA ASN A 35 9.88 0.82 10.55
C ASN A 35 10.31 1.39 9.20
N ALA A 36 9.43 1.28 8.21
CA ALA A 36 9.71 1.79 6.87
C ALA A 36 8.42 1.90 6.05
N ALA A 37 8.48 2.72 5.00
CA ALA A 37 7.33 2.90 4.12
C ALA A 37 7.76 3.33 2.73
N ILE A 38 7.38 2.54 1.73
CA ILE A 38 7.72 2.84 0.35
C ILE A 38 6.49 3.25 -0.45
N ILE A 39 6.48 4.51 -0.89
CA ILE A 39 5.36 5.03 -1.67
C ILE A 39 5.62 4.87 -3.17
N MET A 40 4.55 4.60 -3.92
CA MET A 40 4.66 4.42 -5.36
C MET A 40 3.51 5.13 -6.08
N LYS A 41 3.79 5.63 -7.27
CA LYS A 41 2.78 6.33 -8.06
C LYS A 41 2.93 6.01 -9.54
N ILE A 42 1.95 6.42 -10.34
CA ILE A 42 1.97 6.17 -11.78
C ILE A 42 2.13 7.48 -12.56
N ASP A 43 2.99 7.46 -13.57
CA ASP A 43 3.23 8.65 -14.39
C ASP A 43 1.93 9.10 -15.05
N LYS A 44 2.03 10.18 -15.84
CA LYS A 44 0.86 10.72 -16.53
C LYS A 44 0.81 10.21 -17.97
N ASP A 45 1.94 9.76 -18.47
CA ASP A 45 2.01 9.24 -19.85
C ASP A 45 2.71 7.88 -19.87
N GLU A 46 3.93 7.83 -19.34
CA GLU A 46 4.70 6.59 -19.31
C GLU A 46 3.84 5.44 -18.77
N ARG A 47 2.94 5.76 -17.86
CA ARG A 47 2.07 4.76 -17.27
C ARG A 47 2.89 3.63 -16.64
N LEU A 48 3.81 3.98 -15.76
CA LEU A 48 4.66 3.00 -15.09
C LEU A 48 4.85 3.35 -13.62
N VAL A 49 4.67 2.36 -12.75
CA VAL A 49 4.83 2.56 -11.32
C VAL A 49 6.29 2.76 -10.96
N VAL A 50 6.62 3.93 -10.44
CA VAL A 50 7.99 4.23 -10.04
C VAL A 50 8.05 4.69 -8.59
N LEU A 51 9.21 4.50 -7.96
CA LEU A 51 9.40 4.89 -6.58
C LEU A 51 9.15 6.39 -6.38
N ASP A 52 8.34 6.73 -5.39
CA ASP A 52 8.02 8.12 -5.10
C ASP A 52 8.89 8.65 -3.97
N GLU A 53 9.06 7.85 -2.92
CA GLU A 53 9.86 8.24 -1.78
C GLU A 53 10.00 7.09 -0.79
N GLU A 54 11.07 7.11 -0.01
CA GLU A 54 11.33 6.07 0.98
C GLU A 54 11.33 6.64 2.39
N LEU A 55 10.42 6.14 3.23
CA LEU A 55 10.32 6.59 4.60
C LEU A 55 10.93 5.59 5.57
N GLU A 56 11.90 6.05 6.36
CA GLU A 56 12.57 5.20 7.32
C GLU A 56 12.15 5.52 8.74
N GLY A 57 12.16 4.52 9.62
CA GLY A 57 11.76 4.73 11.00
C GLY A 57 10.59 5.67 11.12
N VAL A 58 9.47 5.30 10.50
CA VAL A 58 8.26 6.12 10.56
C VAL A 58 7.13 5.38 11.27
N SER A 59 6.07 6.12 11.59
CA SER A 59 4.92 5.54 12.28
C SER A 59 3.69 5.51 11.37
N PRO A 60 2.70 4.68 11.74
CA PRO A 60 1.47 4.53 10.96
C PRO A 60 0.59 5.77 11.04
N ASP A 61 0.85 6.62 12.02
CA ASP A 61 0.09 7.85 12.20
C ASP A 61 0.78 9.03 11.54
N GLU A 62 2.07 8.86 11.26
CA GLU A 62 2.85 9.92 10.62
C GLU A 62 2.96 9.69 9.12
N LEU A 63 2.85 8.42 8.70
CA LEU A 63 2.94 8.07 7.29
C LEU A 63 1.76 8.65 6.52
N LYS A 64 0.55 8.33 6.96
CA LYS A 64 -0.67 8.83 6.32
C LYS A 64 -0.54 10.31 6.00
N ASP A 65 0.17 11.04 6.86
CA ASP A 65 0.36 12.47 6.66
C ASP A 65 1.14 12.74 5.39
N GLU A 66 2.13 11.90 5.11
CA GLU A 66 2.95 12.06 3.91
C GLU A 66 2.25 11.45 2.69
N LEU A 67 0.96 11.18 2.83
CA LEU A 67 0.18 10.61 1.74
C LEU A 67 -0.95 11.54 1.33
N PRO A 68 -1.37 11.46 0.06
CA PRO A 68 -2.46 12.28 -0.48
C PRO A 68 -3.82 11.89 0.09
N GLU A 69 -4.59 12.89 0.49
CA GLU A 69 -5.92 12.65 1.06
C GLU A 69 -7.01 12.97 0.04
N ARG A 70 -6.63 12.98 -1.24
CA ARG A 70 -7.58 13.27 -2.32
C ARG A 70 -7.43 12.27 -3.46
N GLN A 71 -6.19 11.84 -3.70
CA GLN A 71 -5.92 10.89 -4.76
C GLN A 71 -5.34 9.59 -4.20
N PRO A 72 -5.65 8.47 -4.86
CA PRO A 72 -5.18 7.14 -4.45
C PRO A 72 -3.67 6.97 -4.67
N ARG A 73 -2.98 6.48 -3.65
CA ARG A 73 -1.54 6.27 -3.72
C ARG A 73 -1.16 4.92 -3.15
N PHE A 74 0.00 4.41 -3.56
CA PHE A 74 0.48 3.11 -3.08
C PHE A 74 1.53 3.30 -1.98
N ILE A 75 1.38 2.54 -0.90
CA ILE A 75 2.30 2.61 0.22
C ILE A 75 2.45 1.26 0.90
N VAL A 76 3.70 0.85 1.13
CA VAL A 76 3.97 -0.42 1.78
C VAL A 76 4.60 -0.22 3.15
N TYR A 77 3.78 -0.33 4.19
CA TYR A 77 4.25 -0.15 5.56
C TYR A 77 4.51 -1.50 6.22
N SER A 78 5.38 -1.49 7.23
CA SER A 78 5.73 -2.72 7.95
C SER A 78 5.51 -2.55 9.44
N TYR A 79 4.34 -2.96 9.92
CA TYR A 79 4.01 -2.85 11.33
C TYR A 79 4.95 -3.70 12.19
N LYS A 80 4.87 -3.53 13.51
CA LYS A 80 5.72 -4.28 14.43
C LYS A 80 4.86 -5.16 15.34
N TYR A 81 4.65 -6.40 14.91
CA TYR A 81 3.86 -7.35 15.69
C TYR A 81 4.71 -8.02 16.76
N GLN A 82 4.58 -7.54 18.00
CA GLN A 82 5.35 -8.10 19.11
C GLN A 82 4.60 -9.27 19.74
N HIS A 83 5.33 -10.32 20.09
CA HIS A 83 4.74 -11.50 20.72
C HIS A 83 5.07 -11.54 22.21
N ASP A 84 4.08 -11.92 23.01
CA ASP A 84 4.26 -12.01 24.46
C ASP A 84 5.55 -12.75 24.80
N ASP A 85 5.76 -13.90 24.15
CA ASP A 85 6.96 -14.70 24.39
C ASP A 85 8.19 -13.81 24.47
N GLY A 86 8.22 -12.75 23.67
CA GLY A 86 9.35 -11.84 23.66
C GLY A 86 9.80 -11.50 22.26
N ARG A 87 9.57 -12.40 21.33
CA ARG A 87 9.95 -12.18 19.94
C ARG A 87 8.98 -11.25 19.24
N VAL A 88 9.50 -10.42 18.34
CA VAL A 88 8.67 -9.47 17.59
C VAL A 88 9.10 -9.38 16.14
N SER A 89 8.14 -9.51 15.23
CA SER A 89 8.42 -9.45 13.80
C SER A 89 7.65 -8.31 13.15
N TYR A 90 8.08 -7.93 11.94
CA TYR A 90 7.43 -6.85 11.20
C TYR A 90 6.87 -7.36 9.88
N PRO A 91 5.59 -7.77 9.89
CA PRO A 91 4.91 -8.28 8.70
C PRO A 91 4.65 -7.19 7.67
N LEU A 92 5.10 -7.42 6.44
CA LEU A 92 4.92 -6.47 5.36
C LEU A 92 3.49 -6.51 4.83
N CYS A 93 2.83 -5.35 4.81
CA CYS A 93 1.46 -5.27 4.32
C CYS A 93 1.30 -4.12 3.33
N PHE A 94 0.41 -4.29 2.36
CA PHE A 94 0.17 -3.28 1.35
C PHE A 94 -1.07 -2.45 1.69
N ILE A 95 -0.86 -1.20 2.07
CA ILE A 95 -1.96 -0.30 2.42
C ILE A 95 -2.36 0.56 1.23
N PHE A 96 -3.46 0.17 0.58
CA PHE A 96 -3.95 0.91 -0.58
C PHE A 96 -4.69 2.16 -0.15
N SER A 97 -3.95 3.26 -0.02
CA SER A 97 -4.53 4.53 0.39
C SER A 97 -5.39 5.12 -0.72
N SER A 98 -6.71 4.99 -0.57
CA SER A 98 -7.64 5.51 -1.57
C SER A 98 -8.69 6.40 -0.92
N PRO A 99 -8.49 7.73 -1.05
CA PRO A 99 -9.40 8.72 -0.48
C PRO A 99 -10.75 8.75 -1.20
N VAL A 100 -11.81 8.40 -0.48
CA VAL A 100 -13.15 8.38 -1.05
C VAL A 100 -13.39 9.62 -1.90
N GLY A 101 -12.67 10.69 -1.60
CA GLY A 101 -12.83 11.93 -2.34
C GLY A 101 -12.11 11.89 -3.68
N CYS A 102 -11.75 10.70 -4.12
CA CYS A 102 -11.05 10.53 -5.39
C CYS A 102 -12.03 10.17 -6.51
N LYS A 103 -11.61 10.35 -7.75
CA LYS A 103 -12.45 10.04 -8.90
C LYS A 103 -12.27 8.59 -9.32
N PRO A 104 -13.30 8.05 -10.01
CA PRO A 104 -13.29 6.66 -10.47
C PRO A 104 -12.29 6.44 -11.61
N GLU A 105 -12.33 7.33 -12.60
CA GLU A 105 -11.43 7.23 -13.74
C GLU A 105 -10.00 6.90 -13.28
N GLN A 106 -9.67 7.32 -12.07
CA GLN A 106 -8.34 7.07 -11.52
C GLN A 106 -8.32 5.77 -10.72
N GLN A 107 -9.34 5.58 -9.89
CA GLN A 107 -9.44 4.37 -9.07
C GLN A 107 -9.13 3.12 -9.89
N MET A 108 -9.50 3.16 -11.17
CA MET A 108 -9.26 2.03 -12.06
C MET A 108 -7.78 1.92 -12.41
N MET A 109 -7.13 3.05 -12.57
CA MET A 109 -5.71 3.08 -12.90
C MET A 109 -4.88 2.48 -11.78
N TYR A 110 -5.19 2.86 -10.55
CA TYR A 110 -4.47 2.37 -9.38
C TYR A 110 -4.99 1.01 -8.96
N ALA A 111 -6.31 0.84 -9.00
CA ALA A 111 -6.93 -0.42 -8.62
C ALA A 111 -6.22 -1.60 -9.28
N GLY A 112 -6.38 -1.72 -10.59
CA GLY A 112 -5.75 -2.81 -11.32
C GLY A 112 -4.24 -2.85 -11.11
N SER A 113 -3.57 -1.74 -11.42
CA SER A 113 -2.13 -1.65 -11.27
C SER A 113 -1.69 -2.20 -9.91
N LYS A 114 -2.49 -1.94 -8.89
CA LYS A 114 -2.19 -2.42 -7.54
C LYS A 114 -1.91 -3.91 -7.53
N ASN A 115 -2.88 -4.69 -8.02
CA ASN A 115 -2.73 -6.14 -8.07
C ASN A 115 -1.29 -6.54 -8.36
N LYS A 116 -0.80 -6.15 -9.54
CA LYS A 116 0.57 -6.47 -9.94
C LYS A 116 1.54 -6.18 -8.81
N LEU A 117 1.44 -4.98 -8.23
CA LEU A 117 2.32 -4.60 -7.13
C LEU A 117 2.35 -5.67 -6.05
N VAL A 118 1.18 -6.03 -5.55
CA VAL A 118 1.08 -7.05 -4.51
C VAL A 118 1.88 -8.29 -4.88
N GLN A 119 2.16 -8.45 -6.16
CA GLN A 119 2.91 -9.59 -6.66
C GLN A 119 4.39 -9.25 -6.79
N THR A 120 4.68 -8.00 -7.14
CA THR A 120 6.05 -7.55 -7.32
C THR A 120 6.76 -7.42 -5.97
N ALA A 121 6.02 -6.97 -4.96
CA ALA A 121 6.59 -6.81 -3.63
C ALA A 121 6.44 -8.09 -2.81
N GLU A 122 5.74 -9.07 -3.38
CA GLU A 122 5.53 -10.34 -2.70
C GLU A 122 4.82 -10.14 -1.37
N LEU A 123 3.69 -9.46 -1.41
CA LEU A 123 2.91 -9.20 -0.20
C LEU A 123 1.66 -10.08 -0.15
N THR A 124 1.37 -10.61 1.03
CA THR A 124 0.20 -11.47 1.21
C THR A 124 -0.96 -10.69 1.82
N LYS A 125 -0.65 -9.74 2.70
CA LYS A 125 -1.67 -8.93 3.35
C LYS A 125 -1.90 -7.63 2.60
N VAL A 126 -3.12 -7.41 2.15
CA VAL A 126 -3.47 -6.21 1.41
C VAL A 126 -4.68 -5.52 2.02
N PHE A 127 -4.44 -4.38 2.68
CA PHE A 127 -5.51 -3.62 3.31
C PHE A 127 -5.72 -2.29 2.60
N GLU A 128 -6.95 -1.79 2.65
CA GLU A 128 -7.29 -0.52 2.01
C GLU A 128 -8.01 0.40 2.98
N ILE A 129 -7.70 1.69 2.92
CA ILE A 129 -8.31 2.68 3.80
C ILE A 129 -9.09 3.71 2.99
N ARG A 130 -10.31 4.02 3.44
CA ARG A 130 -11.15 4.99 2.76
C ARG A 130 -10.51 6.37 2.78
N ASN A 131 -9.77 6.66 3.85
CA ASN A 131 -9.11 7.95 4.00
C ASN A 131 -7.79 7.80 4.76
N THR A 132 -6.80 8.60 4.37
CA THR A 132 -5.49 8.56 5.03
C THR A 132 -5.63 8.62 6.54
N GLU A 133 -6.69 9.28 7.01
CA GLU A 133 -6.94 9.41 8.43
C GLU A 133 -7.07 8.04 9.10
N ASP A 134 -7.78 7.14 8.42
CA ASP A 134 -7.98 5.79 8.94
C ASP A 134 -6.66 5.12 9.26
N LEU A 135 -5.65 5.37 8.44
CA LEU A 135 -4.33 4.80 8.65
C LEU A 135 -3.78 5.16 10.02
N THR A 136 -4.00 4.29 10.99
CA THR A 136 -3.54 4.53 12.36
C THR A 136 -3.04 3.23 13.00
N GLU A 137 -2.32 3.36 14.10
CA GLU A 137 -1.78 2.21 14.81
C GLU A 137 -2.89 1.19 15.10
N GLU A 138 -3.91 1.62 15.83
CA GLU A 138 -5.02 0.75 16.19
C GLU A 138 -5.59 0.07 14.94
N TRP A 139 -5.70 0.83 13.86
CA TRP A 139 -6.23 0.30 12.60
C TRP A 139 -5.37 -0.86 12.10
N LEU A 140 -4.06 -0.70 12.19
CA LEU A 140 -3.13 -1.72 11.75
C LEU A 140 -3.41 -3.06 12.43
N ARG A 141 -3.30 -3.08 13.76
CA ARG A 141 -3.54 -4.29 14.53
C ARG A 141 -4.91 -4.88 14.19
N GLU A 142 -5.79 -4.04 13.66
CA GLU A 142 -7.13 -4.48 13.30
C GLU A 142 -7.10 -5.36 12.04
N LYS A 143 -6.31 -4.93 11.06
CA LYS A 143 -6.19 -5.67 9.81
C LYS A 143 -5.43 -6.97 10.03
N LEU A 144 -4.37 -6.91 10.82
CA LEU A 144 -3.56 -8.08 11.11
C LEU A 144 -4.31 -9.06 12.00
N GLY A 145 -5.08 -8.52 12.95
CA GLY A 145 -5.84 -9.35 13.86
C GLY A 145 -6.77 -10.30 13.13
N SER A 146 -7.65 -9.75 12.31
CA SER A 146 -8.61 -10.55 11.55
C SER A 146 -8.82 -9.98 10.16
N GLY A 147 -8.39 -10.72 9.14
CA GLY A 147 -8.54 -10.26 7.78
C GLY A 147 -9.04 -11.37 6.85
N PRO A 148 -8.38 -11.53 5.71
CA PRO A 148 -8.74 -12.55 4.72
C PRO A 148 -8.45 -13.96 5.20
N SER A 149 -7.98 -14.07 6.44
CA SER A 149 -7.66 -15.37 7.02
C SER A 149 -8.93 -16.07 7.51
N SER A 150 -8.95 -17.39 7.39
CA SER A 150 -10.10 -18.19 7.82
C SER A 150 -10.28 -18.11 9.33
N GLY A 151 -11.53 -18.07 9.77
CA GLY A 151 -11.82 -18.00 11.19
C GLY A 151 -11.49 -16.65 11.78
N GLY A 1 -18.83 2.52 3.68
CA GLY A 1 -18.27 2.30 2.35
C GLY A 1 -19.22 1.55 1.44
N SER A 2 -20.19 2.28 0.88
CA SER A 2 -21.17 1.69 -0.02
C SER A 2 -21.04 2.28 -1.43
N SER A 3 -20.37 1.53 -2.31
CA SER A 3 -20.18 1.98 -3.68
C SER A 3 -20.12 0.79 -4.64
N GLY A 4 -21.01 0.78 -5.63
CA GLY A 4 -21.04 -0.30 -6.59
C GLY A 4 -21.29 0.19 -8.00
N SER A 5 -20.61 -0.43 -8.97
CA SER A 5 -20.75 -0.04 -10.36
C SER A 5 -20.86 -1.27 -11.26
N SER A 6 -21.24 -1.06 -12.51
CA SER A 6 -21.38 -2.16 -13.47
C SER A 6 -21.56 -1.62 -14.89
N GLY A 7 -20.81 -2.20 -15.82
CA GLY A 7 -20.90 -1.76 -17.21
C GLY A 7 -19.90 -2.46 -18.10
N SER A 8 -18.88 -1.73 -18.54
CA SER A 8 -17.85 -2.30 -19.41
C SER A 8 -16.63 -2.72 -18.59
N GLU A 9 -16.36 -4.03 -18.60
CA GLU A 9 -15.22 -4.57 -17.87
C GLU A 9 -13.90 -4.08 -18.46
N SER A 10 -13.51 -2.87 -18.09
CA SER A 10 -12.28 -2.28 -18.59
C SER A 10 -11.43 -1.73 -17.44
N LEU A 11 -10.23 -2.27 -17.28
CA LEU A 11 -9.33 -1.83 -16.22
C LEU A 11 -8.03 -1.27 -16.80
N VAL A 12 -7.25 -0.61 -15.97
CA VAL A 12 -5.98 -0.02 -16.39
C VAL A 12 -4.82 -0.52 -15.54
N VAL A 13 -4.13 -1.54 -16.03
CA VAL A 13 -3.00 -2.12 -15.31
C VAL A 13 -1.67 -1.68 -15.94
N CYS A 14 -0.64 -1.60 -15.12
CA CYS A 14 0.68 -1.20 -15.58
C CYS A 14 1.76 -2.11 -15.02
N ASP A 15 3.01 -1.83 -15.37
CA ASP A 15 4.14 -2.63 -14.90
C ASP A 15 4.85 -1.94 -13.73
N VAL A 16 5.79 -2.65 -13.12
CA VAL A 16 6.53 -2.10 -11.99
C VAL A 16 7.94 -1.67 -12.42
N ALA A 17 8.22 -0.39 -12.25
CA ALA A 17 9.53 0.15 -12.62
C ALA A 17 10.66 -0.57 -11.89
N GLU A 18 11.60 -1.12 -12.66
CA GLU A 18 12.72 -1.84 -12.09
C GLU A 18 13.41 -1.02 -11.01
N ASP A 19 13.48 0.28 -11.22
CA ASP A 19 14.11 1.19 -10.27
C ASP A 19 13.41 1.12 -8.91
N LEU A 20 12.09 0.93 -8.93
CA LEU A 20 11.32 0.85 -7.70
C LEU A 20 11.36 -0.57 -7.13
N VAL A 21 11.01 -1.56 -7.96
CA VAL A 21 11.01 -2.94 -7.54
C VAL A 21 12.21 -3.25 -6.65
N GLU A 22 13.39 -2.86 -7.11
CA GLU A 22 14.62 -3.09 -6.36
C GLU A 22 14.42 -2.77 -4.87
N LYS A 23 13.75 -1.65 -4.61
CA LYS A 23 13.49 -1.23 -3.24
C LYS A 23 12.54 -2.19 -2.54
N LEU A 24 11.41 -2.48 -3.18
CA LEU A 24 10.43 -3.38 -2.63
C LEU A 24 11.06 -4.72 -2.24
N ARG A 25 11.88 -5.25 -3.15
CA ARG A 25 12.55 -6.52 -2.90
C ARG A 25 13.30 -6.50 -1.58
N LYS A 26 14.06 -5.43 -1.35
CA LYS A 26 14.84 -5.28 -0.13
C LYS A 26 13.91 -5.16 1.08
N PHE A 27 12.85 -4.39 0.93
CA PHE A 27 11.89 -4.19 2.02
C PHE A 27 11.64 -5.49 2.76
N ARG A 28 11.26 -6.53 2.04
CA ARG A 28 10.99 -7.83 2.62
C ARG A 28 12.22 -8.37 3.36
N PHE A 29 13.37 -8.32 2.69
CA PHE A 29 14.62 -8.79 3.27
C PHE A 29 15.43 -7.63 3.84
N ARG A 30 14.73 -6.65 4.41
CA ARG A 30 15.39 -5.48 4.98
C ARG A 30 16.09 -5.84 6.29
N LYS A 31 17.38 -5.56 6.36
CA LYS A 31 18.16 -5.86 7.56
C LYS A 31 18.07 -4.71 8.56
N GLU A 32 16.88 -4.11 8.66
CA GLU A 32 16.67 -3.00 9.59
C GLU A 32 15.59 -3.35 10.61
N THR A 33 15.72 -2.78 11.80
CA THR A 33 14.76 -3.03 12.88
C THR A 33 13.62 -2.01 12.85
N HIS A 34 13.98 -0.74 12.68
CA HIS A 34 13.00 0.33 12.63
C HIS A 34 11.93 0.04 11.58
N ASN A 35 10.93 0.92 11.49
CA ASN A 35 9.85 0.76 10.53
C ASN A 35 10.23 1.35 9.18
N ALA A 36 9.36 1.16 8.19
CA ALA A 36 9.61 1.67 6.85
C ALA A 36 8.31 1.77 6.05
N ALA A 37 8.30 2.65 5.06
CA ALA A 37 7.12 2.85 4.22
C ALA A 37 7.51 3.34 2.83
N ILE A 38 7.24 2.52 1.82
CA ILE A 38 7.56 2.88 0.44
C ILE A 38 6.30 3.28 -0.33
N ILE A 39 6.33 4.47 -0.92
CA ILE A 39 5.21 4.98 -1.68
C ILE A 39 5.46 4.87 -3.18
N MET A 40 4.40 4.65 -3.95
CA MET A 40 4.51 4.53 -5.40
C MET A 40 3.38 5.27 -6.09
N LYS A 41 3.63 5.70 -7.32
CA LYS A 41 2.62 6.42 -8.10
C LYS A 41 2.77 6.13 -9.58
N ILE A 42 1.74 6.47 -10.35
CA ILE A 42 1.78 6.25 -11.80
C ILE A 42 1.63 7.55 -12.56
N ASP A 43 2.46 7.74 -13.58
CA ASP A 43 2.43 8.95 -14.39
C ASP A 43 1.39 8.83 -15.50
N LYS A 44 1.35 9.83 -16.38
CA LYS A 44 0.41 9.84 -17.49
C LYS A 44 1.09 9.47 -18.79
N ASP A 45 2.42 9.41 -18.76
CA ASP A 45 3.20 9.06 -19.94
C ASP A 45 4.06 7.82 -19.69
N GLU A 46 4.73 7.80 -18.54
CA GLU A 46 5.59 6.68 -18.18
C GLU A 46 4.77 5.40 -18.04
N ARG A 47 3.47 5.55 -17.94
CA ARG A 47 2.57 4.41 -17.81
C ARG A 47 3.27 3.26 -17.08
N LEU A 48 4.05 3.60 -16.07
CA LEU A 48 4.77 2.60 -15.29
C LEU A 48 4.93 3.06 -13.83
N VAL A 49 4.77 2.11 -12.91
CA VAL A 49 4.89 2.41 -11.49
C VAL A 49 6.34 2.74 -11.11
N VAL A 50 6.56 3.95 -10.63
CA VAL A 50 7.90 4.39 -10.24
C VAL A 50 7.94 4.76 -8.76
N LEU A 51 9.14 4.76 -8.19
CA LEU A 51 9.32 5.10 -6.79
C LEU A 51 9.03 6.58 -6.54
N ASP A 52 8.23 6.85 -5.52
CA ASP A 52 7.86 8.22 -5.18
C ASP A 52 8.70 8.73 -4.00
N GLU A 53 8.83 7.88 -2.97
CA GLU A 53 9.59 8.24 -1.79
C GLU A 53 9.77 7.05 -0.86
N GLU A 54 10.66 7.17 0.11
CA GLU A 54 10.92 6.09 1.06
C GLU A 54 10.83 6.61 2.49
N LEU A 55 10.09 5.87 3.33
CA LEU A 55 9.93 6.25 4.73
C LEU A 55 10.76 5.35 5.64
N GLU A 56 11.45 5.95 6.59
CA GLU A 56 12.28 5.20 7.54
C GLU A 56 11.81 5.42 8.97
N GLY A 57 11.87 4.37 9.78
CA GLY A 57 11.44 4.47 11.16
C GLY A 57 10.28 5.41 11.34
N VAL A 58 9.23 5.22 10.53
CA VAL A 58 8.04 6.07 10.61
C VAL A 58 6.91 5.34 11.31
N SER A 59 5.78 6.03 11.46
CA SER A 59 4.61 5.45 12.11
C SER A 59 3.37 5.58 11.23
N PRO A 60 2.34 4.77 11.54
CA PRO A 60 1.08 4.78 10.79
C PRO A 60 0.28 6.05 11.00
N ASP A 61 0.73 6.88 11.94
CA ASP A 61 0.06 8.14 12.24
C ASP A 61 0.70 9.29 11.48
N GLU A 62 1.97 9.14 11.16
CA GLU A 62 2.70 10.18 10.43
C GLU A 62 2.75 9.87 8.94
N LEU A 63 2.76 8.57 8.61
CA LEU A 63 2.82 8.13 7.23
C LEU A 63 1.62 8.67 6.44
N LYS A 64 0.42 8.44 6.96
CA LYS A 64 -0.79 8.91 6.31
C LYS A 64 -0.67 10.38 5.94
N ASP A 65 0.20 11.10 6.63
CA ASP A 65 0.40 12.52 6.38
C ASP A 65 1.19 12.73 5.09
N GLU A 66 2.11 11.80 4.81
CA GLU A 66 2.93 11.88 3.61
C GLU A 66 2.20 11.31 2.40
N LEU A 67 0.89 11.10 2.55
CA LEU A 67 0.08 10.56 1.47
C LEU A 67 -1.07 11.51 1.12
N PRO A 68 -1.50 11.46 -0.15
CA PRO A 68 -2.60 12.31 -0.64
C PRO A 68 -3.94 11.91 -0.06
N GLU A 69 -4.79 12.90 0.19
CA GLU A 69 -6.11 12.65 0.75
C GLU A 69 -7.20 12.93 -0.27
N ARG A 70 -6.79 13.15 -1.52
CA ARG A 70 -7.73 13.44 -2.60
C ARG A 70 -7.61 12.40 -3.70
N GLN A 71 -6.44 11.79 -3.82
CA GLN A 71 -6.20 10.78 -4.84
C GLN A 71 -5.58 9.52 -4.24
N PRO A 72 -5.84 8.37 -4.87
CA PRO A 72 -5.31 7.08 -4.41
C PRO A 72 -3.80 6.97 -4.59
N ARG A 73 -3.14 6.34 -3.62
CA ARG A 73 -1.70 6.17 -3.67
C ARG A 73 -1.28 4.82 -3.08
N PHE A 74 -0.12 4.34 -3.49
CA PHE A 74 0.39 3.06 -3.00
C PHE A 74 1.38 3.26 -1.87
N ILE A 75 1.28 2.42 -0.84
CA ILE A 75 2.17 2.50 0.31
C ILE A 75 2.41 1.13 0.92
N VAL A 76 3.68 0.80 1.16
CA VAL A 76 4.05 -0.48 1.75
C VAL A 76 4.66 -0.30 3.14
N TYR A 77 3.84 -0.51 4.16
CA TYR A 77 4.30 -0.36 5.55
C TYR A 77 4.58 -1.73 6.17
N SER A 78 5.40 -1.73 7.22
CA SER A 78 5.75 -2.97 7.90
C SER A 78 5.60 -2.81 9.42
N TYR A 79 4.44 -3.21 9.93
CA TYR A 79 4.17 -3.11 11.35
C TYR A 79 5.04 -4.08 12.14
N LYS A 80 5.03 -3.94 13.46
CA LYS A 80 5.82 -4.80 14.34
C LYS A 80 4.91 -5.64 15.24
N TYR A 81 4.71 -6.89 14.86
CA TYR A 81 3.86 -7.80 15.63
C TYR A 81 4.68 -8.52 16.71
N GLN A 82 4.59 -8.01 17.93
CA GLN A 82 5.31 -8.61 19.05
C GLN A 82 4.49 -9.71 19.70
N HIS A 83 5.13 -10.85 19.97
CA HIS A 83 4.46 -11.97 20.60
C HIS A 83 4.81 -12.06 22.07
N ASP A 84 3.80 -12.25 22.91
CA ASP A 84 4.00 -12.35 24.35
C ASP A 84 5.25 -13.15 24.66
N ASP A 85 5.37 -14.33 24.06
CA ASP A 85 6.51 -15.20 24.27
C ASP A 85 7.81 -14.40 24.23
N GLY A 86 7.93 -13.54 23.22
CA GLY A 86 9.13 -12.73 23.09
C GLY A 86 9.49 -12.47 21.63
N ARG A 87 9.25 -13.47 20.78
CA ARG A 87 9.56 -13.35 19.36
C ARG A 87 8.68 -12.29 18.70
N VAL A 88 9.26 -11.51 17.81
CA VAL A 88 8.53 -10.46 17.11
C VAL A 88 9.00 -10.33 15.67
N SER A 89 8.03 -10.20 14.75
CA SER A 89 8.34 -10.07 13.33
C SER A 89 7.55 -8.93 12.70
N TYR A 90 8.10 -8.35 11.64
CA TYR A 90 7.45 -7.24 10.95
C TYR A 90 6.85 -7.71 9.63
N PRO A 91 5.55 -8.07 9.67
CA PRO A 91 4.82 -8.54 8.48
C PRO A 91 4.59 -7.43 7.46
N LEU A 92 5.05 -7.65 6.24
CA LEU A 92 4.90 -6.67 5.18
C LEU A 92 3.48 -6.69 4.62
N CYS A 93 2.81 -5.54 4.66
CA CYS A 93 1.44 -5.43 4.17
C CYS A 93 1.32 -4.27 3.18
N PHE A 94 0.36 -4.37 2.28
CA PHE A 94 0.12 -3.33 1.28
C PHE A 94 -1.07 -2.46 1.65
N ILE A 95 -0.79 -1.22 2.04
CA ILE A 95 -1.84 -0.28 2.43
C ILE A 95 -2.28 0.56 1.24
N PHE A 96 -3.41 0.20 0.65
CA PHE A 96 -3.95 0.93 -0.49
C PHE A 96 -4.73 2.16 -0.04
N SER A 97 -4.04 3.29 0.03
CA SER A 97 -4.66 4.54 0.45
C SER A 97 -5.48 5.15 -0.69
N SER A 98 -6.80 5.00 -0.60
CA SER A 98 -7.70 5.53 -1.61
C SER A 98 -8.72 6.48 -1.00
N PRO A 99 -8.47 7.79 -1.15
CA PRO A 99 -9.35 8.84 -0.61
C PRO A 99 -10.69 8.90 -1.35
N VAL A 100 -11.77 8.59 -0.65
CA VAL A 100 -13.10 8.62 -1.23
C VAL A 100 -13.30 9.86 -2.10
N GLY A 101 -12.56 10.92 -1.77
CA GLY A 101 -12.66 12.16 -2.53
C GLY A 101 -11.89 12.10 -3.84
N CYS A 102 -11.65 10.90 -4.33
CA CYS A 102 -10.92 10.72 -5.58
C CYS A 102 -11.86 10.33 -6.71
N LYS A 103 -11.40 10.50 -7.94
CA LYS A 103 -12.20 10.16 -9.12
C LYS A 103 -12.06 8.69 -9.47
N PRO A 104 -13.06 8.15 -10.19
CA PRO A 104 -13.07 6.75 -10.61
C PRO A 104 -12.01 6.46 -11.67
N GLU A 105 -11.91 7.33 -12.66
CA GLU A 105 -10.95 7.17 -13.74
C GLU A 105 -9.56 6.84 -13.19
N GLN A 106 -9.31 7.26 -11.95
CA GLN A 106 -8.04 7.00 -11.30
C GLN A 106 -8.09 5.72 -10.47
N GLN A 107 -9.20 5.54 -9.76
CA GLN A 107 -9.37 4.36 -8.92
C GLN A 107 -9.00 3.08 -9.69
N MET A 108 -9.33 3.06 -10.97
CA MET A 108 -9.03 1.89 -11.81
C MET A 108 -7.54 1.83 -12.12
N MET A 109 -6.96 2.98 -12.45
CA MET A 109 -5.53 3.04 -12.78
C MET A 109 -4.69 2.50 -11.63
N TYR A 110 -5.16 2.71 -10.41
CA TYR A 110 -4.44 2.25 -9.23
C TYR A 110 -4.95 0.88 -8.79
N ALA A 111 -6.26 0.67 -8.91
CA ALA A 111 -6.88 -0.59 -8.53
C ALA A 111 -6.18 -1.77 -9.23
N GLY A 112 -6.37 -1.88 -10.53
CA GLY A 112 -5.76 -2.95 -11.29
C GLY A 112 -4.25 -3.02 -11.09
N SER A 113 -3.58 -1.88 -11.27
CA SER A 113 -2.13 -1.82 -11.11
C SER A 113 -1.71 -2.35 -9.75
N LYS A 114 -2.47 -2.00 -8.72
CA LYS A 114 -2.18 -2.43 -7.36
C LYS A 114 -1.91 -3.94 -7.32
N ASN A 115 -2.90 -4.72 -7.72
CA ASN A 115 -2.77 -6.17 -7.72
C ASN A 115 -1.35 -6.58 -8.05
N LYS A 116 -0.87 -6.17 -9.22
CA LYS A 116 0.49 -6.49 -9.65
C LYS A 116 1.50 -6.20 -8.55
N LEU A 117 1.47 -4.96 -8.05
CA LEU A 117 2.39 -4.55 -7.00
C LEU A 117 2.40 -5.57 -5.86
N VAL A 118 1.23 -5.86 -5.31
CA VAL A 118 1.11 -6.83 -4.22
C VAL A 118 1.93 -8.08 -4.51
N GLN A 119 2.12 -8.38 -5.79
CA GLN A 119 2.88 -9.55 -6.19
C GLN A 119 4.36 -9.22 -6.33
N THR A 120 4.65 -8.03 -6.85
CA THR A 120 6.03 -7.59 -7.02
C THR A 120 6.73 -7.42 -5.68
N ALA A 121 6.06 -6.79 -4.74
CA ALA A 121 6.61 -6.56 -3.41
C ALA A 121 6.46 -7.79 -2.53
N GLU A 122 5.85 -8.84 -3.09
CA GLU A 122 5.64 -10.08 -2.36
C GLU A 122 4.87 -9.83 -1.06
N LEU A 123 3.77 -9.10 -1.18
CA LEU A 123 2.93 -8.80 -0.02
C LEU A 123 1.75 -9.75 0.07
N THR A 124 1.55 -10.33 1.24
CA THR A 124 0.45 -11.27 1.46
C THR A 124 -0.79 -10.54 1.97
N LYS A 125 -0.60 -9.68 2.96
CA LYS A 125 -1.71 -8.92 3.53
C LYS A 125 -1.91 -7.61 2.79
N VAL A 126 -3.15 -7.35 2.37
CA VAL A 126 -3.47 -6.13 1.65
C VAL A 126 -4.67 -5.43 2.28
N PHE A 127 -4.43 -4.26 2.86
CA PHE A 127 -5.50 -3.49 3.49
C PHE A 127 -5.69 -2.16 2.78
N GLU A 128 -6.95 -1.74 2.64
CA GLU A 128 -7.27 -0.49 1.99
C GLU A 128 -8.04 0.44 2.92
N ILE A 129 -7.71 1.73 2.87
CA ILE A 129 -8.36 2.73 3.71
C ILE A 129 -9.11 3.75 2.88
N ARG A 130 -10.33 4.07 3.30
CA ARG A 130 -11.15 5.05 2.59
C ARG A 130 -10.51 6.44 2.64
N ASN A 131 -9.81 6.72 3.73
CA ASN A 131 -9.15 8.02 3.90
C ASN A 131 -7.86 7.87 4.68
N THR A 132 -6.83 8.61 4.27
CA THR A 132 -5.53 8.56 4.95
C THR A 132 -5.70 8.60 6.46
N GLU A 133 -6.72 9.32 6.93
CA GLU A 133 -6.98 9.43 8.35
C GLU A 133 -7.11 8.05 9.00
N ASP A 134 -7.78 7.15 8.31
CA ASP A 134 -7.98 5.79 8.81
C ASP A 134 -6.64 5.15 9.18
N LEU A 135 -5.63 5.38 8.34
CA LEU A 135 -4.30 4.83 8.58
C LEU A 135 -3.77 5.24 9.95
N THR A 136 -4.07 4.43 10.95
CA THR A 136 -3.62 4.71 12.31
C THR A 136 -3.10 3.45 12.99
N GLU A 137 -2.36 3.62 14.09
CA GLU A 137 -1.80 2.50 14.83
C GLU A 137 -2.87 1.45 15.10
N GLU A 138 -3.94 1.86 15.77
CA GLU A 138 -5.02 0.94 16.10
C GLU A 138 -5.55 0.25 14.84
N TRP A 139 -5.86 1.05 13.83
CA TRP A 139 -6.38 0.52 12.57
C TRP A 139 -5.44 -0.54 12.00
N LEU A 140 -4.14 -0.27 12.08
CA LEU A 140 -3.13 -1.19 11.57
C LEU A 140 -3.31 -2.58 12.17
N ARG A 141 -3.12 -2.68 13.48
CA ARG A 141 -3.26 -3.95 14.18
C ARG A 141 -4.62 -4.58 13.91
N GLU A 142 -5.60 -3.73 13.61
CA GLU A 142 -6.96 -4.20 13.33
C GLU A 142 -6.98 -5.08 12.08
N LYS A 143 -6.25 -4.65 11.06
CA LYS A 143 -6.18 -5.40 9.81
C LYS A 143 -5.41 -6.70 9.99
N LEU A 144 -4.34 -6.64 10.78
CA LEU A 144 -3.52 -7.82 11.03
C LEU A 144 -4.24 -8.80 11.95
N GLY A 145 -5.04 -8.27 12.87
CA GLY A 145 -5.78 -9.12 13.79
C GLY A 145 -7.21 -9.35 13.34
N SER A 146 -7.38 -9.73 12.07
CA SER A 146 -8.70 -9.98 11.52
C SER A 146 -8.94 -11.47 11.33
N GLY A 147 -9.34 -12.14 12.40
CA GLY A 147 -9.60 -13.56 12.33
C GLY A 147 -8.58 -14.37 13.13
N PRO A 148 -9.05 -15.43 13.80
CA PRO A 148 -8.19 -16.30 14.61
C PRO A 148 -7.27 -17.16 13.74
N SER A 149 -6.07 -16.64 13.49
CA SER A 149 -5.09 -17.35 12.67
C SER A 149 -3.76 -17.47 13.41
N SER A 150 -3.04 -18.56 13.13
CA SER A 150 -1.75 -18.79 13.78
C SER A 150 -0.60 -18.58 12.78
N GLY A 151 0.51 -18.05 13.28
CA GLY A 151 1.66 -17.80 12.43
C GLY A 151 2.89 -17.39 13.22
N GLY A 1 -21.78 5.65 0.63
CA GLY A 1 -21.04 4.59 1.28
C GLY A 1 -20.68 3.48 0.32
N SER A 2 -21.59 2.53 0.13
CA SER A 2 -21.35 1.41 -0.78
C SER A 2 -21.70 1.78 -2.21
N SER A 3 -20.74 1.59 -3.11
CA SER A 3 -20.94 1.90 -4.52
C SER A 3 -21.44 0.69 -5.28
N GLY A 4 -20.73 -0.43 -5.14
CA GLY A 4 -21.12 -1.65 -5.83
C GLY A 4 -20.04 -2.15 -6.77
N SER A 5 -19.14 -2.97 -6.25
CA SER A 5 -18.05 -3.52 -7.05
C SER A 5 -18.53 -4.73 -7.86
N SER A 6 -18.06 -4.81 -9.10
CA SER A 6 -18.44 -5.92 -9.98
C SER A 6 -17.21 -6.72 -10.41
N GLY A 7 -16.25 -6.03 -11.01
CA GLY A 7 -15.03 -6.68 -11.45
C GLY A 7 -14.06 -5.72 -12.12
N SER A 8 -13.81 -5.95 -13.40
CA SER A 8 -12.88 -5.11 -14.16
C SER A 8 -13.62 -4.38 -15.28
N GLU A 9 -13.38 -3.08 -15.39
CA GLU A 9 -14.01 -2.27 -16.42
C GLU A 9 -13.15 -1.05 -16.76
N SER A 10 -12.52 -1.09 -17.94
CA SER A 10 -11.67 0.01 -18.37
C SER A 10 -10.47 0.17 -17.45
N LEU A 11 -9.86 -0.94 -17.07
CA LEU A 11 -8.70 -0.92 -16.18
C LEU A 11 -7.41 -0.71 -16.97
N VAL A 12 -6.40 -0.15 -16.32
CA VAL A 12 -5.11 0.10 -16.95
C VAL A 12 -3.98 -0.48 -16.13
N VAL A 13 -3.56 -1.70 -16.48
CA VAL A 13 -2.48 -2.37 -15.78
C VAL A 13 -1.12 -1.89 -16.28
N CYS A 14 -0.18 -1.67 -15.36
CA CYS A 14 1.15 -1.21 -15.70
C CYS A 14 2.22 -2.09 -15.05
N ASP A 15 3.46 -1.92 -15.47
CA ASP A 15 4.56 -2.69 -14.92
C ASP A 15 5.27 -1.92 -13.81
N VAL A 16 6.07 -2.63 -13.02
CA VAL A 16 6.79 -2.01 -11.91
C VAL A 16 8.22 -1.67 -12.33
N ALA A 17 8.56 -0.39 -12.20
CA ALA A 17 9.90 0.09 -12.56
C ALA A 17 10.97 -0.64 -11.75
N GLU A 18 12.01 -1.09 -12.43
CA GLU A 18 13.10 -1.80 -11.78
C GLU A 18 13.59 -1.04 -10.55
N ASP A 19 13.77 0.27 -10.70
CA ASP A 19 14.24 1.12 -9.61
C ASP A 19 13.29 1.02 -8.41
N LEU A 20 12.04 0.65 -8.68
CA LEU A 20 11.04 0.51 -7.63
C LEU A 20 11.10 -0.87 -6.98
N VAL A 21 10.99 -1.89 -7.81
CA VAL A 21 11.04 -3.27 -7.32
C VAL A 21 12.18 -3.47 -6.33
N GLU A 22 13.40 -3.22 -6.79
CA GLU A 22 14.57 -3.38 -5.95
C GLU A 22 14.28 -2.91 -4.51
N LYS A 23 13.52 -1.83 -4.40
CA LYS A 23 13.16 -1.28 -3.10
C LYS A 23 12.22 -2.21 -2.36
N LEU A 24 11.24 -2.75 -3.08
CA LEU A 24 10.25 -3.66 -2.49
C LEU A 24 10.93 -4.92 -1.98
N ARG A 25 11.70 -5.57 -2.85
CA ARG A 25 12.40 -6.79 -2.49
C ARG A 25 13.13 -6.62 -1.15
N LYS A 26 13.91 -5.55 -1.04
CA LYS A 26 14.66 -5.29 0.18
C LYS A 26 13.72 -5.07 1.36
N PHE A 27 12.59 -4.43 1.10
CA PHE A 27 11.60 -4.17 2.14
C PHE A 27 11.30 -5.44 2.94
N ARG A 28 10.90 -6.49 2.23
CA ARG A 28 10.59 -7.77 2.87
C ARG A 28 11.81 -8.36 3.55
N PHE A 29 12.95 -8.31 2.86
CA PHE A 29 14.20 -8.84 3.40
C PHE A 29 15.02 -7.74 4.06
N ARG A 30 14.33 -6.73 4.59
CA ARG A 30 14.99 -5.62 5.25
C ARG A 30 15.70 -6.07 6.53
N LYS A 31 16.99 -5.79 6.62
CA LYS A 31 17.78 -6.17 7.79
C LYS A 31 17.82 -5.04 8.80
N GLU A 32 16.69 -4.39 9.02
CA GLU A 32 16.60 -3.29 9.97
C GLU A 32 15.65 -3.63 11.12
N THR A 33 15.52 -2.71 12.06
CA THR A 33 14.64 -2.91 13.21
C THR A 33 13.51 -1.89 13.22
N HIS A 34 13.81 -0.67 12.78
CA HIS A 34 12.81 0.39 12.74
C HIS A 34 11.77 0.12 11.64
N ASN A 35 10.77 0.99 11.55
CA ASN A 35 9.72 0.84 10.55
C ASN A 35 10.14 1.47 9.23
N ALA A 36 9.28 1.35 8.23
CA ALA A 36 9.56 1.91 6.91
C ALA A 36 8.29 2.06 6.09
N ALA A 37 8.34 2.88 5.05
CA ALA A 37 7.19 3.11 4.19
C ALA A 37 7.62 3.46 2.76
N ILE A 38 7.19 2.65 1.81
CA ILE A 38 7.54 2.87 0.41
C ILE A 38 6.32 3.28 -0.40
N ILE A 39 6.34 4.51 -0.90
CA ILE A 39 5.24 5.04 -1.70
C ILE A 39 5.48 4.84 -3.18
N MET A 40 4.41 4.60 -3.93
CA MET A 40 4.52 4.39 -5.37
C MET A 40 3.35 5.06 -6.10
N LYS A 41 3.54 5.32 -7.39
CA LYS A 41 2.51 5.96 -8.20
C LYS A 41 2.72 5.66 -9.69
N ILE A 42 1.74 6.02 -10.50
CA ILE A 42 1.82 5.79 -11.93
C ILE A 42 1.95 7.10 -12.70
N ASP A 43 2.86 7.14 -13.67
CA ASP A 43 3.08 8.34 -14.47
C ASP A 43 2.20 8.32 -15.72
N LYS A 44 2.29 9.39 -16.50
CA LYS A 44 1.50 9.51 -17.72
C LYS A 44 2.31 9.11 -18.94
N ASP A 45 3.46 9.77 -19.13
CA ASP A 45 4.33 9.48 -20.26
C ASP A 45 5.06 8.16 -20.05
N GLU A 46 5.32 7.82 -18.80
CA GLU A 46 6.01 6.58 -18.47
C GLU A 46 5.02 5.45 -18.18
N ARG A 47 3.77 5.83 -17.91
CA ARG A 47 2.73 4.87 -17.61
C ARG A 47 3.30 3.64 -16.92
N LEU A 48 4.19 3.86 -15.96
CA LEU A 48 4.82 2.77 -15.23
C LEU A 48 4.96 3.13 -13.75
N VAL A 49 4.71 2.15 -12.89
CA VAL A 49 4.81 2.36 -11.45
C VAL A 49 6.26 2.58 -11.02
N VAL A 50 6.54 3.77 -10.52
CA VAL A 50 7.89 4.12 -10.09
C VAL A 50 7.89 4.55 -8.62
N LEU A 51 9.06 4.50 -8.00
CA LEU A 51 9.20 4.89 -6.59
C LEU A 51 8.92 6.37 -6.41
N ASP A 52 8.01 6.68 -5.49
CA ASP A 52 7.66 8.07 -5.21
C ASP A 52 8.52 8.65 -4.10
N GLU A 53 8.67 7.89 -3.02
CA GLU A 53 9.48 8.33 -1.88
C GLU A 53 9.64 7.20 -0.86
N GLU A 54 10.82 7.15 -0.24
CA GLU A 54 11.11 6.12 0.75
C GLU A 54 11.24 6.73 2.14
N LEU A 55 10.43 6.22 3.07
CA LEU A 55 10.45 6.71 4.45
C LEU A 55 10.97 5.65 5.40
N GLU A 56 11.78 6.07 6.36
CA GLU A 56 12.36 5.14 7.34
C GLU A 56 12.00 5.57 8.76
N GLY A 57 11.90 4.59 9.66
CA GLY A 57 11.57 4.89 11.04
C GLY A 57 10.37 5.79 11.16
N VAL A 58 9.30 5.45 10.45
CA VAL A 58 8.07 6.24 10.48
C VAL A 58 6.96 5.50 11.21
N SER A 59 5.81 6.16 11.37
CA SER A 59 4.68 5.57 12.05
C SER A 59 3.43 5.60 11.17
N PRO A 60 2.44 4.75 11.51
CA PRO A 60 1.19 4.67 10.76
C PRO A 60 0.32 5.92 10.92
N ASP A 61 0.64 6.72 11.93
CA ASP A 61 -0.10 7.94 12.20
C ASP A 61 0.56 9.15 11.53
N GLU A 62 1.86 9.05 11.31
CA GLU A 62 2.62 10.13 10.69
C GLU A 62 2.80 9.87 9.19
N LEU A 63 2.73 8.60 8.81
CA LEU A 63 2.89 8.22 7.40
C LEU A 63 1.73 8.74 6.57
N LYS A 64 0.50 8.45 7.01
CA LYS A 64 -0.69 8.89 6.32
C LYS A 64 -0.61 10.38 5.96
N ASP A 65 0.13 11.12 6.78
CA ASP A 65 0.30 12.55 6.56
C ASP A 65 1.05 12.83 5.26
N GLU A 66 2.02 11.95 4.95
CA GLU A 66 2.82 12.10 3.74
C GLU A 66 2.10 11.48 2.54
N LEU A 67 0.81 11.20 2.71
CA LEU A 67 0.01 10.61 1.64
C LEU A 67 -1.12 11.54 1.23
N PRO A 68 -1.52 11.46 -0.06
CA PRO A 68 -2.60 12.28 -0.61
C PRO A 68 -3.96 11.89 -0.05
N GLU A 69 -4.70 12.87 0.46
CA GLU A 69 -6.03 12.63 1.01
C GLU A 69 -7.11 12.88 -0.02
N ARG A 70 -6.69 13.12 -1.27
CA ARG A 70 -7.62 13.40 -2.35
C ARG A 70 -7.43 12.40 -3.50
N GLN A 71 -6.18 12.00 -3.71
CA GLN A 71 -5.85 11.05 -4.77
C GLN A 71 -5.31 9.74 -4.19
N PRO A 72 -5.67 8.62 -4.83
CA PRO A 72 -5.23 7.29 -4.40
C PRO A 72 -3.75 7.06 -4.63
N ARG A 73 -3.03 6.68 -3.59
CA ARG A 73 -1.60 6.42 -3.68
C ARG A 73 -1.24 5.07 -3.10
N PHE A 74 -0.10 4.53 -3.51
CA PHE A 74 0.35 3.22 -3.03
C PHE A 74 1.37 3.39 -1.91
N ILE A 75 1.27 2.53 -0.89
CA ILE A 75 2.18 2.59 0.24
C ILE A 75 2.40 1.19 0.84
N VAL A 76 3.61 0.96 1.33
CA VAL A 76 3.95 -0.34 1.92
C VAL A 76 4.61 -0.15 3.28
N TYR A 77 3.83 -0.33 4.35
CA TYR A 77 4.35 -0.19 5.70
C TYR A 77 4.61 -1.55 6.33
N SER A 78 5.53 -1.57 7.29
CA SER A 78 5.88 -2.81 7.97
C SER A 78 5.75 -2.67 9.49
N TYR A 79 4.60 -3.05 10.02
CA TYR A 79 4.35 -2.96 11.45
C TYR A 79 5.25 -3.91 12.23
N LYS A 80 5.25 -3.76 13.55
CA LYS A 80 6.06 -4.63 14.41
C LYS A 80 5.18 -5.47 15.32
N TYR A 81 4.97 -6.72 14.93
CA TYR A 81 4.15 -7.64 15.71
C TYR A 81 4.99 -8.38 16.74
N GLN A 82 4.91 -7.95 17.99
CA GLN A 82 5.67 -8.58 19.07
C GLN A 82 4.90 -9.76 19.66
N HIS A 83 5.60 -10.87 19.88
CA HIS A 83 4.98 -12.06 20.44
C HIS A 83 5.33 -12.22 21.92
N ASP A 84 4.33 -12.52 22.73
CA ASP A 84 4.53 -12.70 24.16
C ASP A 84 5.84 -13.43 24.44
N ASP A 85 5.98 -14.61 23.84
CA ASP A 85 7.19 -15.41 24.02
C ASP A 85 8.44 -14.53 24.04
N GLY A 86 8.45 -13.52 23.18
CA GLY A 86 9.58 -12.61 23.12
C GLY A 86 9.97 -12.27 21.69
N ARG A 87 9.75 -13.20 20.77
CA ARG A 87 10.07 -12.99 19.37
C ARG A 87 9.13 -11.96 18.74
N VAL A 88 9.65 -11.20 17.79
CA VAL A 88 8.86 -10.17 17.11
C VAL A 88 9.25 -10.06 15.65
N SER A 89 8.26 -10.08 14.76
CA SER A 89 8.50 -9.98 13.33
C SER A 89 7.69 -8.84 12.72
N TYR A 90 8.22 -8.25 11.66
CA TYR A 90 7.54 -7.15 10.98
C TYR A 90 6.91 -7.62 9.67
N PRO A 91 5.63 -8.00 9.73
CA PRO A 91 4.89 -8.47 8.56
C PRO A 91 4.61 -7.36 7.56
N LEU A 92 5.08 -7.52 6.34
CA LEU A 92 4.87 -6.52 5.29
C LEU A 92 3.46 -6.62 4.72
N CYS A 93 2.74 -5.49 4.77
CA CYS A 93 1.38 -5.45 4.26
C CYS A 93 1.21 -4.32 3.25
N PHE A 94 0.18 -4.43 2.41
CA PHE A 94 -0.08 -3.41 1.39
C PHE A 94 -1.29 -2.56 1.78
N ILE A 95 -1.06 -1.27 1.97
CA ILE A 95 -2.13 -0.35 2.33
C ILE A 95 -2.49 0.56 1.17
N PHE A 96 -3.60 0.23 0.50
CA PHE A 96 -4.06 1.02 -0.64
C PHE A 96 -4.77 2.30 -0.17
N SER A 97 -4.00 3.37 -0.04
CA SER A 97 -4.54 4.65 0.40
C SER A 97 -5.44 5.25 -0.67
N SER A 98 -6.76 5.12 -0.48
CA SER A 98 -7.73 5.65 -1.43
C SER A 98 -8.76 6.53 -0.73
N PRO A 99 -8.59 7.85 -0.84
CA PRO A 99 -9.50 8.82 -0.22
C PRO A 99 -10.87 8.83 -0.88
N VAL A 100 -11.91 8.71 -0.07
CA VAL A 100 -13.29 8.70 -0.58
C VAL A 100 -13.52 9.87 -1.54
N GLY A 101 -12.83 10.98 -1.28
CA GLY A 101 -12.99 12.16 -2.12
C GLY A 101 -12.19 12.05 -3.41
N CYS A 102 -11.95 10.81 -3.86
CA CYS A 102 -11.19 10.58 -5.08
C CYS A 102 -12.12 10.24 -6.24
N LYS A 103 -11.63 10.44 -7.47
CA LYS A 103 -12.42 10.17 -8.66
C LYS A 103 -12.28 8.71 -9.07
N PRO A 104 -13.28 8.20 -9.80
CA PRO A 104 -13.29 6.81 -10.28
C PRO A 104 -12.25 6.57 -11.37
N GLU A 105 -12.26 7.43 -12.39
CA GLU A 105 -11.32 7.30 -13.49
C GLU A 105 -9.93 6.95 -12.99
N GLN A 106 -9.61 7.40 -11.78
CA GLN A 106 -8.31 7.12 -11.18
C GLN A 106 -8.32 5.80 -10.42
N GLN A 107 -9.31 5.65 -9.54
CA GLN A 107 -9.44 4.43 -8.74
C GLN A 107 -9.22 3.19 -9.59
N MET A 108 -9.60 3.27 -10.86
CA MET A 108 -9.43 2.15 -11.77
C MET A 108 -8.04 2.15 -12.38
N MET A 109 -7.44 3.33 -12.47
CA MET A 109 -6.10 3.46 -13.03
C MET A 109 -5.06 2.84 -12.10
N TYR A 110 -5.21 3.07 -10.81
CA TYR A 110 -4.29 2.53 -9.81
C TYR A 110 -4.66 1.09 -9.45
N ALA A 111 -5.94 0.87 -9.16
CA ALA A 111 -6.42 -0.45 -8.80
C ALA A 111 -5.74 -1.53 -9.63
N GLY A 112 -6.06 -1.58 -10.92
CA GLY A 112 -5.48 -2.57 -11.80
C GLY A 112 -3.97 -2.70 -11.61
N SER A 113 -3.30 -1.56 -11.55
CA SER A 113 -1.85 -1.55 -11.36
C SER A 113 -1.46 -2.05 -9.98
N LYS A 114 -2.38 -1.90 -9.03
CA LYS A 114 -2.15 -2.35 -7.66
C LYS A 114 -1.87 -3.84 -7.61
N ASN A 115 -2.82 -4.63 -8.09
CA ASN A 115 -2.68 -6.08 -8.11
C ASN A 115 -1.23 -6.49 -8.37
N LYS A 116 -0.73 -6.15 -9.54
CA LYS A 116 0.64 -6.46 -9.92
C LYS A 116 1.60 -6.20 -8.75
N LEU A 117 1.50 -5.01 -8.17
CA LEU A 117 2.35 -4.64 -7.04
C LEU A 117 2.34 -5.72 -5.97
N VAL A 118 1.14 -6.13 -5.56
CA VAL A 118 0.99 -7.15 -4.54
C VAL A 118 1.73 -8.43 -4.92
N GLN A 119 2.02 -8.56 -6.22
CA GLN A 119 2.73 -9.74 -6.72
C GLN A 119 4.24 -9.48 -6.77
N THR A 120 4.61 -8.24 -7.06
CA THR A 120 6.02 -7.87 -7.15
C THR A 120 6.67 -7.87 -5.77
N ALA A 121 6.06 -7.15 -4.83
CA ALA A 121 6.57 -7.05 -3.48
C ALA A 121 6.32 -8.34 -2.71
N GLU A 122 5.59 -9.26 -3.32
CA GLU A 122 5.27 -10.54 -2.69
C GLU A 122 4.54 -10.34 -1.37
N LEU A 123 3.46 -9.56 -1.41
CA LEU A 123 2.67 -9.29 -0.21
C LEU A 123 1.50 -10.26 -0.09
N THR A 124 1.17 -10.63 1.14
CA THR A 124 0.07 -11.56 1.38
C THR A 124 -1.14 -10.82 1.96
N LYS A 125 -0.88 -9.80 2.77
CA LYS A 125 -1.94 -9.01 3.38
C LYS A 125 -2.11 -7.67 2.67
N VAL A 126 -3.29 -7.46 2.10
CA VAL A 126 -3.58 -6.21 1.38
C VAL A 126 -4.80 -5.53 1.97
N PHE A 127 -4.58 -4.39 2.63
CA PHE A 127 -5.68 -3.64 3.23
C PHE A 127 -5.87 -2.30 2.52
N GLU A 128 -7.08 -1.76 2.59
CA GLU A 128 -7.40 -0.50 1.95
C GLU A 128 -8.11 0.44 2.93
N ILE A 129 -7.81 1.72 2.84
CA ILE A 129 -8.41 2.72 3.71
C ILE A 129 -9.22 3.74 2.90
N ARG A 130 -10.39 4.09 3.42
CA ARG A 130 -11.27 5.05 2.75
C ARG A 130 -10.67 6.45 2.80
N ASN A 131 -9.85 6.70 3.82
CA ASN A 131 -9.22 8.00 3.99
C ASN A 131 -7.91 7.88 4.76
N THR A 132 -6.87 8.55 4.25
CA THR A 132 -5.56 8.50 4.90
C THR A 132 -5.68 8.57 6.41
N GLU A 133 -6.73 9.24 6.88
CA GLU A 133 -6.96 9.37 8.32
C GLU A 133 -7.09 8.01 8.98
N ASP A 134 -7.87 7.12 8.35
CA ASP A 134 -8.08 5.78 8.88
C ASP A 134 -6.74 5.10 9.18
N LEU A 135 -5.75 5.35 8.34
CA LEU A 135 -4.43 4.76 8.51
C LEU A 135 -3.80 5.20 9.83
N THR A 136 -4.10 4.45 10.89
CA THR A 136 -3.57 4.76 12.21
C THR A 136 -2.97 3.52 12.87
N GLU A 137 -2.41 3.70 14.06
CA GLU A 137 -1.80 2.60 14.80
C GLU A 137 -2.81 1.48 15.03
N GLU A 138 -3.85 1.78 15.78
CA GLU A 138 -4.89 0.79 16.08
C GLU A 138 -5.40 0.13 14.81
N TRP A 139 -5.87 0.94 13.87
CA TRP A 139 -6.39 0.43 12.60
C TRP A 139 -5.42 -0.58 11.99
N LEU A 140 -4.13 -0.36 12.20
CA LEU A 140 -3.10 -1.24 11.67
C LEU A 140 -3.21 -2.63 12.28
N ARG A 141 -3.03 -2.70 13.60
CA ARG A 141 -3.12 -3.97 14.32
C ARG A 141 -4.47 -4.63 14.10
N GLU A 142 -5.45 -3.84 13.66
CA GLU A 142 -6.79 -4.36 13.42
C GLU A 142 -6.81 -5.26 12.19
N LYS A 143 -6.09 -4.85 11.15
CA LYS A 143 -6.03 -5.63 9.91
C LYS A 143 -5.24 -6.92 10.13
N LEU A 144 -4.17 -6.83 10.91
CA LEU A 144 -3.33 -7.99 11.18
C LEU A 144 -4.02 -8.94 12.15
N GLY A 145 -4.84 -8.38 13.05
CA GLY A 145 -5.54 -9.20 14.01
C GLY A 145 -6.68 -10.00 13.38
N SER A 146 -7.50 -9.33 12.59
CA SER A 146 -8.63 -9.98 11.93
C SER A 146 -8.97 -9.27 10.62
N GLY A 147 -8.66 -9.92 9.51
CA GLY A 147 -8.95 -9.34 8.21
C GLY A 147 -10.25 -9.85 7.61
N PRO A 148 -10.28 -9.97 6.28
CA PRO A 148 -11.47 -10.45 5.56
C PRO A 148 -11.72 -11.94 5.79
N SER A 149 -12.89 -12.40 5.38
CA SER A 149 -13.26 -13.80 5.55
C SER A 149 -13.09 -14.57 4.24
N SER A 150 -12.34 -15.66 4.30
CA SER A 150 -12.09 -16.48 3.12
C SER A 150 -13.41 -17.01 2.54
N GLY A 151 -13.45 -17.16 1.22
CA GLY A 151 -14.64 -17.64 0.56
C GLY A 151 -14.38 -18.88 -0.28
N GLY A 1 -16.39 21.25 -11.16
CA GLY A 1 -16.91 21.02 -12.49
C GLY A 1 -18.08 20.05 -12.48
N SER A 2 -18.15 19.20 -13.51
CA SER A 2 -19.22 18.22 -13.63
C SER A 2 -18.66 16.80 -13.66
N SER A 3 -19.53 15.83 -13.43
CA SER A 3 -19.12 14.42 -13.43
C SER A 3 -18.70 13.98 -14.84
N GLY A 4 -18.07 12.82 -14.91
CA GLY A 4 -17.62 12.30 -16.20
C GLY A 4 -18.59 11.29 -16.78
N SER A 5 -18.55 11.13 -18.10
CA SER A 5 -19.43 10.20 -18.78
C SER A 5 -18.63 9.05 -19.40
N SER A 6 -18.82 7.84 -18.87
CA SER A 6 -18.12 6.67 -19.36
C SER A 6 -19.04 5.79 -20.20
N GLY A 7 -18.47 5.10 -21.18
CA GLY A 7 -19.26 4.24 -22.03
C GLY A 7 -18.83 2.78 -21.94
N SER A 8 -17.52 2.55 -21.99
CA SER A 8 -16.98 1.20 -21.92
C SER A 8 -16.31 0.95 -20.57
N GLU A 9 -16.09 -0.32 -20.25
CA GLU A 9 -15.47 -0.69 -18.99
C GLU A 9 -14.06 -1.24 -19.23
N SER A 10 -13.06 -0.37 -19.10
CA SER A 10 -11.67 -0.76 -19.31
C SER A 10 -10.82 -0.37 -18.10
N LEU A 11 -9.83 -1.21 -17.79
CA LEU A 11 -8.94 -0.94 -16.67
C LEU A 11 -7.55 -0.54 -17.16
N VAL A 12 -6.90 0.36 -16.44
CA VAL A 12 -5.57 0.82 -16.79
C VAL A 12 -4.51 0.29 -15.81
N VAL A 13 -3.77 -0.72 -16.25
CA VAL A 13 -2.73 -1.31 -15.41
C VAL A 13 -1.34 -0.85 -15.85
N CYS A 14 -0.44 -0.72 -14.89
CA CYS A 14 0.93 -0.30 -15.18
C CYS A 14 1.94 -1.27 -14.57
N ASP A 15 3.11 -1.34 -15.19
CA ASP A 15 4.16 -2.22 -14.71
C ASP A 15 5.04 -1.53 -13.66
N VAL A 16 5.74 -2.32 -12.87
CA VAL A 16 6.61 -1.79 -11.83
C VAL A 16 8.04 -1.61 -12.34
N ALA A 17 8.52 -0.37 -12.32
CA ALA A 17 9.87 -0.07 -12.78
C ALA A 17 10.91 -0.79 -11.94
N GLU A 18 11.97 -1.27 -12.60
CA GLU A 18 13.03 -1.99 -11.90
C GLU A 18 13.59 -1.15 -10.74
N ASP A 19 13.85 0.12 -11.02
CA ASP A 19 14.38 1.03 -10.00
C ASP A 19 13.55 0.97 -8.73
N LEU A 20 12.25 0.71 -8.89
CA LEU A 20 11.34 0.63 -7.76
C LEU A 20 11.36 -0.77 -7.14
N VAL A 21 11.15 -1.78 -7.97
CA VAL A 21 11.15 -3.16 -7.52
C VAL A 21 12.32 -3.43 -6.58
N GLU A 22 13.52 -3.09 -7.03
CA GLU A 22 14.72 -3.29 -6.23
C GLU A 22 14.48 -2.91 -4.78
N LYS A 23 13.83 -1.76 -4.57
CA LYS A 23 13.53 -1.28 -3.23
C LYS A 23 12.57 -2.22 -2.51
N LEU A 24 11.43 -2.50 -3.14
CA LEU A 24 10.43 -3.38 -2.57
C LEU A 24 11.06 -4.70 -2.12
N ARG A 25 11.90 -5.28 -2.98
CA ARG A 25 12.57 -6.53 -2.67
C ARG A 25 13.29 -6.46 -1.33
N LYS A 26 14.01 -5.37 -1.11
CA LYS A 26 14.75 -5.18 0.12
C LYS A 26 13.80 -5.05 1.31
N PHE A 27 12.71 -4.31 1.11
CA PHE A 27 11.72 -4.12 2.16
C PHE A 27 11.44 -5.43 2.90
N ARG A 28 11.19 -6.49 2.14
CA ARG A 28 10.91 -7.80 2.72
C ARG A 28 12.13 -8.33 3.47
N PHE A 29 13.28 -8.30 2.81
CA PHE A 29 14.52 -8.79 3.41
C PHE A 29 15.32 -7.63 4.01
N ARG A 30 14.61 -6.67 4.59
CA ARG A 30 15.24 -5.51 5.20
C ARG A 30 15.88 -5.89 6.53
N LYS A 31 17.18 -5.60 6.67
CA LYS A 31 17.90 -5.89 7.89
C LYS A 31 17.83 -4.73 8.88
N GLU A 32 16.66 -4.11 8.96
CA GLU A 32 16.45 -2.98 9.86
C GLU A 32 15.37 -3.30 10.89
N THR A 33 15.54 -2.77 12.09
CA THR A 33 14.58 -2.99 13.17
C THR A 33 13.45 -1.98 13.12
N HIS A 34 13.79 -0.73 12.82
CA HIS A 34 12.80 0.34 12.75
C HIS A 34 11.75 0.03 11.68
N ASN A 35 10.79 0.94 11.52
CA ASN A 35 9.74 0.76 10.53
C ASN A 35 10.15 1.36 9.19
N ALA A 36 9.30 1.17 8.17
CA ALA A 36 9.57 1.69 6.84
C ALA A 36 8.29 1.84 6.04
N ALA A 37 8.34 2.66 4.98
CA ALA A 37 7.18 2.88 4.14
C ALA A 37 7.60 3.35 2.75
N ILE A 38 7.28 2.56 1.74
CA ILE A 38 7.63 2.89 0.36
C ILE A 38 6.40 3.35 -0.42
N ILE A 39 6.45 4.58 -0.91
CA ILE A 39 5.33 5.14 -1.68
C ILE A 39 5.58 5.01 -3.18
N MET A 40 4.53 4.70 -3.92
CA MET A 40 4.63 4.55 -5.37
C MET A 40 3.46 5.23 -6.06
N LYS A 41 3.77 5.99 -7.12
CA LYS A 41 2.74 6.69 -7.87
C LYS A 41 2.81 6.33 -9.35
N ILE A 42 1.85 6.81 -10.12
CA ILE A 42 1.80 6.54 -11.56
C ILE A 42 1.90 7.83 -12.36
N ASP A 43 2.70 7.79 -13.43
CA ASP A 43 2.89 8.96 -14.28
C ASP A 43 1.73 9.11 -15.25
N LYS A 44 1.82 10.10 -16.14
CA LYS A 44 0.78 10.35 -17.12
C LYS A 44 1.22 9.90 -18.51
N ASP A 45 2.53 9.79 -18.70
CA ASP A 45 3.08 9.37 -19.98
C ASP A 45 3.86 8.06 -19.84
N GLU A 46 4.77 8.03 -18.88
CA GLU A 46 5.59 6.84 -18.63
C GLU A 46 4.70 5.63 -18.33
N ARG A 47 3.43 5.89 -18.03
CA ARG A 47 2.49 4.83 -17.72
C ARG A 47 3.20 3.66 -17.04
N LEU A 48 4.03 3.96 -16.06
CA LEU A 48 4.77 2.94 -15.33
C LEU A 48 4.95 3.34 -13.87
N VAL A 49 4.73 2.38 -12.97
CA VAL A 49 4.88 2.63 -11.54
C VAL A 49 6.33 2.86 -11.17
N VAL A 50 6.60 4.03 -10.59
CA VAL A 50 7.96 4.38 -10.17
C VAL A 50 8.01 4.76 -8.70
N LEU A 51 9.19 4.65 -8.11
CA LEU A 51 9.36 4.99 -6.70
C LEU A 51 9.28 6.49 -6.48
N ASP A 52 8.46 6.89 -5.51
CA ASP A 52 8.28 8.31 -5.19
C ASP A 52 9.23 8.73 -4.07
N GLU A 53 9.26 7.93 -3.01
CA GLU A 53 10.11 8.22 -1.86
C GLU A 53 10.19 7.02 -0.92
N GLU A 54 11.16 7.06 -0.01
CA GLU A 54 11.34 5.97 0.95
C GLU A 54 11.32 6.50 2.39
N LEU A 55 10.32 6.07 3.15
CA LEU A 55 10.18 6.49 4.53
C LEU A 55 10.80 5.48 5.49
N GLU A 56 11.74 5.94 6.31
CA GLU A 56 12.40 5.06 7.27
C GLU A 56 11.98 5.40 8.70
N GLY A 57 12.02 4.40 9.57
CA GLY A 57 11.64 4.61 10.96
C GLY A 57 10.48 5.57 11.10
N VAL A 58 9.35 5.24 10.47
CA VAL A 58 8.17 6.09 10.53
C VAL A 58 7.05 5.40 11.31
N SER A 59 5.92 6.09 11.43
CA SER A 59 4.77 5.55 12.15
C SER A 59 3.52 5.54 11.26
N PRO A 60 2.56 4.68 11.61
CA PRO A 60 1.31 4.56 10.86
C PRO A 60 0.41 5.78 11.02
N ASP A 61 0.74 6.63 11.98
CA ASP A 61 -0.03 7.84 12.24
C ASP A 61 0.57 9.03 11.51
N GLU A 62 1.89 8.98 11.31
CA GLU A 62 2.60 10.07 10.64
C GLU A 62 2.68 9.81 9.13
N LEU A 63 2.77 8.54 8.76
CA LEU A 63 2.86 8.15 7.35
C LEU A 63 1.65 8.68 6.57
N LYS A 64 0.47 8.43 7.09
CA LYS A 64 -0.76 8.88 6.45
C LYS A 64 -0.68 10.36 6.10
N ASP A 65 0.12 11.10 6.86
CA ASP A 65 0.29 12.53 6.64
C ASP A 65 1.08 12.78 5.37
N GLU A 66 1.99 11.86 5.04
CA GLU A 66 2.82 12.00 3.85
C GLU A 66 2.12 11.41 2.63
N LEU A 67 0.83 11.14 2.78
CA LEU A 67 0.04 10.57 1.68
C LEU A 67 -1.08 11.52 1.27
N PRO A 68 -1.46 11.46 -0.01
CA PRO A 68 -2.52 12.30 -0.56
C PRO A 68 -3.90 11.92 -0.04
N GLU A 69 -4.70 12.94 0.29
CA GLU A 69 -6.05 12.70 0.81
C GLU A 69 -7.10 13.03 -0.24
N ARG A 70 -6.65 13.23 -1.48
CA ARG A 70 -7.55 13.54 -2.57
C ARG A 70 -7.42 12.53 -3.71
N GLN A 71 -6.26 11.88 -3.78
CA GLN A 71 -6.01 10.88 -4.81
C GLN A 71 -5.40 9.62 -4.21
N PRO A 72 -5.69 8.47 -4.84
CA PRO A 72 -5.19 7.17 -4.39
C PRO A 72 -3.68 7.03 -4.61
N ARG A 73 -2.98 6.48 -3.61
CA ARG A 73 -1.55 6.29 -3.71
C ARG A 73 -1.14 4.93 -3.15
N PHE A 74 0.01 4.43 -3.59
CA PHE A 74 0.50 3.14 -3.14
C PHE A 74 1.53 3.30 -2.02
N ILE A 75 1.40 2.49 -0.99
CA ILE A 75 2.31 2.54 0.14
C ILE A 75 2.50 1.17 0.77
N VAL A 76 3.74 0.84 1.14
CA VAL A 76 4.04 -0.44 1.76
C VAL A 76 4.69 -0.25 3.13
N TYR A 77 3.89 -0.40 4.17
CA TYR A 77 4.39 -0.24 5.53
C TYR A 77 4.57 -1.59 6.21
N SER A 78 5.48 -1.65 7.18
CA SER A 78 5.76 -2.89 7.90
C SER A 78 5.61 -2.69 9.40
N TYR A 79 4.43 -3.00 9.93
CA TYR A 79 4.17 -2.86 11.35
C TYR A 79 5.05 -3.78 12.17
N LYS A 80 5.05 -3.59 13.49
CA LYS A 80 5.84 -4.42 14.38
C LYS A 80 4.94 -5.23 15.31
N TYR A 81 4.82 -6.52 15.02
CA TYR A 81 3.99 -7.41 15.83
C TYR A 81 4.80 -8.03 16.97
N GLN A 82 4.70 -7.44 18.15
CA GLN A 82 5.43 -7.93 19.31
C GLN A 82 4.59 -8.94 20.09
N HIS A 83 5.21 -10.06 20.45
CA HIS A 83 4.53 -11.11 21.19
C HIS A 83 4.87 -11.04 22.67
N ASP A 84 3.93 -11.46 23.52
CA ASP A 84 4.14 -11.45 24.96
C ASP A 84 5.47 -12.07 25.33
N ASP A 85 5.65 -13.34 24.97
CA ASP A 85 6.89 -14.05 25.26
C ASP A 85 8.11 -13.17 24.99
N GLY A 86 8.07 -12.45 23.86
CA GLY A 86 9.17 -11.58 23.51
C GLY A 86 9.40 -11.51 22.01
N ARG A 87 9.11 -12.60 21.32
CA ARG A 87 9.28 -12.67 19.87
C ARG A 87 8.47 -11.58 19.18
N VAL A 88 9.08 -10.93 18.18
CA VAL A 88 8.42 -9.87 17.44
C VAL A 88 8.83 -9.89 15.97
N SER A 89 7.84 -9.77 15.09
CA SER A 89 8.10 -9.77 13.65
C SER A 89 7.37 -8.62 12.96
N TYR A 90 7.92 -8.18 11.84
CA TYR A 90 7.34 -7.08 11.08
C TYR A 90 6.75 -7.57 9.76
N PRO A 91 5.48 -7.97 9.80
CA PRO A 91 4.78 -8.47 8.60
C PRO A 91 4.51 -7.37 7.59
N LEU A 92 5.00 -7.57 6.36
CA LEU A 92 4.82 -6.60 5.30
C LEU A 92 3.40 -6.67 4.72
N CYS A 93 2.71 -5.54 4.72
CA CYS A 93 1.35 -5.47 4.20
C CYS A 93 1.19 -4.32 3.22
N PHE A 94 0.31 -4.48 2.24
CA PHE A 94 0.07 -3.46 1.24
C PHE A 94 -1.12 -2.59 1.63
N ILE A 95 -0.86 -1.32 1.91
CA ILE A 95 -1.91 -0.39 2.29
C ILE A 95 -2.35 0.46 1.11
N PHE A 96 -3.48 0.11 0.51
CA PHE A 96 -4.01 0.83 -0.63
C PHE A 96 -4.77 2.08 -0.17
N SER A 97 -4.05 3.21 -0.08
CA SER A 97 -4.65 4.46 0.35
C SER A 97 -5.56 5.02 -0.74
N SER A 98 -6.87 4.93 -0.51
CA SER A 98 -7.85 5.43 -1.48
C SER A 98 -8.84 6.37 -0.81
N PRO A 99 -8.63 7.69 -1.00
CA PRO A 99 -9.49 8.72 -0.42
C PRO A 99 -10.87 8.75 -1.06
N VAL A 100 -11.90 8.79 -0.22
CA VAL A 100 -13.28 8.82 -0.72
C VAL A 100 -13.47 9.94 -1.74
N GLY A 101 -12.76 11.05 -1.55
CA GLY A 101 -12.86 12.16 -2.46
C GLY A 101 -12.07 11.95 -3.74
N CYS A 102 -11.91 10.69 -4.12
CA CYS A 102 -11.16 10.36 -5.33
C CYS A 102 -12.10 10.07 -6.48
N LYS A 103 -11.61 10.22 -7.70
CA LYS A 103 -12.40 9.97 -8.90
C LYS A 103 -12.24 8.53 -9.38
N PRO A 104 -13.23 8.04 -10.14
CA PRO A 104 -13.22 6.68 -10.67
C PRO A 104 -12.17 6.49 -11.75
N GLU A 105 -12.16 7.39 -12.73
CA GLU A 105 -11.20 7.32 -13.82
C GLU A 105 -9.81 6.96 -13.30
N GLN A 106 -9.54 7.34 -12.06
CA GLN A 106 -8.24 7.06 -11.45
C GLN A 106 -8.28 5.77 -10.65
N GLN A 107 -9.34 5.59 -9.86
CA GLN A 107 -9.50 4.39 -9.05
C GLN A 107 -9.20 3.14 -9.87
N MET A 108 -9.70 3.11 -11.10
CA MET A 108 -9.50 1.97 -11.99
C MET A 108 -8.02 1.79 -12.31
N MET A 109 -7.32 2.91 -12.49
CA MET A 109 -5.89 2.87 -12.80
C MET A 109 -5.10 2.24 -11.66
N TYR A 110 -5.23 2.81 -10.47
CA TYR A 110 -4.52 2.30 -9.29
C TYR A 110 -5.07 0.93 -8.89
N ALA A 111 -6.37 0.74 -9.07
CA ALA A 111 -7.01 -0.52 -8.72
C ALA A 111 -6.35 -1.69 -9.43
N GLY A 112 -6.48 -1.73 -10.76
CA GLY A 112 -5.89 -2.80 -11.54
C GLY A 112 -4.39 -2.90 -11.35
N SER A 113 -3.70 -1.76 -11.45
CA SER A 113 -2.26 -1.72 -11.30
C SER A 113 -1.84 -2.29 -9.94
N LYS A 114 -2.57 -1.91 -8.91
CA LYS A 114 -2.28 -2.38 -7.55
C LYS A 114 -2.03 -3.89 -7.54
N ASN A 115 -3.01 -4.64 -8.03
CA ASN A 115 -2.90 -6.09 -8.08
C ASN A 115 -1.46 -6.53 -8.37
N LYS A 116 -0.95 -6.13 -9.54
CA LYS A 116 0.40 -6.46 -9.93
C LYS A 116 1.39 -6.17 -8.80
N LEU A 117 1.29 -4.97 -8.24
CA LEU A 117 2.18 -4.57 -7.15
C LEU A 117 2.18 -5.61 -6.03
N VAL A 118 1.00 -5.92 -5.51
CA VAL A 118 0.87 -6.90 -4.44
C VAL A 118 1.59 -8.19 -4.79
N GLN A 119 1.81 -8.40 -6.09
CA GLN A 119 2.50 -9.60 -6.55
C GLN A 119 4.00 -9.37 -6.67
N THR A 120 4.37 -8.15 -7.06
CA THR A 120 5.78 -7.79 -7.20
C THR A 120 6.49 -7.77 -5.85
N ALA A 121 5.85 -7.14 -4.86
CA ALA A 121 6.42 -7.05 -3.54
C ALA A 121 6.16 -8.33 -2.74
N GLU A 122 5.45 -9.27 -3.36
CA GLU A 122 5.14 -10.54 -2.71
C GLU A 122 4.44 -10.31 -1.37
N LEU A 123 3.39 -9.48 -1.39
CA LEU A 123 2.64 -9.18 -0.18
C LEU A 123 1.38 -10.04 -0.08
N THR A 124 1.22 -10.72 1.05
CA THR A 124 0.06 -11.57 1.27
C THR A 124 -1.10 -10.79 1.86
N LYS A 125 -0.81 -9.98 2.86
CA LYS A 125 -1.84 -9.16 3.51
C LYS A 125 -2.04 -7.85 2.75
N VAL A 126 -3.27 -7.63 2.28
CA VAL A 126 -3.59 -6.41 1.56
C VAL A 126 -4.75 -5.67 2.23
N PHE A 127 -4.46 -4.49 2.77
CA PHE A 127 -5.47 -3.68 3.43
C PHE A 127 -5.70 -2.37 2.68
N GLU A 128 -6.96 -1.96 2.59
CA GLU A 128 -7.32 -0.73 1.90
C GLU A 128 -8.03 0.24 2.83
N ILE A 129 -7.72 1.52 2.71
CA ILE A 129 -8.33 2.55 3.55
C ILE A 129 -9.06 3.57 2.70
N ARG A 130 -10.32 3.83 3.04
CA ARG A 130 -11.13 4.80 2.32
C ARG A 130 -10.81 6.23 2.76
N ASN A 131 -9.75 6.37 3.54
CA ASN A 131 -9.33 7.67 4.03
C ASN A 131 -7.98 7.59 4.73
N THR A 132 -7.01 8.35 4.24
CA THR A 132 -5.67 8.36 4.82
C THR A 132 -5.73 8.40 6.34
N GLU A 133 -6.70 9.13 6.87
CA GLU A 133 -6.87 9.25 8.32
C GLU A 133 -6.97 7.87 8.97
N ASP A 134 -7.70 6.98 8.32
CA ASP A 134 -7.88 5.62 8.83
C ASP A 134 -6.53 4.98 9.12
N LEU A 135 -5.54 5.27 8.29
CA LEU A 135 -4.21 4.70 8.45
C LEU A 135 -3.60 5.12 9.78
N THR A 136 -3.81 4.29 10.80
CA THR A 136 -3.30 4.56 12.13
C THR A 136 -2.80 3.29 12.80
N GLU A 137 -2.07 3.45 13.90
CA GLU A 137 -1.53 2.31 14.63
C GLU A 137 -2.63 1.30 14.96
N GLU A 138 -3.64 1.75 15.70
CA GLU A 138 -4.75 0.89 16.08
C GLU A 138 -5.32 0.18 14.87
N TRP A 139 -5.48 0.91 13.77
CA TRP A 139 -6.01 0.34 12.54
C TRP A 139 -5.16 -0.83 12.06
N LEU A 140 -3.85 -0.63 12.04
CA LEU A 140 -2.92 -1.67 11.60
C LEU A 140 -3.20 -2.98 12.33
N ARG A 141 -3.11 -2.95 13.66
CA ARG A 141 -3.36 -4.14 14.47
C ARG A 141 -4.72 -4.75 14.15
N GLU A 142 -5.66 -3.89 13.75
CA GLU A 142 -7.01 -4.34 13.41
C GLU A 142 -6.99 -5.27 12.20
N LYS A 143 -6.27 -4.87 11.15
CA LYS A 143 -6.17 -5.66 9.94
C LYS A 143 -5.43 -6.98 10.21
N LEU A 144 -4.33 -6.89 10.95
CA LEU A 144 -3.55 -8.07 11.29
C LEU A 144 -4.31 -9.00 12.22
N GLY A 145 -5.07 -8.40 13.14
CA GLY A 145 -5.85 -9.18 14.09
C GLY A 145 -6.83 -10.11 13.41
N SER A 146 -7.49 -9.61 12.37
CA SER A 146 -8.47 -10.39 11.63
C SER A 146 -8.89 -9.67 10.35
N GLY A 147 -8.74 -10.35 9.21
CA GLY A 147 -9.11 -9.76 7.94
C GLY A 147 -10.21 -10.54 7.24
N PRO A 148 -10.06 -10.71 5.91
CA PRO A 148 -11.04 -11.44 5.09
C PRO A 148 -11.05 -12.94 5.39
N SER A 149 -12.23 -13.49 5.61
CA SER A 149 -12.36 -14.91 5.89
C SER A 149 -12.29 -15.75 4.61
N SER A 150 -11.11 -16.25 4.31
CA SER A 150 -10.91 -17.06 3.11
C SER A 150 -11.36 -18.50 3.34
N GLY A 151 -11.97 -19.09 2.32
CA GLY A 151 -12.45 -20.46 2.43
C GLY A 151 -11.43 -21.47 1.93
N GLY A 1 -9.92 10.16 -32.73
CA GLY A 1 -10.93 9.33 -33.35
C GLY A 1 -12.31 9.96 -33.32
N SER A 2 -13.27 9.31 -33.97
CA SER A 2 -14.64 9.81 -34.02
C SER A 2 -15.63 8.74 -33.60
N SER A 3 -15.29 8.01 -32.53
CA SER A 3 -16.14 6.95 -32.03
C SER A 3 -15.87 6.70 -30.54
N GLY A 4 -16.88 6.21 -29.84
CA GLY A 4 -16.74 5.92 -28.42
C GLY A 4 -17.69 4.85 -27.94
N SER A 5 -17.36 4.23 -26.81
CA SER A 5 -18.20 3.18 -26.24
C SER A 5 -17.81 2.89 -24.80
N SER A 6 -18.80 2.61 -23.96
CA SER A 6 -18.56 2.32 -22.55
C SER A 6 -18.27 0.83 -22.35
N GLY A 7 -17.45 0.52 -21.35
CA GLY A 7 -17.13 -0.86 -21.06
C GLY A 7 -17.11 -1.16 -19.58
N SER A 8 -17.25 -2.44 -19.24
CA SER A 8 -17.26 -2.86 -17.84
C SER A 8 -16.01 -3.68 -17.51
N GLU A 9 -15.84 -3.99 -16.23
CA GLU A 9 -14.69 -4.78 -15.79
C GLU A 9 -13.46 -4.47 -16.63
N SER A 10 -13.35 -3.22 -17.07
CA SER A 10 -12.22 -2.79 -17.89
C SER A 10 -11.31 -1.84 -17.11
N LEU A 11 -10.32 -2.41 -16.43
CA LEU A 11 -9.38 -1.61 -15.65
C LEU A 11 -8.10 -1.37 -16.43
N VAL A 12 -7.22 -0.53 -15.87
CA VAL A 12 -5.95 -0.22 -16.52
C VAL A 12 -4.78 -0.64 -15.65
N VAL A 13 -4.15 -1.75 -16.00
CA VAL A 13 -3.01 -2.26 -15.24
C VAL A 13 -1.69 -1.82 -15.88
N CYS A 14 -0.68 -1.63 -15.04
CA CYS A 14 0.63 -1.22 -15.52
C CYS A 14 1.72 -2.17 -15.04
N ASP A 15 2.98 -1.83 -15.34
CA ASP A 15 4.10 -2.66 -14.94
C ASP A 15 4.90 -1.99 -13.82
N VAL A 16 5.71 -2.77 -13.12
CA VAL A 16 6.53 -2.26 -12.04
C VAL A 16 7.96 -2.01 -12.49
N ALA A 17 8.42 -0.76 -12.33
CA ALA A 17 9.77 -0.39 -12.73
C ALA A 17 10.80 -1.05 -11.81
N GLU A 18 11.71 -1.82 -12.42
CA GLU A 18 12.75 -2.50 -11.66
C GLU A 18 13.38 -1.57 -10.62
N ASP A 19 13.73 -0.36 -11.06
CA ASP A 19 14.33 0.63 -10.18
C ASP A 19 13.61 0.66 -8.83
N LEU A 20 12.29 0.69 -8.87
CA LEU A 20 11.48 0.73 -7.66
C LEU A 20 11.35 -0.66 -7.04
N VAL A 21 10.96 -1.63 -7.86
CA VAL A 21 10.80 -3.00 -7.40
C VAL A 21 11.95 -3.41 -6.48
N GLU A 22 13.17 -3.14 -6.91
CA GLU A 22 14.35 -3.47 -6.13
C GLU A 22 14.18 -3.03 -4.67
N LYS A 23 13.61 -1.86 -4.47
CA LYS A 23 13.39 -1.33 -3.14
C LYS A 23 12.48 -2.25 -2.33
N LEU A 24 11.32 -2.58 -2.91
CA LEU A 24 10.36 -3.45 -2.25
C LEU A 24 11.01 -4.78 -1.85
N ARG A 25 11.75 -5.37 -2.78
CA ARG A 25 12.42 -6.64 -2.53
C ARG A 25 13.31 -6.53 -1.29
N LYS A 26 13.92 -5.37 -1.09
CA LYS A 26 14.80 -5.14 0.04
C LYS A 26 14.00 -5.04 1.33
N PHE A 27 12.90 -4.31 1.29
CA PHE A 27 12.05 -4.13 2.46
C PHE A 27 11.92 -5.43 3.25
N ARG A 28 11.51 -6.49 2.56
CA ARG A 28 11.36 -7.80 3.19
C ARG A 28 12.68 -8.29 3.77
N PHE A 29 13.74 -8.18 2.98
CA PHE A 29 15.06 -8.60 3.41
C PHE A 29 15.88 -7.43 3.93
N ARG A 30 15.19 -6.46 4.52
CA ARG A 30 15.85 -5.28 5.06
C ARG A 30 16.73 -5.63 6.26
N LYS A 31 18.00 -5.25 6.20
CA LYS A 31 18.93 -5.53 7.27
C LYS A 31 18.83 -4.48 8.36
N GLU A 32 17.61 -4.06 8.67
CA GLU A 32 17.38 -3.06 9.70
C GLU A 32 16.39 -3.57 10.75
N THR A 33 16.12 -2.74 11.76
CA THR A 33 15.20 -3.11 12.82
C THR A 33 14.05 -2.11 12.93
N HIS A 34 14.30 -0.88 12.48
CA HIS A 34 13.29 0.17 12.53
C HIS A 34 12.23 -0.05 11.45
N ASN A 35 11.19 0.78 11.47
CA ASN A 35 10.11 0.68 10.50
C ASN A 35 10.47 1.43 9.21
N ALA A 36 9.57 1.37 8.24
CA ALA A 36 9.78 2.05 6.97
C ALA A 36 8.49 2.14 6.17
N ALA A 37 8.52 2.93 5.09
CA ALA A 37 7.35 3.10 4.24
C ALA A 37 7.74 3.44 2.81
N ILE A 38 7.24 2.68 1.85
CA ILE A 38 7.54 2.90 0.45
C ILE A 38 6.31 3.32 -0.33
N ILE A 39 6.33 4.53 -0.87
CA ILE A 39 5.20 5.04 -1.63
C ILE A 39 5.45 4.89 -3.13
N MET A 40 4.39 4.59 -3.87
CA MET A 40 4.48 4.42 -5.32
C MET A 40 3.37 5.17 -6.03
N LYS A 41 3.58 5.49 -7.30
CA LYS A 41 2.60 6.21 -8.09
C LYS A 41 2.82 5.97 -9.57
N ILE A 42 1.75 6.13 -10.36
CA ILE A 42 1.83 5.93 -11.81
C ILE A 42 1.94 7.25 -12.54
N ASP A 43 2.90 7.34 -13.45
CA ASP A 43 3.12 8.55 -14.24
C ASP A 43 1.97 8.78 -15.21
N LYS A 44 2.06 9.86 -15.99
CA LYS A 44 1.03 10.19 -16.96
C LYS A 44 1.39 9.64 -18.34
N ASP A 45 2.65 9.78 -18.72
CA ASP A 45 3.13 9.29 -20.02
C ASP A 45 3.82 7.94 -19.87
N GLU A 46 4.81 7.88 -18.98
CA GLU A 46 5.56 6.65 -18.74
C GLU A 46 4.60 5.48 -18.50
N ARG A 47 3.50 5.75 -17.81
CA ARG A 47 2.52 4.72 -17.50
C ARG A 47 3.17 3.51 -16.85
N LEU A 48 3.97 3.76 -15.82
CA LEU A 48 4.66 2.70 -15.10
C LEU A 48 4.80 3.04 -13.62
N VAL A 49 4.70 2.01 -12.77
CA VAL A 49 4.82 2.20 -11.34
C VAL A 49 6.27 2.45 -10.94
N VAL A 50 6.55 3.66 -10.47
CA VAL A 50 7.91 4.03 -10.06
C VAL A 50 7.93 4.43 -8.58
N LEU A 51 9.14 4.53 -8.03
CA LEU A 51 9.30 4.92 -6.63
C LEU A 51 9.17 6.42 -6.45
N ASP A 52 8.30 6.83 -5.54
CA ASP A 52 8.07 8.24 -5.27
C ASP A 52 8.96 8.74 -4.13
N GLU A 53 9.03 7.94 -3.06
CA GLU A 53 9.85 8.30 -1.91
C GLU A 53 9.99 7.11 -0.96
N GLU A 54 10.83 7.28 0.06
CA GLU A 54 11.05 6.21 1.04
C GLU A 54 11.16 6.80 2.45
N LEU A 55 10.24 6.41 3.31
CA LEU A 55 10.23 6.89 4.69
C LEU A 55 10.83 5.85 5.63
N GLU A 56 11.69 6.31 6.53
CA GLU A 56 12.34 5.43 7.50
C GLU A 56 11.91 5.75 8.92
N GLY A 57 11.95 4.75 9.79
CA GLY A 57 11.56 4.95 11.17
C GLY A 57 10.36 5.86 11.31
N VAL A 58 9.24 5.48 10.70
CA VAL A 58 8.02 6.28 10.75
C VAL A 58 6.91 5.52 11.47
N SER A 59 5.77 6.18 11.63
CA SER A 59 4.63 5.58 12.31
C SER A 59 3.39 5.58 11.40
N PRO A 60 2.44 4.70 11.71
CA PRO A 60 1.19 4.58 10.94
C PRO A 60 0.28 5.78 11.12
N ASP A 61 0.58 6.59 12.14
CA ASP A 61 -0.22 7.79 12.41
C ASP A 61 0.40 9.01 11.76
N GLU A 62 1.71 8.98 11.54
CA GLU A 62 2.41 10.09 10.93
C GLU A 62 2.61 9.85 9.43
N LEU A 63 2.74 8.59 9.06
CA LEU A 63 2.92 8.22 7.65
C LEU A 63 1.76 8.71 6.81
N LYS A 64 0.53 8.45 7.26
CA LYS A 64 -0.66 8.86 6.55
C LYS A 64 -0.60 10.35 6.21
N ASP A 65 0.15 11.11 7.00
CA ASP A 65 0.29 12.54 6.77
C ASP A 65 1.06 12.82 5.48
N GLU A 66 2.05 11.98 5.20
CA GLU A 66 2.86 12.13 4.00
C GLU A 66 2.14 11.54 2.78
N LEU A 67 0.85 11.29 2.92
CA LEU A 67 0.05 10.73 1.84
C LEU A 67 -1.08 11.67 1.45
N PRO A 68 -1.48 11.62 0.17
CA PRO A 68 -2.55 12.45 -0.35
C PRO A 68 -3.92 12.05 0.19
N GLU A 69 -4.73 13.05 0.54
CA GLU A 69 -6.06 12.80 1.08
C GLU A 69 -7.13 13.14 0.04
N ARG A 70 -6.72 13.27 -1.21
CA ARG A 70 -7.63 13.58 -2.30
C ARG A 70 -7.47 12.61 -3.46
N GLN A 71 -6.25 12.12 -3.63
CA GLN A 71 -5.95 11.17 -4.72
C GLN A 71 -5.40 9.86 -4.16
N PRO A 72 -5.74 8.75 -4.82
CA PRO A 72 -5.29 7.42 -4.41
C PRO A 72 -3.79 7.22 -4.63
N ARG A 73 -3.10 6.76 -3.59
CA ARG A 73 -1.67 6.53 -3.66
C ARG A 73 -1.30 5.18 -3.06
N PHE A 74 -0.15 4.65 -3.48
CA PHE A 74 0.31 3.36 -2.97
C PHE A 74 1.33 3.54 -1.85
N ILE A 75 1.20 2.75 -0.80
CA ILE A 75 2.11 2.82 0.34
C ILE A 75 2.28 1.46 1.01
N VAL A 76 3.52 1.12 1.33
CA VAL A 76 3.81 -0.16 1.96
C VAL A 76 4.54 0.05 3.30
N TYR A 77 3.79 -0.05 4.39
CA TYR A 77 4.37 0.13 5.72
C TYR A 77 4.67 -1.21 6.36
N SER A 78 5.83 -1.29 7.02
CA SER A 78 6.24 -2.53 7.68
C SER A 78 6.05 -2.43 9.19
N TYR A 79 4.91 -2.92 9.67
CA TYR A 79 4.60 -2.89 11.09
C TYR A 79 5.40 -3.94 11.84
N LYS A 80 5.36 -3.87 13.17
CA LYS A 80 6.08 -4.81 14.02
C LYS A 80 5.12 -5.69 14.80
N TYR A 81 4.99 -6.94 14.39
CA TYR A 81 4.09 -7.88 15.05
C TYR A 81 4.86 -8.77 16.03
N GLN A 82 4.77 -8.43 17.32
CA GLN A 82 5.45 -9.20 18.35
C GLN A 82 4.65 -10.43 18.73
N HIS A 83 5.35 -11.55 18.91
CA HIS A 83 4.70 -12.80 19.28
C HIS A 83 4.85 -13.08 20.77
N ASP A 84 3.72 -13.33 21.44
CA ASP A 84 3.73 -13.61 22.87
C ASP A 84 4.91 -14.48 23.25
N ASP A 85 5.16 -15.52 22.47
CA ASP A 85 6.26 -16.43 22.72
C ASP A 85 7.54 -15.66 23.05
N GLY A 86 7.81 -14.62 22.27
CA GLY A 86 9.00 -13.82 22.49
C GLY A 86 9.53 -13.20 21.22
N ARG A 87 9.49 -13.97 20.14
CA ARG A 87 9.98 -13.50 18.84
C ARG A 87 9.05 -12.44 18.26
N VAL A 88 9.61 -11.53 17.47
CA VAL A 88 8.83 -10.46 16.86
C VAL A 88 9.30 -10.19 15.43
N SER A 89 8.36 -10.27 14.49
CA SER A 89 8.68 -10.04 13.08
C SER A 89 7.92 -8.83 12.55
N TYR A 90 8.44 -8.25 11.47
CA TYR A 90 7.81 -7.08 10.86
C TYR A 90 7.11 -7.46 9.56
N PRO A 91 5.82 -7.84 9.68
CA PRO A 91 5.01 -8.23 8.52
C PRO A 91 4.67 -7.05 7.63
N LEU A 92 5.21 -7.05 6.41
CA LEU A 92 4.97 -5.98 5.45
C LEU A 92 3.61 -6.15 4.78
N CYS A 93 2.78 -5.12 4.85
CA CYS A 93 1.45 -5.15 4.24
C CYS A 93 1.27 -3.99 3.27
N PHE A 94 0.41 -4.19 2.28
CA PHE A 94 0.15 -3.15 1.28
C PHE A 94 -1.07 -2.32 1.68
N ILE A 95 -0.84 -1.04 1.95
CA ILE A 95 -1.92 -0.14 2.34
C ILE A 95 -2.33 0.76 1.18
N PHE A 96 -3.43 0.42 0.53
CA PHE A 96 -3.93 1.20 -0.60
C PHE A 96 -4.73 2.41 -0.11
N SER A 97 -4.05 3.54 0.01
CA SER A 97 -4.69 4.77 0.47
C SER A 97 -5.57 5.36 -0.63
N SER A 98 -6.87 5.18 -0.49
CA SER A 98 -7.83 5.70 -1.47
C SER A 98 -8.88 6.58 -0.80
N PRO A 99 -8.69 7.91 -0.93
CA PRO A 99 -9.61 8.89 -0.33
C PRO A 99 -10.96 8.90 -1.04
N VAL A 100 -12.03 8.73 -0.27
CA VAL A 100 -13.38 8.73 -0.82
C VAL A 100 -13.60 9.92 -1.75
N GLY A 101 -12.84 10.99 -1.53
CA GLY A 101 -12.96 12.18 -2.35
C GLY A 101 -12.22 12.05 -3.66
N CYS A 102 -11.94 10.80 -4.07
CA CYS A 102 -11.23 10.54 -5.31
C CYS A 102 -12.19 10.15 -6.42
N LYS A 103 -11.74 10.28 -7.67
CA LYS A 103 -12.57 9.94 -8.82
C LYS A 103 -12.35 8.49 -9.23
N PRO A 104 -13.35 7.92 -9.93
CA PRO A 104 -13.29 6.53 -10.40
C PRO A 104 -12.26 6.34 -11.52
N GLU A 105 -12.31 7.20 -12.52
CA GLU A 105 -11.39 7.13 -13.65
C GLU A 105 -9.97 6.85 -13.16
N GLN A 106 -9.68 7.23 -11.93
CA GLN A 106 -8.36 7.01 -11.35
C GLN A 106 -8.31 5.69 -10.58
N GLN A 107 -9.30 5.47 -9.72
CA GLN A 107 -9.37 4.25 -8.93
C GLN A 107 -9.10 3.03 -9.79
N MET A 108 -9.45 3.13 -11.07
CA MET A 108 -9.24 2.04 -12.01
C MET A 108 -7.77 1.88 -12.37
N MET A 109 -7.13 3.00 -12.70
CA MET A 109 -5.72 2.99 -13.07
C MET A 109 -4.86 2.47 -11.92
N TYR A 110 -5.25 2.81 -10.70
CA TYR A 110 -4.51 2.37 -9.51
C TYR A 110 -4.97 0.99 -9.08
N ALA A 111 -6.29 0.78 -9.05
CA ALA A 111 -6.85 -0.50 -8.64
C ALA A 111 -6.12 -1.66 -9.32
N GLY A 112 -6.33 -1.79 -10.63
CA GLY A 112 -5.69 -2.86 -11.38
C GLY A 112 -4.19 -2.90 -11.16
N SER A 113 -3.52 -1.79 -11.45
CA SER A 113 -2.08 -1.70 -11.29
C SER A 113 -1.65 -2.25 -9.92
N LYS A 114 -2.45 -1.95 -8.91
CA LYS A 114 -2.16 -2.39 -7.56
C LYS A 114 -1.96 -3.91 -7.51
N ASN A 115 -2.95 -4.64 -7.99
CA ASN A 115 -2.89 -6.10 -8.00
C ASN A 115 -1.46 -6.58 -8.24
N LYS A 116 -0.92 -6.25 -9.42
CA LYS A 116 0.44 -6.65 -9.77
C LYS A 116 1.40 -6.37 -8.62
N LEU A 117 1.37 -5.13 -8.11
CA LEU A 117 2.24 -4.74 -7.01
C LEU A 117 2.20 -5.77 -5.89
N VAL A 118 1.00 -6.07 -5.41
CA VAL A 118 0.81 -7.05 -4.34
C VAL A 118 1.57 -8.34 -4.65
N GLN A 119 1.86 -8.56 -5.93
CA GLN A 119 2.57 -9.76 -6.35
C GLN A 119 4.06 -9.49 -6.48
N THR A 120 4.40 -8.28 -6.89
CA THR A 120 5.80 -7.90 -7.06
C THR A 120 6.51 -7.77 -5.72
N ALA A 121 5.81 -7.17 -4.74
CA ALA A 121 6.37 -7.00 -3.41
C ALA A 121 6.16 -8.24 -2.56
N GLU A 122 5.47 -9.23 -3.11
CA GLU A 122 5.21 -10.47 -2.41
C GLU A 122 4.47 -10.20 -1.09
N LEU A 123 3.44 -9.37 -1.15
CA LEU A 123 2.66 -9.03 0.02
C LEU A 123 1.42 -9.91 0.13
N THR A 124 1.26 -10.57 1.28
CA THR A 124 0.11 -11.44 1.51
C THR A 124 -1.06 -10.66 2.07
N LYS A 125 -0.79 -9.73 2.97
CA LYS A 125 -1.83 -8.91 3.58
C LYS A 125 -2.00 -7.60 2.82
N VAL A 126 -3.22 -7.34 2.36
CA VAL A 126 -3.51 -6.12 1.63
C VAL A 126 -4.74 -5.41 2.21
N PHE A 127 -4.51 -4.22 2.76
CA PHE A 127 -5.59 -3.44 3.37
C PHE A 127 -5.78 -2.12 2.62
N GLU A 128 -7.03 -1.75 2.41
CA GLU A 128 -7.34 -0.50 1.71
C GLU A 128 -8.13 0.45 2.62
N ILE A 129 -7.66 1.70 2.70
CA ILE A 129 -8.31 2.69 3.54
C ILE A 129 -9.08 3.71 2.68
N ARG A 130 -10.30 4.01 3.09
CA ARG A 130 -11.14 4.96 2.37
C ARG A 130 -10.75 6.39 2.71
N ASN A 131 -9.70 6.55 3.51
CA ASN A 131 -9.22 7.87 3.91
C ASN A 131 -7.89 7.76 4.65
N THR A 132 -6.92 8.56 4.23
CA THR A 132 -5.61 8.56 4.86
C THR A 132 -5.73 8.64 6.38
N GLU A 133 -6.78 9.29 6.86
CA GLU A 133 -7.00 9.43 8.29
C GLU A 133 -7.16 8.07 8.96
N ASP A 134 -7.94 7.19 8.31
CA ASP A 134 -8.17 5.85 8.84
C ASP A 134 -6.86 5.15 9.15
N LEU A 135 -5.85 5.38 8.31
CA LEU A 135 -4.55 4.77 8.48
C LEU A 135 -3.94 5.17 9.82
N THR A 136 -4.21 4.38 10.86
CA THR A 136 -3.68 4.65 12.19
C THR A 136 -3.18 3.37 12.86
N GLU A 137 -2.52 3.52 14.00
CA GLU A 137 -1.99 2.39 14.73
C GLU A 137 -3.09 1.35 15.00
N GLU A 138 -4.13 1.76 15.71
CA GLU A 138 -5.24 0.87 16.03
C GLU A 138 -5.74 0.17 14.78
N TRP A 139 -5.98 0.94 13.72
CA TRP A 139 -6.47 0.39 12.47
C TRP A 139 -5.52 -0.67 11.92
N LEU A 140 -4.22 -0.36 11.96
CA LEU A 140 -3.21 -1.29 11.47
C LEU A 140 -3.39 -2.67 12.09
N ARG A 141 -3.15 -2.76 13.39
CA ARG A 141 -3.29 -4.02 14.11
C ARG A 141 -4.63 -4.69 13.80
N GLU A 142 -5.64 -3.86 13.56
CA GLU A 142 -6.98 -4.37 13.25
C GLU A 142 -6.95 -5.24 12.00
N LYS A 143 -6.21 -4.78 10.98
CA LYS A 143 -6.10 -5.52 9.73
C LYS A 143 -5.27 -6.79 9.91
N LEU A 144 -4.26 -6.70 10.77
CA LEU A 144 -3.39 -7.85 11.04
C LEU A 144 -4.10 -8.90 11.88
N GLY A 145 -4.94 -8.43 12.81
CA GLY A 145 -5.67 -9.34 13.67
C GLY A 145 -6.95 -9.84 13.03
N SER A 146 -6.87 -10.21 11.75
CA SER A 146 -8.03 -10.69 11.02
C SER A 146 -7.63 -11.78 10.03
N GLY A 147 -8.13 -12.99 10.26
CA GLY A 147 -7.82 -14.11 9.38
C GLY A 147 -7.24 -15.30 10.14
N PRO A 148 -7.65 -16.51 9.74
CA PRO A 148 -7.19 -17.75 10.37
C PRO A 148 -5.71 -18.03 10.07
N SER A 149 -5.17 -19.07 10.71
CA SER A 149 -3.78 -19.44 10.51
C SER A 149 -3.62 -20.30 9.26
N SER A 150 -2.72 -19.91 8.38
CA SER A 150 -2.47 -20.64 7.15
C SER A 150 -1.41 -21.72 7.36
N GLY A 151 -1.79 -22.97 7.12
CA GLY A 151 -0.86 -24.07 7.29
C GLY A 151 -1.44 -25.20 8.13
N GLY A 1 -5.04 10.54 -27.42
CA GLY A 1 -5.37 10.21 -26.05
C GLY A 1 -6.62 9.36 -25.94
N SER A 2 -7.58 9.82 -25.14
CA SER A 2 -8.83 9.08 -24.96
C SER A 2 -10.02 10.03 -24.96
N SER A 3 -11.22 9.45 -25.05
CA SER A 3 -12.45 10.25 -25.08
C SER A 3 -12.65 10.96 -23.74
N GLY A 4 -12.60 10.20 -22.66
CA GLY A 4 -12.79 10.78 -21.34
C GLY A 4 -13.60 9.89 -20.43
N SER A 5 -14.89 9.75 -20.73
CA SER A 5 -15.77 8.92 -19.92
C SER A 5 -16.22 7.68 -20.68
N SER A 6 -15.35 6.67 -20.72
CA SER A 6 -15.65 5.44 -21.43
C SER A 6 -16.37 4.44 -20.51
N GLY A 7 -17.65 4.23 -20.79
CA GLY A 7 -18.44 3.31 -19.98
C GLY A 7 -18.26 1.87 -20.41
N SER A 8 -17.01 1.48 -20.66
CA SER A 8 -16.71 0.11 -21.09
C SER A 8 -16.15 -0.70 -19.93
N GLU A 9 -15.99 -2.00 -20.15
CA GLU A 9 -15.46 -2.90 -19.13
C GLU A 9 -13.98 -3.20 -19.39
N SER A 10 -13.10 -2.39 -18.81
CA SER A 10 -11.67 -2.58 -18.99
C SER A 10 -10.90 -1.98 -17.82
N LEU A 11 -9.77 -2.60 -17.48
CA LEU A 11 -8.94 -2.12 -16.37
C LEU A 11 -7.63 -1.54 -16.90
N VAL A 12 -6.90 -0.87 -16.01
CA VAL A 12 -5.63 -0.27 -16.37
C VAL A 12 -4.51 -0.71 -15.43
N VAL A 13 -3.75 -1.71 -15.86
CA VAL A 13 -2.65 -2.23 -15.06
C VAL A 13 -1.31 -1.66 -15.52
N CYS A 14 -0.40 -1.46 -14.57
CA CYS A 14 0.92 -0.92 -14.86
C CYS A 14 2.02 -1.78 -14.26
N ASP A 15 3.18 -1.77 -14.89
CA ASP A 15 4.32 -2.55 -14.41
C ASP A 15 5.09 -1.79 -13.33
N VAL A 16 5.90 -2.53 -12.57
CA VAL A 16 6.69 -1.92 -11.50
C VAL A 16 8.09 -1.58 -11.97
N ALA A 17 8.41 -0.29 -11.97
CA ALA A 17 9.73 0.17 -12.40
C ALA A 17 10.83 -0.57 -11.65
N GLU A 18 11.90 -0.93 -12.37
CA GLU A 18 13.02 -1.64 -11.77
C GLU A 18 13.58 -0.86 -10.58
N ASP A 19 13.64 0.47 -10.73
CA ASP A 19 14.16 1.33 -9.67
C ASP A 19 13.32 1.19 -8.41
N LEU A 20 12.05 0.87 -8.57
CA LEU A 20 11.14 0.71 -7.44
C LEU A 20 11.20 -0.71 -6.90
N VAL A 21 11.03 -1.70 -7.78
CA VAL A 21 11.08 -3.09 -7.38
C VAL A 21 12.23 -3.36 -6.43
N GLU A 22 13.44 -2.99 -6.86
CA GLU A 22 14.64 -3.19 -6.04
C GLU A 22 14.37 -2.83 -4.59
N LYS A 23 13.65 -1.74 -4.37
CA LYS A 23 13.33 -1.28 -3.03
C LYS A 23 12.35 -2.24 -2.35
N LEU A 24 11.33 -2.67 -3.09
CA LEU A 24 10.33 -3.58 -2.57
C LEU A 24 10.97 -4.90 -2.14
N ARG A 25 11.82 -5.45 -3.00
CA ARG A 25 12.50 -6.70 -2.70
C ARG A 25 13.23 -6.63 -1.36
N LYS A 26 14.00 -5.56 -1.18
CA LYS A 26 14.75 -5.36 0.06
C LYS A 26 13.81 -5.22 1.25
N PHE A 27 12.74 -4.46 1.06
CA PHE A 27 11.76 -4.24 2.12
C PHE A 27 11.49 -5.53 2.89
N ARG A 28 11.12 -6.58 2.17
CA ARG A 28 10.85 -7.87 2.78
C ARG A 28 12.08 -8.43 3.46
N PHE A 29 13.19 -8.44 2.73
CA PHE A 29 14.45 -8.95 3.27
C PHE A 29 15.28 -7.84 3.89
N ARG A 30 14.59 -6.84 4.45
CA ARG A 30 15.27 -5.71 5.08
C ARG A 30 16.09 -6.16 6.29
N LYS A 31 17.36 -5.77 6.31
CA LYS A 31 18.25 -6.14 7.41
C LYS A 31 18.21 -5.08 8.51
N GLU A 32 17.14 -4.29 8.52
CA GLU A 32 16.99 -3.23 9.53
C GLU A 32 16.00 -3.67 10.61
N THR A 33 15.77 -2.78 11.58
CA THR A 33 14.86 -3.08 12.68
C THR A 33 13.76 -2.01 12.78
N HIS A 34 14.10 -0.79 12.35
CA HIS A 34 13.14 0.31 12.39
C HIS A 34 12.03 0.11 11.37
N ASN A 35 11.04 1.00 11.40
CA ASN A 35 9.91 0.91 10.47
C ASN A 35 10.31 1.45 9.09
N ALA A 36 9.39 1.32 8.14
CA ALA A 36 9.63 1.79 6.78
C ALA A 36 8.32 1.96 6.02
N ALA A 37 8.38 2.76 4.95
CA ALA A 37 7.19 3.00 4.14
C ALA A 37 7.58 3.45 2.72
N ILE A 38 7.27 2.61 1.74
CA ILE A 38 7.59 2.92 0.35
C ILE A 38 6.35 3.38 -0.40
N ILE A 39 6.42 4.60 -0.95
CA ILE A 39 5.30 5.16 -1.70
C ILE A 39 5.52 5.02 -3.20
N MET A 40 4.45 4.77 -3.94
CA MET A 40 4.54 4.62 -5.39
C MET A 40 3.37 5.34 -6.07
N LYS A 41 3.60 5.78 -7.31
CA LYS A 41 2.57 6.47 -8.07
C LYS A 41 2.72 6.19 -9.57
N ILE A 42 1.67 6.48 -10.33
CA ILE A 42 1.68 6.25 -11.76
C ILE A 42 1.52 7.57 -12.53
N ASP A 43 2.25 7.71 -13.62
CA ASP A 43 2.19 8.91 -14.44
C ASP A 43 1.37 8.67 -15.70
N LYS A 44 1.26 9.70 -16.53
CA LYS A 44 0.50 9.59 -17.79
C LYS A 44 1.31 8.85 -18.84
N ASP A 45 2.41 9.45 -19.28
CA ASP A 45 3.27 8.84 -20.29
C ASP A 45 4.05 7.67 -19.70
N GLU A 46 4.53 7.86 -18.48
CA GLU A 46 5.31 6.81 -17.81
C GLU A 46 4.51 5.52 -17.70
N ARG A 47 3.20 5.66 -17.54
CA ARG A 47 2.31 4.51 -17.42
C ARG A 47 3.02 3.35 -16.72
N LEU A 48 3.88 3.69 -15.76
CA LEU A 48 4.62 2.67 -15.02
C LEU A 48 4.78 3.09 -13.55
N VAL A 49 4.53 2.15 -12.64
CA VAL A 49 4.65 2.41 -11.21
C VAL A 49 6.10 2.65 -10.82
N VAL A 50 6.41 3.90 -10.48
CA VAL A 50 7.77 4.26 -10.08
C VAL A 50 7.82 4.64 -8.60
N LEU A 51 9.02 4.62 -8.04
CA LEU A 51 9.21 4.96 -6.63
C LEU A 51 8.94 6.44 -6.39
N ASP A 52 8.08 6.73 -5.43
CA ASP A 52 7.73 8.11 -5.09
C ASP A 52 8.62 8.64 -3.97
N GLU A 53 8.80 7.84 -2.94
CA GLU A 53 9.62 8.22 -1.80
C GLU A 53 9.84 7.04 -0.85
N GLU A 54 10.96 7.07 -0.14
CA GLU A 54 11.28 6.00 0.80
C GLU A 54 11.33 6.53 2.24
N LEU A 55 10.36 6.12 3.05
CA LEU A 55 10.28 6.55 4.43
C LEU A 55 10.92 5.52 5.37
N GLU A 56 11.80 5.98 6.23
CA GLU A 56 12.49 5.09 7.17
C GLU A 56 12.08 5.41 8.61
N GLY A 57 12.12 4.40 9.47
CA GLY A 57 11.75 4.60 10.86
C GLY A 57 10.60 5.56 11.03
N VAL A 58 9.48 5.26 10.38
CA VAL A 58 8.29 6.10 10.45
C VAL A 58 7.15 5.40 11.18
N SER A 59 6.08 6.12 11.44
CA SER A 59 4.93 5.57 12.12
C SER A 59 3.68 5.59 11.23
N PRO A 60 2.69 4.75 11.57
CA PRO A 60 1.44 4.65 10.81
C PRO A 60 0.58 5.90 10.96
N ASP A 61 0.91 6.73 11.95
CA ASP A 61 0.16 7.96 12.19
C ASP A 61 0.81 9.15 11.47
N GLU A 62 2.12 9.08 11.30
CA GLU A 62 2.86 10.14 10.64
C GLU A 62 2.98 9.87 9.13
N LEU A 63 3.02 8.59 8.78
CA LEU A 63 3.13 8.18 7.38
C LEU A 63 1.93 8.67 6.57
N LYS A 64 0.73 8.40 7.07
CA LYS A 64 -0.50 8.81 6.40
C LYS A 64 -0.44 10.28 6.01
N ASP A 65 0.35 11.06 6.76
CA ASP A 65 0.50 12.49 6.50
C ASP A 65 1.19 12.71 5.16
N GLU A 66 2.19 11.88 4.87
CA GLU A 66 2.94 12.00 3.62
C GLU A 66 2.18 11.35 2.46
N LEU A 67 0.90 11.08 2.69
CA LEU A 67 0.06 10.47 1.66
C LEU A 67 -1.07 11.41 1.24
N PRO A 68 -1.43 11.37 -0.05
CA PRO A 68 -2.50 12.21 -0.60
C PRO A 68 -3.87 11.80 -0.10
N GLU A 69 -4.64 12.77 0.38
CA GLU A 69 -5.98 12.50 0.89
C GLU A 69 -7.04 12.82 -0.17
N ARG A 70 -6.58 13.24 -1.35
CA ARG A 70 -7.48 13.58 -2.44
C ARG A 70 -7.34 12.60 -3.60
N GLN A 71 -6.16 11.99 -3.69
CA GLN A 71 -5.88 11.03 -4.76
C GLN A 71 -5.32 9.73 -4.19
N PRO A 72 -5.62 8.61 -4.86
CA PRO A 72 -5.16 7.28 -4.44
C PRO A 72 -3.65 7.11 -4.63
N ARG A 73 -3.00 6.57 -3.62
CA ARG A 73 -1.56 6.35 -3.68
C ARG A 73 -1.18 5.00 -3.06
N PHE A 74 -0.03 4.47 -3.48
CA PHE A 74 0.44 3.18 -2.96
C PHE A 74 1.45 3.38 -1.84
N ILE A 75 1.33 2.55 -0.81
CA ILE A 75 2.25 2.63 0.33
C ILE A 75 2.47 1.26 0.95
N VAL A 76 3.74 0.93 1.20
CA VAL A 76 4.09 -0.36 1.79
C VAL A 76 4.74 -0.17 3.16
N TYR A 77 3.95 -0.36 4.21
CA TYR A 77 4.44 -0.21 5.58
C TYR A 77 4.65 -1.58 6.23
N SER A 78 5.52 -1.62 7.24
CA SER A 78 5.80 -2.86 7.94
C SER A 78 5.61 -2.68 9.45
N TYR A 79 4.43 -3.04 9.93
CA TYR A 79 4.11 -2.92 11.35
C TYR A 79 5.01 -3.83 12.19
N LYS A 80 5.01 -3.61 13.50
CA LYS A 80 5.82 -4.41 14.42
C LYS A 80 4.95 -5.27 15.31
N TYR A 81 4.72 -6.51 14.89
CA TYR A 81 3.90 -7.44 15.66
C TYR A 81 4.72 -8.14 16.74
N GLN A 82 4.60 -7.66 17.97
CA GLN A 82 5.33 -8.24 19.09
C GLN A 82 4.52 -9.34 19.76
N HIS A 83 5.20 -10.40 20.19
CA HIS A 83 4.54 -11.51 20.86
C HIS A 83 4.90 -11.56 22.34
N ASP A 84 3.92 -11.91 23.17
CA ASP A 84 4.14 -11.99 24.60
C ASP A 84 5.46 -12.67 24.92
N ASP A 85 5.61 -13.91 24.45
CA ASP A 85 6.83 -14.68 24.68
C ASP A 85 8.06 -13.78 24.61
N GLY A 86 8.07 -12.88 23.64
CA GLY A 86 9.19 -11.96 23.48
C GLY A 86 9.56 -11.74 22.02
N ARG A 87 9.33 -12.75 21.19
CA ARG A 87 9.63 -12.67 19.77
C ARG A 87 8.72 -11.67 19.08
N VAL A 88 9.30 -10.82 18.24
CA VAL A 88 8.53 -9.81 17.52
C VAL A 88 8.97 -9.73 16.06
N SER A 89 8.01 -9.79 15.14
CA SER A 89 8.30 -9.72 13.72
C SER A 89 7.57 -8.56 13.06
N TYR A 90 8.00 -8.19 11.87
CA TYR A 90 7.39 -7.09 11.14
C TYR A 90 6.82 -7.56 9.81
N PRO A 91 5.54 -7.95 9.81
CA PRO A 91 4.85 -8.43 8.61
C PRO A 91 4.62 -7.32 7.60
N LEU A 92 5.12 -7.53 6.38
CA LEU A 92 4.96 -6.55 5.31
C LEU A 92 3.55 -6.60 4.72
N CYS A 93 2.86 -5.47 4.73
CA CYS A 93 1.51 -5.39 4.20
C CYS A 93 1.39 -4.26 3.17
N PHE A 94 0.38 -4.34 2.32
CA PHE A 94 0.15 -3.32 1.30
C PHE A 94 -1.05 -2.44 1.65
N ILE A 95 -0.78 -1.19 1.98
CA ILE A 95 -1.84 -0.25 2.34
C ILE A 95 -2.23 0.63 1.15
N PHE A 96 -3.36 0.30 0.53
CA PHE A 96 -3.85 1.04 -0.62
C PHE A 96 -4.64 2.27 -0.18
N SER A 97 -3.95 3.39 -0.03
CA SER A 97 -4.59 4.63 0.40
C SER A 97 -5.49 5.18 -0.71
N SER A 98 -6.80 5.08 -0.50
CA SER A 98 -7.77 5.57 -1.47
C SER A 98 -8.78 6.50 -0.81
N PRO A 99 -8.58 7.81 -1.01
CA PRO A 99 -9.46 8.84 -0.45
C PRO A 99 -10.84 8.85 -1.11
N VAL A 100 -11.87 8.61 -0.31
CA VAL A 100 -13.24 8.59 -0.82
C VAL A 100 -13.47 9.74 -1.79
N GLY A 101 -12.81 10.87 -1.55
CA GLY A 101 -12.96 12.02 -2.41
C GLY A 101 -12.16 11.91 -3.69
N CYS A 102 -11.93 10.67 -4.12
CA CYS A 102 -11.17 10.43 -5.35
C CYS A 102 -12.10 10.09 -6.51
N LYS A 103 -11.59 10.23 -7.72
CA LYS A 103 -12.38 9.95 -8.93
C LYS A 103 -12.22 8.49 -9.34
N PRO A 104 -13.23 7.97 -10.05
CA PRO A 104 -13.22 6.58 -10.53
C PRO A 104 -12.20 6.35 -11.64
N GLU A 105 -12.21 7.23 -12.64
CA GLU A 105 -11.27 7.12 -13.75
C GLU A 105 -9.87 6.76 -13.26
N GLN A 106 -9.55 7.22 -12.06
CA GLN A 106 -8.24 6.96 -11.47
C GLN A 106 -8.26 5.66 -10.66
N GLN A 107 -9.24 5.52 -9.79
CA GLN A 107 -9.36 4.32 -8.96
C GLN A 107 -9.04 3.08 -9.76
N MET A 108 -9.41 3.08 -11.03
CA MET A 108 -9.15 1.93 -11.91
C MET A 108 -7.70 1.92 -12.38
N MET A 109 -7.14 3.11 -12.59
CA MET A 109 -5.75 3.23 -13.04
C MET A 109 -4.80 2.64 -12.00
N TYR A 110 -5.14 2.81 -10.73
CA TYR A 110 -4.31 2.30 -9.64
C TYR A 110 -4.79 0.93 -9.18
N ALA A 111 -6.11 0.77 -9.12
CA ALA A 111 -6.70 -0.49 -8.69
C ALA A 111 -6.28 -1.63 -9.61
N GLY A 112 -6.65 -1.51 -10.90
CA GLY A 112 -6.31 -2.54 -11.86
C GLY A 112 -4.81 -2.71 -12.02
N SER A 113 -4.05 -1.81 -11.41
CA SER A 113 -2.60 -1.87 -11.50
C SER A 113 -1.99 -2.26 -10.14
N LYS A 114 -2.75 -2.06 -9.08
CA LYS A 114 -2.29 -2.40 -7.74
C LYS A 114 -2.03 -3.89 -7.60
N ASN A 115 -3.05 -4.70 -7.92
CA ASN A 115 -2.93 -6.14 -7.84
C ASN A 115 -1.51 -6.60 -8.13
N LYS A 116 -1.00 -6.21 -9.30
CA LYS A 116 0.35 -6.57 -9.71
C LYS A 116 1.34 -6.32 -8.58
N LEU A 117 1.36 -5.09 -8.06
CA LEU A 117 2.25 -4.73 -6.98
C LEU A 117 2.24 -5.79 -5.88
N VAL A 118 1.05 -6.07 -5.35
CA VAL A 118 0.91 -7.07 -4.29
C VAL A 118 1.70 -8.33 -4.61
N GLN A 119 1.89 -8.59 -5.91
CA GLN A 119 2.63 -9.77 -6.35
C GLN A 119 4.11 -9.45 -6.50
N THR A 120 4.41 -8.24 -6.95
CA THR A 120 5.79 -7.81 -7.15
C THR A 120 6.55 -7.79 -5.83
N ALA A 121 5.94 -7.19 -4.81
CA ALA A 121 6.55 -7.09 -3.50
C ALA A 121 6.35 -8.39 -2.70
N GLU A 122 5.63 -9.33 -3.29
CA GLU A 122 5.35 -10.61 -2.65
C GLU A 122 4.62 -10.40 -1.33
N LEU A 123 3.57 -9.57 -1.36
CA LEU A 123 2.78 -9.29 -0.17
C LEU A 123 1.54 -10.19 -0.11
N THR A 124 1.25 -10.70 1.07
CA THR A 124 0.10 -11.57 1.27
C THR A 124 -1.06 -10.81 1.90
N LYS A 125 -0.74 -9.75 2.64
CA LYS A 125 -1.76 -8.94 3.29
C LYS A 125 -1.96 -7.62 2.56
N VAL A 126 -3.18 -7.38 2.10
CA VAL A 126 -3.51 -6.15 1.38
C VAL A 126 -4.70 -5.45 2.01
N PHE A 127 -4.46 -4.27 2.58
CA PHE A 127 -5.51 -3.50 3.22
C PHE A 127 -5.69 -2.15 2.53
N GLU A 128 -6.94 -1.71 2.41
CA GLU A 128 -7.24 -0.44 1.77
C GLU A 128 -8.01 0.48 2.72
N ILE A 129 -7.51 1.70 2.89
CA ILE A 129 -8.15 2.67 3.77
C ILE A 129 -8.91 3.72 2.97
N ARG A 130 -10.16 3.94 3.33
CA ARG A 130 -11.00 4.92 2.65
C ARG A 130 -10.39 6.31 2.73
N ASN A 131 -9.67 6.57 3.82
CA ASN A 131 -9.03 7.87 4.03
C ASN A 131 -7.70 7.71 4.77
N THR A 132 -6.69 8.44 4.32
CA THR A 132 -5.38 8.38 4.95
C THR A 132 -5.47 8.51 6.46
N GLU A 133 -6.47 9.25 6.92
CA GLU A 133 -6.68 9.45 8.35
C GLU A 133 -6.82 8.12 9.07
N ASP A 134 -7.55 7.19 8.46
CA ASP A 134 -7.76 5.87 9.04
C ASP A 134 -6.43 5.18 9.34
N LEU A 135 -5.46 5.39 8.45
CA LEU A 135 -4.13 4.78 8.63
C LEU A 135 -3.53 5.17 9.97
N THR A 136 -3.68 4.28 10.95
CA THR A 136 -3.16 4.53 12.29
C THR A 136 -2.64 3.23 12.92
N GLU A 137 -2.05 3.35 14.10
CA GLU A 137 -1.51 2.20 14.81
C GLU A 137 -2.62 1.18 15.09
N GLU A 138 -3.61 1.59 15.87
CA GLU A 138 -4.73 0.72 16.21
C GLU A 138 -5.32 0.07 14.97
N TRP A 139 -5.40 0.84 13.89
CA TRP A 139 -5.95 0.35 12.63
C TRP A 139 -5.11 -0.80 12.08
N LEU A 140 -3.78 -0.62 12.11
CA LEU A 140 -2.87 -1.64 11.61
C LEU A 140 -3.14 -2.98 12.27
N ARG A 141 -3.02 -3.03 13.60
CA ARG A 141 -3.26 -4.26 14.35
C ARG A 141 -4.65 -4.82 14.04
N GLU A 142 -5.53 -3.95 13.56
CA GLU A 142 -6.90 -4.37 13.24
C GLU A 142 -6.92 -5.21 11.96
N LYS A 143 -6.15 -4.79 10.97
CA LYS A 143 -6.08 -5.51 9.70
C LYS A 143 -5.34 -6.83 9.86
N LEU A 144 -4.30 -6.82 10.69
CA LEU A 144 -3.50 -8.02 10.93
C LEU A 144 -4.27 -9.02 11.79
N GLY A 145 -5.06 -8.50 12.73
CA GLY A 145 -5.85 -9.35 13.60
C GLY A 145 -6.93 -10.12 12.85
N SER A 146 -8.06 -9.47 12.63
CA SER A 146 -9.17 -10.09 11.93
C SER A 146 -9.22 -9.65 10.47
N GLY A 147 -8.52 -10.38 9.62
CA GLY A 147 -8.49 -10.04 8.21
C GLY A 147 -9.53 -10.80 7.40
N PRO A 148 -9.21 -11.11 6.14
CA PRO A 148 -10.11 -11.84 5.26
C PRO A 148 -10.29 -13.30 5.67
N SER A 149 -11.43 -13.88 5.32
CA SER A 149 -11.72 -15.27 5.67
C SER A 149 -12.83 -15.83 4.77
N SER A 150 -13.04 -17.14 4.86
CA SER A 150 -14.07 -17.79 4.06
C SER A 150 -15.46 -17.55 4.64
N GLY A 151 -16.32 -16.92 3.86
CA GLY A 151 -17.67 -16.63 4.32
C GLY A 151 -18.70 -17.52 3.65
N GLY A 1 -20.11 -0.52 3.71
CA GLY A 1 -21.10 -1.25 2.94
C GLY A 1 -20.71 -1.43 1.49
N SER A 2 -21.69 -1.47 0.60
CA SER A 2 -21.44 -1.65 -0.82
C SER A 2 -21.42 -0.30 -1.54
N SER A 3 -20.39 -0.07 -2.33
CA SER A 3 -20.24 1.18 -3.07
C SER A 3 -21.06 1.14 -4.35
N GLY A 4 -21.41 2.32 -4.86
CA GLY A 4 -22.18 2.40 -6.08
C GLY A 4 -21.71 1.41 -7.13
N SER A 5 -22.43 0.30 -7.26
CA SER A 5 -22.09 -0.74 -8.23
C SER A 5 -22.09 -0.18 -9.65
N SER A 6 -20.90 0.06 -10.19
CA SER A 6 -20.76 0.60 -11.53
C SER A 6 -20.46 -0.51 -12.54
N GLY A 7 -20.99 -0.36 -13.74
CA GLY A 7 -20.76 -1.36 -14.77
C GLY A 7 -19.52 -1.07 -15.60
N SER A 8 -18.42 -0.77 -14.93
CA SER A 8 -17.16 -0.47 -15.61
C SER A 8 -16.14 -1.58 -15.39
N GLU A 9 -16.09 -2.52 -16.33
CA GLU A 9 -15.16 -3.64 -16.23
C GLU A 9 -13.92 -3.39 -17.09
N SER A 10 -13.50 -2.12 -17.15
CA SER A 10 -12.33 -1.74 -17.93
C SER A 10 -11.27 -1.11 -17.04
N LEU A 11 -10.37 -1.94 -16.52
CA LEU A 11 -9.31 -1.48 -15.65
C LEU A 11 -7.98 -1.38 -16.41
N VAL A 12 -7.11 -0.50 -15.96
CA VAL A 12 -5.80 -0.32 -16.60
C VAL A 12 -4.67 -0.70 -15.65
N VAL A 13 -4.05 -1.84 -15.92
CA VAL A 13 -2.94 -2.31 -15.09
C VAL A 13 -1.60 -1.84 -15.64
N CYS A 14 -0.73 -1.40 -14.75
CA CYS A 14 0.60 -0.91 -15.14
C CYS A 14 1.68 -1.91 -14.72
N ASP A 15 2.92 -1.61 -15.12
CA ASP A 15 4.04 -2.48 -14.78
C ASP A 15 4.94 -1.81 -13.75
N VAL A 16 5.57 -2.62 -12.90
CA VAL A 16 6.47 -2.12 -11.87
C VAL A 16 7.84 -1.81 -12.43
N ALA A 17 8.31 -0.58 -12.22
CA ALA A 17 9.61 -0.16 -12.70
C ALA A 17 10.73 -0.92 -12.00
N GLU A 18 11.71 -1.36 -12.78
CA GLU A 18 12.84 -2.10 -12.22
C GLU A 18 13.49 -1.34 -11.07
N ASP A 19 13.73 -0.06 -11.28
CA ASP A 19 14.34 0.79 -10.25
C ASP A 19 13.52 0.75 -8.97
N LEU A 20 12.21 0.57 -9.11
CA LEU A 20 11.32 0.51 -7.95
C LEU A 20 11.34 -0.86 -7.31
N VAL A 21 11.08 -1.89 -8.11
CA VAL A 21 11.07 -3.26 -7.62
C VAL A 21 12.23 -3.51 -6.67
N GLU A 22 13.43 -3.14 -7.10
CA GLU A 22 14.63 -3.32 -6.28
C GLU A 22 14.38 -2.88 -4.84
N LYS A 23 13.72 -1.74 -4.69
CA LYS A 23 13.41 -1.21 -3.37
C LYS A 23 12.47 -2.13 -2.61
N LEU A 24 11.38 -2.53 -3.26
CA LEU A 24 10.40 -3.42 -2.66
C LEU A 24 11.05 -4.72 -2.20
N ARG A 25 11.89 -5.29 -3.06
CA ARG A 25 12.58 -6.52 -2.73
C ARG A 25 13.31 -6.41 -1.39
N LYS A 26 14.06 -5.33 -1.22
CA LYS A 26 14.80 -5.11 0.02
C LYS A 26 13.86 -4.98 1.20
N PHE A 27 12.74 -4.28 1.00
CA PHE A 27 11.75 -4.10 2.06
C PHE A 27 11.48 -5.40 2.80
N ARG A 28 11.17 -6.44 2.04
CA ARG A 28 10.88 -7.76 2.63
C ARG A 28 12.14 -8.35 3.25
N PHE A 29 13.24 -8.30 2.52
CA PHE A 29 14.51 -8.84 3.02
C PHE A 29 15.35 -7.75 3.66
N ARG A 30 14.68 -6.80 4.30
CA ARG A 30 15.36 -5.69 4.97
C ARG A 30 16.13 -6.18 6.20
N LYS A 31 17.44 -5.94 6.20
CA LYS A 31 18.28 -6.36 7.31
C LYS A 31 18.32 -5.29 8.40
N GLU A 32 17.17 -4.71 8.68
CA GLU A 32 17.07 -3.66 9.70
C GLU A 32 16.02 -4.03 10.75
N THR A 33 15.89 -3.18 11.77
CA THR A 33 14.94 -3.40 12.85
C THR A 33 13.83 -2.35 12.83
N HIS A 34 14.22 -1.10 12.62
CA HIS A 34 13.27 0.01 12.59
C HIS A 34 12.18 -0.25 11.55
N ASN A 35 11.24 0.69 11.43
CA ASN A 35 10.14 0.56 10.47
C ASN A 35 10.53 1.14 9.12
N ALA A 36 9.60 1.10 8.18
CA ALA A 36 9.83 1.64 6.84
C ALA A 36 8.52 1.81 6.08
N ALA A 37 8.55 2.65 5.05
CA ALA A 37 7.37 2.90 4.24
C ALA A 37 7.75 3.37 2.84
N ILE A 38 7.28 2.64 1.82
CA ILE A 38 7.57 2.99 0.44
C ILE A 38 6.31 3.42 -0.29
N ILE A 39 6.36 4.61 -0.89
CA ILE A 39 5.23 5.14 -1.63
C ILE A 39 5.49 5.13 -3.13
N MET A 40 4.47 4.82 -3.91
CA MET A 40 4.59 4.79 -5.37
C MET A 40 3.49 5.60 -6.03
N LYS A 41 3.66 5.88 -7.31
CA LYS A 41 2.68 6.65 -8.06
C LYS A 41 2.84 6.44 -9.57
N ILE A 42 1.79 6.74 -10.33
CA ILE A 42 1.84 6.58 -11.77
C ILE A 42 1.77 7.93 -12.48
N ASP A 43 2.39 8.02 -13.64
CA ASP A 43 2.41 9.25 -14.42
C ASP A 43 1.79 9.03 -15.80
N LYS A 44 1.44 10.12 -16.47
CA LYS A 44 0.84 10.05 -17.80
C LYS A 44 1.75 9.29 -18.75
N ASP A 45 1.14 8.59 -19.72
CA ASP A 45 1.89 7.82 -20.69
C ASP A 45 3.08 7.12 -20.04
N GLU A 46 2.97 6.87 -18.74
CA GLU A 46 4.03 6.20 -18.00
C GLU A 46 3.76 4.71 -17.88
N ARG A 47 2.49 4.34 -17.77
CA ARG A 47 2.11 2.95 -17.65
C ARG A 47 3.15 2.15 -16.88
N LEU A 48 3.77 2.81 -15.90
CA LEU A 48 4.78 2.16 -15.08
C LEU A 48 4.84 2.78 -13.68
N VAL A 49 4.80 1.93 -12.67
CA VAL A 49 4.84 2.39 -11.28
C VAL A 49 6.27 2.70 -10.85
N VAL A 50 6.55 3.98 -10.62
CA VAL A 50 7.88 4.41 -10.20
C VAL A 50 7.91 4.76 -8.72
N LEU A 51 9.07 4.61 -8.10
CA LEU A 51 9.22 4.91 -6.68
C LEU A 51 8.93 6.39 -6.41
N ASP A 52 8.03 6.65 -5.47
CA ASP A 52 7.67 8.01 -5.11
C ASP A 52 8.61 8.56 -4.04
N GLU A 53 8.82 7.78 -2.98
CA GLU A 53 9.69 8.19 -1.89
C GLU A 53 9.92 7.03 -0.92
N GLU A 54 10.99 7.13 -0.13
CA GLU A 54 11.32 6.09 0.83
C GLU A 54 11.36 6.66 2.25
N LEU A 55 10.51 6.13 3.12
CA LEU A 55 10.44 6.59 4.50
C LEU A 55 11.05 5.56 5.45
N GLU A 56 11.82 6.03 6.42
CA GLU A 56 12.44 5.14 7.39
C GLU A 56 12.00 5.47 8.80
N GLY A 57 12.07 4.49 9.69
CA GLY A 57 11.67 4.70 11.07
C GLY A 57 10.48 5.63 11.19
N VAL A 58 9.37 5.24 10.59
CA VAL A 58 8.15 6.05 10.63
C VAL A 58 7.03 5.33 11.39
N SER A 59 5.89 5.98 11.49
CA SER A 59 4.74 5.40 12.19
C SER A 59 3.50 5.40 11.31
N PRO A 60 2.53 4.56 11.65
CA PRO A 60 1.28 4.43 10.90
C PRO A 60 0.38 5.66 11.05
N ASP A 61 0.69 6.49 12.04
CA ASP A 61 -0.08 7.70 12.30
C ASP A 61 0.57 8.90 11.62
N GLU A 62 1.87 8.80 11.35
CA GLU A 62 2.60 9.88 10.71
C GLU A 62 2.69 9.66 9.21
N LEU A 63 2.75 8.39 8.81
CA LEU A 63 2.85 8.04 7.40
C LEU A 63 1.67 8.61 6.61
N LYS A 64 0.46 8.27 7.04
CA LYS A 64 -0.75 8.76 6.38
C LYS A 64 -0.65 10.25 6.11
N ASP A 65 0.10 10.96 6.94
CA ASP A 65 0.27 12.40 6.78
C ASP A 65 1.05 12.71 5.50
N GLU A 66 2.02 11.86 5.18
CA GLU A 66 2.83 12.05 3.99
C GLU A 66 2.15 11.45 2.76
N LEU A 67 0.84 11.24 2.86
CA LEU A 67 0.07 10.68 1.76
C LEU A 67 -1.10 11.59 1.40
N PRO A 68 -1.50 11.55 0.12
CA PRO A 68 -2.60 12.36 -0.39
C PRO A 68 -3.96 11.90 0.15
N GLU A 69 -4.84 12.86 0.39
CA GLU A 69 -6.18 12.55 0.90
C GLU A 69 -7.25 12.86 -0.14
N ARG A 70 -6.81 13.14 -1.37
CA ARG A 70 -7.73 13.45 -2.45
C ARG A 70 -7.59 12.44 -3.59
N GLN A 71 -6.38 11.89 -3.73
CA GLN A 71 -6.12 10.91 -4.78
C GLN A 71 -5.52 9.63 -4.20
N PRO A 72 -5.77 8.50 -4.86
CA PRO A 72 -5.27 7.19 -4.42
C PRO A 72 -3.76 7.06 -4.60
N ARG A 73 -3.10 6.52 -3.59
CA ARG A 73 -1.66 6.35 -3.63
C ARG A 73 -1.26 4.98 -3.07
N PHE A 74 -0.08 4.50 -3.49
CA PHE A 74 0.41 3.20 -3.03
C PHE A 74 1.40 3.37 -1.89
N ILE A 75 1.29 2.51 -0.89
CA ILE A 75 2.17 2.56 0.27
C ILE A 75 2.40 1.16 0.85
N VAL A 76 3.62 0.89 1.27
CA VAL A 76 3.98 -0.40 1.85
C VAL A 76 4.64 -0.23 3.21
N TYR A 77 3.87 -0.42 4.28
CA TYR A 77 4.38 -0.28 5.63
C TYR A 77 4.61 -1.66 6.26
N SER A 78 5.47 -1.69 7.27
CA SER A 78 5.78 -2.94 7.96
C SER A 78 5.64 -2.77 9.47
N TYR A 79 4.48 -3.13 9.99
CA TYR A 79 4.22 -3.02 11.43
C TYR A 79 5.12 -3.96 12.22
N LYS A 80 5.11 -3.81 13.54
CA LYS A 80 5.92 -4.64 14.41
C LYS A 80 5.05 -5.47 15.34
N TYR A 81 4.78 -6.71 14.94
CA TYR A 81 3.96 -7.61 15.73
C TYR A 81 4.79 -8.32 16.80
N GLN A 82 4.72 -7.81 18.03
CA GLN A 82 5.47 -8.40 19.13
C GLN A 82 4.60 -9.39 19.91
N HIS A 83 5.18 -10.55 20.21
CA HIS A 83 4.47 -11.60 20.93
C HIS A 83 4.83 -11.55 22.42
N ASP A 84 3.88 -11.95 23.26
CA ASP A 84 4.09 -11.96 24.71
C ASP A 84 5.42 -12.62 25.06
N ASP A 85 5.57 -13.87 24.67
CA ASP A 85 6.79 -14.62 24.95
C ASP A 85 8.03 -13.76 24.65
N GLY A 86 8.01 -13.10 23.50
CA GLY A 86 9.13 -12.26 23.12
C GLY A 86 9.28 -12.14 21.61
N ARG A 87 9.06 -13.24 20.91
CA ARG A 87 9.17 -13.25 19.46
C ARG A 87 8.40 -12.09 18.84
N VAL A 88 9.04 -11.37 17.93
CA VAL A 88 8.42 -10.24 17.26
C VAL A 88 8.87 -10.12 15.82
N SER A 89 7.90 -10.08 14.90
CA SER A 89 8.20 -9.99 13.48
C SER A 89 7.45 -8.82 12.85
N TYR A 90 7.94 -8.35 11.70
CA TYR A 90 7.32 -7.24 10.99
C TYR A 90 6.70 -7.71 9.69
N PRO A 91 5.41 -8.06 9.73
CA PRO A 91 4.68 -8.52 8.55
C PRO A 91 4.44 -7.41 7.54
N LEU A 92 4.94 -7.61 6.32
CA LEU A 92 4.78 -6.62 5.26
C LEU A 92 3.38 -6.69 4.67
N CYS A 93 2.68 -5.55 4.68
CA CYS A 93 1.33 -5.47 4.13
C CYS A 93 1.19 -4.30 3.17
N PHE A 94 0.27 -4.43 2.22
CA PHE A 94 0.05 -3.38 1.23
C PHE A 94 -1.15 -2.52 1.62
N ILE A 95 -0.89 -1.27 1.98
CA ILE A 95 -1.94 -0.35 2.36
C ILE A 95 -2.34 0.56 1.20
N PHE A 96 -3.45 0.22 0.56
CA PHE A 96 -3.94 1.00 -0.58
C PHE A 96 -4.72 2.23 -0.10
N SER A 97 -4.03 3.37 -0.03
CA SER A 97 -4.67 4.60 0.42
C SER A 97 -5.57 5.17 -0.66
N SER A 98 -6.88 5.00 -0.48
CA SER A 98 -7.86 5.48 -1.45
C SER A 98 -8.86 6.43 -0.78
N PRO A 99 -8.65 7.74 -0.97
CA PRO A 99 -9.52 8.77 -0.39
C PRO A 99 -10.91 8.79 -1.05
N VAL A 100 -11.94 8.76 -0.21
CA VAL A 100 -13.31 8.77 -0.71
C VAL A 100 -13.51 9.87 -1.75
N GLY A 101 -12.78 10.97 -1.58
CA GLY A 101 -12.88 12.07 -2.52
C GLY A 101 -12.12 11.83 -3.80
N CYS A 102 -11.91 10.55 -4.13
CA CYS A 102 -11.17 10.19 -5.33
C CYS A 102 -12.14 9.88 -6.49
N LYS A 103 -11.65 10.01 -7.71
CA LYS A 103 -12.45 9.75 -8.89
C LYS A 103 -12.28 8.32 -9.37
N PRO A 104 -13.27 7.82 -10.13
CA PRO A 104 -13.25 6.46 -10.66
C PRO A 104 -12.20 6.27 -11.75
N GLU A 105 -12.21 7.16 -12.74
CA GLU A 105 -11.26 7.09 -13.84
C GLU A 105 -9.86 6.78 -13.32
N GLN A 106 -9.58 7.21 -12.10
CA GLN A 106 -8.27 6.98 -11.48
C GLN A 106 -8.27 5.68 -10.68
N GLN A 107 -9.29 5.48 -9.86
CA GLN A 107 -9.40 4.28 -9.04
C GLN A 107 -9.08 3.04 -9.86
N MET A 108 -9.46 3.06 -11.14
CA MET A 108 -9.21 1.93 -12.02
C MET A 108 -7.72 1.82 -12.37
N MET A 109 -7.10 2.97 -12.62
CA MET A 109 -5.68 3.00 -12.96
C MET A 109 -4.83 2.46 -11.80
N TYR A 110 -5.12 2.91 -10.59
CA TYR A 110 -4.39 2.47 -9.41
C TYR A 110 -4.85 1.07 -8.97
N ALA A 111 -6.16 0.87 -8.98
CA ALA A 111 -6.73 -0.42 -8.59
C ALA A 111 -6.01 -1.57 -9.28
N GLY A 112 -6.22 -1.69 -10.58
CA GLY A 112 -5.59 -2.76 -11.35
C GLY A 112 -4.08 -2.81 -11.13
N SER A 113 -3.41 -1.70 -11.42
CA SER A 113 -1.97 -1.63 -11.26
C SER A 113 -1.54 -2.16 -9.89
N LYS A 114 -2.32 -1.83 -8.86
CA LYS A 114 -2.03 -2.29 -7.51
C LYS A 114 -1.80 -3.80 -7.47
N ASN A 115 -2.80 -4.55 -7.93
CA ASN A 115 -2.72 -6.01 -7.94
C ASN A 115 -1.29 -6.46 -8.24
N LYS A 116 -0.79 -6.09 -9.41
CA LYS A 116 0.56 -6.47 -9.81
C LYS A 116 1.56 -6.15 -8.71
N LEU A 117 1.49 -4.94 -8.16
CA LEU A 117 2.39 -4.52 -7.10
C LEU A 117 2.39 -5.54 -5.96
N VAL A 118 1.20 -5.87 -5.47
CA VAL A 118 1.06 -6.83 -4.38
C VAL A 118 1.83 -8.12 -4.68
N GLN A 119 2.09 -8.36 -5.96
CA GLN A 119 2.81 -9.55 -6.39
C GLN A 119 4.32 -9.28 -6.46
N THR A 120 4.67 -8.07 -6.88
CA THR A 120 6.07 -7.68 -7.00
C THR A 120 6.72 -7.56 -5.63
N ALA A 121 6.03 -6.90 -4.70
CA ALA A 121 6.54 -6.72 -3.35
C ALA A 121 6.33 -7.96 -2.51
N GLU A 122 5.66 -8.96 -3.09
CA GLU A 122 5.38 -10.22 -2.39
C GLU A 122 4.63 -9.96 -1.09
N LEU A 123 3.51 -9.24 -1.20
CA LEU A 123 2.70 -8.93 -0.03
C LEU A 123 1.48 -9.83 0.04
N THR A 124 1.30 -10.48 1.19
CA THR A 124 0.16 -11.38 1.39
C THR A 124 -1.05 -10.62 1.91
N LYS A 125 -0.83 -9.75 2.89
CA LYS A 125 -1.90 -8.96 3.47
C LYS A 125 -2.09 -7.64 2.73
N VAL A 126 -3.31 -7.37 2.30
CA VAL A 126 -3.61 -6.14 1.58
C VAL A 126 -4.84 -5.45 2.16
N PHE A 127 -4.65 -4.23 2.67
CA PHE A 127 -5.74 -3.47 3.25
C PHE A 127 -5.91 -2.12 2.55
N GLU A 128 -7.16 -1.69 2.40
CA GLU A 128 -7.45 -0.42 1.75
C GLU A 128 -8.25 0.50 2.66
N ILE A 129 -7.78 1.75 2.79
CA ILE A 129 -8.46 2.72 3.63
C ILE A 129 -9.19 3.76 2.79
N ARG A 130 -10.45 4.02 3.15
CA ARG A 130 -11.25 5.00 2.43
C ARG A 130 -10.72 6.41 2.63
N ASN A 131 -10.00 6.61 3.74
CA ASN A 131 -9.43 7.91 4.06
C ASN A 131 -8.07 7.76 4.74
N THR A 132 -7.07 8.49 4.23
CA THR A 132 -5.73 8.43 4.80
C THR A 132 -5.77 8.50 6.32
N GLU A 133 -6.73 9.25 6.85
CA GLU A 133 -6.88 9.40 8.29
C GLU A 133 -7.08 8.04 8.96
N ASP A 134 -7.88 7.19 8.33
CA ASP A 134 -8.16 5.86 8.86
C ASP A 134 -6.86 5.17 9.30
N LEU A 135 -5.84 5.26 8.46
CA LEU A 135 -4.55 4.64 8.76
C LEU A 135 -4.03 5.09 10.12
N THR A 136 -4.23 4.25 11.13
CA THR A 136 -3.78 4.56 12.47
C THR A 136 -3.25 3.31 13.18
N GLU A 137 -2.35 3.52 14.14
CA GLU A 137 -1.77 2.41 14.89
C GLU A 137 -2.82 1.35 15.20
N GLU A 138 -3.96 1.80 15.71
CA GLU A 138 -5.05 0.88 16.06
C GLU A 138 -5.56 0.15 14.82
N TRP A 139 -6.00 0.91 13.82
CA TRP A 139 -6.51 0.33 12.59
C TRP A 139 -5.55 -0.72 12.04
N LEU A 140 -4.26 -0.41 12.07
CA LEU A 140 -3.24 -1.33 11.58
C LEU A 140 -3.36 -2.69 12.25
N ARG A 141 -3.17 -2.71 13.57
CA ARG A 141 -3.25 -3.95 14.33
C ARG A 141 -4.60 -4.63 14.09
N GLU A 142 -5.60 -3.85 13.75
CA GLU A 142 -6.94 -4.39 13.49
C GLU A 142 -6.93 -5.33 12.29
N LYS A 143 -6.30 -4.88 11.21
CA LYS A 143 -6.21 -5.68 9.99
C LYS A 143 -5.44 -6.96 10.23
N LEU A 144 -4.33 -6.85 10.95
CA LEU A 144 -3.49 -8.00 11.26
C LEU A 144 -4.18 -8.93 12.25
N GLY A 145 -4.91 -8.34 13.19
CA GLY A 145 -5.63 -9.13 14.17
C GLY A 145 -6.61 -10.10 13.55
N SER A 146 -7.78 -9.59 13.17
CA SER A 146 -8.81 -10.41 12.56
C SER A 146 -8.55 -10.61 11.07
N GLY A 147 -7.28 -10.81 10.73
CA GLY A 147 -6.92 -11.01 9.34
C GLY A 147 -7.34 -12.36 8.81
N PRO A 148 -6.41 -13.07 8.15
CA PRO A 148 -6.67 -14.40 7.59
C PRO A 148 -6.86 -15.46 8.66
N SER A 149 -7.65 -16.48 8.34
CA SER A 149 -7.91 -17.56 9.29
C SER A 149 -6.61 -18.07 9.90
N SER A 150 -6.36 -17.68 11.15
CA SER A 150 -5.15 -18.09 11.85
C SER A 150 -5.34 -19.46 12.49
N GLY A 151 -4.81 -20.49 11.82
CA GLY A 151 -4.92 -21.84 12.34
C GLY A 151 -3.60 -22.39 12.83
N GLY A 1 -20.60 20.72 -7.88
CA GLY A 1 -20.01 19.47 -8.34
C GLY A 1 -21.06 18.39 -8.57
N SER A 2 -21.17 17.94 -9.81
CA SER A 2 -22.14 16.91 -10.16
C SER A 2 -21.52 15.88 -11.10
N SER A 3 -22.09 14.68 -11.11
CA SER A 3 -21.59 13.60 -11.95
C SER A 3 -22.69 13.07 -12.87
N GLY A 4 -22.31 12.66 -14.07
CA GLY A 4 -23.27 12.15 -15.02
C GLY A 4 -22.65 11.16 -15.99
N SER A 5 -21.46 11.47 -16.48
CA SER A 5 -20.75 10.61 -17.43
C SER A 5 -20.11 9.43 -16.70
N SER A 6 -20.80 8.29 -16.71
CA SER A 6 -20.30 7.09 -16.06
C SER A 6 -21.04 5.85 -16.57
N GLY A 7 -20.32 5.00 -17.30
CA GLY A 7 -20.92 3.80 -17.83
C GLY A 7 -20.04 3.10 -18.86
N SER A 8 -18.82 2.76 -18.44
CA SER A 8 -17.87 2.10 -19.34
C SER A 8 -16.80 1.36 -18.54
N GLU A 9 -16.40 0.19 -19.02
CA GLU A 9 -15.38 -0.60 -18.36
C GLU A 9 -14.04 -0.48 -19.08
N SER A 10 -13.22 0.47 -18.64
CA SER A 10 -11.91 0.69 -19.25
C SER A 10 -10.82 0.70 -18.18
N LEU A 11 -10.42 -0.50 -17.74
CA LEU A 11 -9.38 -0.63 -16.73
C LEU A 11 -8.03 -0.21 -17.28
N VAL A 12 -7.22 0.41 -16.43
CA VAL A 12 -5.89 0.86 -16.83
C VAL A 12 -4.81 0.23 -15.96
N VAL A 13 -4.21 -0.84 -16.46
CA VAL A 13 -3.16 -1.54 -15.73
C VAL A 13 -1.78 -1.11 -16.20
N CYS A 14 -0.79 -1.18 -15.31
CA CYS A 14 0.57 -0.79 -15.63
C CYS A 14 1.57 -1.78 -15.06
N ASP A 15 2.86 -1.51 -15.26
CA ASP A 15 3.91 -2.37 -14.75
C ASP A 15 4.74 -1.66 -13.69
N VAL A 16 5.63 -2.41 -13.04
CA VAL A 16 6.48 -1.86 -12.01
C VAL A 16 7.89 -1.58 -12.53
N ALA A 17 8.37 -0.37 -12.30
CA ALA A 17 9.71 0.02 -12.75
C ALA A 17 10.79 -0.75 -12.00
N GLU A 18 11.81 -1.20 -12.73
CA GLU A 18 12.90 -1.95 -12.12
C GLU A 18 13.49 -1.20 -10.94
N ASP A 19 13.67 0.11 -11.10
CA ASP A 19 14.22 0.95 -10.05
C ASP A 19 13.36 0.89 -8.79
N LEU A 20 12.08 0.55 -8.99
CA LEU A 20 11.15 0.46 -7.87
C LEU A 20 11.19 -0.93 -7.23
N VAL A 21 10.97 -1.95 -8.05
CA VAL A 21 10.99 -3.33 -7.57
C VAL A 21 12.15 -3.58 -6.63
N GLU A 22 13.36 -3.23 -7.10
CA GLU A 22 14.56 -3.41 -6.29
C GLU A 22 14.31 -3.05 -4.84
N LYS A 23 13.67 -1.90 -4.63
CA LYS A 23 13.36 -1.43 -3.29
C LYS A 23 12.46 -2.41 -2.56
N LEU A 24 11.31 -2.70 -3.16
CA LEU A 24 10.36 -3.64 -2.57
C LEU A 24 11.04 -4.93 -2.14
N ARG A 25 11.92 -5.43 -2.99
CA ARG A 25 12.65 -6.66 -2.72
C ARG A 25 13.40 -6.56 -1.39
N LYS A 26 14.09 -5.43 -1.19
CA LYS A 26 14.84 -5.21 0.03
C LYS A 26 13.92 -5.07 1.24
N PHE A 27 12.78 -4.40 1.02
CA PHE A 27 11.80 -4.20 2.08
C PHE A 27 11.56 -5.50 2.85
N ARG A 28 11.21 -6.55 2.13
CA ARG A 28 10.95 -7.85 2.74
C ARG A 28 12.20 -8.39 3.41
N PHE A 29 13.32 -8.34 2.70
CA PHE A 29 14.58 -8.84 3.24
C PHE A 29 15.36 -7.71 3.91
N ARG A 30 14.64 -6.72 4.43
CA ARG A 30 15.26 -5.59 5.11
C ARG A 30 15.99 -6.05 6.37
N LYS A 31 17.27 -5.70 6.47
CA LYS A 31 18.08 -6.07 7.63
C LYS A 31 17.91 -5.05 8.75
N GLU A 32 17.18 -3.98 8.47
CA GLU A 32 16.94 -2.93 9.46
C GLU A 32 15.97 -3.42 10.54
N THR A 33 15.88 -2.66 11.62
CA THR A 33 15.00 -3.00 12.74
C THR A 33 13.82 -2.05 12.82
N HIS A 34 14.07 -0.77 12.56
CA HIS A 34 13.02 0.24 12.61
C HIS A 34 11.98 0.00 11.52
N ASN A 35 10.92 0.78 11.54
CA ASN A 35 9.85 0.64 10.56
C ASN A 35 10.24 1.30 9.24
N ALA A 36 9.34 1.22 8.26
CA ALA A 36 9.59 1.81 6.95
C ALA A 36 8.30 1.96 6.16
N ALA A 37 8.33 2.82 5.14
CA ALA A 37 7.15 3.05 4.31
C ALA A 37 7.56 3.50 2.90
N ILE A 38 7.27 2.66 1.91
CA ILE A 38 7.60 2.97 0.53
C ILE A 38 6.37 3.41 -0.25
N ILE A 39 6.41 4.62 -0.78
CA ILE A 39 5.29 5.15 -1.55
C ILE A 39 5.55 5.03 -3.05
N MET A 40 4.50 4.74 -3.80
CA MET A 40 4.61 4.60 -5.25
C MET A 40 3.45 5.29 -5.95
N LYS A 41 3.73 5.88 -7.12
CA LYS A 41 2.71 6.57 -7.89
C LYS A 41 2.73 6.12 -9.34
N ILE A 42 1.72 6.54 -10.10
CA ILE A 42 1.63 6.17 -11.52
C ILE A 42 1.44 7.41 -12.39
N ASP A 43 2.23 7.48 -13.45
CA ASP A 43 2.16 8.62 -14.38
C ASP A 43 1.50 8.21 -15.69
N LYS A 44 1.10 9.20 -16.48
CA LYS A 44 0.46 8.95 -17.77
C LYS A 44 1.50 8.82 -18.88
N ASP A 45 2.42 9.78 -18.93
CA ASP A 45 3.47 9.78 -19.94
C ASP A 45 4.39 8.57 -19.77
N GLU A 46 4.62 8.17 -18.52
CA GLU A 46 5.47 7.04 -18.23
C GLU A 46 4.65 5.76 -18.06
N ARG A 47 3.34 5.93 -17.85
CA ARG A 47 2.45 4.79 -17.66
C ARG A 47 3.18 3.62 -17.01
N LEU A 48 4.01 3.93 -16.01
CA LEU A 48 4.76 2.90 -15.31
C LEU A 48 4.95 3.28 -13.85
N VAL A 49 4.73 2.32 -12.95
CA VAL A 49 4.88 2.56 -11.52
C VAL A 49 6.34 2.77 -11.15
N VAL A 50 6.64 3.92 -10.56
CA VAL A 50 8.00 4.25 -10.15
C VAL A 50 8.05 4.70 -8.70
N LEU A 51 9.21 4.53 -8.07
CA LEU A 51 9.38 4.91 -6.67
C LEU A 51 9.09 6.40 -6.48
N ASP A 52 8.36 6.72 -5.42
CA ASP A 52 8.02 8.11 -5.12
C ASP A 52 8.88 8.65 -3.97
N GLU A 53 8.98 7.86 -2.91
CA GLU A 53 9.76 8.27 -1.75
C GLU A 53 9.88 7.11 -0.75
N GLU A 54 10.95 7.12 0.03
CA GLU A 54 11.18 6.08 1.03
C GLU A 54 11.21 6.66 2.44
N LEU A 55 10.31 6.19 3.29
CA LEU A 55 10.22 6.66 4.66
C LEU A 55 10.84 5.65 5.62
N GLU A 56 11.74 6.12 6.48
CA GLU A 56 12.38 5.26 7.46
C GLU A 56 11.99 5.63 8.87
N GLY A 57 11.93 4.65 9.75
CA GLY A 57 11.57 4.91 11.14
C GLY A 57 10.36 5.81 11.26
N VAL A 58 9.27 5.43 10.60
CA VAL A 58 8.04 6.22 10.63
C VAL A 58 6.94 5.48 11.38
N SER A 59 5.81 6.16 11.58
CA SER A 59 4.68 5.58 12.30
C SER A 59 3.45 5.52 11.40
N PRO A 60 2.50 4.63 11.74
CA PRO A 60 1.26 4.46 10.98
C PRO A 60 0.33 5.65 11.12
N ASP A 61 0.62 6.50 12.09
CA ASP A 61 -0.21 7.69 12.33
C ASP A 61 0.36 8.89 11.59
N GLU A 62 1.66 8.87 11.33
CA GLU A 62 2.32 9.97 10.63
C GLU A 62 2.39 9.69 9.12
N LEU A 63 2.44 8.41 8.77
CA LEU A 63 2.52 8.01 7.37
C LEU A 63 1.38 8.64 6.57
N LYS A 64 0.15 8.41 7.02
CA LYS A 64 -1.02 8.95 6.35
C LYS A 64 -0.86 10.44 6.10
N ASP A 65 -0.09 11.10 6.94
CA ASP A 65 0.14 12.54 6.80
C ASP A 65 0.96 12.83 5.55
N GLU A 66 1.83 11.89 5.19
CA GLU A 66 2.68 12.05 4.01
C GLU A 66 1.98 11.54 2.76
N LEU A 67 0.76 11.03 2.94
CA LEU A 67 -0.02 10.50 1.83
C LEU A 67 -1.11 11.48 1.41
N PRO A 68 -1.46 11.47 0.11
CA PRO A 68 -2.49 12.34 -0.44
C PRO A 68 -3.88 11.98 0.04
N GLU A 69 -4.65 12.99 0.48
CA GLU A 69 -6.00 12.76 0.96
C GLU A 69 -7.03 13.14 -0.10
N ARG A 70 -6.59 13.21 -1.35
CA ARG A 70 -7.47 13.56 -2.46
C ARG A 70 -7.35 12.55 -3.59
N GLN A 71 -6.17 11.96 -3.74
CA GLN A 71 -5.93 10.98 -4.78
C GLN A 71 -5.35 9.70 -4.19
N PRO A 72 -5.65 8.56 -4.84
CA PRO A 72 -5.16 7.24 -4.41
C PRO A 72 -3.67 7.08 -4.61
N ARG A 73 -2.98 6.55 -3.60
CA ARG A 73 -1.55 6.35 -3.68
C ARG A 73 -1.16 4.99 -3.08
N PHE A 74 -0.01 4.48 -3.49
CA PHE A 74 0.48 3.20 -2.99
C PHE A 74 1.50 3.38 -1.87
N ILE A 75 1.40 2.56 -0.84
CA ILE A 75 2.31 2.64 0.30
C ILE A 75 2.53 1.26 0.92
N VAL A 76 3.78 0.94 1.19
CA VAL A 76 4.13 -0.34 1.80
C VAL A 76 4.75 -0.15 3.18
N TYR A 77 3.95 -0.35 4.22
CA TYR A 77 4.42 -0.20 5.59
C TYR A 77 4.68 -1.56 6.22
N SER A 78 5.50 -1.56 7.27
CA SER A 78 5.84 -2.80 7.97
C SER A 78 5.74 -2.61 9.48
N TYR A 79 4.60 -2.97 10.04
CA TYR A 79 4.37 -2.84 11.48
C TYR A 79 5.17 -3.89 12.25
N LYS A 80 5.29 -3.68 13.56
CA LYS A 80 6.03 -4.61 14.41
C LYS A 80 5.08 -5.39 15.32
N TYR A 81 4.88 -6.66 15.00
CA TYR A 81 4.00 -7.52 15.77
C TYR A 81 4.78 -8.32 16.81
N GLN A 82 4.79 -7.84 18.04
CA GLN A 82 5.51 -8.51 19.12
C GLN A 82 4.68 -9.64 19.71
N HIS A 83 5.34 -10.74 20.07
CA HIS A 83 4.66 -11.89 20.65
C HIS A 83 4.98 -12.02 22.13
N ASP A 84 3.96 -12.36 22.92
CA ASP A 84 4.13 -12.53 24.36
C ASP A 84 5.42 -13.28 24.68
N ASP A 85 5.57 -14.47 24.10
CA ASP A 85 6.76 -15.28 24.31
C ASP A 85 8.02 -14.42 24.31
N GLY A 86 8.06 -13.44 23.40
CA GLY A 86 9.21 -12.56 23.31
C GLY A 86 9.60 -12.28 21.88
N ARG A 87 9.31 -13.21 20.99
CA ARG A 87 9.64 -13.05 19.57
C ARG A 87 8.77 -11.97 18.93
N VAL A 88 9.37 -11.22 18.00
CA VAL A 88 8.65 -10.15 17.31
C VAL A 88 9.09 -10.06 15.86
N SER A 89 8.12 -10.04 14.95
CA SER A 89 8.40 -9.95 13.52
C SER A 89 7.65 -8.79 12.89
N TYR A 90 8.19 -8.26 11.80
CA TYR A 90 7.56 -7.14 11.11
C TYR A 90 6.90 -7.60 9.81
N PRO A 91 5.60 -7.94 9.89
CA PRO A 91 4.83 -8.41 8.74
C PRO A 91 4.58 -7.30 7.72
N LEU A 92 5.03 -7.51 6.49
CA LEU A 92 4.85 -6.53 5.43
C LEU A 92 3.43 -6.57 4.89
N CYS A 93 2.77 -5.42 4.87
CA CYS A 93 1.41 -5.32 4.38
C CYS A 93 1.29 -4.20 3.35
N PHE A 94 0.32 -4.33 2.45
CA PHE A 94 0.09 -3.34 1.41
C PHE A 94 -1.13 -2.48 1.74
N ILE A 95 -0.88 -1.22 2.11
CA ILE A 95 -1.96 -0.31 2.45
C ILE A 95 -2.32 0.58 1.27
N PHE A 96 -3.43 0.26 0.61
CA PHE A 96 -3.89 1.03 -0.55
C PHE A 96 -4.68 2.26 -0.10
N SER A 97 -3.98 3.38 0.08
CA SER A 97 -4.62 4.62 0.49
C SER A 97 -5.51 5.18 -0.61
N SER A 98 -6.82 5.09 -0.40
CA SER A 98 -7.78 5.58 -1.38
C SER A 98 -8.78 6.53 -0.73
N PRO A 99 -8.57 7.85 -0.92
CA PRO A 99 -9.44 8.87 -0.36
C PRO A 99 -10.80 8.91 -1.03
N VAL A 100 -11.85 8.96 -0.21
CA VAL A 100 -13.22 9.00 -0.74
C VAL A 100 -13.39 10.09 -1.78
N GLY A 101 -12.61 11.17 -1.64
CA GLY A 101 -12.68 12.26 -2.58
C GLY A 101 -11.89 11.99 -3.85
N CYS A 102 -11.68 10.71 -4.15
CA CYS A 102 -10.94 10.31 -5.34
C CYS A 102 -11.88 10.08 -6.51
N LYS A 103 -11.34 10.14 -7.72
CA LYS A 103 -12.13 9.93 -8.92
C LYS A 103 -12.03 8.48 -9.40
N PRO A 104 -13.06 8.02 -10.13
CA PRO A 104 -13.10 6.66 -10.66
C PRO A 104 -12.09 6.43 -11.77
N GLU A 105 -11.98 7.39 -12.69
CA GLU A 105 -11.05 7.29 -13.80
C GLU A 105 -9.66 6.89 -13.31
N GLN A 106 -9.36 7.25 -12.07
CA GLN A 106 -8.06 6.93 -11.47
C GLN A 106 -8.12 5.63 -10.69
N GLN A 107 -9.19 5.47 -9.91
CA GLN A 107 -9.37 4.27 -9.10
C GLN A 107 -9.06 3.02 -9.91
N MET A 108 -9.36 3.06 -11.20
CA MET A 108 -9.11 1.93 -12.08
C MET A 108 -7.63 1.82 -12.42
N MET A 109 -6.97 2.97 -12.53
CA MET A 109 -5.54 2.99 -12.84
C MET A 109 -4.71 2.44 -11.68
N TYR A 110 -5.15 2.73 -10.46
CA TYR A 110 -4.44 2.26 -9.27
C TYR A 110 -4.94 0.88 -8.85
N ALA A 111 -6.23 0.62 -9.11
CA ALA A 111 -6.83 -0.66 -8.76
C ALA A 111 -6.19 -1.80 -9.56
N GLY A 112 -6.43 -1.80 -10.86
CA GLY A 112 -5.87 -2.85 -11.71
C GLY A 112 -4.36 -2.92 -11.61
N SER A 113 -3.72 -1.79 -11.33
CA SER A 113 -2.27 -1.73 -11.22
C SER A 113 -1.81 -2.29 -9.88
N LYS A 114 -2.54 -1.95 -8.82
CA LYS A 114 -2.21 -2.42 -7.48
C LYS A 114 -1.98 -3.93 -7.47
N ASN A 115 -2.97 -4.68 -7.93
CA ASN A 115 -2.89 -6.14 -7.96
C ASN A 115 -1.45 -6.57 -8.27
N LYS A 116 -0.98 -6.26 -9.46
CA LYS A 116 0.37 -6.61 -9.87
C LYS A 116 1.38 -6.33 -8.76
N LEU A 117 1.30 -5.14 -8.19
CA LEU A 117 2.20 -4.73 -7.11
C LEU A 117 2.22 -5.78 -6.01
N VAL A 118 1.04 -6.12 -5.49
CA VAL A 118 0.92 -7.10 -4.43
C VAL A 118 1.67 -8.38 -4.78
N GLN A 119 1.94 -8.57 -6.07
CA GLN A 119 2.65 -9.74 -6.55
C GLN A 119 4.15 -9.45 -6.70
N THR A 120 4.46 -8.23 -7.09
CA THR A 120 5.85 -7.83 -7.28
C THR A 120 6.60 -7.81 -5.95
N ALA A 121 5.96 -7.27 -4.93
CA ALA A 121 6.56 -7.19 -3.60
C ALA A 121 6.30 -8.47 -2.80
N GLU A 122 5.52 -9.37 -3.38
CA GLU A 122 5.20 -10.63 -2.72
C GLU A 122 4.54 -10.40 -1.37
N LEU A 123 3.50 -9.56 -1.37
CA LEU A 123 2.79 -9.24 -0.14
C LEU A 123 1.54 -10.11 0.00
N THR A 124 1.30 -10.61 1.21
CA THR A 124 0.15 -11.46 1.48
C THR A 124 -1.03 -10.64 1.99
N LYS A 125 -0.78 -9.81 2.99
CA LYS A 125 -1.82 -8.96 3.57
C LYS A 125 -1.98 -7.67 2.77
N VAL A 126 -3.22 -7.36 2.41
CA VAL A 126 -3.52 -6.16 1.65
C VAL A 126 -4.74 -5.44 2.21
N PHE A 127 -4.50 -4.29 2.85
CA PHE A 127 -5.58 -3.50 3.42
C PHE A 127 -5.78 -2.20 2.65
N GLU A 128 -7.04 -1.77 2.55
CA GLU A 128 -7.36 -0.54 1.84
C GLU A 128 -8.20 0.39 2.71
N ILE A 129 -7.80 1.65 2.77
CA ILE A 129 -8.52 2.65 3.57
C ILE A 129 -9.22 3.67 2.68
N ARG A 130 -10.47 3.98 3.00
CA ARG A 130 -11.25 4.94 2.23
C ARG A 130 -10.91 6.37 2.66
N ASN A 131 -9.95 6.51 3.56
CA ASN A 131 -9.54 7.81 4.05
C ASN A 131 -8.20 7.73 4.79
N THR A 132 -7.21 8.44 4.28
CA THR A 132 -5.88 8.45 4.89
C THR A 132 -5.97 8.50 6.41
N GLU A 133 -6.99 9.18 6.92
CA GLU A 133 -7.19 9.31 8.35
C GLU A 133 -7.29 7.93 9.01
N ASP A 134 -8.06 7.04 8.38
CA ASP A 134 -8.25 5.70 8.90
C ASP A 134 -6.90 5.07 9.28
N LEU A 135 -5.90 5.29 8.44
CA LEU A 135 -4.57 4.74 8.69
C LEU A 135 -4.02 5.21 10.03
N THR A 136 -4.15 4.37 11.05
CA THR A 136 -3.68 4.70 12.38
C THR A 136 -3.07 3.48 13.07
N GLU A 137 -2.44 3.70 14.21
CA GLU A 137 -1.82 2.62 14.96
C GLU A 137 -2.82 1.50 15.22
N GLU A 138 -3.87 1.81 15.96
CA GLU A 138 -4.91 0.83 16.28
C GLU A 138 -5.37 0.11 15.03
N TRP A 139 -5.75 0.88 14.02
CA TRP A 139 -6.23 0.31 12.76
C TRP A 139 -5.21 -0.67 12.18
N LEU A 140 -3.92 -0.33 12.31
CA LEU A 140 -2.86 -1.17 11.81
C LEU A 140 -3.01 -2.61 12.30
N ARG A 141 -2.99 -2.78 13.63
CA ARG A 141 -3.14 -4.10 14.22
C ARG A 141 -4.49 -4.71 13.87
N GLU A 142 -5.48 -3.87 13.63
CA GLU A 142 -6.82 -4.33 13.28
C GLU A 142 -6.79 -5.18 12.02
N LYS A 143 -6.13 -4.66 10.98
CA LYS A 143 -6.03 -5.36 9.71
C LYS A 143 -5.23 -6.66 9.88
N LEU A 144 -4.17 -6.60 10.66
CA LEU A 144 -3.33 -7.77 10.90
C LEU A 144 -4.09 -8.84 11.69
N GLY A 145 -4.98 -8.39 12.56
CA GLY A 145 -5.76 -9.32 13.36
C GLY A 145 -7.18 -9.47 12.85
N SER A 146 -7.32 -9.67 11.55
CA SER A 146 -8.64 -9.82 10.93
C SER A 146 -8.78 -11.19 10.28
N GLY A 147 -9.28 -12.16 11.04
CA GLY A 147 -9.45 -13.50 10.50
C GLY A 147 -8.51 -14.50 11.15
N PRO A 148 -9.02 -15.72 11.38
CA PRO A 148 -8.23 -16.80 12.00
C PRO A 148 -7.13 -17.31 11.08
N SER A 149 -5.88 -17.16 11.52
CA SER A 149 -4.73 -17.61 10.72
C SER A 149 -3.48 -17.69 11.59
N SER A 150 -2.53 -18.51 11.17
CA SER A 150 -1.28 -18.69 11.90
C SER A 150 -0.24 -17.66 11.46
N GLY A 151 -0.25 -16.50 12.12
CA GLY A 151 0.69 -15.45 11.79
C GLY A 151 0.11 -14.43 10.83
N GLY A 1 -12.89 15.77 -15.41
CA GLY A 1 -12.83 14.80 -14.34
C GLY A 1 -13.69 13.59 -14.58
N SER A 2 -14.97 13.83 -14.91
CA SER A 2 -15.90 12.74 -15.17
C SER A 2 -16.51 12.88 -16.57
N SER A 3 -15.88 12.23 -17.54
CA SER A 3 -16.34 12.29 -18.92
C SER A 3 -17.46 11.27 -19.16
N GLY A 4 -17.15 10.00 -18.93
CA GLY A 4 -18.13 8.95 -19.12
C GLY A 4 -17.83 8.10 -20.33
N SER A 5 -16.89 7.18 -20.20
CA SER A 5 -16.51 6.29 -21.30
C SER A 5 -16.96 4.86 -21.03
N SER A 6 -17.69 4.28 -21.98
CA SER A 6 -18.18 2.92 -21.85
C SER A 6 -17.04 1.95 -21.56
N GLY A 7 -17.34 0.90 -20.80
CA GLY A 7 -16.33 -0.08 -20.46
C GLY A 7 -16.83 -1.09 -19.44
N SER A 8 -16.73 -2.37 -19.78
CA SER A 8 -17.17 -3.44 -18.89
C SER A 8 -16.03 -3.91 -17.99
N GLU A 9 -16.19 -3.71 -16.69
CA GLU A 9 -15.17 -4.12 -15.73
C GLU A 9 -13.78 -3.99 -16.33
N SER A 10 -13.58 -2.97 -17.16
CA SER A 10 -12.29 -2.74 -17.80
C SER A 10 -11.40 -1.85 -16.94
N LEU A 11 -10.30 -2.42 -16.45
CA LEU A 11 -9.37 -1.69 -15.61
C LEU A 11 -8.04 -1.47 -16.33
N VAL A 12 -7.36 -0.39 -15.99
CA VAL A 12 -6.07 -0.07 -16.60
C VAL A 12 -4.91 -0.53 -15.71
N VAL A 13 -4.33 -1.68 -16.04
CA VAL A 13 -3.22 -2.23 -15.27
C VAL A 13 -1.88 -1.86 -15.90
N CYS A 14 -0.90 -1.58 -15.05
CA CYS A 14 0.44 -1.20 -15.53
C CYS A 14 1.49 -2.14 -14.95
N ASP A 15 2.75 -1.85 -15.25
CA ASP A 15 3.86 -2.66 -14.77
C ASP A 15 4.64 -1.92 -13.69
N VAL A 16 5.55 -2.65 -13.03
CA VAL A 16 6.36 -2.07 -11.97
C VAL A 16 7.79 -1.81 -12.44
N ALA A 17 8.25 -0.58 -12.26
CA ALA A 17 9.61 -0.21 -12.67
C ALA A 17 10.65 -0.95 -11.83
N GLU A 18 11.65 -1.52 -12.53
CA GLU A 18 12.71 -2.26 -11.85
C GLU A 18 13.31 -1.44 -10.71
N ASP A 19 13.61 -0.18 -10.99
CA ASP A 19 14.19 0.70 -9.98
C ASP A 19 13.33 0.73 -8.72
N LEU A 20 12.02 0.56 -8.90
CA LEU A 20 11.09 0.57 -7.78
C LEU A 20 11.10 -0.77 -7.06
N VAL A 21 10.83 -1.85 -7.80
CA VAL A 21 10.82 -3.18 -7.23
C VAL A 21 12.02 -3.41 -6.32
N GLU A 22 13.22 -3.25 -6.89
CA GLU A 22 14.45 -3.43 -6.13
C GLU A 22 14.30 -2.88 -4.71
N LYS A 23 13.59 -1.77 -4.59
CA LYS A 23 13.38 -1.13 -3.29
C LYS A 23 12.41 -1.95 -2.44
N LEU A 24 11.38 -2.49 -3.08
CA LEU A 24 10.39 -3.30 -2.37
C LEU A 24 10.99 -4.61 -1.89
N ARG A 25 11.73 -5.27 -2.77
CA ARG A 25 12.37 -6.54 -2.42
C ARG A 25 13.19 -6.41 -1.15
N LYS A 26 13.95 -5.32 -1.04
CA LYS A 26 14.77 -5.07 0.15
C LYS A 26 13.90 -4.93 1.39
N PHE A 27 12.80 -4.22 1.27
CA PHE A 27 11.88 -4.02 2.38
C PHE A 27 11.65 -5.33 3.14
N ARG A 28 11.42 -6.40 2.39
CA ARG A 28 11.18 -7.71 2.98
C ARG A 28 12.45 -8.26 3.62
N PHE A 29 13.56 -8.14 2.92
CA PHE A 29 14.84 -8.62 3.42
C PHE A 29 15.71 -7.47 3.90
N ARG A 30 15.08 -6.47 4.53
CA ARG A 30 15.79 -5.31 5.03
C ARG A 30 16.72 -5.70 6.19
N LYS A 31 17.87 -5.03 6.27
CA LYS A 31 18.83 -5.31 7.32
C LYS A 31 18.69 -4.31 8.46
N GLU A 32 17.50 -3.73 8.59
CA GLU A 32 17.24 -2.75 9.64
C GLU A 32 16.25 -3.31 10.67
N THR A 33 16.00 -2.54 11.72
CA THR A 33 15.08 -2.97 12.77
C THR A 33 14.00 -1.91 13.00
N HIS A 34 14.20 -0.73 12.42
CA HIS A 34 13.23 0.35 12.57
C HIS A 34 12.12 0.23 11.53
N ASN A 35 11.07 1.03 11.71
CA ASN A 35 9.93 1.01 10.79
C ASN A 35 10.32 1.57 9.43
N ALA A 36 9.40 1.50 8.48
CA ALA A 36 9.64 2.01 7.13
C ALA A 36 8.34 2.13 6.34
N ALA A 37 8.40 2.82 5.21
CA ALA A 37 7.23 2.99 4.36
C ALA A 37 7.63 3.37 2.93
N ILE A 38 7.18 2.58 1.97
CA ILE A 38 7.50 2.84 0.57
C ILE A 38 6.27 3.29 -0.20
N ILE A 39 6.35 4.47 -0.79
CA ILE A 39 5.23 5.03 -1.55
C ILE A 39 5.49 4.92 -3.06
N MET A 40 4.53 4.36 -3.77
CA MET A 40 4.65 4.20 -5.21
C MET A 40 3.53 4.95 -5.95
N LYS A 41 3.87 5.51 -7.10
CA LYS A 41 2.89 6.25 -7.90
C LYS A 41 3.09 5.98 -9.38
N ILE A 42 2.08 6.33 -10.18
CA ILE A 42 2.14 6.12 -11.63
C ILE A 42 2.14 7.45 -12.36
N ASP A 43 2.83 7.50 -13.49
CA ASP A 43 2.92 8.70 -14.30
C ASP A 43 1.99 8.61 -15.51
N LYS A 44 1.74 9.75 -16.14
CA LYS A 44 0.88 9.80 -17.31
C LYS A 44 1.66 9.50 -18.59
N ASP A 45 2.96 9.76 -18.54
CA ASP A 45 3.83 9.52 -19.69
C ASP A 45 4.52 8.16 -19.57
N GLU A 46 4.93 7.81 -18.36
CA GLU A 46 5.60 6.54 -18.11
C GLU A 46 4.59 5.43 -17.85
N ARG A 47 3.35 5.82 -17.54
CA ARG A 47 2.30 4.86 -17.26
C ARG A 47 2.86 3.62 -16.59
N LEU A 48 3.83 3.82 -15.70
CA LEU A 48 4.45 2.72 -14.99
C LEU A 48 4.62 3.05 -13.51
N VAL A 49 4.49 2.03 -12.65
CA VAL A 49 4.63 2.23 -11.22
C VAL A 49 6.07 2.51 -10.84
N VAL A 50 6.29 3.60 -10.10
CA VAL A 50 7.63 3.99 -9.67
C VAL A 50 7.65 4.38 -8.21
N LEU A 51 8.84 4.49 -7.64
CA LEU A 51 8.99 4.86 -6.24
C LEU A 51 8.95 6.39 -6.07
N ASP A 52 7.96 6.86 -5.34
CA ASP A 52 7.81 8.30 -5.10
C ASP A 52 8.77 8.76 -4.00
N GLU A 53 8.88 7.97 -2.95
CA GLU A 53 9.76 8.31 -1.84
C GLU A 53 9.85 7.15 -0.84
N GLU A 54 10.91 7.15 -0.04
CA GLU A 54 11.11 6.10 0.96
C GLU A 54 11.21 6.69 2.36
N LEU A 55 10.38 6.19 3.27
CA LEU A 55 10.38 6.66 4.65
C LEU A 55 10.95 5.61 5.59
N GLU A 56 11.73 6.05 6.57
CA GLU A 56 12.35 5.16 7.54
C GLU A 56 11.92 5.52 8.96
N GLY A 57 11.94 4.53 9.85
CA GLY A 57 11.56 4.76 11.23
C GLY A 57 10.36 5.67 11.35
N VAL A 58 9.30 5.36 10.61
CA VAL A 58 8.08 6.16 10.64
C VAL A 58 6.94 5.41 11.31
N SER A 59 5.83 6.09 11.52
CA SER A 59 4.65 5.48 12.15
C SER A 59 3.44 5.56 11.23
N PRO A 60 2.44 4.72 11.51
CA PRO A 60 1.21 4.66 10.72
C PRO A 60 0.34 5.91 10.91
N ASP A 61 0.68 6.72 11.91
CA ASP A 61 -0.06 7.94 12.20
C ASP A 61 0.59 9.13 11.52
N GLU A 62 1.88 9.03 11.24
CA GLU A 62 2.63 10.11 10.60
C GLU A 62 2.74 9.86 9.09
N LEU A 63 2.71 8.59 8.71
CA LEU A 63 2.81 8.21 7.30
C LEU A 63 1.62 8.74 6.51
N LYS A 64 0.42 8.48 7.02
CA LYS A 64 -0.80 8.92 6.37
C LYS A 64 -0.73 10.40 6.01
N ASP A 65 -0.04 11.17 6.84
CA ASP A 65 0.11 12.60 6.63
C ASP A 65 0.91 12.86 5.34
N GLU A 66 1.87 11.99 5.06
CA GLU A 66 2.71 12.14 3.87
C GLU A 66 2.04 11.49 2.66
N LEU A 67 0.76 11.18 2.79
CA LEU A 67 0.00 10.56 1.72
C LEU A 67 -1.10 11.50 1.22
N PRO A 68 -1.42 11.39 -0.08
CA PRO A 68 -2.46 12.22 -0.70
C PRO A 68 -3.85 11.85 -0.23
N GLU A 69 -4.58 12.82 0.32
CA GLU A 69 -5.94 12.58 0.80
C GLU A 69 -6.97 12.94 -0.26
N ARG A 70 -6.49 13.18 -1.48
CA ARG A 70 -7.38 13.53 -2.59
C ARG A 70 -7.22 12.54 -3.75
N GLN A 71 -6.01 12.03 -3.91
CA GLN A 71 -5.72 11.07 -4.98
C GLN A 71 -5.20 9.76 -4.41
N PRO A 72 -5.52 8.65 -5.09
CA PRO A 72 -5.10 7.30 -4.68
C PRO A 72 -3.60 7.10 -4.85
N ARG A 73 -2.96 6.54 -3.83
CA ARG A 73 -1.52 6.29 -3.88
C ARG A 73 -1.18 4.95 -3.22
N PHE A 74 -0.04 4.39 -3.59
CA PHE A 74 0.40 3.11 -3.02
C PHE A 74 1.40 3.34 -1.90
N ILE A 75 1.27 2.57 -0.83
CA ILE A 75 2.16 2.68 0.32
C ILE A 75 2.34 1.32 1.00
N VAL A 76 3.59 0.94 1.22
CA VAL A 76 3.91 -0.33 1.87
C VAL A 76 4.57 -0.10 3.23
N TYR A 77 3.78 -0.21 4.29
CA TYR A 77 4.29 -0.01 5.64
C TYR A 77 4.72 -1.34 6.26
N SER A 78 5.79 -1.30 7.05
CA SER A 78 6.31 -2.50 7.70
C SER A 78 6.12 -2.42 9.22
N TYR A 79 5.03 -2.99 9.71
CA TYR A 79 4.74 -2.98 11.13
C TYR A 79 5.54 -4.06 11.86
N LYS A 80 5.50 -4.02 13.19
CA LYS A 80 6.22 -4.99 14.00
C LYS A 80 5.25 -5.85 14.81
N TYR A 81 5.23 -7.14 14.53
CA TYR A 81 4.35 -8.06 15.23
C TYR A 81 5.14 -8.93 16.21
N GLN A 82 4.98 -8.64 17.50
CA GLN A 82 5.68 -9.40 18.54
C GLN A 82 4.88 -10.63 18.94
N HIS A 83 5.56 -11.76 19.08
CA HIS A 83 4.92 -13.01 19.45
C HIS A 83 5.17 -13.32 20.93
N ASP A 84 4.10 -13.67 21.64
CA ASP A 84 4.20 -13.99 23.06
C ASP A 84 5.48 -14.78 23.35
N ASP A 85 5.67 -15.88 22.62
CA ASP A 85 6.84 -16.71 22.79
C ASP A 85 8.10 -15.87 23.00
N GLY A 86 8.20 -14.78 22.25
CA GLY A 86 9.35 -13.91 22.37
C GLY A 86 9.82 -13.37 21.03
N ARG A 87 9.69 -14.18 19.99
CA ARG A 87 10.10 -13.79 18.65
C ARG A 87 9.17 -12.72 18.09
N VAL A 88 9.73 -11.84 17.26
CA VAL A 88 8.95 -10.76 16.65
C VAL A 88 9.39 -10.52 15.21
N SER A 89 8.42 -10.48 14.30
CA SER A 89 8.69 -10.26 12.89
C SER A 89 7.97 -9.03 12.38
N TYR A 90 8.50 -8.42 11.33
CA TYR A 90 7.91 -7.23 10.74
C TYR A 90 7.23 -7.55 9.41
N PRO A 91 5.97 -7.97 9.47
CA PRO A 91 5.19 -8.32 8.28
C PRO A 91 4.83 -7.10 7.45
N LEU A 92 5.33 -7.08 6.21
CA LEU A 92 5.07 -5.96 5.30
C LEU A 92 3.71 -6.12 4.63
N CYS A 93 2.87 -5.10 4.77
CA CYS A 93 1.54 -5.12 4.17
C CYS A 93 1.40 -4.02 3.13
N PHE A 94 0.33 -4.09 2.34
CA PHE A 94 0.07 -3.10 1.30
C PHE A 94 -1.14 -2.24 1.65
N ILE A 95 -0.88 -1.01 2.07
CA ILE A 95 -1.94 -0.09 2.44
C ILE A 95 -2.33 0.80 1.26
N PHE A 96 -3.43 0.46 0.60
CA PHE A 96 -3.91 1.22 -0.55
C PHE A 96 -4.69 2.45 -0.10
N SER A 97 -4.02 3.61 -0.07
CA SER A 97 -4.65 4.85 0.34
C SER A 97 -5.47 5.44 -0.79
N SER A 98 -6.78 5.22 -0.74
CA SER A 98 -7.68 5.73 -1.77
C SER A 98 -8.69 6.69 -1.17
N PRO A 99 -8.45 7.99 -1.34
CA PRO A 99 -9.35 9.04 -0.82
C PRO A 99 -10.67 9.09 -1.56
N VAL A 100 -11.76 8.79 -0.86
CA VAL A 100 -13.08 8.80 -1.45
C VAL A 100 -13.27 10.02 -2.34
N GLY A 101 -12.51 11.08 -2.08
CA GLY A 101 -12.61 12.29 -2.86
C GLY A 101 -11.86 12.17 -4.18
N CYS A 102 -11.54 10.96 -4.57
CA CYS A 102 -10.81 10.71 -5.82
C CYS A 102 -11.78 10.35 -6.93
N LYS A 103 -11.32 10.47 -8.17
CA LYS A 103 -12.14 10.15 -9.34
C LYS A 103 -12.01 8.68 -9.70
N PRO A 104 -13.04 8.15 -10.38
CA PRO A 104 -13.08 6.74 -10.81
C PRO A 104 -12.06 6.44 -11.91
N GLU A 105 -12.01 7.32 -12.91
CA GLU A 105 -11.09 7.15 -14.02
C GLU A 105 -9.69 6.76 -13.52
N GLN A 106 -9.37 7.20 -12.31
CA GLN A 106 -8.07 6.89 -11.72
C GLN A 106 -8.13 5.62 -10.88
N GLN A 107 -9.15 5.52 -10.03
CA GLN A 107 -9.33 4.35 -9.18
C GLN A 107 -9.07 3.06 -9.96
N MET A 108 -9.41 3.08 -11.25
CA MET A 108 -9.21 1.92 -12.10
C MET A 108 -7.73 1.71 -12.40
N MET A 109 -7.01 2.82 -12.62
CA MET A 109 -5.58 2.76 -12.92
C MET A 109 -4.80 2.20 -11.73
N TYR A 110 -5.14 2.67 -10.54
CA TYR A 110 -4.46 2.24 -9.32
C TYR A 110 -5.01 0.89 -8.85
N ALA A 111 -6.33 0.74 -8.93
CA ALA A 111 -6.99 -0.48 -8.51
C ALA A 111 -6.30 -1.70 -9.11
N GLY A 112 -6.45 -1.88 -10.42
CA GLY A 112 -5.83 -3.01 -11.10
C GLY A 112 -4.33 -3.07 -10.86
N SER A 113 -3.64 -2.00 -11.21
CA SER A 113 -2.19 -1.94 -11.05
C SER A 113 -1.79 -2.43 -9.66
N LYS A 114 -2.55 -2.04 -8.65
CA LYS A 114 -2.28 -2.44 -7.28
C LYS A 114 -2.04 -3.95 -7.19
N ASN A 115 -3.07 -4.72 -7.50
CA ASN A 115 -2.98 -6.17 -7.45
C ASN A 115 -1.59 -6.64 -7.85
N LYS A 116 -1.13 -6.22 -9.02
CA LYS A 116 0.19 -6.59 -9.52
C LYS A 116 1.26 -6.32 -8.47
N LEU A 117 1.29 -5.11 -7.96
CA LEU A 117 2.27 -4.72 -6.94
C LEU A 117 2.32 -5.76 -5.82
N VAL A 118 1.15 -6.08 -5.27
CA VAL A 118 1.06 -7.07 -4.19
C VAL A 118 1.85 -8.33 -4.54
N GLN A 119 2.05 -8.56 -5.84
CA GLN A 119 2.77 -9.74 -6.30
C GLN A 119 4.25 -9.41 -6.52
N THR A 120 4.52 -8.18 -6.96
CA THR A 120 5.89 -7.75 -7.20
C THR A 120 6.69 -7.68 -5.91
N ALA A 121 6.05 -7.18 -4.85
CA ALA A 121 6.71 -7.07 -3.55
C ALA A 121 6.50 -8.32 -2.72
N GLU A 122 5.72 -9.26 -3.25
CA GLU A 122 5.45 -10.51 -2.55
C GLU A 122 4.70 -10.25 -1.25
N LEU A 123 3.66 -9.43 -1.32
CA LEU A 123 2.86 -9.10 -0.14
C LEU A 123 1.66 -10.03 -0.02
N THR A 124 1.26 -10.31 1.22
CA THR A 124 0.13 -11.19 1.48
C THR A 124 -1.03 -10.42 2.11
N LYS A 125 -0.69 -9.40 2.89
CA LYS A 125 -1.70 -8.58 3.56
C LYS A 125 -1.96 -7.29 2.79
N VAL A 126 -3.16 -7.17 2.24
CA VAL A 126 -3.53 -5.98 1.47
C VAL A 126 -4.74 -5.29 2.09
N PHE A 127 -4.53 -4.09 2.59
CA PHE A 127 -5.61 -3.31 3.22
C PHE A 127 -5.79 -1.98 2.52
N GLU A 128 -7.05 -1.56 2.39
CA GLU A 128 -7.37 -0.29 1.73
C GLU A 128 -8.13 0.63 2.67
N ILE A 129 -7.77 1.92 2.66
CA ILE A 129 -8.43 2.90 3.50
C ILE A 129 -9.14 3.97 2.67
N ARG A 130 -10.36 4.31 3.06
CA ARG A 130 -11.14 5.30 2.35
C ARG A 130 -10.51 6.69 2.49
N ASN A 131 -9.83 6.92 3.61
CA ASN A 131 -9.18 8.19 3.87
C ASN A 131 -7.89 8.00 4.66
N THR A 132 -6.89 8.82 4.36
CA THR A 132 -5.60 8.74 5.04
C THR A 132 -5.78 8.82 6.55
N GLU A 133 -6.79 9.56 6.98
CA GLU A 133 -7.07 9.72 8.40
C GLU A 133 -7.38 8.36 9.06
N ASP A 134 -7.77 7.40 8.24
CA ASP A 134 -8.10 6.07 8.72
C ASP A 134 -6.83 5.29 9.06
N LEU A 135 -5.78 5.51 8.27
CA LEU A 135 -4.51 4.83 8.48
C LEU A 135 -3.90 5.20 9.83
N THR A 136 -4.30 4.49 10.88
CA THR A 136 -3.80 4.75 12.22
C THR A 136 -3.22 3.49 12.84
N GLU A 137 -2.50 3.67 13.94
CA GLU A 137 -1.89 2.53 14.64
C GLU A 137 -2.92 1.45 14.93
N GLU A 138 -4.00 1.83 15.61
CA GLU A 138 -5.07 0.90 15.96
C GLU A 138 -5.61 0.21 14.70
N TRP A 139 -5.98 1.01 13.71
CA TRP A 139 -6.52 0.48 12.46
C TRP A 139 -5.57 -0.53 11.85
N LEU A 140 -4.27 -0.26 11.95
CA LEU A 140 -3.26 -1.15 11.40
C LEU A 140 -3.36 -2.54 12.01
N ARG A 141 -3.01 -2.65 13.29
CA ARG A 141 -3.08 -3.92 13.99
C ARG A 141 -4.40 -4.63 13.72
N GLU A 142 -5.44 -3.85 13.47
CA GLU A 142 -6.77 -4.40 13.19
C GLU A 142 -6.75 -5.23 11.92
N LYS A 143 -6.06 -4.74 10.90
CA LYS A 143 -5.97 -5.44 9.63
C LYS A 143 -5.17 -6.73 9.77
N LEU A 144 -4.12 -6.70 10.57
CA LEU A 144 -3.28 -7.86 10.80
C LEU A 144 -4.05 -8.94 11.55
N GLY A 145 -4.91 -8.52 12.48
CA GLY A 145 -5.69 -9.46 13.25
C GLY A 145 -7.18 -9.31 13.01
N SER A 146 -7.59 -9.39 11.74
CA SER A 146 -8.99 -9.26 11.38
C SER A 146 -9.61 -10.63 11.11
N GLY A 147 -9.25 -11.61 11.93
CA GLY A 147 -9.79 -12.94 11.77
C GLY A 147 -8.84 -13.85 11.02
N PRO A 148 -8.78 -15.13 11.42
CA PRO A 148 -7.90 -16.13 10.80
C PRO A 148 -8.37 -16.50 9.39
N SER A 149 -9.41 -15.83 8.92
CA SER A 149 -9.96 -16.09 7.59
C SER A 149 -8.84 -16.29 6.58
N SER A 150 -8.90 -17.41 5.85
CA SER A 150 -7.89 -17.72 4.86
C SER A 150 -8.39 -17.36 3.46
N GLY A 151 -7.88 -16.25 2.92
CA GLY A 151 -8.28 -15.81 1.61
C GLY A 151 -9.52 -14.93 1.63
N GLY A 1 -10.48 -7.97 5.82
CA GLY A 1 -11.81 -7.48 6.11
C GLY A 1 -12.85 -7.96 5.11
N SER A 2 -12.80 -7.40 3.91
CA SER A 2 -13.74 -7.78 2.86
C SER A 2 -13.33 -7.17 1.51
N SER A 3 -13.60 -7.89 0.44
CA SER A 3 -13.25 -7.43 -0.90
C SER A 3 -14.08 -6.21 -1.29
N GLY A 4 -13.80 -5.66 -2.47
CA GLY A 4 -14.53 -4.49 -2.93
C GLY A 4 -13.88 -3.85 -4.14
N SER A 5 -14.70 -3.38 -5.07
CA SER A 5 -14.19 -2.74 -6.28
C SER A 5 -15.28 -1.89 -6.94
N SER A 6 -14.86 -0.81 -7.58
CA SER A 6 -15.80 0.09 -8.25
C SER A 6 -15.64 0.00 -9.77
N GLY A 7 -16.50 -0.79 -10.41
CA GLY A 7 -16.43 -0.94 -11.85
C GLY A 7 -15.30 -1.85 -12.28
N SER A 8 -15.39 -3.13 -11.93
CA SER A 8 -14.36 -4.10 -12.28
C SER A 8 -14.63 -4.70 -13.66
N GLU A 9 -14.07 -4.07 -14.69
CA GLU A 9 -14.25 -4.55 -16.06
C GLU A 9 -13.30 -3.82 -17.01
N SER A 10 -12.32 -4.55 -17.54
CA SER A 10 -11.35 -3.97 -18.45
C SER A 10 -10.49 -2.92 -17.75
N LEU A 11 -10.05 -3.23 -16.55
CA LEU A 11 -9.22 -2.31 -15.77
C LEU A 11 -7.85 -2.13 -16.42
N VAL A 12 -7.20 -1.02 -16.11
CA VAL A 12 -5.88 -0.73 -16.65
C VAL A 12 -4.78 -1.09 -15.66
N VAL A 13 -4.10 -2.21 -15.92
CA VAL A 13 -3.03 -2.67 -15.05
C VAL A 13 -1.67 -2.23 -15.58
N CYS A 14 -0.91 -1.52 -14.75
CA CYS A 14 0.41 -1.04 -15.13
C CYS A 14 1.50 -1.99 -14.65
N ASP A 15 2.73 -1.73 -15.06
CA ASP A 15 3.86 -2.56 -14.67
C ASP A 15 4.68 -1.88 -13.56
N VAL A 16 5.50 -2.67 -12.88
CA VAL A 16 6.34 -2.15 -11.80
C VAL A 16 7.75 -1.87 -12.30
N ALA A 17 8.21 -0.64 -12.08
CA ALA A 17 9.55 -0.24 -12.50
C ALA A 17 10.62 -0.94 -11.67
N GLU A 18 11.56 -1.59 -12.36
CA GLU A 18 12.64 -2.30 -11.68
C GLU A 18 13.25 -1.44 -10.57
N ASP A 19 13.39 -0.15 -10.84
CA ASP A 19 13.95 0.78 -9.87
C ASP A 19 13.17 0.74 -8.57
N LEU A 20 11.86 0.54 -8.67
CA LEU A 20 11.00 0.48 -7.49
C LEU A 20 11.04 -0.91 -6.86
N VAL A 21 10.83 -1.93 -7.67
CA VAL A 21 10.85 -3.30 -7.18
C VAL A 21 12.04 -3.55 -6.27
N GLU A 22 13.24 -3.27 -6.79
CA GLU A 22 14.46 -3.47 -6.02
C GLU A 22 14.28 -2.98 -4.58
N LYS A 23 13.63 -1.83 -4.43
CA LYS A 23 13.39 -1.25 -3.11
C LYS A 23 12.40 -2.10 -2.32
N LEU A 24 11.31 -2.50 -2.96
CA LEU A 24 10.29 -3.33 -2.32
C LEU A 24 10.88 -4.65 -1.84
N ARG A 25 11.67 -5.29 -2.70
CA ARG A 25 12.29 -6.56 -2.36
C ARG A 25 13.09 -6.44 -1.07
N LYS A 26 13.83 -5.35 -0.92
CA LYS A 26 14.64 -5.11 0.26
C LYS A 26 13.77 -4.98 1.50
N PHE A 27 12.60 -4.35 1.33
CA PHE A 27 11.68 -4.14 2.44
C PHE A 27 11.39 -5.47 3.15
N ARG A 28 11.21 -6.52 2.37
CA ARG A 28 10.92 -7.84 2.93
C ARG A 28 12.18 -8.46 3.53
N PHE A 29 13.32 -8.20 2.90
CA PHE A 29 14.59 -8.73 3.36
C PHE A 29 15.46 -7.62 3.96
N ARG A 30 14.83 -6.68 4.65
CA ARG A 30 15.53 -5.57 5.26
C ARG A 30 16.04 -5.95 6.65
N LYS A 31 17.16 -5.34 7.06
CA LYS A 31 17.74 -5.61 8.36
C LYS A 31 17.68 -4.37 9.25
N GLU A 32 16.55 -3.69 9.24
CA GLU A 32 16.36 -2.49 10.05
C GLU A 32 15.29 -2.69 11.10
N THR A 33 15.63 -2.42 12.36
CA THR A 33 14.68 -2.57 13.45
C THR A 33 13.54 -1.58 13.33
N HIS A 34 13.87 -0.32 13.10
CA HIS A 34 12.87 0.73 12.96
C HIS A 34 11.87 0.38 11.86
N ASN A 35 10.85 1.22 11.70
CA ASN A 35 9.82 1.00 10.69
C ASN A 35 10.21 1.67 9.37
N ALA A 36 9.32 1.58 8.39
CA ALA A 36 9.57 2.17 7.08
C ALA A 36 8.29 2.22 6.25
N ALA A 37 8.31 3.00 5.17
CA ALA A 37 7.17 3.13 4.30
C ALA A 37 7.59 3.42 2.86
N ILE A 38 7.08 2.63 1.92
CA ILE A 38 7.41 2.81 0.51
C ILE A 38 6.20 3.26 -0.28
N ILE A 39 6.26 4.47 -0.83
CA ILE A 39 5.16 5.02 -1.63
C ILE A 39 5.44 4.88 -3.12
N MET A 40 4.39 4.70 -3.89
CA MET A 40 4.51 4.56 -5.35
C MET A 40 3.41 5.33 -6.06
N LYS A 41 3.62 5.59 -7.34
CA LYS A 41 2.65 6.31 -8.15
C LYS A 41 2.84 6.02 -9.63
N ILE A 42 1.88 6.45 -10.45
CA ILE A 42 1.94 6.23 -11.88
C ILE A 42 1.99 7.55 -12.64
N ASP A 43 2.86 7.62 -13.65
CA ASP A 43 2.99 8.82 -14.46
C ASP A 43 1.90 8.90 -15.52
N LYS A 44 1.98 9.91 -16.37
CA LYS A 44 1.00 10.10 -17.44
C LYS A 44 1.51 9.53 -18.76
N ASP A 45 2.83 9.46 -18.90
CA ASP A 45 3.44 8.92 -20.11
C ASP A 45 4.17 7.62 -19.83
N GLU A 46 4.81 7.55 -18.66
CA GLU A 46 5.54 6.36 -18.27
C GLU A 46 4.59 5.20 -17.97
N ARG A 47 3.32 5.53 -17.73
CA ARG A 47 2.31 4.53 -17.43
C ARG A 47 2.93 3.34 -16.68
N LEU A 48 3.89 3.63 -15.82
CA LEU A 48 4.56 2.59 -15.04
C LEU A 48 4.68 3.00 -13.58
N VAL A 49 4.52 2.03 -12.68
CA VAL A 49 4.61 2.29 -11.25
C VAL A 49 6.06 2.45 -10.81
N VAL A 50 6.40 3.63 -10.29
CA VAL A 50 7.75 3.91 -9.84
C VAL A 50 7.76 4.37 -8.38
N LEU A 51 8.91 4.21 -7.72
CA LEU A 51 9.04 4.61 -6.33
C LEU A 51 9.10 6.13 -6.20
N ASP A 52 8.18 6.69 -5.41
CA ASP A 52 8.13 8.13 -5.19
C ASP A 52 9.11 8.56 -4.11
N GLU A 53 9.12 7.83 -3.01
CA GLU A 53 10.02 8.14 -1.90
C GLU A 53 10.06 6.98 -0.90
N GLU A 54 11.10 6.97 -0.06
CA GLU A 54 11.26 5.93 0.93
C GLU A 54 11.35 6.51 2.34
N LEU A 55 10.35 6.19 3.17
CA LEU A 55 10.32 6.69 4.54
C LEU A 55 10.91 5.67 5.51
N GLU A 56 11.56 6.16 6.55
CA GLU A 56 12.18 5.30 7.56
C GLU A 56 11.78 5.72 8.96
N GLY A 57 11.78 4.77 9.89
CA GLY A 57 11.42 5.06 11.26
C GLY A 57 10.18 5.94 11.35
N VAL A 58 9.11 5.52 10.69
CA VAL A 58 7.86 6.29 10.71
C VAL A 58 6.76 5.51 11.43
N SER A 59 5.61 6.15 11.59
CA SER A 59 4.48 5.53 12.27
C SER A 59 3.24 5.54 11.38
N PRO A 60 2.26 4.68 11.71
CA PRO A 60 1.02 4.56 10.95
C PRO A 60 0.12 5.79 11.11
N ASP A 61 0.40 6.58 12.14
CA ASP A 61 -0.38 7.79 12.41
C ASP A 61 0.30 9.02 11.80
N GLU A 62 1.60 8.90 11.56
CA GLU A 62 2.36 10.01 10.98
C GLU A 62 2.52 9.83 9.48
N LEU A 63 2.63 8.57 9.04
CA LEU A 63 2.79 8.26 7.62
C LEU A 63 1.61 8.81 6.81
N LYS A 64 0.40 8.50 7.26
CA LYS A 64 -0.80 8.95 6.58
C LYS A 64 -0.72 10.44 6.26
N ASP A 65 0.05 11.17 7.06
CA ASP A 65 0.22 12.60 6.87
C ASP A 65 1.00 12.89 5.58
N GLU A 66 2.00 12.05 5.30
CA GLU A 66 2.82 12.22 4.11
C GLU A 66 2.13 11.61 2.88
N LEU A 67 0.83 11.35 3.02
CA LEU A 67 0.06 10.77 1.93
C LEU A 67 -1.09 11.69 1.53
N PRO A 68 -1.51 11.61 0.25
CA PRO A 68 -2.60 12.43 -0.28
C PRO A 68 -3.95 12.02 0.28
N GLU A 69 -4.83 13.00 0.48
CA GLU A 69 -6.16 12.75 1.01
C GLU A 69 -7.23 13.06 -0.03
N ARG A 70 -6.79 13.31 -1.26
CA ARG A 70 -7.72 13.63 -2.35
C ARG A 70 -7.50 12.70 -3.54
N GLN A 71 -6.29 12.17 -3.65
CA GLN A 71 -5.94 11.26 -4.74
C GLN A 71 -5.39 9.95 -4.20
N PRO A 72 -5.71 8.85 -4.90
CA PRO A 72 -5.25 7.51 -4.51
C PRO A 72 -3.76 7.32 -4.70
N ARG A 73 -3.10 6.74 -3.70
CA ARG A 73 -1.66 6.50 -3.77
C ARG A 73 -1.30 5.17 -3.13
N PHE A 74 -0.15 4.62 -3.51
CA PHE A 74 0.31 3.35 -2.99
C PHE A 74 1.31 3.55 -1.85
N ILE A 75 1.19 2.75 -0.80
CA ILE A 75 2.08 2.85 0.35
C ILE A 75 2.28 1.48 1.01
N VAL A 76 3.53 1.08 1.16
CA VAL A 76 3.86 -0.20 1.78
C VAL A 76 4.56 0.01 3.12
N TYR A 77 3.81 -0.11 4.21
CA TYR A 77 4.37 0.07 5.55
C TYR A 77 4.74 -1.28 6.16
N SER A 78 5.74 -1.26 7.02
CA SER A 78 6.20 -2.49 7.68
C SER A 78 6.01 -2.40 9.19
N TYR A 79 4.89 -2.94 9.67
CA TYR A 79 4.58 -2.92 11.09
C TYR A 79 5.42 -3.95 11.84
N LYS A 80 5.39 -3.87 13.17
CA LYS A 80 6.15 -4.80 14.01
C LYS A 80 5.21 -5.68 14.82
N TYR A 81 5.09 -6.94 14.42
CA TYR A 81 4.21 -7.88 15.12
C TYR A 81 5.03 -8.78 16.05
N GLN A 82 4.95 -8.50 17.34
CA GLN A 82 5.68 -9.28 18.33
C GLN A 82 4.89 -10.53 18.72
N HIS A 83 5.61 -11.64 18.91
CA HIS A 83 4.96 -12.90 19.28
C HIS A 83 5.16 -13.18 20.77
N ASP A 84 4.07 -13.52 21.44
CA ASP A 84 4.11 -13.83 22.87
C ASP A 84 5.33 -14.68 23.21
N ASP A 85 5.57 -15.71 22.41
CA ASP A 85 6.69 -16.61 22.62
C ASP A 85 7.96 -15.82 22.93
N GLY A 86 8.21 -14.77 22.15
CA GLY A 86 9.39 -13.95 22.36
C GLY A 86 9.90 -13.34 21.07
N ARG A 87 9.76 -14.07 19.97
CA ARG A 87 10.22 -13.59 18.67
C ARG A 87 9.26 -12.54 18.12
N VAL A 88 9.80 -11.61 17.34
CA VAL A 88 9.00 -10.55 16.74
C VAL A 88 9.43 -10.28 15.31
N SER A 89 8.46 -10.28 14.39
CA SER A 89 8.74 -10.04 12.98
C SER A 89 7.97 -8.83 12.47
N TYR A 90 8.47 -8.22 11.41
CA TYR A 90 7.85 -7.04 10.83
C TYR A 90 7.12 -7.39 9.53
N PRO A 91 5.83 -7.75 9.65
CA PRO A 91 5.00 -8.13 8.50
C PRO A 91 4.69 -6.93 7.61
N LEU A 92 5.09 -7.00 6.35
CA LEU A 92 4.85 -5.93 5.40
C LEU A 92 3.50 -6.11 4.70
N CYS A 93 2.69 -5.07 4.72
CA CYS A 93 1.37 -5.11 4.09
C CYS A 93 1.23 -3.99 3.07
N PHE A 94 0.20 -4.09 2.23
CA PHE A 94 -0.06 -3.08 1.20
C PHE A 94 -1.27 -2.23 1.56
N ILE A 95 -1.02 -0.99 1.94
CA ILE A 95 -2.09 -0.07 2.31
C ILE A 95 -2.47 0.83 1.14
N PHE A 96 -3.57 0.49 0.48
CA PHE A 96 -4.05 1.27 -0.66
C PHE A 96 -4.81 2.51 -0.19
N SER A 97 -4.09 3.62 -0.04
CA SER A 97 -4.71 4.86 0.40
C SER A 97 -5.58 5.46 -0.70
N SER A 98 -6.88 5.20 -0.64
CA SER A 98 -7.82 5.71 -1.62
C SER A 98 -8.85 6.62 -0.97
N PRO A 99 -8.65 7.94 -1.12
CA PRO A 99 -9.55 8.95 -0.56
C PRO A 99 -10.90 8.97 -1.26
N VAL A 100 -11.95 8.63 -0.53
CA VAL A 100 -13.30 8.62 -1.08
C VAL A 100 -13.52 9.81 -2.01
N GLY A 101 -12.79 10.90 -1.76
CA GLY A 101 -12.92 12.09 -2.59
C GLY A 101 -12.17 11.96 -3.90
N CYS A 102 -11.83 10.73 -4.27
CA CYS A 102 -11.10 10.48 -5.52
C CYS A 102 -12.06 10.12 -6.64
N LYS A 103 -11.59 10.24 -7.88
CA LYS A 103 -12.40 9.93 -9.05
C LYS A 103 -12.21 8.47 -9.47
N PRO A 104 -13.21 7.92 -10.16
CA PRO A 104 -13.18 6.53 -10.65
C PRO A 104 -12.16 6.32 -11.75
N GLU A 105 -12.21 7.20 -12.76
CA GLU A 105 -11.29 7.10 -13.89
C GLU A 105 -9.87 6.80 -13.41
N GLN A 106 -9.56 7.20 -12.18
CA GLN A 106 -8.25 6.97 -11.60
C GLN A 106 -8.21 5.66 -10.81
N GLN A 107 -9.20 5.48 -9.94
CA GLN A 107 -9.28 4.28 -9.12
C GLN A 107 -8.97 3.03 -9.96
N MET A 108 -9.39 3.05 -11.22
CA MET A 108 -9.16 1.94 -12.13
C MET A 108 -7.70 1.87 -12.55
N MET A 109 -7.10 3.03 -12.79
CA MET A 109 -5.71 3.10 -13.21
C MET A 109 -4.79 2.54 -12.12
N TYR A 110 -5.08 2.87 -10.87
CA TYR A 110 -4.29 2.40 -9.74
C TYR A 110 -4.74 1.01 -9.30
N ALA A 111 -6.05 0.83 -9.21
CA ALA A 111 -6.61 -0.46 -8.80
C ALA A 111 -5.89 -1.62 -9.47
N GLY A 112 -6.08 -1.77 -10.78
CA GLY A 112 -5.44 -2.84 -11.50
C GLY A 112 -3.96 -2.95 -11.19
N SER A 113 -3.23 -1.87 -11.41
CA SER A 113 -1.79 -1.85 -11.15
C SER A 113 -1.49 -2.39 -9.76
N LYS A 114 -2.30 -2.02 -8.79
CA LYS A 114 -2.12 -2.46 -7.42
C LYS A 114 -1.95 -3.98 -7.36
N ASN A 115 -2.99 -4.70 -7.78
CA ASN A 115 -2.97 -6.16 -7.78
C ASN A 115 -1.57 -6.67 -8.10
N LYS A 116 -1.03 -6.25 -9.23
CA LYS A 116 0.30 -6.67 -9.66
C LYS A 116 1.33 -6.38 -8.57
N LEU A 117 1.33 -5.15 -8.06
CA LEU A 117 2.26 -4.76 -7.01
C LEU A 117 2.27 -5.77 -5.88
N VAL A 118 1.09 -6.14 -5.41
CA VAL A 118 0.97 -7.12 -4.33
C VAL A 118 1.70 -8.41 -4.67
N GLN A 119 1.93 -8.63 -5.96
CA GLN A 119 2.61 -9.83 -6.42
C GLN A 119 4.11 -9.58 -6.56
N THR A 120 4.47 -8.35 -6.93
CA THR A 120 5.87 -7.99 -7.11
C THR A 120 6.59 -7.90 -5.77
N ALA A 121 5.95 -7.25 -4.80
CA ALA A 121 6.53 -7.10 -3.47
C ALA A 121 6.33 -8.36 -2.64
N GLU A 122 5.64 -9.34 -3.21
CA GLU A 122 5.39 -10.60 -2.53
C GLU A 122 4.64 -10.36 -1.21
N LEU A 123 3.66 -9.48 -1.24
CA LEU A 123 2.87 -9.16 -0.06
C LEU A 123 1.61 -10.03 0.02
N THR A 124 1.34 -10.55 1.22
CA THR A 124 0.16 -11.39 1.42
C THR A 124 -0.98 -10.59 2.02
N LYS A 125 -0.65 -9.65 2.89
CA LYS A 125 -1.65 -8.81 3.54
C LYS A 125 -1.89 -7.52 2.75
N VAL A 126 -3.13 -7.31 2.32
CA VAL A 126 -3.48 -6.12 1.56
C VAL A 126 -4.71 -5.43 2.14
N PHE A 127 -4.52 -4.23 2.67
CA PHE A 127 -5.62 -3.47 3.25
C PHE A 127 -5.80 -2.14 2.55
N GLU A 128 -7.03 -1.61 2.57
CA GLU A 128 -7.33 -0.34 1.93
C GLU A 128 -8.06 0.60 2.89
N ILE A 129 -7.71 1.87 2.84
CA ILE A 129 -8.33 2.87 3.70
C ILE A 129 -9.10 3.91 2.90
N ARG A 130 -10.33 4.20 3.32
CA ARG A 130 -11.15 5.18 2.63
C ARG A 130 -10.55 6.57 2.73
N ASN A 131 -9.85 6.83 3.83
CA ASN A 131 -9.22 8.13 4.05
C ASN A 131 -7.93 7.98 4.86
N THR A 132 -6.88 8.66 4.42
CA THR A 132 -5.59 8.61 5.09
C THR A 132 -5.76 8.68 6.60
N GLU A 133 -6.81 9.37 7.05
CA GLU A 133 -7.09 9.52 8.47
C GLU A 133 -7.23 8.16 9.13
N ASP A 134 -7.94 7.25 8.48
CA ASP A 134 -8.16 5.91 9.01
C ASP A 134 -6.83 5.22 9.31
N LEU A 135 -5.85 5.44 8.43
CA LEU A 135 -4.53 4.84 8.61
C LEU A 135 -3.94 5.21 9.97
N THR A 136 -4.28 4.43 10.99
CA THR A 136 -3.79 4.67 12.34
C THR A 136 -3.26 3.38 12.97
N GLU A 137 -2.61 3.52 14.12
CA GLU A 137 -2.06 2.37 14.82
C GLU A 137 -3.13 1.32 15.07
N GLU A 138 -4.19 1.71 15.78
CA GLU A 138 -5.28 0.79 16.08
C GLU A 138 -5.78 0.10 14.82
N TRP A 139 -5.98 0.88 13.77
CA TRP A 139 -6.46 0.35 12.49
C TRP A 139 -5.47 -0.67 11.93
N LEU A 140 -4.19 -0.32 11.97
CA LEU A 140 -3.14 -1.20 11.46
C LEU A 140 -3.23 -2.58 12.10
N ARG A 141 -2.99 -2.64 13.41
CA ARG A 141 -3.03 -3.90 14.15
C ARG A 141 -4.32 -4.67 13.82
N GLU A 142 -5.39 -3.93 13.56
CA GLU A 142 -6.68 -4.54 13.24
C GLU A 142 -6.57 -5.40 11.98
N LYS A 143 -5.98 -4.84 10.93
CA LYS A 143 -5.83 -5.55 9.67
C LYS A 143 -4.93 -6.77 9.85
N LEU A 144 -3.90 -6.63 10.67
CA LEU A 144 -2.96 -7.72 10.93
C LEU A 144 -3.60 -8.77 11.84
N GLY A 145 -4.51 -8.33 12.71
CA GLY A 145 -5.17 -9.24 13.61
C GLY A 145 -6.60 -9.55 13.18
N SER A 146 -6.76 -9.90 11.91
CA SER A 146 -8.08 -10.22 11.38
C SER A 146 -8.22 -11.72 11.12
N GLY A 147 -7.74 -12.51 12.07
CA GLY A 147 -7.81 -13.95 11.93
C GLY A 147 -6.45 -14.61 11.85
N PRO A 148 -6.30 -15.77 12.49
CA PRO A 148 -5.04 -16.52 12.51
C PRO A 148 -4.70 -17.11 11.14
N SER A 149 -5.52 -16.80 10.14
CA SER A 149 -5.30 -17.30 8.80
C SER A 149 -3.81 -17.38 8.48
N SER A 150 -3.35 -18.58 8.15
CA SER A 150 -1.94 -18.78 7.82
C SER A 150 -1.64 -18.34 6.39
N GLY A 151 -0.92 -17.24 6.25
CA GLY A 151 -0.58 -16.73 4.94
C GLY A 151 -0.02 -17.80 4.03
N GLY A 1 -23.82 -12.51 2.87
CA GLY A 1 -23.16 -11.30 3.34
C GLY A 1 -23.15 -10.21 2.29
N SER A 2 -22.49 -10.48 1.16
CA SER A 2 -22.41 -9.51 0.08
C SER A 2 -21.99 -10.18 -1.22
N SER A 3 -22.29 -9.53 -2.34
CA SER A 3 -21.96 -10.07 -3.66
C SER A 3 -21.98 -8.97 -4.71
N GLY A 4 -21.18 -9.16 -5.77
CA GLY A 4 -21.13 -8.18 -6.84
C GLY A 4 -21.11 -8.82 -8.22
N SER A 5 -22.25 -9.40 -8.62
CA SER A 5 -22.36 -10.05 -9.91
C SER A 5 -22.03 -9.07 -11.05
N SER A 6 -22.71 -7.93 -11.04
CA SER A 6 -22.50 -6.91 -12.07
C SER A 6 -21.01 -6.64 -12.26
N GLY A 7 -20.65 -6.04 -13.40
CA GLY A 7 -19.26 -5.74 -13.68
C GLY A 7 -19.11 -4.79 -14.85
N SER A 8 -18.94 -5.35 -16.05
CA SER A 8 -18.77 -4.55 -17.26
C SER A 8 -17.85 -3.37 -16.99
N GLU A 9 -16.76 -3.62 -16.28
CA GLU A 9 -15.81 -2.57 -15.96
C GLU A 9 -14.37 -3.05 -16.17
N SER A 10 -13.65 -2.38 -17.07
CA SER A 10 -12.28 -2.74 -17.38
C SER A 10 -11.29 -1.83 -16.66
N LEU A 11 -10.35 -2.42 -15.94
CA LEU A 11 -9.35 -1.66 -15.20
C LEU A 11 -8.07 -1.53 -16.01
N VAL A 12 -7.24 -0.56 -15.64
CA VAL A 12 -5.97 -0.32 -16.32
C VAL A 12 -4.80 -0.76 -15.47
N VAL A 13 -4.29 -1.95 -15.75
CA VAL A 13 -3.15 -2.50 -15.01
C VAL A 13 -1.83 -2.04 -15.61
N CYS A 14 -0.96 -1.48 -14.77
CA CYS A 14 0.33 -1.00 -15.22
C CYS A 14 1.44 -1.97 -14.82
N ASP A 15 2.68 -1.62 -15.15
CA ASP A 15 3.83 -2.46 -14.84
C ASP A 15 4.67 -1.83 -13.72
N VAL A 16 5.45 -2.66 -13.04
CA VAL A 16 6.31 -2.18 -11.96
C VAL A 16 7.72 -1.91 -12.46
N ALA A 17 8.14 -0.65 -12.39
CA ALA A 17 9.48 -0.26 -12.83
C ALA A 17 10.55 -0.95 -12.00
N GLU A 18 11.45 -1.67 -12.67
CA GLU A 18 12.53 -2.38 -12.00
C GLU A 18 13.17 -1.49 -10.94
N ASP A 19 13.46 -0.24 -11.30
CA ASP A 19 14.08 0.70 -10.38
C ASP A 19 13.34 0.72 -9.05
N LEU A 20 12.03 0.63 -9.10
CA LEU A 20 11.20 0.63 -7.90
C LEU A 20 11.20 -0.74 -7.23
N VAL A 21 10.87 -1.77 -8.00
CA VAL A 21 10.84 -3.13 -7.48
C VAL A 21 12.00 -3.39 -6.53
N GLU A 22 13.21 -3.26 -7.04
CA GLU A 22 14.41 -3.47 -6.24
C GLU A 22 14.22 -2.95 -4.82
N LYS A 23 13.54 -1.81 -4.70
CA LYS A 23 13.28 -1.21 -3.41
C LYS A 23 12.34 -2.07 -2.57
N LEU A 24 11.29 -2.59 -3.22
CA LEU A 24 10.32 -3.44 -2.54
C LEU A 24 10.98 -4.73 -2.04
N ARG A 25 11.79 -5.34 -2.89
CA ARG A 25 12.48 -6.57 -2.53
C ARG A 25 13.22 -6.42 -1.20
N LYS A 26 13.99 -5.35 -1.07
CA LYS A 26 14.75 -5.09 0.15
C LYS A 26 13.81 -4.90 1.32
N PHE A 27 12.67 -4.26 1.08
CA PHE A 27 11.68 -4.02 2.14
C PHE A 27 11.33 -5.32 2.87
N ARG A 28 11.07 -6.36 2.09
CA ARG A 28 10.72 -7.66 2.65
C ARG A 28 11.93 -8.31 3.33
N PHE A 29 13.08 -8.24 2.67
CA PHE A 29 14.31 -8.82 3.20
C PHE A 29 15.19 -7.73 3.82
N ARG A 30 14.57 -6.76 4.47
CA ARG A 30 15.29 -5.67 5.11
C ARG A 30 15.85 -6.10 6.46
N LYS A 31 17.07 -5.66 6.76
CA LYS A 31 17.71 -5.98 8.02
C LYS A 31 17.75 -4.78 8.95
N GLU A 32 16.64 -4.04 9.00
CA GLU A 32 16.55 -2.87 9.85
C GLU A 32 15.49 -3.05 10.93
N THR A 33 15.84 -2.73 12.17
CA THR A 33 14.91 -2.86 13.29
C THR A 33 13.79 -1.85 13.19
N HIS A 34 14.15 -0.60 12.92
CA HIS A 34 13.16 0.47 12.79
C HIS A 34 12.13 0.14 11.72
N ASN A 35 11.14 1.02 11.58
CA ASN A 35 10.08 0.82 10.58
C ASN A 35 10.48 1.43 9.25
N ALA A 36 9.57 1.37 8.29
CA ALA A 36 9.82 1.92 6.96
C ALA A 36 8.52 2.05 6.16
N ALA A 37 8.56 2.85 5.10
CA ALA A 37 7.38 3.04 4.26
C ALA A 37 7.79 3.49 2.85
N ILE A 38 7.39 2.70 1.85
CA ILE A 38 7.72 3.01 0.47
C ILE A 38 6.47 3.42 -0.30
N ILE A 39 6.48 4.64 -0.83
CA ILE A 39 5.35 5.15 -1.59
C ILE A 39 5.59 5.01 -3.10
N MET A 40 4.54 4.64 -3.83
CA MET A 40 4.64 4.48 -5.27
C MET A 40 3.46 5.14 -5.98
N LYS A 41 3.74 5.73 -7.13
CA LYS A 41 2.70 6.42 -7.91
C LYS A 41 2.78 6.02 -9.38
N ILE A 42 1.71 6.29 -10.12
CA ILE A 42 1.66 5.97 -11.54
C ILE A 42 1.75 7.23 -12.39
N ASP A 43 2.65 7.21 -13.38
CA ASP A 43 2.83 8.34 -14.27
C ASP A 43 1.72 8.40 -15.31
N LYS A 44 1.83 9.34 -16.24
CA LYS A 44 0.84 9.51 -17.29
C LYS A 44 1.41 9.13 -18.65
N ASP A 45 2.66 9.52 -18.89
CA ASP A 45 3.33 9.21 -20.15
C ASP A 45 3.50 7.71 -20.32
N GLU A 46 4.31 7.10 -19.47
CA GLU A 46 4.56 5.67 -19.53
C GLU A 46 3.63 4.91 -18.57
N ARG A 47 2.88 5.66 -17.78
CA ARG A 47 1.95 5.06 -16.83
C ARG A 47 2.57 3.83 -16.17
N LEU A 48 3.75 4.02 -15.57
CA LEU A 48 4.45 2.92 -14.90
C LEU A 48 4.68 3.24 -13.44
N VAL A 49 4.51 2.24 -12.57
CA VAL A 49 4.70 2.41 -11.15
C VAL A 49 6.17 2.66 -10.82
N VAL A 50 6.47 3.87 -10.34
CA VAL A 50 7.84 4.23 -9.99
C VAL A 50 7.94 4.65 -8.53
N LEU A 51 9.15 4.60 -7.98
CA LEU A 51 9.37 4.98 -6.59
C LEU A 51 9.07 6.46 -6.38
N ASP A 52 8.21 6.75 -5.41
CA ASP A 52 7.84 8.13 -5.10
C ASP A 52 8.73 8.69 -4.00
N GLU A 53 8.94 7.89 -2.96
CA GLU A 53 9.77 8.30 -1.83
C GLU A 53 9.98 7.15 -0.85
N GLU A 54 11.01 7.26 -0.02
CA GLU A 54 11.32 6.23 0.96
C GLU A 54 11.36 6.80 2.37
N LEU A 55 10.53 6.26 3.24
CA LEU A 55 10.45 6.72 4.63
C LEU A 55 11.10 5.71 5.57
N GLU A 56 11.68 6.21 6.66
CA GLU A 56 12.33 5.35 7.64
C GLU A 56 11.92 5.74 9.06
N GLY A 57 11.87 4.75 9.94
CA GLY A 57 11.48 4.99 11.32
C GLY A 57 10.29 5.91 11.43
N VAL A 58 9.19 5.53 10.78
CA VAL A 58 7.97 6.33 10.81
C VAL A 58 6.85 5.60 11.55
N SER A 59 5.69 6.23 11.63
CA SER A 59 4.53 5.65 12.32
C SER A 59 3.33 5.58 11.38
N PRO A 60 2.38 4.69 11.72
CA PRO A 60 1.16 4.51 10.93
C PRO A 60 0.21 5.71 11.02
N ASP A 61 0.44 6.55 12.02
CA ASP A 61 -0.39 7.74 12.23
C ASP A 61 0.26 8.96 11.58
N GLU A 62 1.57 8.90 11.40
CA GLU A 62 2.31 10.01 10.79
C GLU A 62 2.47 9.80 9.29
N LEU A 63 2.50 8.53 8.88
CA LEU A 63 2.65 8.19 7.47
C LEU A 63 1.49 8.74 6.64
N LYS A 64 0.27 8.51 7.11
CA LYS A 64 -0.92 8.99 6.42
C LYS A 64 -0.81 10.48 6.12
N ASP A 65 -0.16 11.21 7.02
CA ASP A 65 0.01 12.65 6.85
C ASP A 65 0.86 12.96 5.64
N GLU A 66 1.81 12.07 5.33
CA GLU A 66 2.69 12.24 4.19
C GLU A 66 2.09 11.64 2.93
N LEU A 67 0.81 11.30 3.00
CA LEU A 67 0.11 10.70 1.87
C LEU A 67 -0.98 11.63 1.35
N PRO A 68 -1.30 11.50 0.05
CA PRO A 68 -2.32 12.32 -0.60
C PRO A 68 -3.73 11.96 -0.13
N GLU A 69 -4.48 12.97 0.30
CA GLU A 69 -5.84 12.76 0.77
C GLU A 69 -6.85 13.13 -0.30
N ARG A 70 -6.38 13.24 -1.54
CA ARG A 70 -7.25 13.59 -2.66
C ARG A 70 -7.12 12.57 -3.77
N GLN A 71 -5.94 11.98 -3.90
CA GLN A 71 -5.68 10.99 -4.94
C GLN A 71 -5.14 9.70 -4.34
N PRO A 72 -5.51 8.56 -4.94
CA PRO A 72 -5.07 7.24 -4.47
C PRO A 72 -3.59 7.00 -4.72
N ARG A 73 -2.86 6.64 -3.67
CA ARG A 73 -1.44 6.38 -3.78
C ARG A 73 -1.08 5.03 -3.16
N PHE A 74 0.07 4.48 -3.57
CA PHE A 74 0.53 3.20 -3.06
C PHE A 74 1.56 3.39 -1.95
N ILE A 75 1.46 2.57 -0.91
CA ILE A 75 2.39 2.65 0.21
C ILE A 75 2.60 1.28 0.85
N VAL A 76 3.85 0.97 1.18
CA VAL A 76 4.18 -0.31 1.80
C VAL A 76 4.80 -0.11 3.19
N TYR A 77 3.99 -0.31 4.22
CA TYR A 77 4.46 -0.15 5.59
C TYR A 77 4.77 -1.50 6.22
N SER A 78 5.57 -1.47 7.28
CA SER A 78 5.96 -2.70 7.98
C SER A 78 5.82 -2.54 9.48
N TYR A 79 4.67 -2.97 10.00
CA TYR A 79 4.41 -2.88 11.44
C TYR A 79 5.23 -3.89 12.22
N LYS A 80 5.24 -3.75 13.54
CA LYS A 80 5.99 -4.65 14.40
C LYS A 80 5.04 -5.52 15.23
N TYR A 81 4.96 -6.80 14.89
CA TYR A 81 4.09 -7.72 15.61
C TYR A 81 4.87 -8.49 16.67
N GLN A 82 4.68 -8.10 17.92
CA GLN A 82 5.37 -8.75 19.04
C GLN A 82 4.56 -9.94 19.55
N HIS A 83 5.27 -11.05 19.80
CA HIS A 83 4.62 -12.26 20.29
C HIS A 83 4.90 -12.47 21.77
N ASP A 84 3.85 -12.74 22.54
CA ASP A 84 3.97 -12.95 23.98
C ASP A 84 5.24 -13.74 24.29
N ASP A 85 5.42 -14.86 23.61
CA ASP A 85 6.58 -15.71 23.82
C ASP A 85 7.85 -14.87 23.93
N GLY A 86 7.97 -13.85 23.08
CA GLY A 86 9.13 -13.00 23.10
C GLY A 86 9.58 -12.59 21.71
N ARG A 87 9.45 -13.50 20.76
CA ARG A 87 9.84 -13.25 19.38
C ARG A 87 8.92 -12.21 18.74
N VAL A 88 9.49 -11.38 17.87
CA VAL A 88 8.71 -10.35 17.19
C VAL A 88 9.21 -10.13 15.76
N SER A 89 8.27 -10.04 14.82
CA SER A 89 8.61 -9.85 13.42
C SER A 89 7.83 -8.69 12.83
N TYR A 90 8.29 -8.19 11.69
CA TYR A 90 7.63 -7.07 11.01
C TYR A 90 7.02 -7.52 9.69
N PRO A 91 5.74 -7.91 9.73
CA PRO A 91 5.01 -8.36 8.55
C PRO A 91 4.73 -7.22 7.56
N LEU A 92 5.17 -7.40 6.32
CA LEU A 92 4.97 -6.39 5.29
C LEU A 92 3.53 -6.44 4.77
N CYS A 93 2.86 -5.29 4.83
CA CYS A 93 1.49 -5.19 4.36
C CYS A 93 1.35 -4.08 3.31
N PHE A 94 0.34 -4.22 2.45
CA PHE A 94 0.09 -3.24 1.40
C PHE A 94 -1.10 -2.35 1.74
N ILE A 95 -0.82 -1.09 2.04
CA ILE A 95 -1.88 -0.14 2.39
C ILE A 95 -2.23 0.75 1.19
N PHE A 96 -3.37 0.49 0.58
CA PHE A 96 -3.82 1.26 -0.57
C PHE A 96 -4.57 2.52 -0.12
N SER A 97 -3.82 3.61 0.06
CA SER A 97 -4.41 4.87 0.50
C SER A 97 -5.31 5.45 -0.60
N SER A 98 -6.62 5.26 -0.44
CA SER A 98 -7.58 5.76 -1.40
C SER A 98 -8.58 6.71 -0.74
N PRO A 99 -8.37 8.02 -0.94
CA PRO A 99 -9.23 9.05 -0.36
C PRO A 99 -10.61 9.08 -1.01
N VAL A 100 -11.65 8.94 -0.19
CA VAL A 100 -13.02 8.94 -0.70
C VAL A 100 -13.24 10.07 -1.69
N GLY A 101 -12.52 11.17 -1.49
CA GLY A 101 -12.65 12.32 -2.39
C GLY A 101 -11.88 12.13 -3.67
N CYS A 102 -11.68 10.88 -4.07
CA CYS A 102 -10.94 10.57 -5.29
C CYS A 102 -11.90 10.25 -6.43
N LYS A 103 -11.39 10.32 -7.66
CA LYS A 103 -12.20 10.05 -8.84
C LYS A 103 -12.04 8.60 -9.29
N PRO A 104 -13.01 8.10 -10.07
CA PRO A 104 -12.99 6.73 -10.58
C PRO A 104 -11.91 6.53 -11.63
N GLU A 105 -11.81 7.46 -12.57
CA GLU A 105 -10.82 7.38 -13.63
C GLU A 105 -9.47 6.93 -13.09
N GLN A 106 -9.21 7.29 -11.83
CA GLN A 106 -7.95 6.93 -11.19
C GLN A 106 -8.07 5.60 -10.46
N GLN A 107 -9.14 5.45 -9.67
CA GLN A 107 -9.37 4.22 -8.92
C GLN A 107 -9.11 3.00 -9.79
N MET A 108 -9.48 3.08 -11.06
CA MET A 108 -9.28 1.98 -12.00
C MET A 108 -7.80 1.75 -12.26
N MET A 109 -7.10 2.82 -12.63
CA MET A 109 -5.67 2.74 -12.91
C MET A 109 -4.91 2.17 -11.72
N TYR A 110 -5.18 2.72 -10.55
CA TYR A 110 -4.51 2.28 -9.32
C TYR A 110 -5.02 0.91 -8.90
N ALA A 111 -6.33 0.69 -9.03
CA ALA A 111 -6.94 -0.57 -8.66
C ALA A 111 -6.22 -1.74 -9.33
N GLY A 112 -6.36 -1.85 -10.64
CA GLY A 112 -5.72 -2.93 -11.37
C GLY A 112 -4.22 -2.97 -11.13
N SER A 113 -3.54 -1.86 -11.39
CA SER A 113 -2.10 -1.78 -11.20
C SER A 113 -1.71 -2.30 -9.82
N LYS A 114 -2.48 -1.94 -8.81
CA LYS A 114 -2.22 -2.35 -7.44
C LYS A 114 -2.00 -3.87 -7.37
N ASN A 115 -2.99 -4.62 -7.82
CA ASN A 115 -2.90 -6.08 -7.81
C ASN A 115 -1.48 -6.55 -8.13
N LYS A 116 -1.02 -6.22 -9.34
CA LYS A 116 0.32 -6.59 -9.77
C LYS A 116 1.34 -6.35 -8.65
N LEU A 117 1.30 -5.16 -8.07
CA LEU A 117 2.21 -4.81 -7.00
C LEU A 117 2.22 -5.88 -5.90
N VAL A 118 1.04 -6.19 -5.39
CA VAL A 118 0.91 -7.20 -4.35
C VAL A 118 1.58 -8.51 -4.76
N GLN A 119 1.83 -8.66 -6.05
CA GLN A 119 2.48 -9.86 -6.56
C GLN A 119 3.98 -9.64 -6.73
N THR A 120 4.36 -8.42 -7.09
CA THR A 120 5.76 -8.08 -7.28
C THR A 120 6.51 -8.06 -5.95
N ALA A 121 5.92 -7.42 -4.95
CA ALA A 121 6.53 -7.33 -3.63
C ALA A 121 6.34 -8.62 -2.86
N GLU A 122 5.49 -9.50 -3.37
CA GLU A 122 5.21 -10.79 -2.72
C GLU A 122 4.60 -10.57 -1.34
N LEU A 123 3.54 -9.78 -1.28
CA LEU A 123 2.86 -9.50 -0.02
C LEU A 123 1.73 -10.49 0.23
N THR A 124 1.28 -10.58 1.47
CA THR A 124 0.20 -11.48 1.85
C THR A 124 -0.93 -10.75 2.54
N LYS A 125 -0.64 -9.55 3.04
CA LYS A 125 -1.62 -8.73 3.73
C LYS A 125 -1.73 -7.34 3.09
N VAL A 126 -2.58 -7.23 2.08
CA VAL A 126 -2.77 -5.96 1.39
C VAL A 126 -4.12 -5.34 1.76
N PHE A 127 -4.07 -4.34 2.63
CA PHE A 127 -5.29 -3.66 3.07
C PHE A 127 -5.52 -2.39 2.26
N GLU A 128 -6.73 -1.85 2.34
CA GLU A 128 -7.09 -0.65 1.61
C GLU A 128 -7.94 0.29 2.47
N ILE A 129 -7.58 1.57 2.49
CA ILE A 129 -8.30 2.56 3.28
C ILE A 129 -8.99 3.58 2.37
N ARG A 130 -10.24 3.88 2.70
CA ARG A 130 -11.01 4.84 1.91
C ARG A 130 -10.70 6.28 2.34
N ASN A 131 -9.71 6.42 3.22
CA ASN A 131 -9.31 7.74 3.71
C ASN A 131 -8.01 7.65 4.50
N THR A 132 -7.05 8.49 4.15
CA THR A 132 -5.75 8.50 4.82
C THR A 132 -5.92 8.58 6.33
N GLU A 133 -6.96 9.27 6.78
CA GLU A 133 -7.23 9.41 8.20
C GLU A 133 -7.39 8.05 8.87
N ASP A 134 -8.06 7.13 8.17
CA ASP A 134 -8.27 5.79 8.70
C ASP A 134 -6.94 5.15 9.10
N LEU A 135 -5.91 5.41 8.32
CA LEU A 135 -4.58 4.85 8.59
C LEU A 135 -4.11 5.25 9.99
N THR A 136 -4.32 4.36 10.96
CA THR A 136 -3.91 4.62 12.33
C THR A 136 -3.35 3.36 12.99
N GLU A 137 -2.68 3.54 14.12
CA GLU A 137 -2.08 2.42 14.83
C GLU A 137 -3.11 1.31 15.05
N GLU A 138 -4.24 1.66 15.66
CA GLU A 138 -5.30 0.70 15.93
C GLU A 138 -5.72 -0.02 14.65
N TRP A 139 -5.98 0.76 13.60
CA TRP A 139 -6.40 0.21 12.32
C TRP A 139 -5.40 -0.84 11.83
N LEU A 140 -4.11 -0.51 11.89
CA LEU A 140 -3.07 -1.42 11.45
C LEU A 140 -3.26 -2.80 12.09
N ARG A 141 -3.24 -2.85 13.41
CA ARG A 141 -3.40 -4.10 14.13
C ARG A 141 -4.74 -4.76 13.78
N GLU A 142 -5.73 -3.93 13.43
CA GLU A 142 -7.04 -4.44 13.07
C GLU A 142 -6.98 -5.32 11.82
N LYS A 143 -6.24 -4.86 10.82
CA LYS A 143 -6.10 -5.60 9.57
C LYS A 143 -5.28 -6.87 9.80
N LEU A 144 -4.25 -6.77 10.61
CA LEU A 144 -3.39 -7.92 10.91
C LEU A 144 -4.12 -8.93 11.78
N GLY A 145 -4.96 -8.43 12.69
CA GLY A 145 -5.71 -9.30 13.57
C GLY A 145 -7.20 -9.03 13.53
N SER A 146 -7.83 -9.35 12.40
CA SER A 146 -9.26 -9.13 12.24
C SER A 146 -10.04 -10.42 12.43
N GLY A 147 -9.75 -11.13 13.51
CA GLY A 147 -10.42 -12.39 13.79
C GLY A 147 -9.74 -13.57 13.13
N PRO A 148 -9.72 -14.71 13.84
CA PRO A 148 -9.11 -15.94 13.34
C PRO A 148 -9.88 -16.55 12.18
N SER A 149 -9.24 -16.63 11.01
CA SER A 149 -9.88 -17.19 9.83
C SER A 149 -9.24 -18.53 9.46
N SER A 150 -9.98 -19.34 8.69
CA SER A 150 -9.50 -20.65 8.28
C SER A 150 -8.20 -20.52 7.48
N GLY A 151 -7.08 -20.82 8.14
CA GLY A 151 -5.79 -20.72 7.48
C GLY A 151 -4.68 -20.31 8.43
#